data_5Z0Q
#
_entry.id   5Z0Q
#
_cell.length_a   58.123
_cell.length_b   133.590
_cell.length_c   165.703
_cell.angle_alpha   89.39
_cell.angle_beta   84.58
_cell.angle_gamma   86.56
#
_symmetry.space_group_name_H-M   'P 1'
#
loop_
_entity.id
_entity.type
_entity.pdbx_description
1 polymer 'Aminotransferase, class I and II'
2 non-polymer "PYRIDOXAL-5'-PHOSPHATE"
#
_entity_poly.entity_id   1
_entity_poly.type   'polypeptide(L)'
_entity_poly.pdbx_seq_one_letter_code
;LQLTESDIMPFNFDQRIDRRHSDSLKWKKYADRDILPLWIADTDFRAADCIIDALQQRVQQGVFGYGVTSEALAEVAIER
MESRFGWKIQPEWLVFLPGVVTGINIAVRAFTEAHQSTVSATPIYPPFFLAPKLAGRQHLSAALRLEQQRWVLDLDSHED
RMSGNEKLLLLCNPHNPGGTVYRRKELEAQLRFAQRHDLLVCSDEIHCDLVLEPGVQHIPFASLSDDAAQRSITLMSPSK
SFNIAGLGASLAVIPNPELRARFNRMRKGMVPDVDVLAYVAASAAWREGQPWLDAQLDYLRANRDMLAQHVNRLPGLSMV
TPEASFLGWIDASGLGVADPALFFEKHGLGFSSGRDFGNDRFVRFNFGCPRQLLEEALQRMTRALTSGY
;
_entity_poly.pdbx_strand_id   C,A,B,D,E,F,G,H,I,J,K,L
#
# COMPACT_ATOMS: atom_id res chain seq x y z
N PHE A 11 49.51 0.98 49.69
CA PHE A 11 48.57 2.06 49.95
C PHE A 11 47.71 2.35 48.72
N ASN A 12 47.32 3.60 48.56
CA ASN A 12 46.51 4.00 47.41
C ASN A 12 47.29 3.76 46.12
N PHE A 13 46.59 3.20 45.11
CA PHE A 13 47.21 2.84 43.84
C PHE A 13 46.23 3.19 42.72
N ASP A 14 46.26 4.46 42.29
CA ASP A 14 45.39 4.93 41.23
C ASP A 14 45.81 4.47 39.85
N GLN A 15 46.93 3.74 39.73
CA GLN A 15 47.36 3.19 38.46
C GLN A 15 46.70 1.86 38.13
N ARG A 16 45.73 1.42 38.93
CA ARG A 16 45.06 0.17 38.67
C ARG A 16 44.13 0.29 37.47
N ILE A 17 44.10 -0.76 36.65
CA ILE A 17 43.25 -0.81 35.46
C ILE A 17 42.17 -1.86 35.70
N ASP A 18 40.91 -1.44 35.60
CA ASP A 18 39.78 -2.32 35.75
C ASP A 18 39.19 -2.66 34.38
N ARG A 19 38.41 -3.74 34.34
CA ARG A 19 37.78 -4.20 33.11
C ARG A 19 36.26 -4.07 33.23
N ARG A 20 35.64 -3.52 32.19
CA ARG A 20 34.19 -3.29 32.16
C ARG A 20 33.69 -3.63 30.76
N HIS A 21 33.01 -4.77 30.57
CA HIS A 21 32.73 -5.87 31.51
C HIS A 21 32.04 -5.50 32.83
N SER A 22 31.20 -4.47 32.78
CA SER A 22 30.38 -4.11 33.93
C SER A 22 29.09 -3.45 33.44
N ASP A 23 28.51 -2.57 34.25
CA ASP A 23 27.34 -1.81 33.84
C ASP A 23 27.67 -0.34 33.60
N SER A 24 28.95 0.01 33.48
CA SER A 24 29.36 1.39 33.31
C SER A 24 28.90 1.92 31.95
N LEU A 25 28.22 3.08 31.97
CA LEU A 25 27.84 3.72 30.73
C LEU A 25 29.06 4.21 29.96
N LYS A 26 30.17 4.47 30.66
CA LYS A 26 31.37 4.97 30.01
C LYS A 26 31.94 3.95 29.04
N TRP A 27 32.12 2.71 29.48
CA TRP A 27 32.79 1.68 28.71
C TRP A 27 31.83 0.83 27.88
N LYS A 28 30.61 1.30 27.64
CA LYS A 28 29.67 0.57 26.81
C LYS A 28 29.15 1.35 25.62
N LYS A 29 29.38 2.66 25.55
CA LYS A 29 29.00 3.42 24.36
C LYS A 29 29.78 2.94 23.15
N TYR A 30 31.09 2.80 23.29
CA TYR A 30 31.95 2.19 22.27
C TYR A 30 32.29 0.76 22.64
N ALA A 31 31.25 -0.04 22.88
CA ALA A 31 31.42 -1.36 23.48
C ALA A 31 32.33 -2.26 22.65
N ASP A 32 31.93 -2.54 21.40
CA ASP A 32 32.66 -3.46 20.54
C ASP A 32 33.43 -2.71 19.45
N ARG A 33 33.90 -1.51 19.74
CA ARG A 33 34.70 -0.72 18.82
C ARG A 33 36.02 -0.33 19.47
N ASP A 34 37.06 -0.19 18.65
CA ASP A 34 38.39 0.17 19.13
C ASP A 34 38.47 1.68 19.32
N ILE A 35 37.73 2.16 20.31
CA ILE A 35 37.68 3.58 20.66
C ILE A 35 37.82 3.70 22.17
N LEU A 36 38.69 4.59 22.61
CA LEU A 36 38.94 4.77 24.04
C LEU A 36 37.86 5.67 24.65
N PRO A 37 37.10 5.19 25.63
CA PRO A 37 36.06 6.03 26.24
C PRO A 37 36.66 7.10 27.15
N LEU A 38 36.54 8.36 26.75
CA LEU A 38 37.06 9.48 27.52
C LEU A 38 36.06 10.62 27.53
N TRP A 39 34.78 10.30 27.71
CA TRP A 39 33.70 11.27 27.53
C TRP A 39 32.96 11.56 28.83
N ILE A 40 32.12 10.65 29.32
CA ILE A 40 31.24 10.94 30.43
C ILE A 40 32.06 11.21 31.69
N ALA A 41 31.56 12.11 32.54
CA ALA A 41 32.33 12.69 33.63
C ALA A 41 32.30 11.77 34.85
N ASP A 42 33.05 10.68 34.74
CA ASP A 42 33.32 9.81 35.88
C ASP A 42 34.69 9.18 35.69
N THR A 43 35.33 8.85 36.80
CA THR A 43 36.67 8.28 36.75
C THR A 43 36.60 6.75 36.75
N ASP A 44 37.70 6.14 36.33
CA ASP A 44 37.85 4.69 36.34
C ASP A 44 38.45 4.18 37.64
N PHE A 45 38.41 4.97 38.70
CA PHE A 45 39.08 4.64 39.95
C PHE A 45 38.14 3.89 40.88
N ARG A 46 38.67 2.82 41.49
CA ARG A 46 37.93 2.10 42.52
C ARG A 46 37.67 3.02 43.71
N ALA A 47 36.48 2.89 44.30
CA ALA A 47 36.11 3.75 45.42
C ALA A 47 37.01 3.49 46.62
N ALA A 48 37.05 4.47 47.52
CA ALA A 48 37.90 4.37 48.70
C ALA A 48 37.47 3.18 49.56
N ASP A 49 38.42 2.65 50.33
CA ASP A 49 38.13 1.49 51.17
C ASP A 49 37.06 1.81 52.20
N CYS A 50 37.03 3.03 52.72
CA CYS A 50 36.01 3.40 53.69
C CYS A 50 34.62 3.37 53.09
N ILE A 51 34.48 3.73 51.81
CA ILE A 51 33.18 3.68 51.15
C ILE A 51 32.73 2.23 50.96
N ILE A 52 33.65 1.37 50.50
CA ILE A 52 33.29 -0.02 50.24
C ILE A 52 33.01 -0.75 51.55
N ASP A 53 33.84 -0.53 52.57
CA ASP A 53 33.62 -1.18 53.85
C ASP A 53 32.32 -0.72 54.49
N ALA A 54 31.95 0.55 54.31
CA ALA A 54 30.69 1.03 54.86
C ALA A 54 29.50 0.41 54.12
N LEU A 55 29.61 0.27 52.80
CA LEU A 55 28.55 -0.35 52.03
C LEU A 55 28.36 -1.82 52.42
N GLN A 56 29.47 -2.53 52.64
CA GLN A 56 29.38 -3.94 53.01
C GLN A 56 28.73 -4.12 54.37
N GLN A 57 29.07 -3.26 55.34
CA GLN A 57 28.44 -3.33 56.65
C GLN A 57 26.94 -3.06 56.56
N ARG A 58 26.52 -2.27 55.57
CA ARG A 58 25.10 -1.97 55.42
C ARG A 58 24.36 -3.08 54.68
N VAL A 59 25.01 -3.73 53.71
CA VAL A 59 24.37 -4.83 53.00
C VAL A 59 24.27 -6.05 53.90
N GLN A 60 25.33 -6.35 54.65
CA GLN A 60 25.31 -7.46 55.59
C GLN A 60 24.35 -7.22 56.76
N GLN A 61 23.86 -6.00 56.94
CA GLN A 61 22.81 -5.77 57.93
C GLN A 61 21.56 -6.57 57.60
N GLY A 62 21.24 -6.69 56.31
CA GLY A 62 20.20 -7.60 55.88
C GLY A 62 18.92 -6.95 55.39
N VAL A 63 18.45 -5.92 56.09
CA VAL A 63 17.15 -5.32 55.83
C VAL A 63 17.33 -4.04 55.02
N PHE A 64 16.44 -3.83 54.06
CA PHE A 64 16.49 -2.67 53.17
C PHE A 64 15.10 -2.03 53.05
N GLY A 65 14.45 -1.80 54.18
CA GLY A 65 13.16 -1.16 54.21
C GLY A 65 13.27 0.34 54.02
N TYR A 66 12.15 1.02 54.26
CA TYR A 66 12.12 2.47 54.12
C TYR A 66 13.07 3.13 55.12
N GLY A 67 13.93 4.01 54.61
CA GLY A 67 14.95 4.63 55.42
C GLY A 67 14.67 6.10 55.70
N VAL A 68 15.42 6.63 56.66
CA VAL A 68 15.35 8.03 57.03
C VAL A 68 16.55 8.75 56.46
N THR A 69 16.48 10.07 56.42
CA THR A 69 17.60 10.87 55.95
C THR A 69 18.76 10.75 56.94
N SER A 70 19.97 10.66 56.41
CA SER A 70 21.16 10.41 57.22
C SER A 70 21.48 11.64 58.06
N GLU A 71 21.37 11.50 59.38
CA GLU A 71 21.88 12.54 60.26
C GLU A 71 23.40 12.61 60.21
N ALA A 72 24.05 11.48 59.94
CA ALA A 72 25.52 11.47 59.84
C ALA A 72 25.99 12.26 58.62
N LEU A 73 25.29 12.12 57.50
CA LEU A 73 25.66 12.87 56.30
C LEU A 73 25.47 14.37 56.51
N ALA A 74 24.36 14.77 57.14
CA ALA A 74 24.15 16.18 57.42
C ALA A 74 25.20 16.72 58.37
N GLU A 75 25.65 15.90 59.32
CA GLU A 75 26.66 16.34 60.27
C GLU A 75 28.02 16.53 59.60
N VAL A 76 28.43 15.54 58.79
CA VAL A 76 29.74 15.63 58.14
C VAL A 76 29.73 16.69 57.04
N ALA A 77 28.57 16.96 56.44
CA ALA A 77 28.50 18.00 55.43
C ALA A 77 28.67 19.39 56.06
N ILE A 78 28.08 19.60 57.24
CA ILE A 78 28.22 20.88 57.92
C ILE A 78 29.65 21.10 58.37
N GLU A 79 30.28 20.06 58.95
CA GLU A 79 31.67 20.18 59.35
C GLU A 79 32.59 20.42 58.17
N ARG A 80 32.26 19.86 57.00
CA ARG A 80 33.11 20.02 55.83
C ARG A 80 33.00 21.44 55.26
N MET A 81 31.79 22.00 55.22
CA MET A 81 31.62 23.33 54.65
C MET A 81 32.22 24.41 55.54
N GLU A 82 32.33 24.15 56.84
CA GLU A 82 32.89 25.14 57.75
C GLU A 82 34.41 25.04 57.84
N SER A 83 34.96 23.83 57.74
CA SER A 83 36.40 23.66 57.91
C SER A 83 37.15 23.88 56.60
N ARG A 84 36.57 23.43 55.48
CA ARG A 84 37.27 23.50 54.19
C ARG A 84 36.93 24.74 53.38
N PHE A 85 35.76 25.36 53.60
CA PHE A 85 35.36 26.50 52.82
C PHE A 85 34.96 27.71 53.66
N GLY A 86 35.06 27.63 54.98
CA GLY A 86 34.70 28.74 55.85
C GLY A 86 33.26 29.15 55.69
N TRP A 87 32.34 28.20 55.90
CA TRP A 87 30.92 28.45 55.69
C TRP A 87 30.14 27.60 56.69
N LYS A 88 29.60 28.24 57.72
CA LYS A 88 28.81 27.54 58.72
C LYS A 88 27.39 27.31 58.20
N ILE A 89 26.92 26.08 58.30
CA ILE A 89 25.64 25.66 57.73
C ILE A 89 24.67 25.34 58.85
N GLN A 90 23.46 25.89 58.76
CA GLN A 90 22.40 25.47 59.67
C GLN A 90 21.79 24.16 59.19
N PRO A 91 21.49 23.23 60.10
CA PRO A 91 21.01 21.91 59.65
C PRO A 91 19.73 21.95 58.85
N GLU A 92 18.79 22.84 59.17
CA GLU A 92 17.53 22.88 58.45
C GLU A 92 17.67 23.45 57.05
N TRP A 93 18.84 23.98 56.68
CA TRP A 93 19.06 24.45 55.32
C TRP A 93 19.19 23.30 54.32
N LEU A 94 19.48 22.10 54.79
CA LEU A 94 19.81 21.00 53.90
C LEU A 94 18.55 20.32 53.36
N VAL A 95 18.60 19.95 52.09
CA VAL A 95 17.56 19.15 51.44
C VAL A 95 18.28 18.10 50.61
N PHE A 96 18.13 16.83 50.97
CA PHE A 96 18.83 15.76 50.29
C PHE A 96 18.09 15.33 49.03
N LEU A 97 18.85 15.06 47.97
CA LEU A 97 18.30 14.77 46.65
C LEU A 97 19.01 13.57 46.06
N PRO A 98 18.35 12.84 45.16
CA PRO A 98 19.02 11.72 44.43
C PRO A 98 19.68 12.19 43.15
N GLY A 99 20.71 13.02 43.28
CA GLY A 99 21.43 13.56 42.15
C GLY A 99 21.47 15.08 42.19
N VAL A 100 22.26 15.62 41.26
CA VAL A 100 22.45 17.07 41.15
C VAL A 100 21.59 17.61 40.02
N VAL A 101 21.41 16.79 38.97
CA VAL A 101 20.61 17.22 37.82
C VAL A 101 19.18 17.49 38.25
N THR A 102 18.64 16.66 39.14
CA THR A 102 17.29 16.89 39.63
C THR A 102 17.20 18.18 40.44
N GLY A 103 18.26 18.54 41.16
CA GLY A 103 18.26 19.81 41.87
C GLY A 103 18.25 21.01 40.95
N ILE A 104 18.88 20.88 39.77
CA ILE A 104 18.84 21.97 38.79
C ILE A 104 17.44 22.13 38.23
N ASN A 105 16.76 21.01 37.93
CA ASN A 105 15.43 21.09 37.35
C ASN A 105 14.42 21.64 38.33
N ILE A 106 14.44 21.14 39.58
CA ILE A 106 13.49 21.62 40.58
C ILE A 106 13.66 23.12 40.79
N ALA A 107 14.90 23.60 40.83
CA ALA A 107 15.15 25.02 41.03
C ALA A 107 14.52 25.86 39.92
N VAL A 108 14.60 25.40 38.67
CA VAL A 108 14.04 26.16 37.57
C VAL A 108 12.50 26.12 37.62
N ARG A 109 11.93 24.97 37.94
CA ARG A 109 10.47 24.86 37.99
C ARG A 109 9.89 25.63 39.16
N ALA A 110 10.66 25.80 40.24
CA ALA A 110 10.14 26.40 41.47
C ALA A 110 10.47 27.89 41.60
N PHE A 111 11.59 28.34 41.05
CA PHE A 111 12.03 29.72 41.22
C PHE A 111 11.83 30.56 39.96
N THR A 112 11.08 30.06 38.99
CA THR A 112 10.85 30.76 37.74
C THR A 112 9.41 30.53 37.30
N GLU A 113 8.86 31.49 36.56
CA GLU A 113 7.52 31.38 36.00
C GLU A 113 7.60 31.46 34.48
N ALA A 114 6.44 31.27 33.84
CA ALA A 114 6.40 31.10 32.39
C ALA A 114 6.99 32.29 31.66
N HIS A 115 6.70 33.51 32.13
CA HIS A 115 7.18 34.72 31.48
C HIS A 115 8.61 35.08 31.85
N GLN A 116 9.21 34.38 32.80
CA GLN A 116 10.55 34.69 33.27
C GLN A 116 11.58 33.74 32.66
N SER A 117 12.83 34.22 32.61
CA SER A 117 13.91 33.52 31.94
C SER A 117 15.03 33.21 32.93
N THR A 118 15.98 32.41 32.46
CA THR A 118 17.17 32.05 33.21
C THR A 118 18.41 32.58 32.51
N VAL A 119 19.48 32.76 33.27
CA VAL A 119 20.76 33.24 32.76
C VAL A 119 21.85 32.28 33.21
N SER A 120 22.74 31.93 32.29
CA SER A 120 23.90 31.11 32.62
C SER A 120 25.02 31.44 31.63
N ALA A 121 26.15 30.77 31.82
CA ALA A 121 27.27 30.92 30.89
C ALA A 121 27.15 29.89 29.77
N THR A 122 27.92 30.12 28.70
CA THR A 122 28.05 29.17 27.62
C THR A 122 29.52 29.17 27.20
N PRO A 123 30.14 27.99 27.05
CA PRO A 123 29.55 26.66 27.26
C PRO A 123 29.31 26.35 28.72
N ILE A 124 28.56 25.28 29.00
CA ILE A 124 28.20 24.94 30.37
C ILE A 124 27.66 23.50 30.41
N TYR A 125 27.50 22.97 31.61
CA TYR A 125 26.90 21.66 31.80
C TYR A 125 25.54 21.62 31.08
N PRO A 126 25.31 20.65 30.20
CA PRO A 126 24.14 20.70 29.29
C PRO A 126 22.82 20.87 30.03
N PRO A 127 22.58 20.21 31.16
CA PRO A 127 21.30 20.41 31.85
C PRO A 127 21.02 21.85 32.28
N PHE A 128 22.01 22.75 32.22
CA PHE A 128 21.77 24.11 32.66
C PHE A 128 20.84 24.86 31.72
N PHE A 129 20.95 24.64 30.41
CA PHE A 129 20.00 25.19 29.45
C PHE A 129 18.99 24.16 28.99
N LEU A 130 19.15 22.89 29.35
CA LEU A 130 18.15 21.88 29.05
C LEU A 130 16.98 21.96 30.03
N ALA A 131 17.23 22.34 31.28
CA ALA A 131 16.14 22.45 32.25
C ALA A 131 15.15 23.55 31.89
N PRO A 132 15.58 24.78 31.55
CA PRO A 132 14.59 25.76 31.06
C PRO A 132 13.91 25.34 29.79
N LYS A 133 14.58 24.53 28.96
CA LYS A 133 13.97 24.05 27.73
C LYS A 133 12.81 23.11 28.03
N LEU A 134 12.98 22.21 29.00
CA LEU A 134 11.92 21.29 29.36
C LEU A 134 10.84 21.92 30.22
N ALA A 135 11.15 23.05 30.87
CA ALA A 135 10.20 23.73 31.73
C ALA A 135 9.48 24.88 31.02
N GLY A 136 9.71 25.06 29.73
CA GLY A 136 9.08 26.13 28.99
C GLY A 136 9.62 27.50 29.32
N ARG A 137 10.90 27.61 29.65
CA ARG A 137 11.55 28.86 30.00
C ARG A 137 12.60 29.20 28.96
N GLN A 138 12.58 30.43 28.46
CA GLN A 138 13.63 30.89 27.57
C GLN A 138 14.90 31.14 28.37
N HIS A 139 16.05 31.03 27.71
CA HIS A 139 17.34 31.04 28.37
C HIS A 139 18.25 32.08 27.73
N LEU A 140 18.92 32.87 28.56
CA LEU A 140 19.89 33.86 28.10
C LEU A 140 21.30 33.36 28.42
N SER A 141 22.16 33.32 27.40
CA SER A 141 23.50 32.78 27.53
C SER A 141 24.53 33.88 27.36
N ALA A 142 25.50 33.92 28.26
CA ALA A 142 26.62 34.85 28.19
C ALA A 142 27.89 34.06 27.87
N ALA A 143 28.54 34.41 26.77
CA ALA A 143 29.68 33.63 26.31
C ALA A 143 30.88 33.80 27.23
N LEU A 144 31.54 32.70 27.54
CA LEU A 144 32.80 32.75 28.27
C LEU A 144 33.91 33.23 27.34
N ARG A 145 34.76 34.11 27.86
CA ARG A 145 35.86 34.66 27.09
C ARG A 145 37.19 34.26 27.73
N LEU A 146 38.18 34.01 26.88
CA LEU A 146 39.50 33.61 27.34
C LEU A 146 40.30 34.84 27.73
N GLU A 147 40.87 34.81 28.94
CA GLU A 147 41.68 35.92 29.43
C GLU A 147 42.74 35.38 30.36
N GLN A 148 44.01 35.67 30.06
CA GLN A 148 45.16 35.20 30.83
C GLN A 148 45.13 33.67 30.98
N GLN A 149 44.86 33.00 29.85
CA GLN A 149 44.79 31.54 29.81
C GLN A 149 43.76 31.00 30.78
N ARG A 150 42.65 31.72 30.95
CA ARG A 150 41.56 31.32 31.81
C ARG A 150 40.23 31.69 31.16
N TRP A 151 39.24 30.83 31.33
CA TRP A 151 37.88 31.09 30.86
C TRP A 151 37.13 31.86 31.94
N VAL A 152 36.89 33.14 31.70
CA VAL A 152 36.24 34.00 32.68
C VAL A 152 34.84 34.35 32.19
N LEU A 153 33.98 34.74 33.13
CA LEU A 153 32.61 35.11 32.86
C LEU A 153 32.42 36.60 33.15
N ASP A 154 31.86 37.32 32.18
CA ASP A 154 31.64 38.77 32.28
C ASP A 154 30.15 39.03 32.08
N LEU A 155 29.36 38.74 33.11
CA LEU A 155 27.92 38.96 33.03
C LEU A 155 27.58 40.45 32.88
N ASP A 156 28.44 41.33 33.39
CA ASP A 156 28.16 42.76 33.33
C ASP A 156 28.22 43.28 31.90
N SER A 157 28.99 42.61 31.03
CA SER A 157 29.07 43.00 29.62
C SER A 157 27.88 42.51 28.81
N HIS A 158 26.87 41.92 29.46
CA HIS A 158 25.66 41.48 28.80
C HIS A 158 24.42 42.18 29.35
N GLU A 159 24.59 43.37 29.91
CA GLU A 159 23.46 44.11 30.48
C GLU A 159 22.41 44.42 29.41
N ASP A 160 22.84 45.02 28.31
CA ASP A 160 21.89 45.47 27.29
C ASP A 160 21.26 44.30 26.53
N ARG A 161 21.84 43.10 26.60
CA ARG A 161 21.22 41.94 26.00
C ARG A 161 20.07 41.38 26.82
N MET A 162 19.83 41.92 28.01
CA MET A 162 18.76 41.42 28.87
C MET A 162 17.43 42.07 28.49
N SER A 163 16.36 41.52 29.05
CA SER A 163 15.01 41.94 28.71
C SER A 163 14.14 42.28 29.91
N GLY A 164 14.66 42.15 31.13
CA GLY A 164 13.87 42.36 32.33
C GLY A 164 13.11 41.14 32.82
N ASN A 165 12.91 40.14 31.95
CA ASN A 165 12.24 38.90 32.34
C ASN A 165 13.13 37.96 33.14
N GLU A 166 14.43 38.25 33.21
CA GLU A 166 15.36 37.33 33.88
C GLU A 166 15.04 37.23 35.36
N LYS A 167 15.22 36.03 35.92
CA LYS A 167 14.80 35.76 37.29
C LYS A 167 15.76 34.85 38.04
N LEU A 168 16.31 33.85 37.35
CA LEU A 168 17.14 32.83 37.98
C LEU A 168 18.50 32.78 37.29
N LEU A 169 19.56 32.99 38.07
CA LEU A 169 20.93 32.94 37.57
C LEU A 169 21.53 31.57 37.89
N LEU A 170 21.95 30.87 36.84
CA LEU A 170 22.52 29.52 36.99
C LEU A 170 24.05 29.62 36.89
N LEU A 171 24.73 29.40 38.00
CA LEU A 171 26.18 29.45 38.07
C LEU A 171 26.75 28.05 38.22
N CYS A 172 28.06 27.94 37.96
CA CYS A 172 28.76 26.65 38.04
C CYS A 172 30.19 26.94 38.48
N ASN A 173 30.50 26.62 39.74
CA ASN A 173 31.81 26.89 40.31
C ASN A 173 32.28 25.72 41.17
N PRO A 174 33.32 24.98 40.75
CA PRO A 174 34.11 25.14 39.52
C PRO A 174 33.29 24.86 38.26
N HIS A 175 33.70 25.46 37.14
CA HIS A 175 32.88 25.49 35.95
C HIS A 175 33.12 24.26 35.08
N ASN A 176 32.04 23.56 34.77
CA ASN A 176 32.01 22.49 33.77
C ASN A 176 31.57 23.08 32.44
N PRO A 177 32.32 22.88 31.34
CA PRO A 177 33.50 22.03 31.18
C PRO A 177 34.85 22.73 31.28
N GLY A 178 34.85 24.06 31.41
CA GLY A 178 36.11 24.80 31.36
C GLY A 178 37.08 24.39 32.46
N GLY A 179 36.57 24.12 33.66
CA GLY A 179 37.41 23.84 34.80
C GLY A 179 37.88 25.05 35.57
N THR A 180 37.28 26.20 35.34
CA THR A 180 37.70 27.43 35.98
C THR A 180 37.23 27.47 37.43
N VAL A 181 38.15 27.78 38.34
CA VAL A 181 37.85 28.04 39.74
C VAL A 181 37.73 29.54 39.91
N TYR A 182 36.51 30.04 40.11
CA TYR A 182 36.29 31.47 40.18
C TYR A 182 36.90 32.05 41.46
N ARG A 183 37.58 33.18 41.32
CA ARG A 183 38.20 33.85 42.45
C ARG A 183 37.16 34.65 43.23
N ARG A 184 37.60 35.25 44.34
CA ARG A 184 36.67 35.97 45.21
C ARG A 184 36.18 37.24 44.54
N LYS A 185 37.05 37.95 43.81
CA LYS A 185 36.62 39.17 43.12
C LYS A 185 35.64 38.86 42.01
N GLU A 186 35.78 37.71 41.35
CA GLU A 186 34.87 37.34 40.28
C GLU A 186 33.51 36.91 40.81
N LEU A 187 33.51 36.23 41.96
CA LEU A 187 32.24 35.84 42.57
C LEU A 187 31.47 37.05 43.09
N GLU A 188 32.18 38.01 43.67
CA GLU A 188 31.52 39.23 44.14
C GLU A 188 31.00 40.06 42.98
N ALA A 189 31.60 39.92 41.80
CA ALA A 189 31.05 40.58 40.62
C ALA A 189 29.76 39.90 40.17
N GLN A 190 29.74 38.55 40.18
CA GLN A 190 28.51 37.84 39.86
C GLN A 190 27.42 38.10 40.90
N LEU A 191 27.81 38.33 42.15
CA LEU A 191 26.82 38.67 43.18
C LEU A 191 26.23 40.05 42.93
N ARG A 192 27.07 41.03 42.58
CA ARG A 192 26.57 42.36 42.29
C ARG A 192 25.67 42.36 41.06
N PHE A 193 25.94 41.48 40.09
CA PHE A 193 25.06 41.35 38.94
C PHE A 193 23.70 40.79 39.35
N ALA A 194 23.69 39.84 40.29
CA ALA A 194 22.42 39.27 40.75
C ALA A 194 21.61 40.30 41.54
N GLN A 195 22.28 41.14 42.33
CA GLN A 195 21.57 42.12 43.13
C GLN A 195 21.02 43.25 42.26
N ARG A 196 21.81 43.73 41.31
CA ARG A 196 21.38 44.83 40.44
C ARG A 196 20.14 44.45 39.64
N HIS A 197 19.97 43.17 39.33
CA HIS A 197 18.80 42.69 38.60
C HIS A 197 17.86 41.89 39.48
N ASP A 198 18.16 41.74 40.77
CA ASP A 198 17.35 40.98 41.72
C ASP A 198 17.01 39.59 41.16
N LEU A 199 18.06 38.79 41.06
CA LEU A 199 17.96 37.43 40.54
C LEU A 199 18.20 36.41 41.64
N LEU A 200 17.62 35.23 41.48
CA LEU A 200 17.95 34.08 42.30
C LEU A 200 19.11 33.32 41.68
N VAL A 201 19.95 32.75 42.53
CA VAL A 201 21.19 32.11 42.09
C VAL A 201 21.11 30.63 42.41
N CYS A 202 21.51 29.80 41.44
CA CYS A 202 21.63 28.35 41.63
C CYS A 202 23.08 27.98 41.32
N SER A 203 23.88 27.78 42.36
CA SER A 203 25.31 27.53 42.23
C SER A 203 25.55 26.02 42.28
N ASP A 204 26.07 25.47 41.18
CA ASP A 204 26.41 24.06 41.11
C ASP A 204 27.87 23.91 41.51
N GLU A 205 28.11 23.33 42.67
CA GLU A 205 29.47 23.21 43.21
C GLU A 205 29.84 21.74 43.42
N ILE A 206 29.59 20.91 42.41
CA ILE A 206 29.87 19.49 42.52
C ILE A 206 31.37 19.22 42.49
N HIS A 207 32.14 20.05 41.78
CA HIS A 207 33.58 19.86 41.65
C HIS A 207 34.38 20.60 42.71
N CYS A 208 33.74 21.06 43.79
CA CYS A 208 34.42 21.89 44.78
C CYS A 208 35.55 21.15 45.49
N ASP A 209 35.51 19.82 45.52
CA ASP A 209 36.56 19.04 46.16
C ASP A 209 37.76 18.78 45.25
N LEU A 210 37.67 19.12 43.97
CA LEU A 210 38.71 18.80 43.00
C LEU A 210 39.52 20.02 42.59
N VAL A 211 39.75 20.95 43.51
CA VAL A 211 40.56 22.13 43.22
C VAL A 211 42.03 21.72 43.28
N LEU A 212 42.76 21.95 42.19
CA LEU A 212 44.16 21.59 42.10
C LEU A 212 45.12 22.76 42.28
N GLU A 213 44.66 23.98 42.05
CA GLU A 213 45.57 25.12 42.08
C GLU A 213 45.96 25.43 43.52
N PRO A 214 47.25 25.55 43.83
CA PRO A 214 47.67 25.84 45.20
C PRO A 214 47.31 27.26 45.61
N GLY A 215 47.15 27.43 46.92
CA GLY A 215 46.93 28.76 47.49
C GLY A 215 45.56 29.33 47.18
N VAL A 216 44.75 28.57 46.43
CA VAL A 216 43.43 29.01 46.01
C VAL A 216 42.39 28.08 46.62
N GLN A 217 41.45 28.66 47.35
CA GLN A 217 40.38 27.91 48.01
C GLN A 217 39.07 28.12 47.28
N HIS A 218 38.29 27.04 47.13
CA HIS A 218 36.94 27.17 46.60
C HIS A 218 36.09 28.01 47.54
N ILE A 219 35.30 28.92 46.97
CA ILE A 219 34.48 29.83 47.76
C ILE A 219 33.02 29.59 47.42
N PRO A 220 32.19 29.12 48.36
CA PRO A 220 30.76 29.00 48.08
C PRO A 220 30.14 30.37 47.82
N PHE A 221 29.21 30.41 46.88
CA PHE A 221 28.57 31.68 46.54
C PHE A 221 27.81 32.26 47.73
N ALA A 222 27.09 31.41 48.46
CA ALA A 222 26.30 31.88 49.59
C ALA A 222 27.13 32.27 50.80
N SER A 223 28.46 32.11 50.75
CA SER A 223 29.32 32.50 51.84
C SER A 223 29.89 33.91 51.68
N LEU A 224 29.63 34.56 50.54
CA LEU A 224 30.12 35.93 50.35
C LEU A 224 29.50 36.89 51.34
N SER A 225 28.17 36.84 51.47
CA SER A 225 27.45 37.67 52.42
C SER A 225 26.16 36.95 52.79
N ASP A 226 25.41 37.55 53.72
CA ASP A 226 24.11 37.01 54.08
C ASP A 226 23.05 37.28 53.03
N ASP A 227 23.26 38.31 52.20
CA ASP A 227 22.33 38.55 51.09
C ASP A 227 22.44 37.45 50.04
N ALA A 228 23.67 37.03 49.74
CA ALA A 228 23.84 35.94 48.77
C ALA A 228 23.25 34.64 49.30
N ALA A 229 23.36 34.41 50.61
CA ALA A 229 22.81 33.18 51.19
C ALA A 229 21.28 33.16 51.10
N GLN A 230 20.65 34.30 51.32
CA GLN A 230 19.18 34.37 51.32
C GLN A 230 18.58 34.46 49.93
N ARG A 231 19.40 34.44 48.87
CA ARG A 231 18.90 34.54 47.51
C ARG A 231 19.37 33.39 46.62
N SER A 232 20.00 32.37 47.19
CA SER A 232 20.66 31.34 46.39
C SER A 232 20.32 29.95 46.91
N ILE A 233 20.67 28.96 46.09
CA ILE A 233 20.62 27.55 46.45
C ILE A 233 21.93 26.92 46.02
N THR A 234 22.54 26.13 46.91
CA THR A 234 23.86 25.55 46.69
C THR A 234 23.72 24.05 46.52
N LEU A 235 24.23 23.53 45.41
CA LEU A 235 24.18 22.10 45.09
C LEU A 235 25.56 21.50 45.28
N MET A 236 25.67 20.50 46.16
CA MET A 236 26.92 19.83 46.45
C MET A 236 26.68 18.34 46.62
N SER A 237 27.74 17.56 46.38
CA SER A 237 27.68 16.11 46.43
C SER A 237 29.08 15.51 46.36
N PRO A 238 29.31 14.34 46.96
CA PRO A 238 30.60 13.66 46.81
C PRO A 238 30.61 12.71 45.63
N SER A 239 29.66 12.86 44.71
CA SER A 239 29.50 11.91 43.62
C SER A 239 30.73 11.90 42.72
N LYS A 240 31.20 13.07 42.31
CA LYS A 240 32.36 13.15 41.43
C LYS A 240 33.67 13.18 42.19
N SER A 241 33.67 13.67 43.43
CA SER A 241 34.90 13.69 44.22
C SER A 241 35.38 12.27 44.51
N PHE A 242 34.45 11.34 44.73
CA PHE A 242 34.79 9.98 45.13
C PHE A 242 34.25 8.94 44.16
N ASN A 243 33.81 9.35 42.97
CA ASN A 243 33.38 8.44 41.91
C ASN A 243 32.22 7.54 42.37
N ILE A 244 31.20 8.17 42.93
CA ILE A 244 30.01 7.45 43.39
C ILE A 244 28.77 8.06 42.76
N ALA A 245 28.89 8.54 41.52
CA ALA A 245 27.74 9.10 40.83
C ALA A 245 26.70 8.04 40.50
N GLY A 246 27.09 6.77 40.41
CA GLY A 246 26.16 5.68 40.21
C GLY A 246 25.17 5.47 41.33
N LEU A 247 25.45 6.03 42.51
CA LEU A 247 24.51 6.05 43.62
C LEU A 247 23.76 7.36 43.73
N GLY A 248 24.45 8.48 43.56
CA GLY A 248 23.78 9.76 43.37
C GLY A 248 23.21 10.41 44.62
N ALA A 249 23.95 10.40 45.72
CA ALA A 249 23.54 11.08 46.93
C ALA A 249 24.05 12.51 46.89
N SER A 250 23.14 13.48 46.92
CA SER A 250 23.48 14.89 46.84
C SER A 250 22.64 15.66 47.86
N LEU A 251 22.91 16.96 47.97
CA LEU A 251 22.16 17.81 48.87
C LEU A 251 22.13 19.23 48.34
N ALA A 252 21.05 19.94 48.65
CA ALA A 252 20.89 21.35 48.32
C ALA A 252 20.85 22.17 49.60
N VAL A 253 21.54 23.30 49.59
CA VAL A 253 21.63 24.18 50.75
C VAL A 253 20.85 25.45 50.44
N ILE A 254 19.68 25.58 51.05
CA ILE A 254 18.80 26.72 50.84
C ILE A 254 18.61 27.43 52.18
N PRO A 255 19.39 28.48 52.44
CA PRO A 255 19.22 29.20 53.71
C PRO A 255 17.91 29.95 53.82
N ASN A 256 17.35 30.41 52.72
CA ASN A 256 16.09 31.14 52.77
C ASN A 256 14.95 30.19 53.12
N PRO A 257 14.17 30.48 54.16
CA PRO A 257 13.06 29.57 54.51
C PRO A 257 11.97 29.53 53.46
N GLU A 258 11.61 30.69 52.88
CA GLU A 258 10.55 30.70 51.88
C GLU A 258 10.99 30.00 50.59
N LEU A 259 12.24 30.21 50.18
CA LEU A 259 12.74 29.53 49.00
C LEU A 259 12.87 28.03 49.22
N ARG A 260 13.10 27.60 50.47
CA ARG A 260 13.18 26.18 50.76
C ARG A 260 11.80 25.53 50.69
N ALA A 261 10.76 26.24 51.11
CA ALA A 261 9.41 25.71 51.04
C ALA A 261 8.94 25.60 49.59
N ARG A 262 9.25 26.60 48.76
CA ARG A 262 8.94 26.53 47.34
C ARG A 262 9.70 25.41 46.66
N PHE A 263 10.94 25.16 47.09
CA PHE A 263 11.73 24.07 46.51
C PHE A 263 11.16 22.72 46.89
N ASN A 264 10.86 22.51 48.18
CA ASN A 264 10.35 21.23 48.63
C ASN A 264 8.96 20.94 48.07
N ARG A 265 8.13 21.97 47.87
CA ARG A 265 6.82 21.76 47.29
C ARG A 265 6.91 21.30 45.84
N MET A 266 7.90 21.82 45.09
CA MET A 266 8.11 21.37 43.73
C MET A 266 8.71 19.98 43.68
N ARG A 267 9.45 19.59 44.73
CA ARG A 267 10.13 18.30 44.75
C ARG A 267 9.20 17.18 45.20
N LYS A 268 8.25 17.47 46.09
CA LYS A 268 7.50 16.43 46.77
C LYS A 268 6.71 15.56 45.79
N GLY A 269 6.79 14.24 46.00
CA GLY A 269 6.09 13.29 45.17
C GLY A 269 6.76 13.01 43.85
N MET A 270 7.26 14.06 43.20
CA MET A 270 7.85 13.91 41.87
C MET A 270 9.27 13.35 41.94
N VAL A 271 10.04 13.75 42.94
CA VAL A 271 11.42 13.32 43.10
C VAL A 271 11.49 12.42 44.34
N PRO A 272 11.99 11.20 44.21
CA PRO A 272 11.99 10.26 45.34
C PRO A 272 13.08 10.59 46.35
N ASP A 273 13.11 9.80 47.43
CA ASP A 273 14.12 9.96 48.45
C ASP A 273 15.43 9.28 48.03
N VAL A 274 16.49 9.58 48.77
CA VAL A 274 17.80 9.03 48.45
C VAL A 274 17.85 7.55 48.80
N ASP A 275 18.58 6.78 48.00
CA ASP A 275 18.77 5.36 48.26
C ASP A 275 19.36 5.15 49.66
N VAL A 276 18.94 4.04 50.29
CA VAL A 276 19.46 3.69 51.61
C VAL A 276 20.96 3.47 51.56
N LEU A 277 21.44 2.79 50.51
CA LEU A 277 22.87 2.55 50.38
C LEU A 277 23.64 3.79 49.93
N ALA A 278 22.97 4.70 49.22
CA ALA A 278 23.64 5.92 48.79
C ALA A 278 23.98 6.83 49.96
N TYR A 279 23.14 6.86 50.99
CA TYR A 279 23.44 7.62 52.19
C TYR A 279 24.70 7.09 52.87
N VAL A 280 24.86 5.77 52.91
CA VAL A 280 26.00 5.17 53.60
C VAL A 280 27.30 5.51 52.88
N ALA A 281 27.28 5.48 51.54
CA ALA A 281 28.50 5.76 50.79
C ALA A 281 28.87 7.24 50.86
N ALA A 282 27.88 8.13 50.77
CA ALA A 282 28.17 9.56 50.81
C ALA A 282 28.70 9.98 52.17
N SER A 283 28.21 9.35 53.25
CA SER A 283 28.72 9.66 54.58
C SER A 283 30.18 9.23 54.71
N ALA A 284 30.48 7.98 54.37
CA ALA A 284 31.85 7.49 54.46
C ALA A 284 32.79 8.24 53.54
N ALA A 285 32.28 8.75 52.42
CA ALA A 285 33.12 9.52 51.50
C ALA A 285 33.63 10.79 52.16
N TRP A 286 32.73 11.57 52.75
CA TRP A 286 33.11 12.83 53.37
C TRP A 286 33.58 12.68 54.81
N ARG A 287 33.34 11.54 55.45
CA ARG A 287 33.77 11.37 56.84
C ARG A 287 35.21 10.88 56.95
N GLU A 288 35.60 9.89 56.14
CA GLU A 288 36.92 9.31 56.25
C GLU A 288 37.60 9.06 54.91
N GLY A 289 37.09 9.60 53.82
CA GLY A 289 37.69 9.43 52.52
C GLY A 289 38.67 10.52 52.11
N GLN A 290 38.95 11.48 52.99
CA GLN A 290 39.81 12.59 52.62
C GLN A 290 41.23 12.17 52.23
N PRO A 291 41.90 11.26 52.93
CA PRO A 291 43.23 10.82 52.45
C PRO A 291 43.18 10.20 51.06
N TRP A 292 42.10 9.50 50.71
CA TRP A 292 41.94 9.00 49.36
C TRP A 292 41.80 10.15 48.36
N LEU A 293 40.99 11.16 48.72
CA LEU A 293 40.82 12.30 47.83
C LEU A 293 42.10 13.10 47.68
N ASP A 294 42.92 13.17 48.73
CA ASP A 294 44.20 13.87 48.62
C ASP A 294 45.11 13.17 47.61
N ALA A 295 45.12 11.83 47.61
CA ALA A 295 45.99 11.11 46.68
C ALA A 295 45.46 11.16 45.26
N GLN A 296 44.15 11.33 45.08
CA GLN A 296 43.61 11.45 43.73
C GLN A 296 43.97 12.79 43.11
N LEU A 297 44.04 13.86 43.92
CA LEU A 297 44.38 15.17 43.39
C LEU A 297 45.79 15.20 42.84
N ASP A 298 46.74 14.62 43.57
CA ASP A 298 48.11 14.54 43.07
C ASP A 298 48.20 13.73 41.79
N TYR A 299 47.45 12.62 41.73
CA TYR A 299 47.45 11.79 40.52
C TYR A 299 46.78 12.53 39.36
N LEU A 300 45.69 13.25 39.63
CA LEU A 300 45.00 13.96 38.56
C LEU A 300 45.79 15.18 38.09
N ARG A 301 46.53 15.84 38.99
CA ARG A 301 47.35 16.96 38.55
C ARG A 301 48.48 16.49 37.65
N ALA A 302 49.09 15.35 37.97
CA ALA A 302 50.12 14.80 37.09
C ALA A 302 49.53 14.41 35.73
N ASN A 303 48.33 13.82 35.73
CA ASN A 303 47.65 13.52 34.47
C ASN A 303 47.28 14.80 33.74
N ARG A 304 46.85 15.83 34.47
CA ARG A 304 46.45 17.09 33.85
C ARG A 304 47.65 17.77 33.19
N ASP A 305 48.78 17.83 33.90
CA ASP A 305 49.95 18.51 33.35
C ASP A 305 50.48 17.81 32.10
N MET A 306 50.34 16.48 32.03
CA MET A 306 50.78 15.77 30.84
C MET A 306 49.86 16.07 29.65
N LEU A 307 48.55 16.05 29.87
CA LEU A 307 47.62 16.36 28.79
C LEU A 307 47.78 17.81 28.32
N ALA A 308 47.99 18.74 29.27
CA ALA A 308 48.10 20.14 28.91
C ALA A 308 49.35 20.40 28.06
N GLN A 309 50.49 19.85 28.48
CA GLN A 309 51.71 20.04 27.71
C GLN A 309 51.64 19.32 26.37
N HIS A 310 50.92 18.21 26.30
CA HIS A 310 50.84 17.46 25.05
C HIS A 310 49.93 18.13 24.03
N VAL A 311 48.81 18.69 24.48
CA VAL A 311 47.85 19.29 23.56
C VAL A 311 48.42 20.53 22.92
N ASN A 312 49.15 21.34 23.69
CA ASN A 312 49.67 22.59 23.15
C ASN A 312 50.80 22.38 22.13
N ARG A 313 51.41 21.20 22.11
CA ARG A 313 52.41 20.90 21.09
C ARG A 313 51.81 20.46 19.77
N LEU A 314 50.57 19.97 19.79
CA LEU A 314 49.93 19.52 18.55
C LEU A 314 49.47 20.74 17.75
N PRO A 315 49.61 20.71 16.41
CA PRO A 315 49.43 21.91 15.58
C PRO A 315 47.98 22.13 15.11
N GLY A 316 47.04 22.11 16.05
CA GLY A 316 45.66 22.35 15.70
C GLY A 316 44.73 22.38 16.90
N LEU A 317 45.29 22.28 18.10
CA LEU A 317 44.51 22.21 19.33
C LEU A 317 45.05 23.21 20.33
N SER A 318 44.15 23.84 21.07
CA SER A 318 44.48 24.71 22.19
C SER A 318 43.69 24.25 23.40
N MET A 319 44.32 24.30 24.58
CA MET A 319 43.64 23.86 25.80
C MET A 319 44.11 24.71 26.97
N VAL A 320 43.14 25.20 27.74
CA VAL A 320 43.43 25.86 29.01
C VAL A 320 43.63 24.79 30.08
N THR A 321 44.71 24.92 30.85
CA THR A 321 44.95 24.02 31.95
C THR A 321 43.82 24.17 32.98
N PRO A 322 43.03 23.12 33.21
CA PRO A 322 41.88 23.26 34.13
C PRO A 322 42.34 23.42 35.56
N GLU A 323 41.84 24.47 36.22
CA GLU A 323 42.11 24.66 37.63
C GLU A 323 41.40 23.62 38.50
N ALA A 324 40.45 22.88 37.95
CA ALA A 324 39.72 21.86 38.68
C ALA A 324 39.58 20.61 37.83
N SER A 325 40.11 19.50 38.34
CA SER A 325 40.01 18.21 37.67
C SER A 325 38.54 17.82 37.48
N PHE A 326 38.27 16.93 36.52
CA PHE A 326 39.28 16.22 35.73
C PHE A 326 39.04 16.33 34.23
N LEU A 327 38.60 17.51 33.80
CA LEU A 327 38.39 17.82 32.39
C LEU A 327 38.73 19.30 32.19
N GLY A 328 39.25 19.64 31.02
CA GLY A 328 39.44 18.75 29.89
C GLY A 328 38.90 19.38 28.61
N TRP A 329 38.98 20.71 28.54
CA TRP A 329 38.31 21.50 27.50
C TRP A 329 39.32 21.87 26.43
N ILE A 330 39.22 21.22 25.26
CA ILE A 330 40.20 21.35 24.19
C ILE A 330 39.54 22.04 23.00
N ASP A 331 40.16 23.12 22.53
CA ASP A 331 39.69 23.83 21.34
C ASP A 331 40.22 23.11 20.11
N ALA A 332 39.32 22.52 19.33
CA ALA A 332 39.67 21.82 18.10
C ALA A 332 39.24 22.58 16.86
N SER A 333 39.01 23.89 16.98
CA SER A 333 38.62 24.69 15.83
C SER A 333 39.73 24.79 14.79
N GLY A 334 40.99 24.64 15.19
CA GLY A 334 42.09 24.70 14.26
C GLY A 334 42.19 23.52 13.32
N LEU A 335 41.34 22.51 13.46
CA LEU A 335 41.39 21.35 12.59
C LEU A 335 40.74 21.63 11.24
N GLY A 336 39.66 22.42 11.23
CA GLY A 336 38.95 22.71 10.00
C GLY A 336 37.95 21.66 9.59
N VAL A 337 37.67 20.67 10.44
CA VAL A 337 36.70 19.62 10.14
C VAL A 337 35.33 20.06 10.63
N ALA A 338 34.29 19.58 9.95
CA ALA A 338 32.92 19.96 10.29
C ALA A 338 32.42 19.31 11.58
N ASP A 339 33.18 18.36 12.14
CA ASP A 339 32.75 17.70 13.36
C ASP A 339 33.97 17.19 14.13
N PRO A 340 34.55 18.01 15.02
CA PRO A 340 35.77 17.56 15.72
C PRO A 340 35.58 16.32 16.57
N ALA A 341 34.41 16.14 17.18
CA ALA A 341 34.17 14.97 18.00
C ALA A 341 34.11 13.69 17.15
N LEU A 342 33.36 13.75 16.05
CA LEU A 342 33.31 12.60 15.15
C LEU A 342 34.66 12.33 14.51
N PHE A 343 35.47 13.37 14.33
CA PHE A 343 36.81 13.18 13.79
C PHE A 343 37.65 12.29 14.68
N PHE A 344 37.74 12.62 15.97
CA PHE A 344 38.56 11.84 16.89
C PHE A 344 37.99 10.44 17.11
N GLU A 345 36.69 10.23 16.90
CA GLU A 345 36.12 8.90 17.06
C GLU A 345 36.66 7.95 15.98
N LYS A 346 36.80 8.43 14.76
CA LYS A 346 37.38 7.61 13.70
C LYS A 346 38.87 7.39 13.87
N HIS A 347 39.49 8.02 14.87
CA HIS A 347 40.89 7.76 15.23
C HIS A 347 40.98 7.14 16.62
N GLY A 348 39.97 6.38 17.01
CA GLY A 348 40.00 5.64 18.27
C GLY A 348 39.99 6.48 19.52
N LEU A 349 39.30 7.62 19.51
CA LEU A 349 39.24 8.51 20.66
C LEU A 349 37.80 8.94 20.87
N GLY A 350 37.23 8.57 22.01
CA GLY A 350 35.85 8.90 22.32
C GLY A 350 35.70 10.03 23.31
N PHE A 351 35.61 11.26 22.79
CA PHE A 351 35.50 12.44 23.63
C PHE A 351 34.03 12.84 23.76
N SER A 352 33.77 13.72 24.73
CA SER A 352 32.46 14.36 24.85
C SER A 352 32.38 15.49 23.83
N SER A 353 31.38 15.42 22.95
CA SER A 353 31.21 16.43 21.93
C SER A 353 30.86 17.78 22.57
N GLY A 354 31.55 18.83 22.14
CA GLY A 354 31.28 20.16 22.65
C GLY A 354 29.96 20.74 22.19
N ARG A 355 29.33 20.15 21.17
CA ARG A 355 28.04 20.65 20.70
C ARG A 355 26.98 20.56 21.78
N ASP A 356 27.03 19.51 22.60
CA ASP A 356 26.09 19.37 23.71
C ASP A 356 26.30 20.43 24.77
N PHE A 357 27.50 21.00 24.86
CA PHE A 357 27.79 22.06 25.82
C PHE A 357 27.56 23.45 25.24
N GLY A 358 27.36 23.57 23.94
CA GLY A 358 27.08 24.85 23.32
C GLY A 358 28.23 25.42 22.52
N ASN A 359 29.10 24.55 22.01
CA ASN A 359 30.26 24.99 21.22
C ASN A 359 30.80 23.77 20.47
N ASP A 360 30.35 23.62 19.22
CA ASP A 360 30.72 22.46 18.40
C ASP A 360 32.18 22.47 17.95
N ARG A 361 33.02 23.40 18.38
CA ARG A 361 34.43 23.41 18.02
C ARG A 361 35.32 22.78 19.08
N PHE A 362 34.77 22.39 20.22
CA PHE A 362 35.53 21.86 21.34
C PHE A 362 35.20 20.40 21.57
N VAL A 363 36.10 19.72 22.29
CA VAL A 363 35.88 18.36 22.77
C VAL A 363 36.32 18.30 24.23
N ARG A 364 35.54 17.60 25.05
CA ARG A 364 35.86 17.47 26.46
C ARG A 364 36.68 16.21 26.69
N PHE A 365 37.83 16.36 27.33
CA PHE A 365 38.78 15.28 27.55
C PHE A 365 38.68 14.82 29.01
N ASN A 366 38.38 13.55 29.21
CA ASN A 366 38.31 12.96 30.55
C ASN A 366 39.63 12.25 30.82
N PHE A 367 40.50 12.91 31.58
CA PHE A 367 41.76 12.30 32.00
C PHE A 367 41.67 11.74 33.42
N GLY A 368 40.47 11.44 33.90
CA GLY A 368 40.29 10.74 35.15
C GLY A 368 40.40 9.25 34.96
N CYS A 369 41.63 8.76 34.84
CA CYS A 369 41.90 7.37 34.49
C CYS A 369 43.35 7.07 34.85
N PRO A 370 43.73 5.79 34.90
CA PRO A 370 45.14 5.46 35.14
C PRO A 370 46.03 6.05 34.06
N ARG A 371 47.25 6.43 34.46
CA ARG A 371 48.15 7.14 33.56
C ARG A 371 48.50 6.32 32.33
N GLN A 372 48.52 4.99 32.46
CA GLN A 372 48.81 4.15 31.30
C GLN A 372 47.76 4.32 30.21
N LEU A 373 46.49 4.49 30.61
CA LEU A 373 45.44 4.72 29.62
C LEU A 373 45.52 6.13 29.05
N LEU A 374 46.01 7.10 29.83
CA LEU A 374 46.16 8.45 29.31
C LEU A 374 47.26 8.52 28.25
N GLU A 375 48.37 7.81 28.47
CA GLU A 375 49.45 7.80 27.49
C GLU A 375 48.99 7.20 26.17
N GLU A 376 48.18 6.14 26.21
CA GLU A 376 47.64 5.58 24.99
C GLU A 376 46.69 6.55 24.29
N ALA A 377 45.96 7.35 25.06
CA ALA A 377 45.08 8.35 24.47
C ALA A 377 45.89 9.46 23.81
N LEU A 378 46.95 9.92 24.48
CA LEU A 378 47.78 10.99 23.91
C LEU A 378 48.48 10.54 22.63
N GLN A 379 48.87 9.27 22.55
CA GLN A 379 49.53 8.79 21.34
C GLN A 379 48.55 8.67 20.18
N ARG A 380 47.30 8.30 20.46
CA ARG A 380 46.30 8.29 19.41
C ARG A 380 46.01 9.69 18.90
N MET A 381 46.14 10.70 19.77
CA MET A 381 46.00 12.08 19.31
C MET A 381 47.17 12.48 18.42
N THR A 382 48.39 12.11 18.81
CA THR A 382 49.55 12.38 17.97
C THR A 382 49.46 11.65 16.64
N ARG A 383 49.03 10.39 16.67
CA ARG A 383 48.90 9.62 15.44
C ARG A 383 47.81 10.17 14.53
N ALA A 384 46.77 10.77 15.11
CA ALA A 384 45.65 11.27 14.32
C ALA A 384 46.01 12.54 13.55
N LEU A 385 46.78 13.43 14.17
CA LEU A 385 47.07 14.72 13.57
C LEU A 385 48.36 14.73 12.75
N THR A 386 49.17 13.68 12.83
CA THR A 386 50.49 13.68 12.18
C THR A 386 50.82 12.26 11.74
N SER A 387 50.89 12.02 10.43
CA SER A 387 50.60 13.01 9.38
C SER A 387 50.20 12.27 8.10
N GLY A 388 49.15 12.74 7.42
CA GLY A 388 48.33 13.85 7.89
C GLY A 388 46.87 13.54 7.65
N TYR A 389 45.98 14.24 8.35
CA TYR A 389 44.56 13.96 8.24
C TYR A 389 43.73 15.17 8.63
N PHE B 11 6.95 -14.65 -27.42
CA PHE B 11 6.29 -15.39 -26.35
C PHE B 11 6.73 -14.88 -24.99
N ASN B 12 6.28 -15.56 -23.93
CA ASN B 12 6.58 -15.19 -22.56
C ASN B 12 7.57 -16.17 -21.95
N PHE B 13 8.35 -15.69 -21.00
CA PHE B 13 9.41 -16.49 -20.37
C PHE B 13 9.57 -16.03 -18.93
N ASP B 14 9.09 -16.85 -18.00
CA ASP B 14 9.04 -16.49 -16.59
C ASP B 14 10.23 -17.02 -15.79
N GLN B 15 11.13 -17.78 -16.41
CA GLN B 15 12.28 -18.34 -15.70
C GLN B 15 13.45 -17.38 -15.61
N ARG B 16 13.30 -16.14 -16.08
CA ARG B 16 14.40 -15.19 -16.05
C ARG B 16 14.65 -14.69 -14.63
N ILE B 17 15.91 -14.67 -14.24
CA ILE B 17 16.31 -14.23 -12.90
C ILE B 17 16.50 -12.72 -12.92
N ASP B 18 15.78 -12.01 -12.06
CA ASP B 18 15.92 -10.57 -11.92
C ASP B 18 16.70 -10.27 -10.64
N ARG B 19 17.60 -9.29 -10.74
CA ARG B 19 18.46 -8.90 -9.62
C ARG B 19 17.86 -7.68 -8.93
N ARG B 20 17.82 -7.72 -7.61
CA ARG B 20 17.23 -6.66 -6.80
C ARG B 20 18.06 -6.52 -5.53
N HIS B 21 18.86 -5.45 -5.38
CA HIS B 21 19.17 -4.35 -6.33
C HIS B 21 18.00 -3.54 -6.87
N SER B 22 16.88 -3.52 -6.15
CA SER B 22 15.75 -2.70 -6.53
C SER B 22 15.32 -1.83 -5.36
N ASP B 23 14.15 -1.24 -5.46
CA ASP B 23 13.46 -0.69 -4.30
C ASP B 23 12.58 -1.73 -3.63
N SER B 24 12.68 -2.99 -4.05
CA SER B 24 11.79 -4.04 -3.58
C SER B 24 11.92 -4.26 -2.08
N LEU B 25 10.80 -4.17 -1.37
CA LEU B 25 10.78 -4.52 0.04
C LEU B 25 11.04 -6.01 0.25
N LYS B 26 10.71 -6.83 -0.75
CA LYS B 26 10.89 -8.27 -0.62
C LYS B 26 12.36 -8.64 -0.45
N TRP B 27 13.24 -8.00 -1.22
CA TRP B 27 14.65 -8.38 -1.26
C TRP B 27 15.53 -7.46 -0.42
N LYS B 28 14.96 -6.76 0.56
CA LYS B 28 15.74 -5.93 1.46
C LYS B 28 15.55 -6.26 2.93
N LYS B 29 14.52 -7.02 3.29
CA LYS B 29 14.36 -7.45 4.68
C LYS B 29 15.55 -8.29 5.12
N TYR B 30 15.95 -9.26 4.29
CA TYR B 30 17.15 -10.05 4.54
C TYR B 30 18.24 -9.60 3.57
N ALA B 31 18.63 -8.33 3.66
CA ALA B 31 19.50 -7.74 2.65
C ALA B 31 20.86 -8.43 2.61
N ASP B 32 21.60 -8.37 3.71
CA ASP B 32 22.96 -8.88 3.76
C ASP B 32 23.04 -10.34 4.22
N ARG B 33 21.92 -10.95 4.55
CA ARG B 33 21.89 -12.31 5.07
C ARG B 33 21.57 -13.31 3.96
N ASP B 34 22.01 -14.55 4.15
CA ASP B 34 21.77 -15.62 3.18
C ASP B 34 20.43 -16.29 3.48
N ILE B 35 19.37 -15.53 3.23
CA ILE B 35 18.00 -15.98 3.47
C ILE B 35 17.18 -15.67 2.22
N LEU B 36 16.56 -16.69 1.65
CA LEU B 36 15.78 -16.53 0.43
C LEU B 36 14.48 -15.77 0.72
N PRO B 37 14.23 -14.63 0.08
CA PRO B 37 12.98 -13.90 0.34
C PRO B 37 11.77 -14.58 -0.27
N LEU B 38 10.86 -15.07 0.58
CA LEU B 38 9.65 -15.77 0.13
C LEU B 38 8.47 -15.37 1.00
N TRP B 39 8.45 -14.11 1.43
CA TRP B 39 7.50 -13.66 2.46
C TRP B 39 6.42 -12.75 1.89
N ILE B 40 6.76 -11.51 1.51
CA ILE B 40 5.74 -10.55 1.11
C ILE B 40 5.08 -11.01 -0.19
N ALA B 41 3.81 -10.62 -0.36
CA ALA B 41 2.98 -11.18 -1.43
C ALA B 41 3.15 -10.35 -2.70
N ASP B 42 4.24 -10.62 -3.41
CA ASP B 42 4.43 -10.13 -4.77
C ASP B 42 5.41 -11.06 -5.47
N THR B 43 5.39 -11.02 -6.78
CA THR B 43 6.21 -11.91 -7.59
C THR B 43 7.47 -11.21 -8.09
N ASP B 44 8.48 -12.01 -8.39
CA ASP B 44 9.73 -11.52 -8.95
C ASP B 44 9.68 -11.42 -10.47
N PHE B 45 8.49 -11.42 -11.06
CA PHE B 45 8.34 -11.46 -12.50
C PHE B 45 8.33 -10.06 -13.09
N ARG B 46 8.91 -9.91 -14.28
CA ARG B 46 8.86 -8.65 -15.00
C ARG B 46 7.46 -8.42 -15.54
N ALA B 47 6.99 -7.18 -15.45
CA ALA B 47 5.66 -6.84 -15.93
C ALA B 47 5.54 -7.09 -17.43
N ALA B 48 4.30 -7.28 -17.88
CA ALA B 48 4.05 -7.51 -19.29
C ALA B 48 4.52 -6.31 -20.13
N ASP B 49 4.89 -6.59 -21.38
CA ASP B 49 5.40 -5.53 -22.24
C ASP B 49 4.36 -4.44 -22.48
N CYS B 50 3.07 -4.80 -22.47
CA CYS B 50 2.03 -3.79 -22.67
C CYS B 50 2.00 -2.79 -21.52
N ILE B 51 2.38 -3.22 -20.31
CA ILE B 51 2.45 -2.29 -19.19
C ILE B 51 3.69 -1.41 -19.29
N ILE B 52 4.82 -2.00 -19.69
CA ILE B 52 6.06 -1.22 -19.82
C ILE B 52 5.92 -0.19 -20.93
N ASP B 53 5.41 -0.60 -22.09
CA ASP B 53 5.27 0.32 -23.21
C ASP B 53 4.26 1.42 -22.94
N ALA B 54 3.20 1.11 -22.18
CA ALA B 54 2.20 2.12 -21.85
C ALA B 54 2.77 3.16 -20.88
N LEU B 55 3.56 2.72 -19.91
CA LEU B 55 4.16 3.64 -18.96
C LEU B 55 5.16 4.58 -19.64
N GLN B 56 6.00 4.04 -20.53
CA GLN B 56 7.02 4.85 -21.18
C GLN B 56 6.40 5.94 -22.05
N GLN B 57 5.28 5.63 -22.71
CA GLN B 57 4.63 6.63 -23.55
C GLN B 57 3.97 7.72 -22.71
N ARG B 58 3.46 7.37 -21.53
CA ARG B 58 2.92 8.39 -20.64
C ARG B 58 4.02 9.17 -19.93
N VAL B 59 5.16 8.53 -19.66
CA VAL B 59 6.29 9.24 -19.07
C VAL B 59 6.88 10.24 -20.07
N GLN B 60 7.16 9.77 -21.29
CA GLN B 60 7.68 10.66 -22.32
C GLN B 60 6.66 11.69 -22.79
N GLN B 61 5.38 11.51 -22.45
CA GLN B 61 4.37 12.52 -22.75
C GLN B 61 4.72 13.87 -22.15
N GLY B 62 5.52 13.90 -21.09
CA GLY B 62 6.10 15.14 -20.60
C GLY B 62 5.54 15.66 -19.30
N VAL B 63 4.27 16.06 -19.32
CA VAL B 63 3.67 16.78 -18.19
C VAL B 63 3.05 15.78 -17.23
N PHE B 64 3.27 16.01 -15.93
CA PHE B 64 2.71 15.17 -14.89
C PHE B 64 1.87 15.98 -13.91
N GLY B 65 0.97 16.81 -14.44
CA GLY B 65 0.09 17.60 -13.62
C GLY B 65 -1.04 16.78 -13.03
N TYR B 66 -2.04 17.50 -12.52
CA TYR B 66 -3.19 16.85 -11.91
C TYR B 66 -3.99 16.08 -12.96
N GLY B 67 -4.20 14.79 -12.69
CA GLY B 67 -4.90 13.92 -13.62
C GLY B 67 -6.35 13.72 -13.25
N VAL B 68 -7.11 13.21 -14.22
CA VAL B 68 -8.50 12.88 -14.02
C VAL B 68 -8.63 11.37 -13.82
N THR B 69 -9.81 10.94 -13.39
CA THR B 69 -10.09 9.51 -13.28
C THR B 69 -10.05 8.85 -14.65
N SER B 70 -9.28 7.78 -14.77
CA SER B 70 -9.12 7.08 -16.03
C SER B 70 -10.44 6.47 -16.49
N GLU B 71 -11.02 7.03 -17.55
CA GLU B 71 -12.20 6.42 -18.15
C GLU B 71 -11.86 5.13 -18.90
N ALA B 72 -10.61 4.95 -19.31
CA ALA B 72 -10.21 3.72 -19.97
C ALA B 72 -10.18 2.56 -19.00
N LEU B 73 -9.54 2.75 -17.83
CA LEU B 73 -9.56 1.71 -16.81
C LEU B 73 -10.97 1.42 -16.34
N ALA B 74 -11.80 2.46 -16.23
CA ALA B 74 -13.20 2.25 -15.86
C ALA B 74 -13.91 1.40 -16.90
N GLU B 75 -13.58 1.59 -18.18
CA GLU B 75 -14.26 0.84 -19.24
C GLU B 75 -13.79 -0.62 -19.27
N VAL B 76 -12.48 -0.84 -19.20
CA VAL B 76 -11.96 -2.21 -19.27
C VAL B 76 -12.39 -2.99 -18.04
N ALA B 77 -12.61 -2.32 -16.91
CA ALA B 77 -13.11 -3.01 -15.72
C ALA B 77 -14.54 -3.48 -15.91
N ILE B 78 -15.38 -2.64 -16.52
CA ILE B 78 -16.76 -3.04 -16.82
C ILE B 78 -16.76 -4.28 -17.72
N GLU B 79 -15.94 -4.26 -18.78
CA GLU B 79 -15.94 -5.35 -19.73
C GLU B 79 -15.32 -6.61 -19.13
N ARG B 80 -14.28 -6.45 -18.30
CA ARG B 80 -13.62 -7.63 -17.73
C ARG B 80 -14.53 -8.34 -16.74
N MET B 81 -15.24 -7.60 -15.89
CA MET B 81 -16.13 -8.21 -14.91
C MET B 81 -17.33 -8.90 -15.56
N GLU B 82 -17.69 -8.49 -16.77
CA GLU B 82 -18.85 -9.06 -17.45
C GLU B 82 -18.50 -10.34 -18.21
N SER B 83 -17.43 -10.31 -19.00
CA SER B 83 -17.09 -11.44 -19.85
C SER B 83 -16.45 -12.58 -19.07
N ARG B 84 -15.75 -12.28 -17.98
CA ARG B 84 -14.99 -13.29 -17.26
C ARG B 84 -15.65 -13.74 -15.96
N PHE B 85 -16.54 -12.94 -15.38
CA PHE B 85 -17.15 -13.28 -14.10
C PHE B 85 -18.67 -13.20 -14.11
N GLY B 86 -19.30 -12.90 -15.25
CA GLY B 86 -20.74 -12.89 -15.33
C GLY B 86 -21.41 -11.87 -14.43
N TRP B 87 -20.75 -10.74 -14.18
CA TRP B 87 -21.28 -9.69 -13.32
C TRP B 87 -21.25 -8.38 -14.09
N LYS B 88 -22.42 -7.84 -14.42
CA LYS B 88 -22.49 -6.54 -15.06
C LYS B 88 -22.45 -5.44 -14.01
N ILE B 89 -21.70 -4.38 -14.29
CA ILE B 89 -21.54 -3.27 -13.37
C ILE B 89 -21.81 -1.98 -14.11
N GLN B 90 -22.27 -0.99 -13.39
CA GLN B 90 -22.52 0.31 -13.96
C GLN B 90 -21.35 1.24 -13.67
N PRO B 91 -21.08 2.21 -14.56
CA PRO B 91 -19.93 3.10 -14.34
C PRO B 91 -19.99 3.87 -13.04
N GLU B 92 -21.19 4.33 -12.65
CA GLU B 92 -21.31 5.11 -11.42
C GLU B 92 -20.99 4.30 -10.17
N TRP B 93 -20.96 2.97 -10.27
CA TRP B 93 -20.64 2.14 -9.11
C TRP B 93 -19.15 2.22 -8.76
N LEU B 94 -18.30 2.53 -9.73
CA LEU B 94 -16.86 2.45 -9.53
C LEU B 94 -16.35 3.64 -8.72
N VAL B 95 -15.44 3.34 -7.79
CA VAL B 95 -14.71 4.35 -7.03
C VAL B 95 -13.24 3.89 -6.99
N PHE B 96 -12.37 4.65 -7.64
CA PHE B 96 -10.97 4.26 -7.75
C PHE B 96 -10.19 4.70 -6.51
N LEU B 97 -9.29 3.83 -6.05
CA LEU B 97 -8.55 4.02 -4.81
C LEU B 97 -7.08 3.77 -5.04
N PRO B 98 -6.21 4.42 -4.25
CA PRO B 98 -4.76 4.13 -4.31
C PRO B 98 -4.38 2.94 -3.42
N GLY B 99 -4.75 1.75 -3.87
CA GLY B 99 -4.50 0.53 -3.13
C GLY B 99 -5.78 -0.08 -2.60
N VAL B 100 -5.64 -1.33 -2.12
CA VAL B 100 -6.78 -2.04 -1.57
C VAL B 100 -6.86 -1.90 -0.05
N VAL B 101 -5.72 -1.81 0.64
CA VAL B 101 -5.72 -1.70 2.09
C VAL B 101 -6.49 -0.45 2.54
N THR B 102 -6.34 0.65 1.79
CA THR B 102 -7.11 1.85 2.11
C THR B 102 -8.60 1.61 1.90
N GLY B 103 -8.97 0.83 0.88
CA GLY B 103 -10.36 0.51 0.68
C GLY B 103 -10.96 -0.28 1.82
N ILE B 104 -10.16 -1.16 2.45
CA ILE B 104 -10.63 -1.86 3.64
C ILE B 104 -10.78 -0.90 4.80
N ASN B 105 -9.90 0.10 4.90
CA ASN B 105 -9.95 1.05 6.01
C ASN B 105 -10.99 2.14 5.79
N ILE B 106 -11.29 2.49 4.53
CA ILE B 106 -12.38 3.43 4.29
C ILE B 106 -13.72 2.79 4.64
N ALA B 107 -13.85 1.48 4.39
CA ALA B 107 -14.93 0.71 4.98
C ALA B 107 -14.70 0.64 6.49
N VAL B 108 -15.47 -0.20 7.19
CA VAL B 108 -15.37 -0.33 8.64
C VAL B 108 -15.68 1.00 9.31
N ARG B 109 -14.83 2.00 9.04
CA ARG B 109 -15.06 3.34 9.62
C ARG B 109 -16.30 4.00 9.04
N ALA B 110 -16.68 3.65 7.80
CA ALA B 110 -17.85 4.26 7.17
C ALA B 110 -19.11 3.41 7.28
N PHE B 111 -18.98 2.11 7.53
CA PHE B 111 -20.14 1.23 7.60
C PHE B 111 -20.41 0.70 9.01
N THR B 112 -19.53 0.96 9.97
CA THR B 112 -19.78 0.61 11.36
C THR B 112 -19.56 1.82 12.24
N GLU B 113 -20.32 1.89 13.33
CA GLU B 113 -20.16 2.93 14.33
C GLU B 113 -19.34 2.37 15.50
N ALA B 114 -19.09 3.21 16.49
CA ALA B 114 -18.21 2.83 17.60
C ALA B 114 -18.73 1.60 18.33
N HIS B 115 -20.05 1.52 18.55
CA HIS B 115 -20.63 0.42 19.31
C HIS B 115 -20.85 -0.83 18.47
N GLN B 116 -20.50 -0.81 17.19
CA GLN B 116 -20.69 -1.95 16.31
C GLN B 116 -19.36 -2.68 16.09
N SER B 117 -19.46 -3.89 15.55
CA SER B 117 -18.32 -4.77 15.37
C SER B 117 -18.29 -5.31 13.96
N THR B 118 -17.19 -5.99 13.63
CA THR B 118 -16.99 -6.61 12.32
C THR B 118 -16.79 -8.11 12.48
N VAL B 119 -17.20 -8.85 11.46
CA VAL B 119 -17.05 -10.31 11.42
C VAL B 119 -16.11 -10.66 10.27
N SER B 120 -15.23 -11.61 10.52
CA SER B 120 -14.31 -12.10 9.51
C SER B 120 -13.85 -13.50 9.90
N ALA B 121 -13.08 -14.12 9.01
CA ALA B 121 -12.51 -15.43 9.25
C ALA B 121 -11.08 -15.31 9.75
N THR B 122 -10.59 -16.39 10.36
CA THR B 122 -9.21 -16.46 10.81
C THR B 122 -8.68 -17.85 10.44
N PRO B 123 -7.44 -17.92 9.91
CA PRO B 123 -6.55 -16.79 9.64
C PRO B 123 -7.00 -15.98 8.44
N ILE B 124 -6.43 -14.79 8.24
CA ILE B 124 -6.81 -13.93 7.13
C ILE B 124 -5.78 -12.83 6.97
N TYR B 125 -5.81 -12.14 5.83
CA TYR B 125 -4.96 -11.00 5.53
C TYR B 125 -4.97 -10.03 6.71
N PRO B 126 -3.81 -9.69 7.25
CA PRO B 126 -3.75 -8.99 8.56
C PRO B 126 -4.57 -7.71 8.59
N PRO B 127 -4.56 -6.86 7.54
CA PRO B 127 -5.38 -5.63 7.60
C PRO B 127 -6.87 -5.86 7.78
N PHE B 128 -7.32 -7.12 7.76
CA PHE B 128 -8.74 -7.39 7.97
C PHE B 128 -9.14 -7.19 9.43
N PHE B 129 -8.30 -7.62 10.37
CA PHE B 129 -8.56 -7.41 11.78
C PHE B 129 -7.72 -6.29 12.38
N LEU B 130 -6.88 -5.64 11.58
CA LEU B 130 -6.16 -4.46 12.06
C LEU B 130 -6.94 -3.18 11.81
N ALA B 131 -7.73 -3.12 10.74
CA ALA B 131 -8.55 -1.94 10.48
C ALA B 131 -9.59 -1.70 11.58
N PRO B 132 -10.33 -2.71 12.07
CA PRO B 132 -11.19 -2.45 13.23
C PRO B 132 -10.41 -2.10 14.48
N LYS B 133 -9.18 -2.60 14.62
CA LYS B 133 -8.35 -2.26 15.77
C LYS B 133 -7.94 -0.79 15.73
N LEU B 134 -7.61 -0.27 14.55
CA LEU B 134 -7.28 1.14 14.43
C LEU B 134 -8.51 2.01 14.56
N ALA B 135 -9.67 1.51 14.15
CA ALA B 135 -10.93 2.25 14.21
C ALA B 135 -11.64 2.07 15.55
N GLY B 136 -11.00 1.44 16.53
CA GLY B 136 -11.61 1.24 17.82
C GLY B 136 -12.79 0.30 17.82
N ARG B 137 -12.91 -0.56 16.81
CA ARG B 137 -14.01 -1.50 16.70
C ARG B 137 -13.60 -2.87 17.19
N GLN B 138 -14.50 -3.55 17.88
CA GLN B 138 -14.29 -4.93 18.26
C GLN B 138 -14.47 -5.84 17.05
N HIS B 139 -13.76 -6.96 17.06
CA HIS B 139 -13.72 -7.84 15.90
C HIS B 139 -14.04 -9.27 16.32
N LEU B 140 -14.86 -9.94 15.51
CA LEU B 140 -15.20 -11.35 15.69
C LEU B 140 -14.46 -12.18 14.66
N SER B 141 -13.88 -13.30 15.11
CA SER B 141 -13.11 -14.18 14.25
C SER B 141 -13.77 -15.55 14.20
N ALA B 142 -14.05 -16.01 12.98
CA ALA B 142 -14.62 -17.34 12.75
C ALA B 142 -13.51 -18.24 12.21
N ALA B 143 -13.15 -19.27 12.99
CA ALA B 143 -12.01 -20.10 12.65
C ALA B 143 -12.28 -20.93 11.40
N LEU B 144 -11.33 -20.91 10.46
CA LEU B 144 -11.42 -21.77 9.29
C LEU B 144 -11.10 -23.21 9.69
N ARG B 145 -11.83 -24.15 9.10
CA ARG B 145 -11.62 -25.56 9.35
C ARG B 145 -11.31 -26.28 8.04
N LEU B 146 -10.64 -27.42 8.17
CA LEU B 146 -10.16 -28.20 7.03
C LEU B 146 -11.18 -29.29 6.70
N GLU B 147 -11.62 -29.31 5.44
CA GLU B 147 -12.60 -30.31 5.02
C GLU B 147 -12.22 -30.94 3.68
N GLN B 148 -12.58 -30.29 2.58
CA GLN B 148 -12.38 -30.85 1.25
C GLN B 148 -10.92 -30.72 0.83
N GLN B 149 -10.00 -30.99 1.76
CA GLN B 149 -8.59 -30.64 1.60
C GLN B 149 -8.41 -29.15 1.31
N ARG B 150 -9.41 -28.35 1.70
CA ARG B 150 -9.37 -26.90 1.59
C ARG B 150 -9.82 -26.31 2.91
N TRP B 151 -9.59 -25.01 3.07
CA TRP B 151 -10.01 -24.28 4.26
C TRP B 151 -11.34 -23.60 3.95
N VAL B 152 -12.40 -24.05 4.62
CA VAL B 152 -13.74 -23.52 4.41
C VAL B 152 -14.15 -22.68 5.61
N LEU B 153 -15.19 -21.88 5.41
CA LEU B 153 -15.71 -20.96 6.42
C LEU B 153 -17.16 -21.31 6.70
N ASP B 154 -17.45 -21.68 7.95
CA ASP B 154 -18.80 -22.00 8.38
C ASP B 154 -19.24 -20.93 9.37
N LEU B 155 -19.77 -19.83 8.83
CA LEU B 155 -20.22 -18.74 9.69
C LEU B 155 -21.45 -19.12 10.50
N ASP B 156 -22.24 -20.08 10.02
CA ASP B 156 -23.44 -20.49 10.74
C ASP B 156 -23.10 -21.17 12.06
N SER B 157 -21.94 -21.82 12.14
CA SER B 157 -21.53 -22.51 13.35
C SER B 157 -21.03 -21.57 14.43
N HIS B 158 -20.78 -20.29 14.11
CA HIS B 158 -20.39 -19.29 15.09
C HIS B 158 -21.54 -18.33 15.42
N GLU B 159 -22.77 -18.72 15.10
CA GLU B 159 -23.90 -17.80 15.25
C GLU B 159 -24.19 -17.49 16.71
N ASP B 160 -24.07 -18.50 17.58
CA ASP B 160 -24.38 -18.33 19.00
C ASP B 160 -23.30 -17.55 19.75
N ARG B 161 -22.21 -17.16 19.07
CA ARG B 161 -21.12 -16.43 19.70
C ARG B 161 -21.11 -14.96 19.29
N MET B 162 -22.23 -14.44 18.82
CA MET B 162 -22.33 -13.06 18.36
C MET B 162 -23.00 -12.19 19.41
N SER B 163 -22.81 -10.88 19.28
CA SER B 163 -23.30 -9.91 20.25
C SER B 163 -24.50 -9.11 19.74
N GLY B 164 -24.91 -9.29 18.49
CA GLY B 164 -25.93 -8.47 17.90
C GLY B 164 -25.48 -7.11 17.43
N ASN B 165 -24.29 -6.67 17.84
CA ASN B 165 -23.73 -5.40 17.40
C ASN B 165 -22.96 -5.51 16.09
N GLU B 166 -22.82 -6.71 15.55
CA GLU B 166 -22.11 -6.90 14.28
C GLU B 166 -22.85 -6.20 13.15
N LYS B 167 -22.09 -5.63 12.20
CA LYS B 167 -22.70 -4.89 11.11
C LYS B 167 -21.96 -5.13 9.79
N LEU B 168 -20.64 -5.23 9.83
CA LEU B 168 -19.83 -5.40 8.63
C LEU B 168 -19.25 -6.80 8.58
N LEU B 169 -19.41 -7.48 7.46
CA LEU B 169 -18.82 -8.79 7.20
C LEU B 169 -17.65 -8.61 6.24
N LEU B 170 -16.45 -8.96 6.69
CA LEU B 170 -15.22 -8.80 5.90
C LEU B 170 -14.90 -10.15 5.25
N LEU B 171 -15.20 -10.27 3.96
CA LEU B 171 -14.96 -11.48 3.21
C LEU B 171 -13.71 -11.35 2.35
N CYS B 172 -13.05 -12.47 2.10
CA CYS B 172 -11.84 -12.53 1.27
C CYS B 172 -11.98 -13.72 0.34
N ASN B 173 -12.25 -13.45 -0.95
CA ASN B 173 -12.44 -14.50 -1.94
C ASN B 173 -11.78 -14.11 -3.25
N PRO B 174 -10.75 -14.84 -3.71
CA PRO B 174 -10.15 -16.01 -3.07
C PRO B 174 -9.42 -15.67 -1.77
N HIS B 175 -9.30 -16.64 -0.88
CA HIS B 175 -8.90 -16.37 0.49
C HIS B 175 -7.39 -16.31 0.63
N ASN B 176 -6.91 -15.30 1.35
CA ASN B 176 -5.50 -15.13 1.68
C ASN B 176 -5.35 -15.07 3.19
N PRO B 177 -4.68 -16.05 3.82
CA PRO B 177 -4.01 -17.16 3.15
C PRO B 177 -4.91 -18.40 3.01
N GLY B 178 -4.32 -19.51 2.56
CA GLY B 178 -5.07 -20.72 2.36
C GLY B 178 -5.32 -21.02 0.90
N GLY B 179 -5.56 -19.97 0.11
CA GLY B 179 -5.77 -20.12 -1.32
C GLY B 179 -7.05 -20.82 -1.69
N THR B 180 -8.15 -20.51 -1.00
CA THR B 180 -9.42 -21.18 -1.21
C THR B 180 -10.31 -20.35 -2.14
N VAL B 181 -10.86 -21.01 -3.16
CA VAL B 181 -11.82 -20.40 -4.07
C VAL B 181 -13.20 -20.88 -3.66
N TYR B 182 -14.00 -19.97 -3.11
CA TYR B 182 -15.33 -20.35 -2.63
C TYR B 182 -16.26 -20.62 -3.81
N ARG B 183 -17.03 -21.71 -3.69
CA ARG B 183 -17.97 -22.11 -4.72
C ARG B 183 -19.30 -21.36 -4.53
N ARG B 184 -20.23 -21.59 -5.45
CA ARG B 184 -21.50 -20.86 -5.40
C ARG B 184 -22.30 -21.24 -4.16
N LYS B 185 -22.30 -22.52 -3.78
CA LYS B 185 -22.99 -22.94 -2.57
C LYS B 185 -22.42 -22.24 -1.34
N GLU B 186 -21.09 -22.11 -1.28
CA GLU B 186 -20.47 -21.51 -0.10
C GLU B 186 -20.72 -20.01 -0.05
N LEU B 187 -20.73 -19.35 -1.21
CA LEU B 187 -20.91 -17.90 -1.24
C LEU B 187 -22.33 -17.51 -0.85
N GLU B 188 -23.34 -18.13 -1.46
CA GLU B 188 -24.72 -17.79 -1.13
C GLU B 188 -25.13 -18.29 0.25
N ALA B 189 -24.32 -19.13 0.89
CA ALA B 189 -24.52 -19.42 2.31
C ALA B 189 -23.99 -18.28 3.17
N GLN B 190 -22.85 -17.71 2.80
CA GLN B 190 -22.36 -16.51 3.46
C GLN B 190 -23.30 -15.33 3.25
N LEU B 191 -23.93 -15.26 2.07
CA LEU B 191 -24.90 -14.20 1.82
C LEU B 191 -26.11 -14.34 2.74
N ARG B 192 -26.61 -15.57 2.92
CA ARG B 192 -27.71 -15.79 3.84
C ARG B 192 -27.32 -15.40 5.27
N PHE B 193 -26.09 -15.73 5.68
CA PHE B 193 -25.62 -15.32 7.00
C PHE B 193 -25.67 -13.81 7.14
N ALA B 194 -25.35 -13.08 6.08
CA ALA B 194 -25.42 -11.61 6.12
C ALA B 194 -26.86 -11.12 6.10
N GLN B 195 -27.75 -11.85 5.43
CA GLN B 195 -29.14 -11.42 5.33
C GLN B 195 -29.86 -11.58 6.66
N ARG B 196 -29.56 -12.66 7.41
CA ARG B 196 -30.27 -12.90 8.67
C ARG B 196 -29.84 -11.91 9.75
N HIS B 197 -28.58 -11.49 9.74
CA HIS B 197 -28.07 -10.54 10.73
C HIS B 197 -28.02 -9.12 10.21
N ASP B 198 -28.53 -8.87 9.00
CA ASP B 198 -28.54 -7.54 8.38
C ASP B 198 -27.13 -6.94 8.39
N LEU B 199 -26.19 -7.70 7.85
CA LEU B 199 -24.79 -7.32 7.81
C LEU B 199 -24.44 -6.71 6.46
N LEU B 200 -23.57 -5.69 6.49
CA LEU B 200 -22.95 -5.21 5.27
C LEU B 200 -21.72 -6.06 4.97
N VAL B 201 -21.45 -6.25 3.68
CA VAL B 201 -20.42 -7.17 3.22
C VAL B 201 -19.31 -6.38 2.53
N CYS B 202 -18.07 -6.71 2.84
CA CYS B 202 -16.90 -6.15 2.18
C CYS B 202 -16.07 -7.31 1.65
N SER B 203 -16.20 -7.58 0.35
CA SER B 203 -15.52 -8.70 -0.29
C SER B 203 -14.22 -8.21 -0.93
N ASP B 204 -13.12 -8.85 -0.56
CA ASP B 204 -11.79 -8.54 -1.11
C ASP B 204 -11.49 -9.57 -2.19
N GLU B 205 -11.64 -9.18 -3.44
CA GLU B 205 -11.45 -10.10 -4.56
C GLU B 205 -10.25 -9.66 -5.40
N ILE B 206 -9.09 -9.50 -4.75
CA ILE B 206 -7.89 -9.05 -5.43
C ILE B 206 -7.11 -10.19 -6.08
N HIS B 207 -7.43 -11.44 -5.74
CA HIS B 207 -6.76 -12.60 -6.33
C HIS B 207 -7.65 -13.33 -7.33
N CYS B 208 -8.68 -12.66 -7.86
CA CYS B 208 -9.65 -13.35 -8.70
C CYS B 208 -9.04 -13.77 -10.04
N ASP B 209 -8.14 -12.96 -10.60
CA ASP B 209 -7.54 -13.27 -11.89
C ASP B 209 -6.51 -14.40 -11.83
N LEU B 210 -6.36 -15.10 -10.71
CA LEU B 210 -5.31 -16.10 -10.57
C LEU B 210 -5.82 -17.51 -10.35
N VAL B 211 -7.14 -17.72 -10.36
CA VAL B 211 -7.76 -19.02 -10.12
C VAL B 211 -7.08 -20.09 -10.97
N LEU B 212 -6.59 -21.14 -10.31
CA LEU B 212 -5.86 -22.21 -10.97
C LEU B 212 -6.69 -23.46 -11.17
N GLU B 213 -7.94 -23.49 -10.71
CA GLU B 213 -8.61 -24.77 -10.88
C GLU B 213 -9.37 -24.80 -12.20
N PRO B 214 -9.33 -25.93 -12.90
CA PRO B 214 -10.12 -26.06 -14.14
C PRO B 214 -11.60 -26.24 -13.82
N GLY B 215 -12.44 -25.71 -14.70
CA GLY B 215 -13.88 -25.81 -14.53
C GLY B 215 -14.44 -25.04 -13.36
N VAL B 216 -13.65 -24.17 -12.72
CA VAL B 216 -14.07 -23.40 -11.56
C VAL B 216 -13.88 -21.92 -11.88
N GLN B 217 -14.95 -21.14 -11.74
CA GLN B 217 -14.93 -19.71 -12.03
C GLN B 217 -15.06 -18.92 -10.75
N HIS B 218 -14.31 -17.81 -10.66
CA HIS B 218 -14.49 -16.88 -9.57
C HIS B 218 -15.88 -16.25 -9.63
N ILE B 219 -16.56 -16.20 -8.50
CA ILE B 219 -17.91 -15.64 -8.43
C ILE B 219 -17.89 -14.44 -7.50
N PRO B 220 -18.14 -13.24 -8.01
CA PRO B 220 -18.22 -12.06 -7.13
C PRO B 220 -19.42 -12.18 -6.19
N PHE B 221 -19.23 -11.70 -4.96
CA PHE B 221 -20.30 -11.76 -3.97
C PHE B 221 -21.52 -10.98 -4.42
N ALA B 222 -21.31 -9.79 -5.00
CA ALA B 222 -22.42 -8.95 -5.43
C ALA B 222 -23.10 -9.47 -6.69
N SER B 223 -22.58 -10.52 -7.31
CA SER B 223 -23.20 -11.11 -8.49
C SER B 223 -24.19 -12.22 -8.14
N LEU B 224 -24.37 -12.51 -6.85
CA LEU B 224 -25.29 -13.57 -6.46
C LEU B 224 -26.74 -13.14 -6.69
N SER B 225 -27.09 -11.94 -6.26
CA SER B 225 -28.46 -11.45 -6.37
C SER B 225 -28.45 -9.94 -6.28
N ASP B 226 -29.64 -9.34 -6.41
CA ASP B 226 -29.77 -7.90 -6.23
C ASP B 226 -29.54 -7.50 -4.78
N ASP B 227 -30.00 -8.32 -3.84
CA ASP B 227 -29.81 -8.01 -2.43
C ASP B 227 -28.33 -8.06 -2.04
N ALA B 228 -27.58 -8.99 -2.64
CA ALA B 228 -26.14 -9.07 -2.35
C ALA B 228 -25.44 -7.82 -2.87
N ALA B 229 -25.86 -7.30 -4.03
CA ALA B 229 -25.19 -6.14 -4.60
C ALA B 229 -25.48 -4.88 -3.79
N GLN B 230 -26.69 -4.76 -3.24
CA GLN B 230 -27.09 -3.56 -2.52
C GLN B 230 -26.57 -3.51 -1.09
N ARG B 231 -25.83 -4.54 -0.64
CA ARG B 231 -25.28 -4.56 0.70
C ARG B 231 -23.77 -4.74 0.71
N SER B 232 -23.12 -4.76 -0.45
CA SER B 232 -21.72 -5.14 -0.54
C SER B 232 -20.87 -4.01 -1.10
N ILE B 233 -19.56 -4.16 -0.90
CA ILE B 233 -18.54 -3.34 -1.54
C ILE B 233 -17.43 -4.27 -1.99
N THR B 234 -17.12 -4.24 -3.29
CA THR B 234 -16.17 -5.17 -3.88
C THR B 234 -14.87 -4.45 -4.17
N LEU B 235 -13.77 -4.96 -3.60
CA LEU B 235 -12.44 -4.40 -3.78
C LEU B 235 -11.64 -5.30 -4.71
N MET B 236 -11.03 -4.71 -5.73
CA MET B 236 -10.22 -5.47 -6.66
C MET B 236 -9.22 -4.55 -7.35
N SER B 237 -8.20 -5.16 -7.95
CA SER B 237 -7.09 -4.45 -8.56
C SER B 237 -6.23 -5.42 -9.37
N PRO B 238 -5.60 -4.97 -10.45
CA PRO B 238 -4.61 -5.80 -11.13
C PRO B 238 -3.23 -5.81 -10.48
N SER B 239 -3.13 -5.35 -9.23
CA SER B 239 -1.83 -5.28 -8.58
C SER B 239 -1.25 -6.67 -8.33
N LYS B 240 -2.03 -7.55 -7.71
CA LYS B 240 -1.55 -8.90 -7.45
C LYS B 240 -1.40 -9.73 -8.72
N SER B 241 -2.26 -9.48 -9.71
CA SER B 241 -2.25 -10.31 -10.92
C SER B 241 -1.03 -10.01 -11.77
N PHE B 242 -0.77 -8.74 -12.04
CA PHE B 242 0.30 -8.32 -12.95
C PHE B 242 1.51 -7.76 -12.21
N ASN B 243 1.59 -7.98 -10.89
CA ASN B 243 2.75 -7.56 -10.08
C ASN B 243 3.04 -6.07 -10.23
N ILE B 244 2.00 -5.26 -10.06
CA ILE B 244 2.15 -3.81 -10.13
C ILE B 244 1.70 -3.21 -8.80
N ALA B 245 1.97 -3.92 -7.71
CA ALA B 245 1.56 -3.44 -6.39
C ALA B 245 2.31 -2.17 -5.98
N GLY B 246 3.47 -1.90 -6.56
CA GLY B 246 4.20 -0.68 -6.28
C GLY B 246 3.48 0.57 -6.74
N LEU B 247 2.55 0.42 -7.70
CA LEU B 247 1.69 1.52 -8.15
C LEU B 247 0.34 1.51 -7.43
N GLY B 248 -0.31 0.35 -7.38
CA GLY B 248 -1.48 0.18 -6.54
C GLY B 248 -2.72 0.92 -6.99
N ALA B 249 -3.09 0.80 -8.25
CA ALA B 249 -4.35 1.34 -8.75
C ALA B 249 -5.45 0.31 -8.48
N SER B 250 -6.43 0.70 -7.67
CA SER B 250 -7.50 -0.20 -7.25
C SER B 250 -8.84 0.46 -7.53
N LEU B 251 -9.92 -0.29 -7.29
CA LEU B 251 -11.25 0.22 -7.50
C LEU B 251 -12.22 -0.50 -6.57
N ALA B 252 -13.22 0.23 -6.11
CA ALA B 252 -14.30 -0.31 -5.30
C ALA B 252 -15.60 -0.26 -6.08
N VAL B 253 -16.41 -1.31 -5.96
CA VAL B 253 -17.70 -1.39 -6.63
C VAL B 253 -18.77 -1.35 -5.56
N ILE B 254 -19.52 -0.25 -5.52
CA ILE B 254 -20.59 -0.06 -4.55
C ILE B 254 -21.89 0.19 -5.29
N PRO B 255 -22.68 -0.83 -5.60
CA PRO B 255 -23.94 -0.60 -6.33
C PRO B 255 -24.95 0.24 -5.57
N ASN B 256 -24.91 0.23 -4.24
CA ASN B 256 -25.84 1.01 -3.45
C ASN B 256 -25.43 2.48 -3.45
N PRO B 257 -26.32 3.40 -3.84
CA PRO B 257 -25.92 4.81 -3.94
C PRO B 257 -25.56 5.43 -2.61
N GLU B 258 -26.31 5.14 -1.54
CA GLU B 258 -26.02 5.75 -0.25
C GLU B 258 -24.76 5.17 0.37
N LEU B 259 -24.54 3.85 0.23
CA LEU B 259 -23.29 3.26 0.70
C LEU B 259 -22.09 3.85 -0.02
N ARG B 260 -22.25 4.17 -1.30
CA ARG B 260 -21.18 4.84 -2.03
C ARG B 260 -20.96 6.25 -1.50
N ALA B 261 -22.05 6.95 -1.17
CA ALA B 261 -21.92 8.31 -0.66
C ALA B 261 -21.21 8.34 0.69
N ARG B 262 -21.55 7.40 1.58
CA ARG B 262 -20.83 7.31 2.85
C ARG B 262 -19.38 6.90 2.65
N PHE B 263 -19.10 6.06 1.65
CA PHE B 263 -17.74 5.66 1.38
C PHE B 263 -16.91 6.84 0.88
N ASN B 264 -17.43 7.58 -0.10
CA ASN B 264 -16.70 8.72 -0.63
C ASN B 264 -16.51 9.80 0.42
N ARG B 265 -17.50 9.99 1.30
CA ARG B 265 -17.37 10.97 2.37
C ARG B 265 -16.25 10.58 3.33
N MET B 266 -16.16 9.30 3.68
CA MET B 266 -15.11 8.83 4.57
C MET B 266 -13.74 8.91 3.90
N ARG B 267 -13.70 8.82 2.57
CA ARG B 267 -12.44 8.88 1.85
C ARG B 267 -11.95 10.31 1.64
N LYS B 268 -12.88 11.25 1.45
CA LYS B 268 -12.53 12.58 0.94
C LYS B 268 -11.50 13.27 1.83
N GLY B 269 -10.45 13.81 1.20
CA GLY B 269 -9.41 14.51 1.90
C GLY B 269 -8.40 13.61 2.57
N MET B 270 -8.89 12.57 3.26
CA MET B 270 -8.02 11.67 4.01
C MET B 270 -7.22 10.75 3.10
N VAL B 271 -7.83 10.26 2.04
CA VAL B 271 -7.19 9.33 1.11
C VAL B 271 -7.00 10.04 -0.22
N PRO B 272 -5.79 10.07 -0.77
CA PRO B 272 -5.53 10.84 -2.00
C PRO B 272 -6.05 10.12 -3.23
N ASP B 273 -5.80 10.73 -4.38
CA ASP B 273 -6.20 10.19 -5.67
C ASP B 273 -5.14 9.22 -6.18
N VAL B 274 -5.54 8.43 -7.19
CA VAL B 274 -4.62 7.46 -7.77
C VAL B 274 -3.57 8.18 -8.59
N ASP B 275 -2.34 7.65 -8.57
CA ASP B 275 -1.26 8.23 -9.34
C ASP B 275 -1.59 8.25 -10.83
N VAL B 276 -1.09 9.28 -11.53
CA VAL B 276 -1.35 9.41 -12.95
C VAL B 276 -0.78 8.23 -13.72
N LEU B 277 0.39 7.75 -13.33
CA LEU B 277 1.00 6.60 -13.97
C LEU B 277 0.36 5.28 -13.55
N ALA B 278 -0.28 5.24 -12.38
CA ALA B 278 -0.94 4.00 -11.94
C ALA B 278 -2.16 3.69 -12.80
N TYR B 279 -2.88 4.71 -13.26
CA TYR B 279 -4.02 4.48 -14.15
C TYR B 279 -3.58 3.84 -15.45
N VAL B 280 -2.50 4.35 -16.05
CA VAL B 280 -2.03 3.84 -17.34
C VAL B 280 -1.57 2.39 -17.20
N ALA B 281 -0.88 2.06 -16.11
CA ALA B 281 -0.40 0.70 -15.91
C ALA B 281 -1.57 -0.25 -15.65
N ALA B 282 -2.54 0.16 -14.84
CA ALA B 282 -3.70 -0.69 -14.57
C ALA B 282 -4.56 -0.87 -15.81
N SER B 283 -4.65 0.16 -16.66
CA SER B 283 -5.40 0.02 -17.90
C SER B 283 -4.77 -1.02 -18.81
N ALA B 284 -3.48 -0.85 -19.13
CA ALA B 284 -2.80 -1.75 -20.05
C ALA B 284 -2.77 -3.18 -19.53
N ALA B 285 -2.74 -3.35 -18.21
CA ALA B 285 -2.69 -4.70 -17.63
C ALA B 285 -3.95 -5.49 -17.97
N TRP B 286 -5.12 -4.93 -17.65
CA TRP B 286 -6.38 -5.59 -17.94
C TRP B 286 -6.82 -5.47 -19.38
N ARG B 287 -6.15 -4.65 -20.19
CA ARG B 287 -6.55 -4.43 -21.57
C ARG B 287 -5.82 -5.36 -22.54
N GLU B 288 -4.52 -5.57 -22.34
CA GLU B 288 -3.72 -6.37 -23.26
C GLU B 288 -2.79 -7.36 -22.56
N GLY B 289 -2.85 -7.46 -21.24
CA GLY B 289 -1.97 -8.35 -20.50
C GLY B 289 -2.49 -9.76 -20.28
N GLN B 290 -3.66 -10.09 -20.83
CA GLN B 290 -4.22 -11.42 -20.58
C GLN B 290 -3.36 -12.55 -21.11
N PRO B 291 -2.76 -12.48 -22.31
CA PRO B 291 -1.82 -13.55 -22.70
C PRO B 291 -0.65 -13.69 -21.74
N TRP B 292 -0.16 -12.59 -21.17
CA TRP B 292 0.88 -12.69 -20.15
C TRP B 292 0.35 -13.34 -18.89
N LEU B 293 -0.87 -12.96 -18.47
CA LEU B 293 -1.47 -13.56 -17.28
C LEU B 293 -1.73 -15.05 -17.47
N ASP B 294 -2.12 -15.44 -18.69
CA ASP B 294 -2.34 -16.86 -18.96
C ASP B 294 -1.04 -17.65 -18.86
N ALA B 295 0.06 -17.07 -19.34
CA ALA B 295 1.35 -17.76 -19.24
C ALA B 295 1.83 -17.85 -17.80
N GLN B 296 1.47 -16.87 -16.96
CA GLN B 296 1.86 -16.93 -15.55
C GLN B 296 1.09 -18.02 -14.82
N LEU B 297 -0.19 -18.19 -15.14
CA LEU B 297 -0.99 -19.22 -14.47
C LEU B 297 -0.45 -20.61 -14.72
N ASP B 298 -0.02 -20.89 -15.96
CA ASP B 298 0.59 -22.18 -16.25
C ASP B 298 1.93 -22.34 -15.53
N TYR B 299 2.69 -21.26 -15.39
CA TYR B 299 3.95 -21.32 -14.67
C TYR B 299 3.72 -21.47 -13.17
N LEU B 300 2.72 -20.77 -12.62
CA LEU B 300 2.42 -20.88 -11.20
C LEU B 300 1.84 -22.24 -10.84
N ARG B 301 1.09 -22.86 -11.77
CA ARG B 301 0.55 -24.18 -11.49
C ARG B 301 1.65 -25.21 -11.29
N ALA B 302 2.70 -25.15 -12.11
CA ALA B 302 3.80 -26.09 -11.95
C ALA B 302 4.58 -25.83 -10.67
N ASN B 303 4.83 -24.55 -10.35
CA ASN B 303 5.47 -24.21 -9.08
C ASN B 303 4.63 -24.68 -7.90
N ARG B 304 3.31 -24.57 -8.02
CA ARG B 304 2.43 -24.98 -6.94
C ARG B 304 2.43 -26.49 -6.76
N ASP B 305 2.28 -27.23 -7.86
CA ASP B 305 2.25 -28.69 -7.78
C ASP B 305 3.59 -29.25 -7.30
N MET B 306 4.69 -28.55 -7.60
CA MET B 306 5.99 -28.99 -7.13
C MET B 306 6.19 -28.65 -5.65
N LEU B 307 5.66 -27.51 -5.20
CA LEU B 307 5.76 -27.16 -3.79
C LEU B 307 4.84 -28.02 -2.92
N ALA B 308 3.60 -28.23 -3.37
CA ALA B 308 2.67 -29.06 -2.61
C ALA B 308 3.13 -30.51 -2.52
N GLN B 309 3.84 -30.99 -3.54
CA GLN B 309 4.37 -32.35 -3.50
C GLN B 309 5.50 -32.46 -2.50
N HIS B 310 6.36 -31.43 -2.40
CA HIS B 310 7.52 -31.51 -1.54
C HIS B 310 7.14 -31.41 -0.07
N VAL B 311 6.25 -30.48 0.27
CA VAL B 311 5.80 -30.34 1.65
C VAL B 311 5.07 -31.59 2.11
N ASN B 312 4.41 -32.30 1.19
CA ASN B 312 3.69 -33.51 1.55
C ASN B 312 4.64 -34.57 2.11
N ARG B 313 5.62 -34.98 1.31
CA ARG B 313 6.52 -36.06 1.71
C ARG B 313 7.54 -35.64 2.77
N LEU B 314 7.54 -34.38 3.19
CA LEU B 314 8.41 -34.00 4.31
C LEU B 314 7.69 -34.21 5.64
N PRO B 315 8.38 -34.71 6.65
CA PRO B 315 7.71 -35.01 7.93
C PRO B 315 7.46 -33.74 8.73
N GLY B 316 6.32 -33.73 9.43
CA GLY B 316 5.96 -32.62 10.29
C GLY B 316 5.41 -31.41 9.58
N LEU B 317 5.20 -31.47 8.26
CA LEU B 317 4.66 -30.36 7.50
C LEU B 317 3.51 -30.84 6.64
N SER B 318 2.38 -30.14 6.72
CA SER B 318 1.23 -30.41 5.86
C SER B 318 0.81 -29.12 5.17
N MET B 319 0.27 -29.26 3.96
CA MET B 319 -0.08 -28.09 3.16
C MET B 319 -1.19 -28.47 2.19
N VAL B 320 -2.21 -27.62 2.10
CA VAL B 320 -3.27 -27.78 1.12
C VAL B 320 -2.85 -27.10 -0.17
N THR B 321 -3.16 -27.73 -1.28
CA THR B 321 -2.82 -27.19 -2.59
C THR B 321 -3.66 -25.96 -2.86
N PRO B 322 -3.08 -24.76 -2.92
CA PRO B 322 -3.91 -23.56 -3.07
C PRO B 322 -4.57 -23.49 -4.43
N GLU B 323 -5.85 -23.15 -4.43
CA GLU B 323 -6.61 -22.99 -5.66
C GLU B 323 -6.61 -21.56 -6.16
N ALA B 324 -5.93 -20.65 -5.47
CA ALA B 324 -6.12 -19.22 -5.68
C ALA B 324 -4.94 -18.56 -6.38
N SER B 325 -3.86 -18.31 -5.64
CA SER B 325 -2.83 -17.39 -6.14
C SER B 325 -1.46 -18.05 -6.17
N PHE B 326 -0.44 -17.34 -5.66
CA PHE B 326 0.93 -17.83 -5.64
C PHE B 326 1.46 -17.98 -4.22
N LEU B 327 0.58 -18.11 -3.24
CA LEU B 327 0.96 -18.17 -1.84
C LEU B 327 0.46 -19.48 -1.23
N GLY B 328 1.31 -20.12 -0.43
CA GLY B 328 0.98 -21.40 0.17
C GLY B 328 0.92 -21.35 1.68
N TRP B 329 -0.13 -21.93 2.26
CA TRP B 329 -0.39 -21.91 3.70
C TRP B 329 0.05 -23.25 4.27
N ILE B 330 1.20 -23.26 4.94
CA ILE B 330 1.87 -24.47 5.38
C ILE B 330 1.71 -24.63 6.88
N ASP B 331 1.20 -25.79 7.30
CA ASP B 331 1.07 -26.12 8.71
C ASP B 331 2.41 -26.65 9.22
N ALA B 332 3.10 -25.84 10.03
CA ALA B 332 4.41 -26.20 10.55
C ALA B 332 4.37 -26.52 12.04
N SER B 333 3.18 -26.81 12.58
CA SER B 333 3.07 -27.15 14.00
C SER B 333 3.76 -28.47 14.33
N GLY B 334 3.96 -29.34 13.35
CA GLY B 334 4.65 -30.60 13.58
C GLY B 334 6.13 -30.46 13.89
N LEU B 335 6.69 -29.26 13.78
CA LEU B 335 8.09 -29.05 14.10
C LEU B 335 8.36 -29.04 15.60
N GLY B 336 7.33 -28.75 16.40
CA GLY B 336 7.52 -28.70 17.84
C GLY B 336 8.33 -27.53 18.33
N VAL B 337 8.63 -26.56 17.47
CA VAL B 337 9.42 -25.39 17.85
C VAL B 337 8.47 -24.28 18.26
N ALA B 338 9.00 -23.29 18.99
CA ALA B 338 8.16 -22.21 19.49
C ALA B 338 7.75 -21.25 18.38
N ASP B 339 8.65 -20.97 17.44
CA ASP B 339 8.39 -20.02 16.36
C ASP B 339 8.83 -20.66 15.04
N PRO B 340 7.90 -21.29 14.31
CA PRO B 340 8.28 -21.90 13.03
C PRO B 340 8.83 -20.90 12.03
N ALA B 341 8.31 -19.67 12.01
CA ALA B 341 8.83 -18.66 11.10
C ALA B 341 10.28 -18.32 11.43
N LEU B 342 10.60 -18.16 12.72
CA LEU B 342 11.97 -17.89 13.11
C LEU B 342 12.88 -19.09 12.86
N PHE B 343 12.32 -20.30 12.92
CA PHE B 343 13.12 -21.50 12.70
C PHE B 343 13.65 -21.54 11.27
N PHE B 344 12.79 -21.28 10.29
CA PHE B 344 13.22 -21.36 8.89
C PHE B 344 14.19 -20.24 8.54
N GLU B 345 14.13 -19.10 9.24
CA GLU B 345 15.10 -18.05 8.99
C GLU B 345 16.51 -18.47 9.41
N LYS B 346 16.62 -19.30 10.44
CA LYS B 346 17.93 -19.84 10.83
C LYS B 346 18.46 -20.84 9.82
N HIS B 347 17.65 -21.26 8.84
CA HIS B 347 18.09 -22.18 7.80
C HIS B 347 17.96 -21.57 6.40
N GLY B 348 17.96 -20.23 6.31
CA GLY B 348 18.01 -19.57 5.02
C GLY B 348 16.69 -19.51 4.29
N LEU B 349 15.56 -19.50 5.00
CA LEU B 349 14.24 -19.45 4.38
C LEU B 349 13.44 -18.34 5.05
N GLY B 350 13.11 -17.30 4.29
CA GLY B 350 12.35 -16.18 4.80
C GLY B 350 10.88 -16.25 4.43
N PHE B 351 10.06 -16.77 5.35
CA PHE B 351 8.64 -16.92 5.14
C PHE B 351 7.86 -15.83 5.87
N SER B 352 6.61 -15.64 5.46
CA SER B 352 5.70 -14.75 6.18
C SER B 352 5.20 -15.47 7.43
N SER B 353 5.44 -14.87 8.59
CA SER B 353 5.03 -15.48 9.85
C SER B 353 3.51 -15.59 9.92
N GLY B 354 3.02 -16.80 10.20
CA GLY B 354 1.60 -17.02 10.37
C GLY B 354 1.01 -16.33 11.58
N ARG B 355 1.85 -15.82 12.49
CA ARG B 355 1.36 -15.06 13.63
C ARG B 355 0.64 -13.80 13.17
N ASP B 356 1.13 -13.17 12.11
CA ASP B 356 0.50 -11.96 11.59
C ASP B 356 -0.89 -12.23 11.05
N PHE B 357 -1.13 -13.45 10.58
CA PHE B 357 -2.42 -13.82 10.00
C PHE B 357 -3.40 -14.37 11.03
N GLY B 358 -2.93 -14.70 12.22
CA GLY B 358 -3.77 -15.24 13.26
C GLY B 358 -3.54 -16.70 13.62
N ASN B 359 -2.36 -17.25 13.32
CA ASN B 359 -2.07 -18.66 13.61
C ASN B 359 -0.55 -18.83 13.52
N ASP B 360 0.12 -18.66 14.66
CA ASP B 360 1.58 -18.69 14.70
C ASP B 360 2.16 -20.10 14.50
N ARG B 361 1.37 -21.12 14.16
CA ARG B 361 1.90 -22.43 13.82
C ARG B 361 2.07 -22.63 12.32
N PHE B 362 1.71 -21.63 11.51
CA PHE B 362 1.78 -21.72 10.06
C PHE B 362 2.80 -20.75 9.52
N VAL B 363 3.23 -21.02 8.28
CA VAL B 363 4.07 -20.12 7.51
C VAL B 363 3.51 -20.02 6.10
N ARG B 364 3.63 -18.84 5.51
CA ARG B 364 3.13 -18.60 4.16
C ARG B 364 4.29 -18.66 3.18
N PHE B 365 4.24 -19.62 2.26
CA PHE B 365 5.25 -19.77 1.22
C PHE B 365 4.84 -18.99 -0.02
N ASN B 366 5.78 -18.21 -0.56
CA ASN B 366 5.55 -17.43 -1.77
C ASN B 366 6.31 -18.11 -2.91
N PHE B 367 5.59 -18.85 -3.75
CA PHE B 367 6.18 -19.51 -4.92
C PHE B 367 5.96 -18.71 -6.19
N GLY B 368 5.77 -17.40 -6.09
CA GLY B 368 5.69 -16.54 -7.25
C GLY B 368 7.06 -16.09 -7.71
N CYS B 369 7.88 -17.04 -8.12
CA CYS B 369 9.28 -16.80 -8.46
C CYS B 369 9.70 -17.79 -9.51
N PRO B 370 10.82 -17.55 -10.19
CA PRO B 370 11.31 -18.54 -11.16
C PRO B 370 11.58 -19.88 -10.48
N ARG B 371 11.41 -20.95 -11.26
CA ARG B 371 11.46 -22.30 -10.70
C ARG B 371 12.83 -22.65 -10.13
N GLN B 372 13.89 -22.07 -10.69
CA GLN B 372 15.22 -22.30 -10.17
C GLN B 372 15.32 -21.88 -8.71
N LEU B 373 14.80 -20.69 -8.40
CA LEU B 373 14.82 -20.22 -7.01
C LEU B 373 13.91 -21.06 -6.13
N LEU B 374 12.79 -21.55 -6.67
CA LEU B 374 11.90 -22.40 -5.90
C LEU B 374 12.57 -23.72 -5.54
N GLU B 375 13.32 -24.30 -6.47
CA GLU B 375 14.00 -25.56 -6.20
C GLU B 375 15.15 -25.37 -5.21
N GLU B 376 15.78 -24.20 -5.20
CA GLU B 376 16.75 -23.90 -4.15
C GLU B 376 16.08 -23.85 -2.78
N ALA B 377 14.89 -23.27 -2.72
CA ALA B 377 14.19 -23.14 -1.45
C ALA B 377 13.77 -24.51 -0.92
N LEU B 378 13.31 -25.40 -1.81
CA LEU B 378 12.87 -26.71 -1.36
C LEU B 378 14.05 -27.56 -0.89
N GLN B 379 15.22 -27.41 -1.51
CA GLN B 379 16.41 -28.11 -1.02
C GLN B 379 16.84 -27.57 0.34
N ARG B 380 16.67 -26.26 0.56
CA ARG B 380 16.95 -25.72 1.89
C ARG B 380 15.95 -26.22 2.92
N MET B 381 14.70 -26.46 2.52
CA MET B 381 13.73 -27.04 3.44
C MET B 381 14.13 -28.46 3.84
N THR B 382 14.61 -29.24 2.87
CA THR B 382 15.06 -30.60 3.19
C THR B 382 16.24 -30.56 4.16
N ARG B 383 17.15 -29.61 3.99
CA ARG B 383 18.26 -29.47 4.91
C ARG B 383 17.81 -28.95 6.28
N ALA B 384 16.80 -28.08 6.28
CA ALA B 384 16.29 -27.55 7.55
C ALA B 384 15.75 -28.68 8.42
N LEU B 385 14.90 -29.53 7.87
CA LEU B 385 14.47 -30.73 8.56
C LEU B 385 15.51 -31.83 8.36
N THR B 386 15.10 -33.08 8.46
CA THR B 386 15.99 -34.23 8.26
C THR B 386 17.19 -34.19 9.21
N PHE C 11 -3.86 -43.84 -3.64
CA PHE C 11 -3.25 -42.81 -4.47
C PHE C 11 -3.51 -43.10 -5.95
N ASN C 12 -3.98 -42.08 -6.67
CA ASN C 12 -4.25 -42.23 -8.09
C ASN C 12 -2.94 -42.40 -8.87
N PHE C 13 -3.04 -43.10 -10.00
CA PHE C 13 -1.84 -43.45 -10.78
C PHE C 13 -2.31 -43.73 -12.21
N ASP C 14 -2.31 -42.69 -13.04
CA ASP C 14 -2.82 -42.77 -14.41
C ASP C 14 -1.76 -43.19 -15.42
N GLN C 15 -0.70 -43.86 -14.98
CA GLN C 15 0.36 -44.28 -15.88
C GLN C 15 0.41 -45.79 -16.08
N ARG C 16 -0.43 -46.56 -15.38
CA ARG C 16 -0.43 -48.00 -15.55
C ARG C 16 -0.92 -48.39 -16.95
N ILE C 17 -0.53 -49.58 -17.38
CA ILE C 17 -0.80 -50.08 -18.72
C ILE C 17 -1.77 -51.25 -18.62
N ASP C 18 -2.76 -51.26 -19.52
CA ASP C 18 -3.71 -52.36 -19.65
C ASP C 18 -3.64 -52.93 -21.06
N ARG C 19 -4.13 -54.16 -21.21
CA ARG C 19 -3.88 -54.96 -22.39
C ARG C 19 -5.09 -55.00 -23.32
N ARG C 20 -4.92 -55.66 -24.46
CA ARG C 20 -5.95 -55.84 -25.47
C ARG C 20 -6.82 -57.07 -25.22
N HIS C 21 -6.57 -57.80 -24.13
CA HIS C 21 -7.36 -58.99 -23.80
C HIS C 21 -8.68 -58.58 -23.14
N SER C 22 -9.47 -57.81 -23.89
CA SER C 22 -10.72 -57.27 -23.38
C SER C 22 -11.69 -57.13 -24.55
N ASP C 23 -12.94 -56.82 -24.21
CA ASP C 23 -13.97 -56.58 -25.20
C ASP C 23 -13.92 -55.17 -25.80
N SER C 24 -12.86 -54.42 -25.53
CA SER C 24 -12.77 -53.02 -25.94
C SER C 24 -12.80 -52.90 -27.46
N LEU C 25 -13.77 -52.14 -27.97
CA LEU C 25 -13.81 -51.85 -29.40
C LEU C 25 -12.61 -51.01 -29.82
N LYS C 26 -12.04 -50.23 -28.88
CA LYS C 26 -10.93 -49.36 -29.20
C LYS C 26 -9.73 -50.15 -29.72
N TRP C 27 -9.33 -51.18 -28.99
CA TRP C 27 -8.16 -51.98 -29.35
C TRP C 27 -8.48 -53.17 -30.24
N LYS C 28 -9.75 -53.34 -30.63
CA LYS C 28 -10.15 -54.43 -31.50
C LYS C 28 -10.21 -54.04 -32.98
N LYS C 29 -10.42 -52.75 -33.27
CA LYS C 29 -10.51 -52.32 -34.67
C LYS C 29 -9.23 -52.63 -35.43
N TYR C 30 -8.08 -52.40 -34.81
CA TYR C 30 -6.79 -52.71 -35.43
C TYR C 30 -6.20 -53.98 -34.84
N ALA C 31 -6.97 -55.06 -34.96
CA ALA C 31 -6.58 -56.34 -34.40
C ALA C 31 -5.42 -56.94 -35.19
N ASP C 32 -4.32 -57.22 -34.50
CA ASP C 32 -3.12 -57.80 -35.11
C ASP C 32 -2.60 -56.92 -36.25
N ARG C 33 -2.52 -55.62 -35.98
CA ARG C 33 -1.91 -54.66 -36.88
C ARG C 33 -1.12 -53.65 -36.07
N ASP C 34 0.05 -53.26 -36.58
CA ASP C 34 0.89 -52.29 -35.89
C ASP C 34 0.26 -50.91 -35.95
N ILE C 35 -0.89 -50.74 -35.29
CA ILE C 35 -1.63 -49.49 -35.29
C ILE C 35 -1.97 -49.15 -33.84
N LEU C 36 -1.54 -47.97 -33.39
CA LEU C 36 -1.90 -47.52 -32.05
C LEU C 36 -3.34 -47.01 -32.06
N PRO C 37 -4.25 -47.62 -31.29
CA PRO C 37 -5.65 -47.17 -31.30
C PRO C 37 -5.83 -45.83 -30.62
N LEU C 38 -6.14 -44.79 -31.40
CA LEU C 38 -6.35 -43.44 -30.87
C LEU C 38 -7.55 -42.80 -31.55
N TRP C 39 -8.58 -43.58 -31.84
CA TRP C 39 -9.71 -43.13 -32.66
C TRP C 39 -10.94 -42.90 -31.81
N ILE C 40 -11.58 -43.95 -31.29
CA ILE C 40 -12.84 -43.79 -30.58
C ILE C 40 -12.60 -43.05 -29.26
N ALA C 41 -13.64 -42.38 -28.77
CA ALA C 41 -13.49 -41.46 -27.64
C ALA C 41 -13.82 -42.18 -26.34
N ASP C 42 -12.87 -42.97 -25.87
CA ASP C 42 -12.89 -43.51 -24.52
C ASP C 42 -11.45 -43.70 -24.07
N THR C 43 -11.18 -43.39 -22.81
CA THR C 43 -9.82 -43.46 -22.31
C THR C 43 -9.48 -44.87 -21.88
N ASP C 44 -8.17 -45.15 -21.85
CA ASP C 44 -7.65 -46.45 -21.40
C ASP C 44 -7.52 -46.53 -19.89
N PHE C 45 -8.05 -45.55 -19.16
CA PHE C 45 -7.88 -45.51 -17.71
C PHE C 45 -8.81 -46.51 -17.03
N ARG C 46 -8.31 -47.08 -15.93
CA ARG C 46 -9.14 -47.93 -15.09
C ARG C 46 -10.12 -47.08 -14.28
N ALA C 47 -11.31 -47.62 -14.05
CA ALA C 47 -12.34 -46.90 -13.32
C ALA C 47 -11.88 -46.59 -11.90
N ALA C 48 -12.55 -45.61 -11.29
CA ALA C 48 -12.25 -45.24 -9.92
C ALA C 48 -12.56 -46.39 -8.97
N ASP C 49 -11.89 -46.37 -7.82
CA ASP C 49 -12.08 -47.45 -6.83
C ASP C 49 -13.54 -47.51 -6.36
N CYS C 50 -14.16 -46.34 -6.15
CA CYS C 50 -15.54 -46.33 -5.68
C CYS C 50 -16.51 -46.93 -6.69
N ILE C 51 -16.21 -46.79 -7.99
CA ILE C 51 -17.07 -47.39 -9.01
C ILE C 51 -16.95 -48.91 -8.97
N ILE C 52 -15.72 -49.43 -9.02
CA ILE C 52 -15.51 -50.88 -9.01
C ILE C 52 -16.00 -51.49 -7.71
N ASP C 53 -15.90 -50.75 -6.61
CA ASP C 53 -16.39 -51.27 -5.33
C ASP C 53 -17.91 -51.28 -5.28
N ALA C 54 -18.56 -50.32 -5.92
CA ALA C 54 -20.03 -50.30 -5.94
C ALA C 54 -20.59 -51.37 -6.87
N LEU C 55 -19.94 -51.56 -8.03
CA LEU C 55 -20.35 -52.64 -8.92
C LEU C 55 -20.16 -53.99 -8.24
N GLN C 56 -19.04 -54.19 -7.56
CA GLN C 56 -18.80 -55.44 -6.86
C GLN C 56 -19.78 -55.62 -5.70
N GLN C 57 -20.15 -54.52 -5.03
CA GLN C 57 -21.12 -54.62 -3.95
C GLN C 57 -22.51 -54.99 -4.47
N ARG C 58 -22.84 -54.57 -5.69
CA ARG C 58 -24.14 -54.90 -6.26
C ARG C 58 -24.15 -56.27 -6.92
N VAL C 59 -23.01 -56.74 -7.43
CA VAL C 59 -22.94 -58.06 -8.03
C VAL C 59 -23.08 -59.14 -6.95
N GLN C 60 -22.49 -58.91 -5.78
CA GLN C 60 -22.58 -59.91 -4.71
C GLN C 60 -24.01 -60.09 -4.23
N GLN C 61 -24.84 -59.05 -4.32
CA GLN C 61 -26.28 -59.25 -4.18
C GLN C 61 -26.74 -60.13 -5.33
N GLY C 62 -27.23 -61.33 -5.01
CA GLY C 62 -27.34 -62.37 -6.01
C GLY C 62 -28.34 -62.10 -7.12
N VAL C 63 -29.41 -61.39 -6.82
CA VAL C 63 -30.53 -61.27 -7.74
C VAL C 63 -30.30 -60.11 -8.70
N PHE C 64 -30.72 -60.30 -9.95
CA PHE C 64 -30.62 -59.29 -11.00
C PHE C 64 -31.95 -59.16 -11.74
N GLY C 65 -33.03 -59.05 -10.98
CA GLY C 65 -34.36 -58.88 -11.56
C GLY C 65 -34.59 -57.44 -12.02
N TYR C 66 -35.86 -57.16 -12.31
CA TYR C 66 -36.24 -55.83 -12.77
C TYR C 66 -36.01 -54.80 -11.67
N GLY C 67 -35.37 -53.69 -12.03
CA GLY C 67 -35.05 -52.66 -11.06
C GLY C 67 -35.81 -51.38 -11.24
N VAL C 68 -35.79 -50.52 -10.22
CA VAL C 68 -36.43 -49.22 -10.29
C VAL C 68 -35.40 -48.19 -10.71
N THR C 69 -35.88 -47.02 -11.12
CA THR C 69 -34.97 -45.93 -11.45
C THR C 69 -34.21 -45.50 -10.22
N SER C 70 -32.91 -45.24 -10.39
CA SER C 70 -32.02 -44.97 -9.27
C SER C 70 -32.37 -43.62 -8.64
N GLU C 71 -32.95 -43.65 -7.44
CA GLU C 71 -33.17 -42.41 -6.71
C GLU C 71 -31.85 -41.79 -6.25
N ALA C 72 -30.81 -42.61 -6.07
CA ALA C 72 -29.51 -42.09 -5.67
C ALA C 72 -28.85 -41.32 -6.82
N LEU C 73 -29.01 -41.80 -8.06
CA LEU C 73 -28.44 -41.10 -9.20
C LEU C 73 -29.19 -39.80 -9.47
N ALA C 74 -30.53 -39.82 -9.39
CA ALA C 74 -31.29 -38.59 -9.56
C ALA C 74 -30.96 -37.57 -8.47
N GLU C 75 -30.63 -38.03 -7.27
CA GLU C 75 -30.29 -37.12 -6.18
C GLU C 75 -28.90 -36.54 -6.38
N VAL C 76 -27.92 -37.39 -6.70
CA VAL C 76 -26.55 -36.90 -6.85
C VAL C 76 -26.42 -36.03 -8.09
N ALA C 77 -27.26 -36.24 -9.10
CA ALA C 77 -27.19 -35.42 -10.30
C ALA C 77 -27.69 -34.00 -10.03
N ILE C 78 -28.76 -33.87 -9.24
CA ILE C 78 -29.29 -32.55 -8.93
C ILE C 78 -28.31 -31.75 -8.09
N GLU C 79 -27.72 -32.39 -7.07
CA GLU C 79 -26.77 -31.69 -6.22
C GLU C 79 -25.48 -31.38 -6.96
N ARG C 80 -25.15 -32.15 -7.99
CA ARG C 80 -23.91 -31.90 -8.73
C ARG C 80 -24.06 -30.68 -9.64
N MET C 81 -25.24 -30.48 -10.22
CA MET C 81 -25.40 -29.38 -11.17
C MET C 81 -25.43 -28.03 -10.47
N GLU C 82 -26.05 -27.96 -9.29
CA GLU C 82 -26.12 -26.69 -8.58
C GLU C 82 -24.80 -26.32 -7.94
N SER C 83 -24.03 -27.32 -7.48
CA SER C 83 -22.77 -27.04 -6.81
C SER C 83 -21.65 -26.73 -7.79
N ARG C 84 -21.65 -27.38 -8.97
CA ARG C 84 -20.57 -27.21 -9.93
C ARG C 84 -20.93 -26.29 -11.09
N PHE C 85 -22.21 -26.13 -11.40
CA PHE C 85 -22.63 -25.30 -12.53
C PHE C 85 -23.64 -24.23 -12.16
N GLY C 86 -24.06 -24.14 -10.91
CA GLY C 86 -25.03 -23.14 -10.51
C GLY C 86 -26.37 -23.28 -11.19
N TRP C 87 -26.86 -24.52 -11.32
CA TRP C 87 -28.09 -24.82 -12.03
C TRP C 87 -28.98 -25.66 -11.12
N LYS C 88 -30.10 -25.09 -10.68
CA LYS C 88 -31.03 -25.81 -9.83
C LYS C 88 -31.91 -26.73 -10.68
N ILE C 89 -31.88 -28.01 -10.38
CA ILE C 89 -32.60 -29.03 -11.15
C ILE C 89 -33.79 -29.52 -10.34
N GLN C 90 -34.92 -29.70 -11.02
CA GLN C 90 -36.09 -30.33 -10.41
C GLN C 90 -36.10 -31.83 -10.70
N PRO C 91 -36.54 -32.65 -9.74
CA PRO C 91 -36.48 -34.11 -9.96
C PRO C 91 -37.30 -34.59 -11.14
N GLU C 92 -38.46 -33.98 -11.39
CA GLU C 92 -39.31 -34.42 -12.49
C GLU C 92 -38.75 -34.06 -13.86
N TRP C 93 -37.63 -33.33 -13.93
CA TRP C 93 -37.01 -33.01 -15.20
C TRP C 93 -36.14 -34.14 -15.74
N LEU C 94 -35.69 -35.05 -14.87
CA LEU C 94 -34.73 -36.06 -15.26
C LEU C 94 -35.41 -37.21 -16.00
N VAL C 95 -34.81 -37.61 -17.12
CA VAL C 95 -35.27 -38.77 -17.89
C VAL C 95 -34.03 -39.61 -18.20
N PHE C 96 -33.93 -40.77 -17.56
CA PHE C 96 -32.76 -41.61 -17.70
C PHE C 96 -32.80 -42.38 -19.03
N LEU C 97 -31.63 -42.55 -19.64
CA LEU C 97 -31.50 -43.15 -20.95
C LEU C 97 -30.29 -44.08 -20.96
N PRO C 98 -30.35 -45.16 -21.72
CA PRO C 98 -29.14 -46.00 -21.95
C PRO C 98 -28.26 -45.42 -23.05
N GLY C 99 -27.49 -44.41 -22.70
CA GLY C 99 -26.60 -43.74 -23.63
C GLY C 99 -27.08 -42.35 -23.98
N VAL C 100 -26.22 -41.63 -24.71
CA VAL C 100 -26.51 -40.26 -25.13
C VAL C 100 -26.95 -40.27 -26.58
N VAL C 101 -26.39 -41.17 -27.38
CA VAL C 101 -26.74 -41.25 -28.79
C VAL C 101 -28.24 -41.51 -28.95
N THR C 102 -28.81 -42.34 -28.09
CA THR C 102 -30.25 -42.60 -28.17
C THR C 102 -31.05 -41.34 -27.86
N GLY C 103 -30.58 -40.52 -26.91
CA GLY C 103 -31.27 -39.29 -26.61
C GLY C 103 -31.28 -38.30 -27.75
N ILE C 104 -30.21 -38.29 -28.57
CA ILE C 104 -30.17 -37.42 -29.72
C ILE C 104 -31.20 -37.86 -30.76
N ASN C 105 -31.33 -39.18 -30.97
CA ASN C 105 -32.27 -39.67 -31.97
C ASN C 105 -33.71 -39.43 -31.54
N ILE C 106 -34.01 -39.56 -30.24
CA ILE C 106 -35.37 -39.31 -29.78
C ILE C 106 -35.73 -37.84 -29.95
N ALA C 107 -34.81 -36.94 -29.62
CA ALA C 107 -35.11 -35.51 -29.69
C ALA C 107 -35.35 -35.05 -31.12
N VAL C 108 -34.66 -35.64 -32.10
CA VAL C 108 -34.87 -35.26 -33.49
C VAL C 108 -36.24 -35.73 -33.96
N ARG C 109 -36.62 -36.97 -33.63
CA ARG C 109 -37.85 -37.55 -34.11
C ARG C 109 -39.08 -37.12 -33.32
N ALA C 110 -38.90 -36.51 -32.15
CA ALA C 110 -40.02 -36.06 -31.32
C ALA C 110 -40.24 -34.56 -31.35
N PHE C 111 -39.21 -33.76 -31.68
CA PHE C 111 -39.34 -32.31 -31.68
C PHE C 111 -39.39 -31.71 -33.09
N THR C 112 -39.17 -32.51 -34.13
CA THR C 112 -39.27 -32.05 -35.51
C THR C 112 -40.16 -32.98 -36.30
N GLU C 113 -40.98 -32.41 -37.17
CA GLU C 113 -41.80 -33.20 -38.08
C GLU C 113 -41.04 -33.48 -39.37
N ALA C 114 -41.57 -34.40 -40.17
CA ALA C 114 -40.88 -34.85 -41.36
C ALA C 114 -40.62 -33.72 -42.36
N HIS C 115 -41.35 -32.62 -42.26
CA HIS C 115 -41.16 -31.48 -43.17
C HIS C 115 -40.21 -30.44 -42.61
N GLN C 116 -39.84 -30.53 -41.33
CA GLN C 116 -38.93 -29.58 -40.70
C GLN C 116 -37.51 -30.12 -40.69
N SER C 117 -36.57 -29.25 -40.31
CA SER C 117 -35.15 -29.55 -40.39
C SER C 117 -34.47 -29.21 -39.06
N THR C 118 -33.21 -29.64 -38.95
CA THR C 118 -32.39 -29.38 -37.78
C THR C 118 -31.18 -28.55 -38.18
N VAL C 119 -30.60 -27.86 -37.20
CA VAL C 119 -29.43 -27.01 -37.41
C VAL C 119 -28.36 -27.41 -36.40
N SER C 120 -27.11 -27.45 -36.86
CA SER C 120 -25.97 -27.69 -35.99
C SER C 120 -24.73 -27.12 -36.66
N ALA C 121 -23.61 -27.22 -35.96
CA ALA C 121 -22.34 -26.76 -36.51
C ALA C 121 -21.66 -27.89 -37.28
N THR C 122 -20.57 -27.54 -37.97
CA THR C 122 -19.74 -28.50 -38.67
C THR C 122 -18.31 -27.98 -38.65
N PRO C 123 -17.32 -28.84 -38.38
CA PRO C 123 -17.48 -30.26 -38.06
C PRO C 123 -18.08 -30.49 -36.67
N ILE C 124 -18.62 -31.68 -36.43
CA ILE C 124 -19.32 -31.95 -35.17
C ILE C 124 -19.48 -33.45 -34.99
N TYR C 125 -19.95 -33.86 -33.81
CA TYR C 125 -20.24 -35.25 -33.50
C TYR C 125 -21.11 -35.87 -34.60
N PRO C 126 -20.68 -36.98 -35.20
CA PRO C 126 -21.37 -37.50 -36.40
C PRO C 126 -22.86 -37.73 -36.19
N PRO C 127 -23.30 -38.29 -35.06
CA PRO C 127 -24.75 -38.48 -34.87
C PRO C 127 -25.57 -37.20 -34.90
N PHE C 128 -24.92 -36.03 -34.88
CA PHE C 128 -25.68 -34.78 -34.95
C PHE C 128 -26.32 -34.58 -36.32
N PHE C 129 -25.71 -35.11 -37.38
CA PHE C 129 -26.31 -35.05 -38.71
C PHE C 129 -26.69 -36.41 -39.25
N LEU C 130 -26.31 -37.50 -38.58
CA LEU C 130 -26.78 -38.82 -38.99
C LEU C 130 -28.16 -39.13 -38.44
N ALA C 131 -28.48 -38.65 -37.24
CA ALA C 131 -29.81 -38.83 -36.70
C ALA C 131 -30.89 -38.13 -37.52
N PRO C 132 -30.71 -36.87 -37.96
CA PRO C 132 -31.71 -36.31 -38.89
C PRO C 132 -31.76 -37.05 -40.21
N LYS C 133 -30.62 -37.52 -40.71
CA LYS C 133 -30.60 -38.22 -42.00
C LYS C 133 -31.38 -39.52 -41.93
N LEU C 134 -31.23 -40.28 -40.83
CA LEU C 134 -31.95 -41.54 -40.70
C LEU C 134 -33.45 -41.32 -40.49
N ALA C 135 -33.82 -40.19 -39.89
CA ALA C 135 -35.22 -39.88 -39.63
C ALA C 135 -35.87 -39.08 -40.74
N GLY C 136 -35.23 -38.98 -41.90
CA GLY C 136 -35.76 -38.22 -43.02
C GLY C 136 -35.60 -36.72 -42.91
N ARG C 137 -35.30 -36.19 -41.73
CA ARG C 137 -35.14 -34.76 -41.57
C ARG C 137 -33.93 -34.25 -42.34
N GLN C 138 -34.05 -33.08 -42.94
CA GLN C 138 -32.90 -32.43 -43.55
C GLN C 138 -32.13 -31.67 -42.49
N HIS C 139 -30.85 -31.41 -42.79
CA HIS C 139 -29.95 -30.78 -41.82
C HIS C 139 -29.29 -29.57 -42.45
N LEU C 140 -29.12 -28.51 -41.64
CA LEU C 140 -28.41 -27.31 -42.03
C LEU C 140 -27.09 -27.25 -41.27
N SER C 141 -26.01 -27.05 -42.00
CA SER C 141 -24.66 -27.06 -41.44
C SER C 141 -24.12 -25.63 -41.39
N ALA C 142 -23.58 -25.25 -40.24
CA ALA C 142 -22.95 -23.94 -40.05
C ALA C 142 -21.47 -24.18 -39.77
N ALA C 143 -20.62 -23.78 -40.72
CA ALA C 143 -19.20 -24.04 -40.60
C ALA C 143 -18.60 -23.29 -39.43
N LEU C 144 -17.61 -23.91 -38.78
CA LEU C 144 -16.93 -23.30 -37.66
C LEU C 144 -15.81 -22.39 -38.16
N ARG C 145 -15.70 -21.21 -37.55
CA ARG C 145 -14.68 -20.24 -37.88
C ARG C 145 -13.54 -20.30 -36.87
N LEU C 146 -12.34 -19.97 -37.32
CA LEU C 146 -11.16 -19.92 -36.46
C LEU C 146 -10.74 -18.46 -36.28
N GLU C 147 -10.94 -17.94 -35.07
CA GLU C 147 -10.44 -16.62 -34.73
C GLU C 147 -9.87 -16.65 -33.32
N GLN C 148 -8.67 -16.09 -33.16
CA GLN C 148 -7.98 -16.02 -31.87
C GLN C 148 -7.79 -17.42 -31.27
N GLN C 149 -7.30 -18.33 -32.11
CA GLN C 149 -6.88 -19.68 -31.69
C GLN C 149 -8.01 -20.47 -31.04
N ARG C 150 -9.25 -20.27 -31.51
CA ARG C 150 -10.38 -21.05 -31.05
C ARG C 150 -11.36 -21.25 -32.21
N TRP C 151 -12.05 -22.39 -32.18
CA TRP C 151 -13.08 -22.67 -33.17
C TRP C 151 -14.39 -22.06 -32.69
N VAL C 152 -14.80 -20.98 -33.35
CA VAL C 152 -15.95 -20.19 -32.94
C VAL C 152 -17.17 -20.60 -33.76
N LEU C 153 -18.32 -20.68 -33.12
CA LEU C 153 -19.60 -20.94 -33.78
C LEU C 153 -20.40 -19.65 -33.82
N ASP C 154 -20.66 -19.15 -35.02
CA ASP C 154 -21.41 -17.91 -35.23
C ASP C 154 -22.60 -18.22 -36.14
N LEU C 155 -23.70 -18.67 -35.53
CA LEU C 155 -24.91 -18.97 -36.29
C LEU C 155 -25.53 -17.73 -36.91
N ASP C 156 -25.14 -16.54 -36.45
CA ASP C 156 -25.75 -15.31 -36.95
C ASP C 156 -25.48 -15.10 -38.43
N SER C 157 -24.25 -15.38 -38.87
CA SER C 157 -23.84 -15.12 -40.24
C SER C 157 -24.31 -16.20 -41.23
N HIS C 158 -25.26 -17.05 -40.85
CA HIS C 158 -25.76 -18.11 -41.72
C HIS C 158 -27.27 -18.05 -41.91
N GLU C 159 -27.91 -16.94 -41.51
CA GLU C 159 -29.36 -16.83 -41.67
C GLU C 159 -29.76 -16.64 -43.13
N ASP C 160 -28.82 -16.26 -44.00
CA ASP C 160 -29.16 -16.02 -45.40
C ASP C 160 -29.52 -17.32 -46.11
N ARG C 161 -28.95 -18.45 -45.67
CA ARG C 161 -29.18 -19.74 -46.30
C ARG C 161 -30.10 -20.64 -45.47
N MET C 162 -31.06 -20.02 -44.77
CA MET C 162 -32.06 -20.76 -44.02
C MET C 162 -33.36 -20.81 -44.81
N SER C 163 -33.95 -22.00 -44.90
CA SER C 163 -35.19 -22.16 -45.65
C SER C 163 -36.42 -21.75 -44.85
N GLY C 164 -36.29 -21.61 -43.53
CA GLY C 164 -37.40 -21.25 -42.68
C GLY C 164 -38.10 -22.42 -42.02
N ASN C 165 -37.86 -23.65 -42.47
CA ASN C 165 -38.46 -24.84 -41.89
C ASN C 165 -37.61 -25.46 -40.78
N GLU C 166 -36.62 -24.72 -40.27
CA GLU C 166 -35.79 -25.22 -39.19
C GLU C 166 -36.56 -25.18 -37.87
N LYS C 167 -36.26 -26.12 -36.99
CA LYS C 167 -37.01 -26.24 -35.74
C LYS C 167 -36.13 -26.66 -34.57
N LEU C 168 -35.14 -27.52 -34.81
CA LEU C 168 -34.29 -28.06 -33.76
C LEU C 168 -32.86 -27.57 -33.96
N LEU C 169 -32.27 -26.99 -32.92
CA LEU C 169 -30.88 -26.54 -32.93
C LEU C 169 -30.06 -27.49 -32.07
N LEU C 170 -29.21 -28.28 -32.72
CA LEU C 170 -28.34 -29.23 -32.02
C LEU C 170 -27.05 -28.52 -31.65
N LEU C 171 -26.84 -28.34 -30.36
CA LEU C 171 -25.63 -27.72 -29.83
C LEU C 171 -24.77 -28.76 -29.13
N CYS C 172 -23.48 -28.47 -29.03
CA CYS C 172 -22.52 -29.37 -28.36
C CYS C 172 -21.56 -28.50 -27.56
N ASN C 173 -21.72 -28.52 -26.23
CA ASN C 173 -20.88 -27.72 -25.35
C ASN C 173 -20.52 -28.54 -24.11
N PRO C 174 -19.25 -28.94 -23.94
CA PRO C 174 -18.09 -28.69 -24.80
C PRO C 174 -18.21 -29.35 -26.17
N HIS C 175 -17.49 -28.81 -27.15
CA HIS C 175 -17.69 -29.18 -28.55
C HIS C 175 -16.76 -30.34 -28.93
N ASN C 176 -17.35 -31.44 -29.39
CA ASN C 176 -16.67 -32.54 -30.04
C ASN C 176 -16.76 -32.36 -31.55
N PRO C 177 -15.65 -32.35 -32.29
CA PRO C 177 -14.27 -32.64 -31.88
C PRO C 177 -13.40 -31.41 -31.59
N GLY C 178 -13.97 -30.21 -31.67
CA GLY C 178 -13.17 -29.02 -31.51
C GLY C 178 -12.52 -28.91 -30.14
N GLY C 179 -13.26 -29.26 -29.10
CA GLY C 179 -12.76 -29.07 -27.74
C GLY C 179 -12.98 -27.68 -27.19
N THR C 180 -13.94 -26.95 -27.74
CA THR C 180 -14.22 -25.58 -27.32
C THR C 180 -15.20 -25.57 -26.16
N VAL C 181 -14.90 -24.76 -25.16
CA VAL C 181 -15.84 -24.46 -24.08
C VAL C 181 -16.40 -23.06 -24.33
N TYR C 182 -17.69 -22.99 -24.65
CA TYR C 182 -18.29 -21.72 -25.01
C TYR C 182 -18.47 -20.85 -23.77
N ARG C 183 -18.06 -19.59 -23.86
CA ARG C 183 -18.23 -18.66 -22.77
C ARG C 183 -19.70 -18.19 -22.72
N ARG C 184 -20.01 -17.42 -21.67
CA ARG C 184 -21.39 -17.00 -21.47
C ARG C 184 -21.90 -16.14 -22.61
N LYS C 185 -21.09 -15.19 -23.08
CA LYS C 185 -21.52 -14.31 -24.15
C LYS C 185 -21.75 -15.06 -25.46
N GLU C 186 -21.03 -16.17 -25.67
CA GLU C 186 -21.24 -16.96 -26.87
C GLU C 186 -22.53 -17.78 -26.79
N LEU C 187 -22.80 -18.37 -25.62
CA LEU C 187 -24.04 -19.13 -25.46
C LEU C 187 -25.26 -18.21 -25.51
N GLU C 188 -25.14 -16.99 -25.01
CA GLU C 188 -26.25 -16.04 -25.09
C GLU C 188 -26.56 -15.67 -26.54
N ALA C 189 -25.52 -15.59 -27.39
CA ALA C 189 -25.77 -15.37 -28.81
C ALA C 189 -26.39 -16.60 -29.46
N GLN C 190 -26.05 -17.79 -29.00
CA GLN C 190 -26.68 -18.99 -29.52
C GLN C 190 -28.13 -19.09 -29.09
N LEU C 191 -28.42 -18.67 -27.85
CA LEU C 191 -29.81 -18.65 -27.39
C LEU C 191 -30.63 -17.63 -28.17
N ARG C 192 -30.06 -16.45 -28.43
CA ARG C 192 -30.78 -15.44 -29.19
C ARG C 192 -31.07 -15.90 -30.62
N PHE C 193 -30.20 -16.75 -31.18
CA PHE C 193 -30.48 -17.28 -32.51
C PHE C 193 -31.66 -18.24 -32.50
N ALA C 194 -31.81 -19.02 -31.42
CA ALA C 194 -32.93 -19.93 -31.32
C ALA C 194 -34.24 -19.18 -31.09
N GLN C 195 -34.19 -18.05 -30.38
CA GLN C 195 -35.40 -17.27 -30.15
C GLN C 195 -35.85 -16.54 -31.41
N ARG C 196 -34.91 -16.04 -32.20
CA ARG C 196 -35.26 -15.30 -33.41
C ARG C 196 -35.88 -16.19 -34.47
N HIS C 197 -35.73 -17.51 -34.37
CA HIS C 197 -36.30 -18.44 -35.33
C HIS C 197 -37.21 -19.48 -34.69
N ASP C 198 -37.52 -19.32 -33.40
CA ASP C 198 -38.39 -20.24 -32.66
C ASP C 198 -37.90 -21.68 -32.80
N LEU C 199 -36.65 -21.88 -32.40
CA LEU C 199 -36.00 -23.19 -32.50
C LEU C 199 -35.92 -23.84 -31.14
N LEU C 200 -36.17 -25.15 -31.09
CA LEU C 200 -35.85 -25.93 -29.92
C LEU C 200 -34.36 -26.27 -29.92
N VAL C 201 -33.81 -26.50 -28.73
CA VAL C 201 -32.38 -26.67 -28.56
C VAL C 201 -32.11 -28.01 -27.88
N CYS C 202 -31.24 -28.81 -28.49
CA CYS C 202 -30.74 -30.03 -27.87
C CYS C 202 -29.25 -29.82 -27.62
N SER C 203 -28.89 -29.60 -26.36
CA SER C 203 -27.52 -29.31 -25.97
C SER C 203 -26.88 -30.58 -25.39
N ASP C 204 -25.87 -31.09 -26.09
CA ASP C 204 -25.11 -32.25 -25.61
C ASP C 204 -23.96 -31.73 -24.75
N GLU C 205 -24.07 -31.94 -23.44
CA GLU C 205 -23.08 -31.43 -22.50
C GLU C 205 -22.39 -32.57 -21.77
N ILE C 206 -21.89 -33.55 -22.53
CA ILE C 206 -21.32 -34.75 -21.94
C ILE C 206 -19.87 -34.53 -21.52
N HIS C 207 -19.15 -33.62 -22.17
CA HIS C 207 -17.77 -33.32 -21.85
C HIS C 207 -17.61 -32.22 -20.80
N CYS C 208 -18.70 -31.84 -20.13
CA CYS C 208 -18.65 -30.68 -19.23
C CYS C 208 -17.79 -30.93 -18.00
N ASP C 209 -17.72 -32.18 -17.53
CA ASP C 209 -16.91 -32.50 -16.37
C ASP C 209 -15.42 -32.55 -16.67
N LEU C 210 -15.01 -32.25 -17.90
CA LEU C 210 -13.62 -32.38 -18.31
C LEU C 210 -12.93 -31.04 -18.57
N VAL C 211 -13.64 -29.92 -18.41
CA VAL C 211 -13.08 -28.61 -18.71
C VAL C 211 -11.70 -28.45 -18.06
N LEU C 212 -10.71 -28.08 -18.87
CA LEU C 212 -9.33 -28.00 -18.43
C LEU C 212 -8.82 -26.59 -18.19
N GLU C 213 -9.46 -25.58 -18.77
CA GLU C 213 -8.97 -24.21 -18.64
C GLU C 213 -9.23 -23.69 -17.23
N PRO C 214 -8.25 -23.06 -16.59
CA PRO C 214 -8.50 -22.47 -15.26
C PRO C 214 -9.34 -21.22 -15.36
N GLY C 215 -10.14 -20.99 -14.32
CA GLY C 215 -10.98 -19.82 -14.23
C GLY C 215 -12.25 -19.86 -15.07
N VAL C 216 -12.33 -20.76 -16.05
CA VAL C 216 -13.49 -20.86 -16.92
C VAL C 216 -14.35 -22.02 -16.45
N GLN C 217 -15.65 -21.77 -16.29
CA GLN C 217 -16.59 -22.78 -15.85
C GLN C 217 -17.55 -23.12 -16.98
N HIS C 218 -17.93 -24.39 -17.08
CA HIS C 218 -18.95 -24.80 -18.04
C HIS C 218 -20.30 -24.19 -17.66
N ILE C 219 -21.05 -23.79 -18.67
CA ILE C 219 -22.36 -23.17 -18.46
C ILE C 219 -23.43 -23.97 -19.20
N PRO C 220 -24.33 -24.65 -18.50
CA PRO C 220 -25.43 -25.34 -19.20
C PRO C 220 -26.31 -24.36 -19.94
N PHE C 221 -26.70 -24.74 -21.16
CA PHE C 221 -27.52 -23.86 -21.99
C PHE C 221 -28.82 -23.48 -21.29
N ALA C 222 -29.48 -24.45 -20.66
CA ALA C 222 -30.74 -24.19 -19.97
C ALA C 222 -30.56 -23.39 -18.69
N SER C 223 -29.33 -23.09 -18.28
CA SER C 223 -29.07 -22.27 -17.11
C SER C 223 -28.94 -20.80 -17.44
N LEU C 224 -28.97 -20.42 -18.71
CA LEU C 224 -28.87 -19.02 -19.09
C LEU C 224 -30.09 -18.24 -18.62
N SER C 225 -31.28 -18.81 -18.78
CA SER C 225 -32.52 -18.17 -18.36
C SER C 225 -33.62 -19.22 -18.33
N ASP C 226 -34.76 -18.85 -17.75
CA ASP C 226 -35.89 -19.76 -17.72
C ASP C 226 -36.43 -20.05 -19.11
N ASP C 227 -36.26 -19.12 -20.05
CA ASP C 227 -36.69 -19.37 -21.42
C ASP C 227 -35.85 -20.46 -22.07
N ALA C 228 -34.54 -20.47 -21.79
CA ALA C 228 -33.68 -21.51 -22.34
C ALA C 228 -33.99 -22.87 -21.75
N ALA C 229 -34.48 -22.92 -20.50
CA ALA C 229 -34.81 -24.19 -19.89
C ALA C 229 -36.07 -24.78 -20.49
N GLN C 230 -37.10 -23.95 -20.69
CA GLN C 230 -38.35 -24.43 -21.29
C GLN C 230 -38.21 -24.73 -22.78
N ARG C 231 -37.08 -24.37 -23.38
CA ARG C 231 -36.85 -24.55 -24.80
C ARG C 231 -35.97 -25.73 -25.13
N SER C 232 -35.22 -26.24 -24.16
CA SER C 232 -34.09 -27.12 -24.44
C SER C 232 -34.25 -28.49 -23.79
N ILE C 233 -33.44 -29.42 -24.26
CA ILE C 233 -33.21 -30.72 -23.62
C ILE C 233 -31.70 -30.86 -23.45
N THR C 234 -31.27 -31.18 -22.23
CA THR C 234 -29.86 -31.23 -21.88
C THR C 234 -29.46 -32.68 -21.65
N LEU C 235 -28.45 -33.14 -22.37
CA LEU C 235 -27.95 -34.51 -22.25
C LEU C 235 -26.63 -34.48 -21.47
N MET C 236 -26.64 -35.13 -20.31
CA MET C 236 -25.44 -35.24 -19.47
C MET C 236 -25.25 -36.69 -19.07
N SER C 237 -23.98 -37.05 -18.82
CA SER C 237 -23.63 -38.41 -18.45
C SER C 237 -22.22 -38.47 -17.87
N PRO C 238 -21.96 -39.35 -16.91
CA PRO C 238 -20.59 -39.58 -16.45
C PRO C 238 -19.80 -40.58 -17.28
N SER C 239 -20.33 -40.98 -18.45
CA SER C 239 -19.69 -42.03 -19.25
C SER C 239 -18.29 -41.63 -19.69
N LYS C 240 -18.14 -40.43 -20.25
CA LYS C 240 -16.84 -40.03 -20.76
C LYS C 240 -15.93 -39.49 -19.66
N SER C 241 -16.48 -38.83 -18.65
CA SER C 241 -15.66 -38.27 -17.59
C SER C 241 -15.06 -39.36 -16.70
N PHE C 242 -15.77 -40.48 -16.52
CA PHE C 242 -15.28 -41.56 -15.66
C PHE C 242 -15.03 -42.85 -16.44
N ASN C 243 -15.06 -42.80 -17.77
CA ASN C 243 -14.72 -43.95 -18.63
C ASN C 243 -15.61 -45.15 -18.30
N ILE C 244 -16.92 -44.95 -18.35
CA ILE C 244 -17.88 -46.02 -18.13
C ILE C 244 -18.91 -46.02 -19.25
N ALA C 245 -18.47 -45.69 -20.46
CA ALA C 245 -19.37 -45.69 -21.61
C ALA C 245 -19.86 -47.09 -21.96
N GLY C 246 -19.18 -48.14 -21.50
CA GLY C 246 -19.67 -49.49 -21.71
C GLY C 246 -21.00 -49.73 -21.01
N LEU C 247 -21.16 -49.17 -19.82
CA LEU C 247 -22.43 -49.26 -19.11
C LEU C 247 -23.42 -48.22 -19.63
N GLY C 248 -22.96 -46.99 -19.84
CA GLY C 248 -23.72 -46.02 -20.61
C GLY C 248 -24.98 -45.48 -19.97
N ALA C 249 -25.00 -45.33 -18.64
CA ALA C 249 -26.14 -44.74 -17.96
C ALA C 249 -26.08 -43.23 -18.18
N SER C 250 -27.03 -42.70 -18.94
CA SER C 250 -27.08 -41.28 -19.26
C SER C 250 -28.44 -40.71 -18.86
N LEU C 251 -28.49 -39.39 -18.71
CA LEU C 251 -29.72 -38.71 -18.30
C LEU C 251 -30.01 -37.55 -19.23
N ALA C 252 -31.29 -37.17 -19.27
CA ALA C 252 -31.75 -36.02 -20.04
C ALA C 252 -32.52 -35.09 -19.11
N VAL C 253 -32.27 -33.79 -19.25
CA VAL C 253 -32.92 -32.78 -18.43
C VAL C 253 -33.86 -32.00 -19.34
N ILE C 254 -35.16 -32.24 -19.16
CA ILE C 254 -36.19 -31.55 -19.93
C ILE C 254 -37.09 -30.78 -18.97
N PRO C 255 -36.81 -29.50 -18.71
CA PRO C 255 -37.61 -28.77 -17.72
C PRO C 255 -39.06 -28.56 -18.14
N ASN C 256 -39.34 -28.48 -19.43
CA ASN C 256 -40.70 -28.23 -19.89
C ASN C 256 -41.56 -29.47 -19.64
N PRO C 257 -42.77 -29.30 -19.09
CA PRO C 257 -43.66 -30.47 -18.93
C PRO C 257 -44.00 -31.12 -20.25
N GLU C 258 -44.53 -30.35 -21.20
CA GLU C 258 -44.59 -30.78 -22.59
C GLU C 258 -43.16 -30.92 -23.09
N LEU C 259 -43.00 -31.37 -24.34
CA LEU C 259 -41.70 -31.77 -24.89
C LEU C 259 -41.18 -33.01 -24.16
N ARG C 260 -41.11 -32.94 -22.83
CA ARG C 260 -40.75 -34.11 -22.05
C ARG C 260 -41.76 -35.23 -22.26
N ALA C 261 -43.06 -34.90 -22.25
CA ALA C 261 -44.08 -35.90 -22.55
C ALA C 261 -43.96 -36.39 -23.98
N ARG C 262 -43.60 -35.50 -24.91
CA ARG C 262 -43.34 -35.92 -26.28
C ARG C 262 -42.08 -36.76 -26.37
N PHE C 263 -41.05 -36.42 -25.59
CA PHE C 263 -39.83 -37.21 -25.57
C PHE C 263 -40.10 -38.62 -25.03
N ASN C 264 -40.84 -38.71 -23.92
CA ASN C 264 -41.14 -40.01 -23.34
C ASN C 264 -41.99 -40.85 -24.28
N ARG C 265 -42.97 -40.23 -24.95
CA ARG C 265 -43.82 -40.97 -25.87
C ARG C 265 -43.02 -41.50 -27.05
N MET C 266 -42.07 -40.72 -27.56
CA MET C 266 -41.20 -41.20 -28.62
C MET C 266 -40.21 -42.25 -28.12
N ARG C 267 -39.99 -42.32 -26.81
CA ARG C 267 -39.01 -43.23 -26.22
C ARG C 267 -39.61 -44.56 -25.82
N LYS C 268 -40.84 -44.56 -25.31
CA LYS C 268 -41.43 -45.75 -24.72
C LYS C 268 -41.48 -46.91 -25.71
N GLY C 269 -41.10 -48.09 -25.22
CA GLY C 269 -41.15 -49.30 -26.04
C GLY C 269 -39.91 -49.49 -26.88
N MET C 270 -39.47 -48.42 -27.56
CA MET C 270 -38.34 -48.52 -28.47
C MET C 270 -37.02 -48.54 -27.72
N VAL C 271 -36.82 -47.60 -26.80
CA VAL C 271 -35.58 -47.48 -26.05
C VAL C 271 -35.77 -48.15 -24.70
N PRO C 272 -34.95 -49.14 -24.33
CA PRO C 272 -35.14 -49.82 -23.05
C PRO C 272 -34.72 -48.96 -21.88
N ASP C 273 -34.93 -49.45 -20.66
CA ASP C 273 -34.54 -48.74 -19.46
C ASP C 273 -33.13 -49.15 -19.04
N VAL C 274 -32.47 -48.27 -18.30
CA VAL C 274 -31.09 -48.50 -17.90
C VAL C 274 -30.99 -49.74 -17.03
N ASP C 275 -29.99 -50.56 -17.30
CA ASP C 275 -29.82 -51.80 -16.56
C ASP C 275 -29.40 -51.51 -15.12
N VAL C 276 -29.49 -52.54 -14.27
CA VAL C 276 -29.29 -52.36 -12.84
C VAL C 276 -27.86 -51.94 -12.53
N LEU C 277 -26.87 -52.59 -13.16
CA LEU C 277 -25.49 -52.32 -12.80
C LEU C 277 -25.03 -50.94 -13.28
N ALA C 278 -25.61 -50.43 -14.36
CA ALA C 278 -25.21 -49.12 -14.85
C ALA C 278 -25.70 -48.01 -13.94
N TYR C 279 -26.85 -48.19 -13.30
CA TYR C 279 -27.32 -47.22 -12.30
C TYR C 279 -26.35 -47.13 -11.14
N VAL C 280 -25.84 -48.27 -10.68
CA VAL C 280 -24.96 -48.29 -9.51
C VAL C 280 -23.61 -47.64 -9.83
N ALA C 281 -23.12 -47.83 -11.05
CA ALA C 281 -21.84 -47.25 -11.43
C ALA C 281 -21.95 -45.76 -11.70
N ALA C 282 -23.03 -45.33 -12.36
CA ALA C 282 -23.22 -43.91 -12.62
C ALA C 282 -23.41 -43.13 -11.32
N SER C 283 -24.13 -43.71 -10.36
CA SER C 283 -24.33 -43.04 -9.08
C SER C 283 -23.04 -42.98 -8.28
N ALA C 284 -22.26 -44.06 -8.28
CA ALA C 284 -21.02 -44.10 -7.51
C ALA C 284 -19.98 -43.14 -8.07
N ALA C 285 -20.02 -42.88 -9.38
CA ALA C 285 -19.03 -42.00 -9.99
C ALA C 285 -19.23 -40.56 -9.53
N TRP C 286 -20.44 -40.03 -9.67
CA TRP C 286 -20.71 -38.64 -9.34
C TRP C 286 -20.77 -38.37 -7.85
N ARG C 287 -20.67 -39.39 -7.00
CA ARG C 287 -20.74 -39.20 -5.56
C ARG C 287 -19.40 -39.30 -4.87
N GLU C 288 -18.52 -40.21 -5.29
CA GLU C 288 -17.22 -40.38 -4.68
C GLU C 288 -16.06 -40.25 -5.66
N GLY C 289 -16.31 -40.30 -6.96
CA GLY C 289 -15.25 -40.26 -7.94
C GLY C 289 -14.65 -38.91 -8.26
N GLN C 290 -15.13 -37.83 -7.65
CA GLN C 290 -14.60 -36.52 -7.97
C GLN C 290 -13.11 -36.36 -7.65
N PRO C 291 -12.58 -36.88 -6.53
CA PRO C 291 -11.12 -36.87 -6.38
C PRO C 291 -10.39 -37.61 -7.49
N TRP C 292 -10.99 -38.68 -8.02
CA TRP C 292 -10.38 -39.36 -9.17
C TRP C 292 -10.43 -38.49 -10.42
N LEU C 293 -11.54 -37.78 -10.62
CA LEU C 293 -11.67 -36.92 -11.79
C LEU C 293 -10.71 -35.74 -11.74
N ASP C 294 -10.52 -35.17 -10.55
CA ASP C 294 -9.59 -34.05 -10.41
C ASP C 294 -8.17 -34.47 -10.74
N ALA C 295 -7.79 -35.69 -10.37
CA ALA C 295 -6.47 -36.20 -10.72
C ALA C 295 -6.36 -36.51 -12.21
N GLN C 296 -7.48 -36.79 -12.88
CA GLN C 296 -7.44 -37.09 -14.31
C GLN C 296 -7.26 -35.83 -15.14
N LEU C 297 -7.88 -34.71 -14.72
CA LEU C 297 -7.73 -33.47 -15.46
C LEU C 297 -6.29 -32.98 -15.45
N ASP C 298 -5.57 -33.20 -14.35
CA ASP C 298 -4.16 -32.83 -14.31
C ASP C 298 -3.34 -33.70 -15.26
N TYR C 299 -3.66 -34.99 -15.33
CA TYR C 299 -2.92 -35.89 -16.21
C TYR C 299 -3.22 -35.60 -17.67
N LEU C 300 -4.46 -35.23 -17.98
CA LEU C 300 -4.82 -34.92 -19.37
C LEU C 300 -4.26 -33.58 -19.80
N ARG C 301 -4.20 -32.60 -18.89
CA ARG C 301 -3.63 -31.30 -19.24
C ARG C 301 -2.16 -31.45 -19.62
N ALA C 302 -1.40 -32.25 -18.85
CA ALA C 302 0.00 -32.49 -19.21
C ALA C 302 0.10 -33.25 -20.53
N ASN C 303 -0.80 -34.21 -20.76
CA ASN C 303 -0.83 -34.89 -22.04
C ASN C 303 -1.24 -33.94 -23.16
N ARG C 304 -2.20 -33.05 -22.88
CA ARG C 304 -2.67 -32.12 -23.91
C ARG C 304 -1.59 -31.15 -24.32
N ASP C 305 -0.92 -30.52 -23.34
CA ASP C 305 0.15 -29.58 -23.66
C ASP C 305 1.31 -30.29 -24.38
N MET C 306 1.52 -31.57 -24.08
CA MET C 306 2.56 -32.32 -24.77
C MET C 306 2.21 -32.53 -26.24
N LEU C 307 0.94 -32.89 -26.52
CA LEU C 307 0.50 -33.05 -27.90
C LEU C 307 0.48 -31.70 -28.63
N ALA C 308 0.03 -30.64 -27.94
CA ALA C 308 -0.04 -29.33 -28.56
C ALA C 308 1.34 -28.81 -28.94
N GLN C 309 2.31 -28.95 -28.03
CA GLN C 309 3.66 -28.50 -28.32
C GLN C 309 4.29 -29.30 -29.45
N HIS C 310 3.94 -30.58 -29.58
CA HIS C 310 4.54 -31.43 -30.60
C HIS C 310 3.97 -31.12 -31.98
N VAL C 311 2.67 -30.88 -32.08
CA VAL C 311 2.04 -30.64 -33.37
C VAL C 311 2.48 -29.31 -33.96
N ASN C 312 2.76 -28.32 -33.12
CA ASN C 312 3.22 -27.03 -33.63
C ASN C 312 4.54 -27.17 -34.37
N ARG C 313 5.45 -27.99 -33.84
CA ARG C 313 6.77 -28.14 -34.45
C ARG C 313 6.72 -28.97 -35.72
N LEU C 314 5.78 -29.90 -35.84
CA LEU C 314 5.66 -30.68 -37.06
C LEU C 314 5.19 -29.78 -38.19
N PRO C 315 5.71 -29.96 -39.41
CA PRO C 315 5.46 -28.98 -40.48
C PRO C 315 4.02 -28.88 -40.94
N GLY C 316 3.54 -29.89 -41.67
CA GLY C 316 2.23 -29.80 -42.31
C GLY C 316 1.05 -30.09 -41.41
N LEU C 317 1.18 -29.78 -40.11
CA LEU C 317 0.10 -30.00 -39.16
C LEU C 317 -0.08 -28.77 -38.28
N SER C 318 -1.31 -28.59 -37.81
CA SER C 318 -1.64 -27.51 -36.88
C SER C 318 -2.84 -27.95 -36.05
N MET C 319 -2.89 -27.48 -34.81
CA MET C 319 -3.92 -27.89 -33.88
C MET C 319 -4.13 -26.82 -32.83
N VAL C 320 -5.38 -26.48 -32.56
CA VAL C 320 -5.70 -25.59 -31.46
C VAL C 320 -5.74 -26.42 -30.18
N THR C 321 -5.26 -25.83 -29.09
CA THR C 321 -5.26 -26.52 -27.80
C THR C 321 -6.70 -26.68 -27.32
N PRO C 322 -7.21 -27.90 -27.21
CA PRO C 322 -8.61 -28.08 -26.79
C PRO C 322 -8.78 -27.70 -25.32
N GLU C 323 -9.75 -26.85 -25.05
CA GLU C 323 -10.05 -26.43 -23.69
C GLU C 323 -10.93 -27.42 -22.94
N ALA C 324 -11.28 -28.55 -23.56
CA ALA C 324 -12.39 -29.38 -23.08
C ALA C 324 -11.94 -30.77 -22.67
N SER C 325 -11.65 -31.66 -23.61
CA SER C 325 -11.55 -33.08 -23.27
C SER C 325 -10.19 -33.67 -23.60
N PHE C 326 -10.16 -34.97 -23.90
CA PHE C 326 -8.94 -35.67 -24.29
C PHE C 326 -8.81 -35.79 -25.80
N LEU C 327 -9.14 -34.72 -26.52
CA LEU C 327 -9.07 -34.65 -27.98
C LEU C 327 -9.38 -33.21 -28.40
N GLY C 328 -8.70 -32.72 -29.42
CA GLY C 328 -7.70 -33.46 -30.18
C GLY C 328 -7.88 -33.30 -31.68
N TRP C 329 -8.24 -32.07 -32.11
CA TRP C 329 -8.66 -31.81 -33.48
C TRP C 329 -7.49 -31.21 -34.26
N ILE C 330 -6.90 -32.01 -35.15
CA ILE C 330 -5.68 -31.66 -35.86
C ILE C 330 -6.00 -31.41 -37.33
N ASP C 331 -5.50 -30.29 -37.87
CA ASP C 331 -5.62 -29.99 -39.29
C ASP C 331 -4.47 -30.67 -40.02
N ALA C 332 -4.80 -31.50 -41.00
CA ALA C 332 -3.80 -32.25 -41.77
C ALA C 332 -3.83 -31.89 -43.25
N SER C 333 -4.32 -30.69 -43.57
CA SER C 333 -4.33 -30.25 -44.96
C SER C 333 -2.94 -29.86 -45.46
N GLY C 334 -2.01 -29.59 -44.56
CA GLY C 334 -0.64 -29.25 -44.91
C GLY C 334 0.22 -30.40 -45.34
N LEU C 335 -0.34 -31.61 -45.44
CA LEU C 335 0.43 -32.76 -45.89
C LEU C 335 0.31 -33.02 -47.38
N GLY C 336 -0.77 -32.55 -48.01
CA GLY C 336 -1.00 -32.78 -49.42
C GLY C 336 -1.58 -34.14 -49.76
N VAL C 337 -1.62 -35.07 -48.81
CA VAL C 337 -2.16 -36.39 -49.09
C VAL C 337 -3.68 -36.31 -49.22
N ALA C 338 -4.24 -37.22 -50.03
CA ALA C 338 -5.66 -37.19 -50.31
C ALA C 338 -6.49 -37.55 -49.07
N ASP C 339 -6.10 -38.61 -48.37
CA ASP C 339 -6.82 -39.11 -47.20
C ASP C 339 -5.85 -39.09 -46.01
N PRO C 340 -5.84 -38.01 -45.22
CA PRO C 340 -4.89 -37.94 -44.10
C PRO C 340 -5.06 -39.05 -43.08
N ALA C 341 -6.28 -39.48 -42.81
CA ALA C 341 -6.50 -40.57 -41.87
C ALA C 341 -5.92 -41.87 -42.41
N LEU C 342 -6.10 -42.14 -43.70
CA LEU C 342 -5.51 -43.33 -44.31
C LEU C 342 -3.99 -43.25 -44.30
N PHE C 343 -3.43 -42.04 -44.39
CA PHE C 343 -1.98 -41.89 -44.35
C PHE C 343 -1.41 -42.28 -42.99
N PHE C 344 -1.99 -41.73 -41.91
CA PHE C 344 -1.49 -42.04 -40.58
C PHE C 344 -1.73 -43.49 -40.20
N GLU C 345 -2.76 -44.12 -40.77
CA GLU C 345 -2.97 -45.55 -40.55
C GLU C 345 -1.79 -46.35 -41.06
N LYS C 346 -1.37 -46.09 -42.29
CA LYS C 346 -0.25 -46.81 -42.88
C LYS C 346 1.09 -46.50 -42.22
N HIS C 347 1.10 -45.63 -41.20
CA HIS C 347 2.32 -45.33 -40.45
C HIS C 347 2.16 -45.64 -38.97
N GLY C 348 1.15 -46.41 -38.60
CA GLY C 348 1.01 -46.92 -37.25
C GLY C 348 0.11 -46.13 -36.32
N LEU C 349 -0.65 -45.17 -36.83
CA LEU C 349 -1.49 -44.32 -36.01
C LEU C 349 -2.94 -44.46 -36.45
N GLY C 350 -3.79 -44.93 -35.56
CA GLY C 350 -5.20 -45.08 -35.84
C GLY C 350 -6.03 -43.95 -35.25
N PHE C 351 -6.39 -42.98 -36.06
CA PHE C 351 -7.18 -41.84 -35.64
C PHE C 351 -8.59 -41.92 -36.20
N SER C 352 -9.48 -41.09 -35.65
CA SER C 352 -10.83 -40.96 -36.18
C SER C 352 -10.80 -40.04 -37.40
N SER C 353 -11.25 -40.56 -38.53
CA SER C 353 -11.25 -39.77 -39.76
C SER C 353 -12.25 -38.62 -39.64
N GLY C 354 -11.80 -37.41 -39.96
CA GLY C 354 -12.67 -36.25 -39.94
C GLY C 354 -13.69 -36.21 -41.05
N ARG C 355 -13.70 -37.20 -41.95
CA ARG C 355 -14.64 -37.20 -43.06
C ARG C 355 -16.08 -37.23 -42.57
N ASP C 356 -16.38 -38.10 -41.60
CA ASP C 356 -17.71 -38.17 -41.02
C ASP C 356 -17.92 -37.20 -39.87
N PHE C 357 -16.94 -36.33 -39.60
CA PHE C 357 -17.18 -35.18 -38.74
C PHE C 357 -17.64 -33.98 -39.54
N GLY C 358 -17.22 -33.85 -40.80
CA GLY C 358 -17.65 -32.77 -41.65
C GLY C 358 -16.51 -32.14 -42.43
N ASN C 359 -15.29 -32.60 -42.21
CA ASN C 359 -14.12 -32.04 -42.89
C ASN C 359 -13.12 -33.16 -43.13
N ASP C 360 -12.97 -33.55 -44.41
CA ASP C 360 -12.17 -34.72 -44.75
C ASP C 360 -10.69 -34.54 -44.41
N ARG C 361 -10.17 -33.33 -44.55
CA ARG C 361 -8.73 -33.10 -44.41
C ARG C 361 -8.28 -33.01 -42.95
N PHE C 362 -9.18 -33.17 -41.99
CA PHE C 362 -8.84 -33.11 -40.58
C PHE C 362 -8.70 -34.52 -40.01
N VAL C 363 -8.23 -34.57 -38.76
CA VAL C 363 -7.91 -35.83 -38.11
C VAL C 363 -7.94 -35.64 -36.61
N ARG C 364 -8.64 -36.53 -35.89
CA ARG C 364 -8.86 -36.38 -34.46
C ARG C 364 -7.90 -37.26 -33.67
N PHE C 365 -7.20 -36.66 -32.71
CA PHE C 365 -6.23 -37.35 -31.87
C PHE C 365 -6.83 -37.58 -30.49
N ASN C 366 -6.87 -38.84 -30.07
CA ASN C 366 -7.27 -39.20 -28.71
C ASN C 366 -6.03 -39.39 -27.87
N PHE C 367 -5.86 -38.54 -26.85
CA PHE C 367 -4.74 -38.66 -25.92
C PHE C 367 -5.19 -39.03 -24.52
N GLY C 368 -6.31 -39.74 -24.41
CA GLY C 368 -6.75 -40.28 -23.14
C GLY C 368 -6.08 -41.60 -22.85
N CYS C 369 -4.78 -41.56 -22.58
CA CYS C 369 -3.97 -42.76 -22.44
C CYS C 369 -2.79 -42.43 -21.53
N PRO C 370 -2.12 -43.44 -20.99
CA PRO C 370 -0.92 -43.16 -20.18
C PRO C 370 0.14 -42.43 -21.01
N ARG C 371 0.90 -41.57 -20.31
CA ARG C 371 1.85 -40.69 -20.99
C ARG C 371 2.93 -41.48 -21.74
N GLN C 372 3.28 -42.67 -21.25
CA GLN C 372 4.25 -43.49 -21.96
C GLN C 372 3.75 -43.87 -23.35
N LEU C 373 2.45 -44.13 -23.48
CA LEU C 373 1.88 -44.46 -24.77
C LEU C 373 1.74 -43.22 -25.65
N LEU C 374 1.39 -42.08 -25.05
CA LEU C 374 1.29 -40.84 -25.81
C LEU C 374 2.63 -40.45 -26.41
N GLU C 375 3.71 -40.65 -25.67
CA GLU C 375 5.04 -40.30 -26.18
C GLU C 375 5.40 -41.16 -27.39
N GLU C 376 5.01 -42.44 -27.37
CA GLU C 376 5.25 -43.30 -28.53
C GLU C 376 4.44 -42.82 -29.74
N ALA C 377 3.17 -42.49 -29.53
CA ALA C 377 2.34 -42.01 -30.63
C ALA C 377 2.87 -40.70 -31.20
N LEU C 378 3.42 -39.84 -30.33
CA LEU C 378 4.05 -38.61 -30.81
C LEU C 378 5.29 -38.91 -31.65
N GLN C 379 6.05 -39.95 -31.27
CA GLN C 379 7.24 -40.31 -32.03
C GLN C 379 6.86 -40.86 -33.40
N ARG C 380 5.74 -41.60 -33.48
CA ARG C 380 5.30 -42.08 -34.78
C ARG C 380 4.85 -40.94 -35.69
N MET C 381 4.39 -39.83 -35.11
CA MET C 381 4.06 -38.66 -35.91
C MET C 381 5.32 -38.05 -36.52
N THR C 382 6.40 -37.96 -35.74
CA THR C 382 7.66 -37.43 -36.25
C THR C 382 8.27 -38.38 -37.28
N ARG C 383 8.17 -39.69 -37.04
CA ARG C 383 8.68 -40.66 -37.99
C ARG C 383 7.95 -40.61 -39.32
N ALA C 384 6.66 -40.26 -39.30
CA ALA C 384 5.86 -40.23 -40.50
C ALA C 384 6.03 -38.96 -41.32
N LEU C 385 6.54 -37.88 -40.71
CA LEU C 385 6.69 -36.62 -41.40
C LEU C 385 8.15 -36.20 -41.57
N THR C 386 9.09 -37.09 -41.28
CA THR C 386 10.50 -36.84 -41.60
C THR C 386 10.86 -37.43 -42.95
N SER C 387 10.63 -38.73 -43.12
CA SER C 387 10.76 -39.36 -44.42
C SER C 387 9.56 -39.01 -45.30
N GLY C 388 9.56 -39.50 -46.53
CA GLY C 388 8.56 -39.08 -47.49
C GLY C 388 7.25 -39.84 -47.36
N TYR C 389 6.14 -39.12 -47.55
CA TYR C 389 6.10 -37.66 -47.71
C TYR C 389 4.74 -37.12 -47.29
N ASN D 12 -19.56 -23.54 58.53
CA ASN D 12 -18.49 -24.33 57.92
C ASN D 12 -17.46 -24.76 58.96
N PHE D 13 -17.43 -26.05 59.27
CA PHE D 13 -16.40 -26.60 60.17
C PHE D 13 -16.17 -28.06 59.75
N ASP D 14 -15.17 -28.25 58.89
CA ASP D 14 -14.80 -29.58 58.40
C ASP D 14 -14.07 -30.37 59.47
N GLN D 15 -14.65 -30.47 60.67
CA GLN D 15 -13.99 -31.14 61.78
C GLN D 15 -14.85 -32.21 62.45
N ARG D 16 -16.17 -32.18 62.31
CA ARG D 16 -17.01 -33.20 62.90
C ARG D 16 -16.78 -34.54 62.20
N ILE D 17 -16.54 -35.57 62.98
CA ILE D 17 -16.26 -36.90 62.45
C ILE D 17 -17.57 -37.66 62.29
N ASP D 18 -17.66 -38.47 61.24
CA ASP D 18 -18.87 -39.21 60.92
C ASP D 18 -18.54 -40.70 60.86
N ARG D 19 -19.53 -41.52 61.25
CA ARG D 19 -19.38 -42.96 61.27
C ARG D 19 -19.94 -43.57 59.99
N ARG D 20 -19.20 -44.52 59.42
CA ARG D 20 -19.60 -45.22 58.20
C ARG D 20 -19.20 -46.69 58.34
N HIS D 21 -20.15 -47.60 58.59
CA HIS D 21 -21.63 -47.42 58.71
C HIS D 21 -22.30 -46.66 57.56
N SER D 22 -21.93 -47.00 56.34
CA SER D 22 -22.54 -46.46 55.13
C SER D 22 -22.04 -47.31 53.97
N ASP D 23 -22.35 -46.89 52.74
CA ASP D 23 -21.84 -47.57 51.57
C ASP D 23 -20.34 -47.41 51.39
N SER D 24 -19.71 -46.54 52.20
CA SER D 24 -18.32 -46.12 52.03
C SER D 24 -17.36 -47.29 51.83
N LEU D 25 -16.83 -47.42 50.61
CA LEU D 25 -15.78 -48.41 50.36
C LEU D 25 -14.52 -48.08 51.16
N LYS D 26 -14.27 -46.80 51.43
CA LYS D 26 -13.08 -46.39 52.17
C LYS D 26 -13.05 -47.04 53.56
N TRP D 27 -14.15 -46.95 54.29
CA TRP D 27 -14.24 -47.51 55.63
C TRP D 27 -14.71 -48.96 55.65
N LYS D 28 -14.89 -49.58 54.47
CA LYS D 28 -15.31 -50.98 54.40
C LYS D 28 -14.14 -51.95 54.24
N LYS D 29 -13.01 -51.49 53.70
CA LYS D 29 -11.89 -52.39 53.42
C LYS D 29 -11.23 -52.87 54.70
N TYR D 30 -10.99 -51.97 55.65
CA TYR D 30 -10.35 -52.30 56.92
C TYR D 30 -11.34 -52.29 58.07
N ALA D 31 -12.61 -52.60 57.80
CA ALA D 31 -13.64 -52.49 58.82
C ALA D 31 -13.40 -53.47 59.96
N ASP D 32 -13.01 -54.70 59.65
CA ASP D 32 -12.86 -55.73 60.65
C ASP D 32 -11.51 -55.69 61.37
N ARG D 33 -10.64 -54.73 61.05
CA ARG D 33 -9.34 -54.63 61.68
C ARG D 33 -9.11 -53.22 62.20
N ASP D 34 -8.13 -53.08 63.09
CA ASP D 34 -7.77 -51.78 63.66
C ASP D 34 -6.75 -51.09 62.76
N ILE D 35 -7.22 -50.72 61.57
CA ILE D 35 -6.41 -50.07 60.56
C ILE D 35 -7.11 -48.80 60.11
N LEU D 36 -6.41 -47.68 60.14
CA LEU D 36 -7.01 -46.40 59.79
C LEU D 36 -7.19 -46.30 58.27
N PRO D 37 -8.40 -46.06 57.77
CA PRO D 37 -8.60 -45.98 56.32
C PRO D 37 -8.06 -44.68 55.74
N LEU D 38 -6.95 -44.75 55.00
CA LEU D 38 -6.32 -43.58 54.41
C LEU D 38 -5.85 -43.89 53.00
N TRP D 39 -6.65 -44.65 52.24
CA TRP D 39 -6.23 -45.18 50.96
C TRP D 39 -6.98 -44.53 49.80
N ILE D 40 -8.26 -44.86 49.58
CA ILE D 40 -8.96 -44.37 48.41
C ILE D 40 -9.18 -42.86 48.52
N ALA D 41 -9.32 -42.21 47.36
CA ALA D 41 -9.25 -40.75 47.27
C ALA D 41 -10.66 -40.15 47.35
N ASP D 42 -11.19 -40.15 48.57
CA ASP D 42 -12.37 -39.35 48.88
C ASP D 42 -12.25 -38.88 50.33
N THR D 43 -12.78 -37.69 50.59
CA THR D 43 -12.67 -37.11 51.92
C THR D 43 -13.75 -37.69 52.84
N ASP D 44 -13.50 -37.56 54.14
CA ASP D 44 -14.45 -37.98 55.16
C ASP D 44 -15.39 -36.85 55.58
N PHE D 45 -15.61 -35.87 54.71
CA PHE D 45 -16.37 -34.67 55.05
C PHE D 45 -17.82 -34.80 54.59
N ARG D 46 -18.71 -34.19 55.36
CA ARG D 46 -20.10 -34.07 54.95
C ARG D 46 -20.22 -33.10 53.79
N ALA D 47 -21.05 -33.46 52.81
CA ALA D 47 -21.24 -32.62 51.64
C ALA D 47 -21.80 -31.26 52.05
N ALA D 48 -21.57 -30.26 51.19
CA ALA D 48 -22.04 -28.91 51.46
C ALA D 48 -23.56 -28.90 51.62
N ASP D 49 -24.03 -27.94 52.44
CA ASP D 49 -25.47 -27.88 52.73
C ASP D 49 -26.29 -27.52 51.49
N CYS D 50 -25.69 -26.81 50.53
CA CYS D 50 -26.41 -26.52 49.30
C CYS D 50 -26.56 -27.76 48.41
N ILE D 51 -25.68 -28.74 48.56
CA ILE D 51 -25.80 -29.97 47.79
C ILE D 51 -26.87 -30.89 48.38
N ILE D 52 -26.87 -31.03 49.71
CA ILE D 52 -27.84 -31.92 50.35
C ILE D 52 -29.25 -31.38 50.20
N ASP D 53 -29.42 -30.06 50.34
CA ASP D 53 -30.75 -29.48 50.26
C ASP D 53 -31.30 -29.53 48.83
N ALA D 54 -30.42 -29.36 47.83
CA ALA D 54 -30.87 -29.48 46.45
C ALA D 54 -31.26 -30.92 46.12
N LEU D 55 -30.53 -31.90 46.66
CA LEU D 55 -30.93 -33.29 46.50
C LEU D 55 -32.27 -33.56 47.17
N GLN D 56 -32.48 -32.99 48.35
CA GLN D 56 -33.72 -33.22 49.08
C GLN D 56 -34.92 -32.65 48.34
N GLN D 57 -34.74 -31.56 47.59
CA GLN D 57 -35.84 -30.99 46.83
C GLN D 57 -36.19 -31.85 45.62
N ARG D 58 -35.18 -32.41 44.96
CA ARG D 58 -35.43 -33.25 43.80
C ARG D 58 -36.06 -34.58 44.21
N VAL D 59 -35.62 -35.14 45.34
CA VAL D 59 -36.23 -36.37 45.85
C VAL D 59 -37.67 -36.12 46.29
N GLN D 60 -37.95 -34.92 46.81
CA GLN D 60 -39.30 -34.61 47.29
C GLN D 60 -40.29 -34.48 46.15
N GLN D 61 -39.83 -34.17 44.92
CA GLN D 61 -40.74 -34.12 43.78
C GLN D 61 -41.37 -35.48 43.52
N GLY D 62 -40.67 -36.57 43.84
CA GLY D 62 -41.25 -37.88 43.86
C GLY D 62 -41.09 -38.70 42.60
N VAL D 63 -41.04 -38.05 41.44
CA VAL D 63 -40.97 -38.74 40.15
C VAL D 63 -39.52 -38.80 39.70
N PHE D 64 -39.06 -39.99 39.32
CA PHE D 64 -37.69 -40.22 38.90
C PHE D 64 -37.66 -40.94 37.56
N GLY D 65 -38.37 -40.39 36.58
CA GLY D 65 -38.35 -40.91 35.23
C GLY D 65 -37.10 -40.51 34.48
N TYR D 66 -37.12 -40.76 33.17
CA TYR D 66 -35.99 -40.43 32.34
C TYR D 66 -35.75 -38.93 32.33
N GLY D 67 -34.50 -38.53 32.57
CA GLY D 67 -34.13 -37.14 32.64
C GLY D 67 -33.52 -36.64 31.33
N VAL D 68 -33.26 -35.33 31.30
CA VAL D 68 -32.61 -34.68 30.18
C VAL D 68 -31.34 -34.02 30.69
N THR D 69 -30.40 -33.77 29.77
CA THR D 69 -29.17 -33.06 30.08
C THR D 69 -29.48 -31.73 30.75
N SER D 70 -29.11 -31.58 32.01
CA SER D 70 -29.46 -30.37 32.76
C SER D 70 -28.70 -29.17 32.21
N GLU D 71 -29.43 -28.15 31.79
CA GLU D 71 -28.80 -26.92 31.32
C GLU D 71 -28.18 -26.13 32.45
N ALA D 72 -28.66 -26.29 33.68
CA ALA D 72 -28.08 -25.56 34.80
C ALA D 72 -26.63 -25.95 35.02
N LEU D 73 -26.33 -27.25 34.98
CA LEU D 73 -24.95 -27.70 35.15
C LEU D 73 -24.07 -27.21 34.00
N ALA D 74 -24.62 -27.18 32.79
CA ALA D 74 -23.84 -26.71 31.64
C ALA D 74 -23.55 -25.22 31.74
N GLU D 75 -24.55 -24.42 32.12
CA GLU D 75 -24.35 -22.98 32.21
C GLU D 75 -23.35 -22.60 33.30
N VAL D 76 -23.49 -23.21 34.48
CA VAL D 76 -22.56 -22.91 35.57
C VAL D 76 -21.17 -23.45 35.27
N ALA D 77 -21.06 -24.47 34.42
CA ALA D 77 -19.74 -24.95 34.01
C ALA D 77 -19.05 -23.93 33.12
N ILE D 78 -19.79 -23.29 32.21
CA ILE D 78 -19.22 -22.25 31.37
C ILE D 78 -18.83 -21.04 32.20
N GLU D 79 -19.69 -20.64 33.14
CA GLU D 79 -19.37 -19.52 34.01
C GLU D 79 -18.15 -19.80 34.86
N ARG D 80 -17.95 -21.06 35.25
CA ARG D 80 -16.84 -21.40 36.13
C ARG D 80 -15.51 -21.44 35.38
N MET D 81 -15.49 -21.99 34.17
CA MET D 81 -14.24 -22.09 33.42
C MET D 81 -13.67 -20.74 33.02
N GLU D 82 -14.53 -19.72 32.91
CA GLU D 82 -14.06 -18.38 32.55
C GLU D 82 -13.66 -17.55 33.76
N SER D 83 -14.42 -17.66 34.85
CA SER D 83 -14.22 -16.78 35.99
C SER D 83 -12.88 -17.03 36.67
N ARG D 84 -12.54 -18.31 36.91
CA ARG D 84 -11.36 -18.65 37.69
C ARG D 84 -10.21 -19.21 36.86
N PHE D 85 -10.47 -19.70 35.65
CA PHE D 85 -9.41 -20.25 34.81
C PHE D 85 -9.11 -19.41 33.57
N GLY D 86 -10.03 -18.53 33.17
CA GLY D 86 -9.82 -17.73 31.98
C GLY D 86 -9.96 -18.52 30.69
N TRP D 87 -10.89 -19.46 30.64
CA TRP D 87 -11.08 -20.34 29.50
C TRP D 87 -12.49 -20.17 28.96
N LYS D 88 -12.60 -19.70 27.73
CA LYS D 88 -13.89 -19.45 27.10
C LYS D 88 -14.45 -20.77 26.58
N ILE D 89 -15.63 -21.15 27.07
CA ILE D 89 -16.23 -22.44 26.77
C ILE D 89 -17.52 -22.24 26.00
N GLN D 90 -17.74 -23.08 24.94
CA GLN D 90 -18.96 -23.13 24.17
C GLN D 90 -19.84 -24.30 24.63
N PRO D 91 -21.17 -24.14 24.59
CA PRO D 91 -22.04 -25.19 25.13
C PRO D 91 -21.98 -26.49 24.36
N GLU D 92 -21.81 -26.45 23.03
CA GLU D 92 -21.80 -27.68 22.25
C GLU D 92 -20.57 -28.55 22.51
N TRP D 93 -19.53 -28.00 23.14
CA TRP D 93 -18.37 -28.79 23.48
C TRP D 93 -18.63 -29.74 24.64
N LEU D 94 -19.62 -29.44 25.49
CA LEU D 94 -19.81 -30.19 26.73
C LEU D 94 -20.41 -31.57 26.45
N VAL D 95 -19.81 -32.59 27.03
CA VAL D 95 -20.34 -33.95 27.02
C VAL D 95 -20.33 -34.46 28.45
N PHE D 96 -21.50 -34.77 29.00
CA PHE D 96 -21.62 -35.19 30.38
C PHE D 96 -21.52 -36.71 30.48
N LEU D 97 -20.70 -37.18 31.41
CA LEU D 97 -20.43 -38.60 31.60
C LEU D 97 -20.63 -38.98 33.05
N PRO D 98 -21.08 -40.20 33.31
CA PRO D 98 -21.13 -40.71 34.70
C PRO D 98 -19.77 -41.16 35.18
N GLY D 99 -18.97 -40.21 35.66
CA GLY D 99 -17.66 -40.49 36.17
C GLY D 99 -16.56 -40.05 35.21
N VAL D 100 -15.37 -39.87 35.75
CA VAL D 100 -14.21 -39.45 34.94
C VAL D 100 -13.47 -40.66 34.37
N VAL D 101 -13.40 -41.77 35.12
CA VAL D 101 -12.79 -42.98 34.61
C VAL D 101 -13.43 -43.41 33.30
N THR D 102 -14.72 -43.13 33.14
CA THR D 102 -15.39 -43.46 31.88
C THR D 102 -14.79 -42.68 30.71
N GLY D 103 -14.53 -41.38 30.92
CA GLY D 103 -13.98 -40.57 29.85
C GLY D 103 -12.59 -41.02 29.41
N ILE D 104 -11.81 -41.56 30.34
CA ILE D 104 -10.47 -42.04 29.99
C ILE D 104 -10.56 -43.25 29.08
N ASN D 105 -11.43 -44.21 29.41
CA ASN D 105 -11.55 -45.42 28.61
C ASN D 105 -12.12 -45.11 27.23
N ILE D 106 -13.11 -44.22 27.15
CA ILE D 106 -13.69 -43.88 25.85
C ILE D 106 -12.65 -43.19 24.97
N ALA D 107 -11.87 -42.29 25.54
CA ALA D 107 -10.87 -41.58 24.76
C ALA D 107 -9.78 -42.51 24.23
N VAL D 108 -9.43 -43.55 25.00
CA VAL D 108 -8.40 -44.48 24.57
C VAL D 108 -8.87 -45.27 23.35
N ARG D 109 -10.13 -45.69 23.35
CA ARG D 109 -10.66 -46.58 22.32
C ARG D 109 -11.24 -45.82 21.13
N ALA D 110 -11.43 -44.51 21.24
CA ALA D 110 -11.95 -43.71 20.13
C ALA D 110 -10.91 -42.87 19.43
N PHE D 111 -9.75 -42.65 20.05
CA PHE D 111 -8.71 -41.81 19.48
C PHE D 111 -7.45 -42.58 19.08
N THR D 112 -7.35 -43.86 19.42
CA THR D 112 -6.26 -44.72 18.97
C THR D 112 -6.83 -46.03 18.46
N GLU D 113 -6.19 -46.57 17.43
CA GLU D 113 -6.58 -47.85 16.86
C GLU D 113 -5.77 -48.97 17.49
N ALA D 114 -5.98 -50.19 17.01
CA ALA D 114 -5.33 -51.35 17.62
C ALA D 114 -3.81 -51.28 17.50
N HIS D 115 -3.31 -50.62 16.46
CA HIS D 115 -1.88 -50.57 16.19
C HIS D 115 -1.22 -49.28 16.68
N GLN D 116 -1.93 -48.46 17.44
CA GLN D 116 -1.41 -47.20 17.95
C GLN D 116 -1.21 -47.28 19.46
N SER D 117 -0.35 -46.41 19.96
CA SER D 117 0.09 -46.43 21.36
C SER D 117 -0.41 -45.20 22.10
N THR D 118 -0.22 -45.22 23.42
CA THR D 118 -0.52 -44.09 24.29
C THR D 118 0.72 -43.74 25.09
N VAL D 119 0.77 -42.48 25.54
CA VAL D 119 1.90 -41.97 26.32
C VAL D 119 1.36 -41.36 27.60
N SER D 120 2.06 -41.60 28.71
CA SER D 120 1.67 -41.06 30.01
C SER D 120 2.89 -41.04 30.91
N ALA D 121 2.75 -40.34 32.03
CA ALA D 121 3.79 -40.30 33.04
C ALA D 121 3.63 -41.47 34.01
N THR D 122 4.62 -41.62 34.89
CA THR D 122 4.57 -42.63 35.93
C THR D 122 5.43 -42.16 37.09
N PRO D 123 4.96 -42.29 38.35
CA PRO D 123 3.68 -42.87 38.76
C PRO D 123 2.48 -42.04 38.33
N ILE D 124 1.33 -42.69 38.16
CA ILE D 124 0.14 -42.06 37.60
C ILE D 124 -1.09 -42.77 38.11
N TYR D 125 -2.23 -42.08 38.06
CA TYR D 125 -3.53 -42.69 38.32
C TYR D 125 -3.65 -43.99 37.53
N PRO D 126 -3.96 -45.11 38.19
CA PRO D 126 -3.84 -46.43 37.54
C PRO D 126 -4.60 -46.54 36.23
N PRO D 127 -5.83 -46.01 36.12
CA PRO D 127 -6.54 -46.12 34.82
C PRO D 127 -5.80 -45.50 33.64
N PHE D 128 -4.74 -44.72 33.87
CA PHE D 128 -4.00 -44.15 32.75
C PHE D 128 -3.24 -45.21 31.95
N PHE D 129 -2.74 -46.25 32.62
CA PHE D 129 -2.08 -47.35 31.94
C PHE D 129 -2.89 -48.63 31.95
N LEU D 130 -4.04 -48.65 32.63
CA LEU D 130 -4.91 -49.82 32.63
C LEU D 130 -5.98 -49.75 31.55
N ALA D 131 -6.40 -48.55 31.15
CA ALA D 131 -7.34 -48.39 30.06
C ALA D 131 -6.70 -48.77 28.72
N PRO D 132 -5.46 -48.37 28.44
CA PRO D 132 -4.77 -48.92 27.26
C PRO D 132 -4.50 -50.41 27.37
N LYS D 133 -4.41 -50.95 28.59
CA LYS D 133 -4.17 -52.39 28.74
C LYS D 133 -5.40 -53.19 28.32
N LEU D 134 -6.58 -52.79 28.80
CA LEU D 134 -7.80 -53.53 28.48
C LEU D 134 -8.16 -53.39 27.01
N ALA D 135 -7.95 -52.20 26.44
CA ALA D 135 -8.25 -51.98 25.03
C ALA D 135 -7.26 -52.65 24.10
N GLY D 136 -6.15 -53.17 24.62
CA GLY D 136 -5.15 -53.80 23.79
C GLY D 136 -4.20 -52.84 23.11
N ARG D 137 -3.90 -51.70 23.74
CA ARG D 137 -3.04 -50.68 23.16
C ARG D 137 -1.73 -50.63 23.93
N GLN D 138 -0.62 -50.58 23.20
CA GLN D 138 0.69 -50.42 23.81
C GLN D 138 0.76 -49.09 24.57
N HIS D 139 1.43 -49.10 25.72
CA HIS D 139 1.55 -47.92 26.57
C HIS D 139 3.01 -47.58 26.78
N LEU D 140 3.35 -46.30 26.66
CA LEU D 140 4.69 -45.79 26.90
C LEU D 140 4.65 -44.85 28.09
N SER D 141 5.49 -45.13 29.08
CA SER D 141 5.50 -44.38 30.33
C SER D 141 6.77 -43.55 30.44
N ALA D 142 6.61 -42.27 30.78
CA ALA D 142 7.73 -41.36 31.00
C ALA D 142 7.86 -41.13 32.50
N ALA D 143 8.98 -41.59 33.07
CA ALA D 143 9.15 -41.56 34.51
C ALA D 143 9.31 -40.13 35.02
N LEU D 144 8.55 -39.78 36.05
CA LEU D 144 8.72 -38.49 36.70
C LEU D 144 10.05 -38.44 37.44
N ARG D 145 10.68 -37.28 37.44
CA ARG D 145 11.91 -37.06 38.19
C ARG D 145 11.73 -35.89 39.15
N LEU D 146 12.58 -35.84 40.15
CA LEU D 146 12.49 -34.84 41.20
C LEU D 146 13.34 -33.62 40.84
N GLU D 147 12.77 -32.43 40.99
CA GLU D 147 13.49 -31.19 40.73
C GLU D 147 12.95 -30.11 41.67
N GLN D 148 13.79 -29.66 42.59
CA GLN D 148 13.41 -28.67 43.60
C GLN D 148 12.16 -29.09 44.37
N GLN D 149 12.19 -30.33 44.86
CA GLN D 149 11.14 -30.87 45.73
C GLN D 149 9.77 -30.81 45.04
N ARG D 150 9.71 -31.37 43.84
CA ARG D 150 8.50 -31.31 43.01
C ARG D 150 8.67 -32.23 41.80
N TRP D 151 7.69 -33.09 41.55
CA TRP D 151 7.77 -34.06 40.47
C TRP D 151 7.47 -33.39 39.15
N VAL D 152 8.47 -33.36 38.26
CA VAL D 152 8.33 -32.73 36.95
C VAL D 152 8.25 -33.82 35.89
N LEU D 153 7.67 -33.45 34.74
CA LEU D 153 7.45 -34.37 33.63
C LEU D 153 8.26 -33.86 32.43
N ASP D 154 9.27 -34.62 32.03
CA ASP D 154 10.12 -34.30 30.88
C ASP D 154 9.79 -35.30 29.78
N LEU D 155 8.74 -34.99 29.01
CA LEU D 155 8.38 -35.82 27.87
C LEU D 155 9.41 -35.75 26.75
N ASP D 156 10.18 -34.67 26.67
CA ASP D 156 11.17 -34.53 25.60
C ASP D 156 12.33 -35.48 25.78
N SER D 157 12.72 -35.76 27.02
CA SER D 157 13.86 -36.65 27.27
C SER D 157 13.55 -38.11 26.98
N HIS D 158 12.28 -38.46 26.73
CA HIS D 158 11.88 -39.83 26.48
C HIS D 158 11.57 -40.10 25.00
N GLU D 159 11.86 -39.14 24.12
CA GLU D 159 11.70 -39.38 22.69
C GLU D 159 12.65 -40.45 22.19
N ASP D 160 13.73 -40.72 22.94
CA ASP D 160 14.65 -41.79 22.58
C ASP D 160 13.98 -43.16 22.62
N ARG D 161 12.89 -43.30 23.35
CA ARG D 161 12.23 -44.59 23.53
C ARG D 161 10.93 -44.73 22.74
N MET D 162 10.52 -43.69 22.01
CA MET D 162 9.27 -43.75 21.27
C MET D 162 9.41 -44.62 20.03
N SER D 163 8.32 -45.29 19.67
CA SER D 163 8.33 -46.21 18.54
C SER D 163 7.85 -45.56 17.25
N GLY D 164 6.92 -44.62 17.33
CA GLY D 164 6.39 -43.95 16.15
C GLY D 164 4.92 -44.18 15.89
N ASN D 165 4.22 -44.95 16.72
CA ASN D 165 2.80 -45.21 16.53
C ASN D 165 1.95 -44.55 17.62
N GLU D 166 2.55 -43.70 18.45
CA GLU D 166 1.82 -43.04 19.52
C GLU D 166 0.83 -42.03 18.95
N LYS D 167 -0.33 -41.94 19.56
CA LYS D 167 -1.37 -41.00 19.12
C LYS D 167 -2.11 -40.31 20.25
N LEU D 168 -2.24 -40.90 21.43
CA LEU D 168 -2.99 -40.31 22.53
C LEU D 168 -2.04 -40.06 23.71
N LEU D 169 -1.86 -38.79 24.04
CA LEU D 169 -1.07 -38.38 25.19
C LEU D 169 -2.02 -38.15 26.37
N LEU D 170 -1.78 -38.85 27.47
CA LEU D 170 -2.63 -38.78 28.65
C LEU D 170 -1.97 -37.88 29.69
N LEU D 171 -2.57 -36.72 29.95
CA LEU D 171 -2.06 -35.75 30.90
C LEU D 171 -2.92 -35.72 32.14
N CYS D 172 -2.30 -35.41 33.28
CA CYS D 172 -2.98 -35.35 34.57
C CYS D 172 -2.51 -34.07 35.27
N ASN D 173 -3.36 -33.04 35.24
CA ASN D 173 -3.03 -31.75 35.84
C ASN D 173 -4.21 -31.27 36.67
N PRO D 174 -4.09 -31.18 38.00
CA PRO D 174 -2.90 -31.55 38.78
C PRO D 174 -2.64 -33.05 38.81
N HIS D 175 -1.39 -33.42 39.11
CA HIS D 175 -0.98 -34.81 38.99
C HIS D 175 -1.47 -35.65 40.15
N ASN D 176 -1.83 -36.90 39.84
CA ASN D 176 -2.23 -37.88 40.84
C ASN D 176 -1.36 -39.11 40.61
N PRO D 177 -0.61 -39.59 41.61
CA PRO D 177 -0.58 -39.20 43.02
C PRO D 177 0.41 -38.10 43.39
N GLY D 178 0.95 -37.40 42.39
CA GLY D 178 1.96 -36.39 42.69
C GLY D 178 1.41 -35.20 43.45
N GLY D 179 0.28 -34.66 42.99
CA GLY D 179 -0.19 -33.38 43.49
C GLY D 179 0.48 -32.19 42.85
N THR D 180 1.21 -32.39 41.75
CA THR D 180 1.95 -31.32 41.11
C THR D 180 1.03 -30.46 40.25
N VAL D 181 1.08 -29.15 40.46
CA VAL D 181 0.33 -28.20 39.65
C VAL D 181 1.27 -27.67 38.58
N TYR D 182 1.03 -28.06 37.33
CA TYR D 182 1.92 -27.67 36.24
C TYR D 182 1.75 -26.19 35.91
N ARG D 183 2.89 -25.50 35.76
CA ARG D 183 2.88 -24.08 35.46
C ARG D 183 2.68 -23.87 33.96
N ARG D 184 2.76 -22.60 33.53
CA ARG D 184 2.52 -22.27 32.13
C ARG D 184 3.65 -22.79 31.24
N LYS D 185 4.89 -22.54 31.64
CA LYS D 185 6.02 -22.91 30.79
C LYS D 185 6.13 -24.42 30.62
N GLU D 186 5.64 -25.19 31.59
CA GLU D 186 5.71 -26.64 31.50
C GLU D 186 4.62 -27.19 30.60
N LEU D 187 3.42 -26.58 30.63
CA LEU D 187 2.33 -27.06 29.79
C LEU D 187 2.58 -26.77 28.32
N GLU D 188 3.27 -25.66 28.02
CA GLU D 188 3.62 -25.37 26.62
C GLU D 188 4.64 -26.36 26.10
N ALA D 189 5.59 -26.78 26.94
CA ALA D 189 6.55 -27.80 26.55
C ALA D 189 5.84 -29.12 26.29
N GLN D 190 4.81 -29.43 27.08
CA GLN D 190 4.01 -30.62 26.81
C GLN D 190 3.15 -30.45 25.57
N LEU D 191 2.67 -29.24 25.31
CA LEU D 191 1.94 -28.98 24.08
C LEU D 191 2.85 -29.09 22.87
N ARG D 192 4.06 -28.54 22.96
CA ARG D 192 5.02 -28.67 21.88
C ARG D 192 5.40 -30.13 21.65
N PHE D 193 5.44 -30.93 22.72
CA PHE D 193 5.69 -32.36 22.55
C PHE D 193 4.52 -33.04 21.84
N ALA D 194 3.29 -32.64 22.16
CA ALA D 194 2.13 -33.22 21.49
C ALA D 194 2.07 -32.79 20.03
N GLN D 195 2.37 -31.52 19.75
CA GLN D 195 2.38 -31.04 18.37
C GLN D 195 3.48 -31.72 17.55
N ARG D 196 4.63 -31.97 18.18
CA ARG D 196 5.77 -32.53 17.46
C ARG D 196 5.50 -33.96 16.99
N HIS D 197 4.75 -34.73 17.77
CA HIS D 197 4.44 -36.12 17.42
C HIS D 197 3.00 -36.30 16.97
N ASP D 198 2.27 -35.20 16.73
CA ASP D 198 0.88 -35.24 16.28
C ASP D 198 0.03 -36.13 17.17
N LEU D 199 0.07 -35.85 18.47
CA LEU D 199 -0.65 -36.63 19.46
C LEU D 199 -1.95 -35.93 19.84
N LEU D 200 -2.96 -36.73 20.17
CA LEU D 200 -4.16 -36.22 20.80
C LEU D 200 -3.97 -36.26 22.31
N VAL D 201 -4.55 -35.26 22.99
CA VAL D 201 -4.32 -35.06 24.42
C VAL D 201 -5.61 -35.32 25.18
N CYS D 202 -5.50 -36.05 26.29
CA CYS D 202 -6.61 -36.28 27.21
C CYS D 202 -6.16 -35.78 28.57
N SER D 203 -6.44 -34.51 28.85
CA SER D 203 -6.01 -33.87 30.10
C SER D 203 -7.05 -34.15 31.17
N ASP D 204 -6.67 -34.94 32.17
CA ASP D 204 -7.53 -35.21 33.32
C ASP D 204 -7.29 -34.12 34.37
N GLU D 205 -8.30 -33.28 34.58
CA GLU D 205 -8.16 -32.15 35.49
C GLU D 205 -9.24 -32.20 36.57
N ILE D 206 -9.36 -33.33 37.25
CA ILE D 206 -10.39 -33.50 38.26
C ILE D 206 -10.01 -32.84 39.59
N HIS D 207 -8.72 -32.54 39.81
CA HIS D 207 -8.26 -31.92 41.03
C HIS D 207 -8.05 -30.41 40.87
N CYS D 208 -8.59 -29.81 39.80
CA CYS D 208 -8.26 -28.42 39.49
C CYS D 208 -8.84 -27.45 40.51
N ASP D 209 -9.99 -27.78 41.11
CA ASP D 209 -10.58 -26.91 42.12
C ASP D 209 -9.87 -26.98 43.46
N LEU D 210 -8.88 -27.86 43.60
CA LEU D 210 -8.23 -28.13 44.88
C LEU D 210 -6.83 -27.54 44.98
N VAL D 211 -6.48 -26.61 44.10
CA VAL D 211 -5.14 -26.01 44.15
C VAL D 211 -4.96 -25.26 45.46
N LEU D 212 -3.89 -25.58 46.18
CA LEU D 212 -3.63 -25.01 47.50
C LEU D 212 -2.55 -23.95 47.51
N GLU D 213 -1.77 -23.81 46.44
CA GLU D 213 -0.64 -22.90 46.45
C GLU D 213 -1.12 -21.47 46.21
N PRO D 214 -0.66 -20.50 46.99
CA PRO D 214 -1.16 -19.12 46.82
C PRO D 214 -0.60 -18.48 45.56
N GLY D 215 -1.45 -17.73 44.87
CA GLY D 215 -1.06 -17.01 43.68
C GLY D 215 -0.91 -17.86 42.43
N VAL D 216 -1.13 -19.17 42.52
CA VAL D 216 -0.95 -20.08 41.40
C VAL D 216 -2.32 -20.55 40.95
N GLN D 217 -2.64 -20.32 39.68
CA GLN D 217 -3.90 -20.71 39.09
C GLN D 217 -3.72 -21.95 38.23
N HIS D 218 -4.69 -22.85 38.28
CA HIS D 218 -4.70 -23.99 37.38
C HIS D 218 -4.93 -23.53 35.95
N ILE D 219 -4.14 -24.04 35.02
CA ILE D 219 -4.21 -23.67 33.62
C ILE D 219 -4.75 -24.87 32.84
N PRO D 220 -5.97 -24.81 32.31
CA PRO D 220 -6.45 -25.90 31.45
C PRO D 220 -5.57 -26.04 30.22
N PHE D 221 -5.33 -27.29 29.81
CA PHE D 221 -4.47 -27.55 28.67
C PHE D 221 -5.03 -26.94 27.40
N ALA D 222 -6.33 -27.06 27.18
CA ALA D 222 -6.95 -26.53 25.97
C ALA D 222 -7.08 -25.02 25.97
N SER D 223 -6.64 -24.34 27.02
CA SER D 223 -6.65 -22.88 27.08
C SER D 223 -5.34 -22.27 26.60
N LEU D 224 -4.35 -23.09 26.26
CA LEU D 224 -3.06 -22.56 25.81
C LEU D 224 -3.19 -21.92 24.43
N SER D 225 -3.91 -22.57 23.52
CA SER D 225 -4.05 -22.08 22.16
C SER D 225 -5.24 -22.79 21.51
N ASP D 226 -5.62 -22.31 20.33
CA ASP D 226 -6.65 -22.99 19.56
C ASP D 226 -6.15 -24.34 19.05
N ASP D 227 -4.84 -24.49 18.89
CA ASP D 227 -4.28 -25.78 18.50
C ASP D 227 -4.49 -26.80 19.62
N ALA D 228 -4.23 -26.40 20.87
CA ALA D 228 -4.43 -27.32 21.99
C ALA D 228 -5.91 -27.70 22.15
N ALA D 229 -6.80 -26.74 21.90
CA ALA D 229 -8.23 -27.02 22.05
C ALA D 229 -8.71 -28.03 21.01
N GLN D 230 -8.31 -27.86 19.75
CA GLN D 230 -8.76 -28.71 18.66
C GLN D 230 -8.10 -30.09 18.66
N ARG D 231 -7.16 -30.35 19.56
CA ARG D 231 -6.51 -31.65 19.65
C ARG D 231 -6.77 -32.37 20.96
N SER D 232 -7.31 -31.70 21.97
CA SER D 232 -7.41 -32.25 23.31
C SER D 232 -8.85 -32.60 23.66
N ILE D 233 -8.98 -33.35 24.75
CA ILE D 233 -10.26 -33.61 25.41
C ILE D 233 -10.02 -33.46 26.90
N THR D 234 -10.75 -32.54 27.53
CA THR D 234 -10.54 -32.21 28.94
C THR D 234 -11.62 -32.86 29.79
N LEU D 235 -11.22 -33.46 30.90
CA LEU D 235 -12.14 -34.11 31.83
C LEU D 235 -12.19 -33.31 33.12
N MET D 236 -13.40 -32.99 33.57
CA MET D 236 -13.61 -32.21 34.78
C MET D 236 -14.85 -32.72 35.50
N SER D 237 -14.84 -32.57 36.83
CA SER D 237 -15.96 -33.02 37.66
C SER D 237 -15.84 -32.42 39.06
N PRO D 238 -16.98 -32.12 39.70
CA PRO D 238 -16.93 -31.66 41.10
C PRO D 238 -16.91 -32.81 42.09
N SER D 239 -16.57 -34.02 41.62
CA SER D 239 -16.59 -35.19 42.48
C SER D 239 -15.53 -35.09 43.58
N LYS D 240 -14.29 -34.80 43.19
CA LYS D 240 -13.22 -34.71 44.18
C LYS D 240 -13.38 -33.49 45.09
N SER D 241 -13.69 -32.34 44.51
CA SER D 241 -13.66 -31.09 45.27
C SER D 241 -14.79 -31.01 46.28
N PHE D 242 -15.95 -31.59 45.98
CA PHE D 242 -17.11 -31.50 46.87
C PHE D 242 -17.49 -32.85 47.48
N ASN D 243 -16.70 -33.89 47.23
CA ASN D 243 -16.87 -35.21 47.84
C ASN D 243 -18.26 -35.80 47.49
N ILE D 244 -18.51 -35.88 46.19
CA ILE D 244 -19.75 -36.48 45.70
C ILE D 244 -19.42 -37.54 44.65
N ALA D 245 -18.29 -38.23 44.82
CA ALA D 245 -17.89 -39.26 43.88
C ALA D 245 -18.88 -40.41 43.82
N GLY D 246 -19.64 -40.64 44.89
CA GLY D 246 -20.71 -41.62 44.85
C GLY D 246 -21.80 -41.28 43.85
N LEU D 247 -21.93 -40.00 43.50
CA LEU D 247 -22.81 -39.54 42.45
C LEU D 247 -22.07 -39.40 41.13
N GLY D 248 -20.99 -38.62 41.13
CA GLY D 248 -20.03 -38.64 40.02
C GLY D 248 -20.51 -38.11 38.69
N ALA D 249 -21.24 -37.00 38.69
CA ALA D 249 -21.61 -36.34 37.44
C ALA D 249 -20.38 -35.61 36.89
N SER D 250 -19.84 -36.12 35.78
CA SER D 250 -18.64 -35.57 35.19
C SER D 250 -18.94 -35.04 33.79
N LEU D 251 -18.07 -34.16 33.30
CA LEU D 251 -18.22 -33.57 31.99
C LEU D 251 -16.89 -33.60 31.25
N ALA D 252 -16.98 -33.65 29.92
CA ALA D 252 -15.81 -33.61 29.05
C ALA D 252 -15.97 -32.47 28.05
N VAL D 253 -14.89 -31.73 27.83
CA VAL D 253 -14.87 -30.60 26.91
C VAL D 253 -14.06 -31.01 25.69
N ILE D 254 -14.73 -31.10 24.55
CA ILE D 254 -14.09 -31.47 23.28
C ILE D 254 -14.38 -30.39 22.25
N PRO D 255 -13.51 -29.39 22.10
CA PRO D 255 -13.79 -28.30 21.15
C PRO D 255 -13.85 -28.73 19.70
N ASN D 256 -13.23 -29.86 19.34
CA ASN D 256 -13.21 -30.30 17.95
C ASN D 256 -14.46 -31.10 17.64
N PRO D 257 -15.27 -30.69 16.65
CA PRO D 257 -16.49 -31.46 16.34
C PRO D 257 -16.21 -32.86 15.82
N GLU D 258 -15.13 -33.04 15.06
CA GLU D 258 -14.83 -34.37 14.53
C GLU D 258 -14.38 -35.30 15.64
N LEU D 259 -13.55 -34.80 16.56
CA LEU D 259 -13.15 -35.61 17.71
C LEU D 259 -14.33 -35.88 18.63
N ARG D 260 -15.22 -34.91 18.79
CA ARG D 260 -16.39 -35.10 19.65
C ARG D 260 -17.36 -36.11 19.05
N ALA D 261 -17.50 -36.09 17.72
CA ALA D 261 -18.38 -37.06 17.07
C ALA D 261 -17.86 -38.48 17.23
N ARG D 262 -16.54 -38.67 17.06
CA ARG D 262 -15.96 -39.99 17.28
C ARG D 262 -16.05 -40.39 18.75
N PHE D 263 -15.91 -39.43 19.67
CA PHE D 263 -16.04 -39.72 21.08
C PHE D 263 -17.46 -40.16 21.43
N ASN D 264 -18.46 -39.44 20.90
CA ASN D 264 -19.84 -39.76 21.23
C ASN D 264 -20.29 -41.08 20.63
N ARG D 265 -19.71 -41.49 19.51
CA ARG D 265 -20.07 -42.79 18.93
C ARG D 265 -19.52 -43.94 19.77
N MET D 266 -18.33 -43.77 20.34
CA MET D 266 -17.76 -44.79 21.21
C MET D 266 -18.49 -44.86 22.55
N ARG D 267 -19.14 -43.78 22.96
CA ARG D 267 -19.88 -43.78 24.22
C ARG D 267 -21.31 -44.28 24.07
N LYS D 268 -21.92 -44.09 22.90
CA LYS D 268 -23.32 -44.42 22.71
C LYS D 268 -23.60 -45.87 23.05
N GLY D 269 -24.65 -46.10 23.83
CA GLY D 269 -25.06 -47.44 24.22
C GLY D 269 -24.25 -48.11 25.31
N MET D 270 -22.93 -48.05 25.21
CA MET D 270 -22.08 -48.71 26.20
C MET D 270 -22.10 -47.98 27.54
N VAL D 271 -22.20 -46.67 27.52
CA VAL D 271 -22.15 -45.84 28.72
C VAL D 271 -23.52 -45.19 28.91
N PRO D 272 -24.14 -45.31 30.07
CA PRO D 272 -25.47 -44.73 30.29
C PRO D 272 -25.39 -43.22 30.49
N ASP D 273 -26.56 -42.60 30.50
CA ASP D 273 -26.65 -41.19 30.80
C ASP D 273 -26.43 -40.94 32.28
N VAL D 274 -26.14 -39.69 32.62
CA VAL D 274 -25.87 -39.32 34.01
C VAL D 274 -27.14 -39.48 34.83
N ASP D 275 -26.96 -39.90 36.09
CA ASP D 275 -28.08 -40.04 37.01
C ASP D 275 -28.83 -38.72 37.17
N VAL D 276 -30.14 -38.83 37.37
CA VAL D 276 -30.97 -37.63 37.55
C VAL D 276 -30.58 -36.91 38.83
N LEU D 277 -30.31 -37.66 39.91
CA LEU D 277 -29.92 -37.05 41.17
C LEU D 277 -28.48 -36.57 41.14
N ALA D 278 -27.62 -37.21 40.33
CA ALA D 278 -26.24 -36.73 40.19
C ALA D 278 -26.17 -35.37 39.52
N TYR D 279 -27.17 -35.02 38.70
CA TYR D 279 -27.16 -33.73 38.03
C TYR D 279 -27.33 -32.59 39.03
N VAL D 280 -28.38 -32.66 39.86
CA VAL D 280 -28.66 -31.55 40.77
C VAL D 280 -27.56 -31.38 41.81
N ALA D 281 -26.88 -32.47 42.16
CA ALA D 281 -25.80 -32.35 43.14
C ALA D 281 -24.58 -31.66 42.54
N ALA D 282 -24.22 -32.02 41.31
CA ALA D 282 -23.11 -31.35 40.64
C ALA D 282 -23.46 -29.90 40.32
N SER D 283 -24.74 -29.61 40.05
CA SER D 283 -25.15 -28.24 39.78
C SER D 283 -25.09 -27.40 41.05
N ALA D 284 -25.65 -27.91 42.15
CA ALA D 284 -25.59 -27.18 43.42
C ALA D 284 -24.16 -27.02 43.89
N ALA D 285 -23.29 -27.98 43.59
CA ALA D 285 -21.89 -27.88 44.01
C ALA D 285 -21.20 -26.68 43.37
N TRP D 286 -21.38 -26.50 42.06
CA TRP D 286 -20.69 -25.44 41.33
C TRP D 286 -21.47 -24.13 41.31
N ARG D 287 -22.72 -24.10 41.75
CA ARG D 287 -23.47 -22.86 41.79
C ARG D 287 -23.29 -22.12 43.11
N GLU D 288 -23.43 -22.83 44.24
CA GLU D 288 -23.45 -22.20 45.55
C GLU D 288 -22.50 -22.87 46.54
N GLY D 289 -21.52 -23.63 46.06
CA GLY D 289 -20.69 -24.41 46.95
C GLY D 289 -19.28 -23.88 47.14
N GLN D 290 -18.95 -22.77 46.50
CA GLN D 290 -17.60 -22.22 46.63
C GLN D 290 -17.26 -21.79 48.06
N PRO D 291 -18.15 -21.14 48.83
CA PRO D 291 -17.79 -20.83 50.23
C PRO D 291 -17.45 -22.08 51.04
N TRP D 292 -18.17 -23.18 50.82
CA TRP D 292 -17.81 -24.43 51.48
C TRP D 292 -16.45 -24.92 51.00
N LEU D 293 -16.18 -24.81 49.70
CA LEU D 293 -14.90 -25.28 49.16
C LEU D 293 -13.74 -24.44 49.68
N ASP D 294 -13.95 -23.14 49.87
CA ASP D 294 -12.90 -22.28 50.41
C ASP D 294 -12.52 -22.73 51.82
N ALA D 295 -13.52 -23.02 52.65
CA ALA D 295 -13.24 -23.51 54.00
C ALA D 295 -12.52 -24.85 53.96
N GLN D 296 -12.81 -25.68 52.96
CA GLN D 296 -12.14 -26.97 52.86
C GLN D 296 -10.66 -26.80 52.50
N LEU D 297 -10.35 -25.87 51.58
CA LEU D 297 -8.96 -25.65 51.20
C LEU D 297 -8.14 -25.14 52.38
N ASP D 298 -8.74 -24.35 53.27
CA ASP D 298 -8.04 -23.91 54.46
C ASP D 298 -7.76 -25.10 55.39
N TYR D 299 -8.76 -25.95 55.61
CA TYR D 299 -8.59 -27.09 56.50
C TYR D 299 -7.61 -28.10 55.92
N LEU D 300 -7.67 -28.34 54.60
CA LEU D 300 -6.77 -29.30 53.98
C LEU D 300 -5.33 -28.80 54.01
N ARG D 301 -5.14 -27.49 53.84
CA ARG D 301 -3.79 -26.92 53.88
C ARG D 301 -3.15 -27.13 55.26
N ALA D 302 -3.93 -26.95 56.33
CA ALA D 302 -3.39 -27.16 57.67
C ALA D 302 -3.07 -28.64 57.90
N ASN D 303 -3.88 -29.54 57.34
CA ASN D 303 -3.56 -30.96 57.43
C ASN D 303 -2.36 -31.32 56.57
N ARG D 304 -2.26 -30.71 55.38
CA ARG D 304 -1.12 -30.99 54.51
C ARG D 304 0.19 -30.55 55.14
N ASP D 305 0.22 -29.34 55.70
CA ASP D 305 1.43 -28.85 56.35
C ASP D 305 1.78 -29.70 57.56
N MET D 306 0.76 -30.18 58.28
CA MET D 306 1.01 -31.02 59.45
C MET D 306 1.59 -32.37 59.04
N LEU D 307 1.14 -32.91 57.91
CA LEU D 307 1.67 -34.18 57.43
C LEU D 307 3.09 -34.02 56.91
N ALA D 308 3.36 -32.96 56.15
CA ALA D 308 4.68 -32.77 55.55
C ALA D 308 5.74 -32.54 56.63
N GLN D 309 5.40 -31.78 57.67
CA GLN D 309 6.34 -31.53 58.74
C GLN D 309 6.66 -32.82 59.51
N HIS D 310 5.65 -33.65 59.74
CA HIS D 310 5.84 -34.86 60.54
C HIS D 310 6.56 -35.96 59.76
N VAL D 311 6.32 -36.06 58.45
CA VAL D 311 6.92 -37.14 57.67
C VAL D 311 8.41 -36.89 57.48
N ASN D 312 8.78 -35.66 57.11
CA ASN D 312 10.19 -35.37 56.83
C ASN D 312 11.05 -35.32 58.09
N ARG D 313 10.45 -35.32 59.28
CA ARG D 313 11.21 -35.46 60.51
C ARG D 313 11.45 -36.92 60.89
N LEU D 314 10.73 -37.86 60.27
CA LEU D 314 10.99 -39.27 60.45
C LEU D 314 12.19 -39.70 59.60
N PRO D 315 12.96 -40.71 60.05
CA PRO D 315 14.24 -41.01 59.40
C PRO D 315 14.14 -41.41 57.94
N GLY D 316 13.57 -42.59 57.66
CA GLY D 316 13.58 -43.12 56.32
C GLY D 316 12.34 -42.83 55.50
N LEU D 317 11.81 -41.62 55.60
CA LEU D 317 10.63 -41.21 54.85
C LEU D 317 10.88 -39.85 54.20
N SER D 318 10.57 -39.76 52.91
CA SER D 318 10.65 -38.52 52.17
C SER D 318 9.30 -38.22 51.52
N MET D 319 9.01 -36.93 51.36
CA MET D 319 7.74 -36.52 50.79
C MET D 319 7.85 -35.09 50.29
N VAL D 320 7.34 -34.84 49.09
CA VAL D 320 7.19 -33.49 48.57
C VAL D 320 5.83 -32.96 49.01
N THR D 321 5.79 -31.68 49.33
CA THR D 321 4.53 -31.06 49.74
C THR D 321 3.62 -30.94 48.53
N PRO D 322 2.47 -31.61 48.52
CA PRO D 322 1.60 -31.53 47.35
C PRO D 322 1.01 -30.13 47.19
N GLU D 323 0.97 -29.68 45.94
CA GLU D 323 0.40 -28.38 45.60
C GLU D 323 -1.11 -28.43 45.36
N ALA D 324 -1.73 -29.60 45.37
CA ALA D 324 -3.12 -29.71 44.93
C ALA D 324 -4.04 -30.39 45.94
N SER D 325 -4.35 -31.66 45.70
CA SER D 325 -5.44 -32.33 46.39
C SER D 325 -5.07 -32.69 47.81
N PHE D 326 -5.60 -33.82 48.29
CA PHE D 326 -5.39 -34.28 49.66
C PHE D 326 -4.50 -35.51 49.72
N LEU D 327 -3.50 -35.56 48.83
CA LEU D 327 -2.54 -36.65 48.75
C LEU D 327 -1.22 -36.06 48.29
N GLY D 328 -0.10 -36.56 48.80
CA GLY D 328 -0.06 -37.68 49.74
C GLY D 328 1.00 -38.70 49.38
N TRP D 329 1.86 -38.34 48.42
CA TRP D 329 2.83 -39.27 47.82
C TRP D 329 4.09 -39.30 48.69
N ILE D 330 4.25 -40.38 49.46
CA ILE D 330 5.33 -40.50 50.43
C ILE D 330 6.32 -41.55 49.95
N ASP D 331 7.61 -41.17 49.91
CA ASP D 331 8.67 -42.10 49.55
C ASP D 331 9.07 -42.91 50.79
N ALA D 332 8.83 -44.22 50.74
CA ALA D 332 9.15 -45.11 51.85
C ALA D 332 10.26 -46.10 51.49
N SER D 333 11.06 -45.79 50.47
CA SER D 333 12.16 -46.67 50.08
C SER D 333 13.27 -46.71 51.14
N GLY D 334 13.35 -45.70 52.00
CA GLY D 334 14.34 -45.69 53.06
C GLY D 334 14.02 -46.62 54.21
N LEU D 335 12.82 -47.20 54.24
CA LEU D 335 12.47 -48.12 55.32
C LEU D 335 13.20 -49.45 55.21
N GLY D 336 13.70 -49.80 54.03
CA GLY D 336 14.36 -51.08 53.85
C GLY D 336 13.45 -52.27 53.98
N VAL D 337 12.24 -52.18 53.44
CA VAL D 337 11.25 -53.26 53.52
C VAL D 337 10.84 -53.63 52.10
N ALA D 338 10.28 -54.84 51.98
CA ALA D 338 9.86 -55.33 50.67
C ALA D 338 8.54 -54.71 50.21
N ASP D 339 7.65 -54.38 51.14
CA ASP D 339 6.33 -53.85 50.82
C ASP D 339 5.96 -52.82 51.88
N PRO D 340 6.13 -51.53 51.58
CA PRO D 340 5.84 -50.51 52.61
C PRO D 340 4.37 -50.43 52.99
N ALA D 341 3.46 -50.48 52.01
CA ALA D 341 2.04 -50.42 52.32
C ALA D 341 1.61 -51.60 53.17
N LEU D 342 2.22 -52.77 52.94
CA LEU D 342 1.95 -53.92 53.78
C LEU D 342 2.54 -53.73 55.18
N PHE D 343 3.67 -53.02 55.29
CA PHE D 343 4.27 -52.75 56.58
C PHE D 343 3.38 -51.85 57.42
N PHE D 344 2.84 -50.79 56.81
CA PHE D 344 1.98 -49.88 57.56
C PHE D 344 0.65 -50.52 57.93
N GLU D 345 0.17 -51.49 57.13
CA GLU D 345 -1.07 -52.17 57.46
C GLU D 345 -0.93 -52.96 58.76
N LYS D 346 0.19 -53.66 58.93
CA LYS D 346 0.46 -54.40 60.16
C LYS D 346 0.71 -53.48 61.35
N HIS D 347 0.81 -52.17 61.12
CA HIS D 347 0.94 -51.19 62.19
C HIS D 347 -0.27 -50.25 62.26
N GLY D 348 -1.38 -50.63 61.61
CA GLY D 348 -2.62 -49.88 61.75
C GLY D 348 -2.78 -48.70 60.82
N LEU D 349 -2.18 -48.73 59.63
CA LEU D 349 -2.29 -47.63 58.68
C LEU D 349 -2.55 -48.20 57.29
N GLY D 350 -3.72 -47.88 56.73
CA GLY D 350 -4.09 -48.37 55.42
C GLY D 350 -3.89 -47.36 54.32
N PHE D 351 -2.69 -47.31 53.75
CA PHE D 351 -2.38 -46.40 52.67
C PHE D 351 -2.63 -47.07 51.32
N SER D 352 -2.57 -46.26 50.27
CA SER D 352 -2.61 -46.79 48.91
C SER D 352 -1.21 -47.22 48.51
N SER D 353 -1.07 -48.49 48.12
CA SER D 353 0.24 -49.00 47.72
C SER D 353 0.71 -48.32 46.44
N GLY D 354 1.99 -47.96 46.41
CA GLY D 354 2.55 -47.35 45.21
C GLY D 354 2.67 -48.29 44.04
N ARG D 355 2.61 -49.60 44.29
CA ARG D 355 2.67 -50.57 43.20
C ARG D 355 1.48 -50.42 42.26
N ASP D 356 0.34 -49.97 42.78
CA ASP D 356 -0.81 -49.69 41.91
C ASP D 356 -0.51 -48.55 40.94
N PHE D 357 0.39 -47.64 41.31
CA PHE D 357 0.70 -46.47 40.50
C PHE D 357 1.97 -46.64 39.66
N GLY D 358 2.87 -47.53 40.05
CA GLY D 358 4.07 -47.77 39.26
C GLY D 358 5.36 -47.70 40.03
N ASN D 359 5.28 -47.53 41.35
CA ASN D 359 6.48 -47.46 42.20
C ASN D 359 6.11 -48.02 43.57
N ASP D 360 6.37 -49.32 43.75
CA ASP D 360 5.98 -50.02 44.98
C ASP D 360 6.76 -49.55 46.21
N ARG D 361 7.76 -48.70 46.03
CA ARG D 361 8.52 -48.16 47.16
C ARG D 361 7.84 -46.95 47.80
N PHE D 362 6.67 -46.57 47.32
CA PHE D 362 5.95 -45.40 47.81
C PHE D 362 4.63 -45.80 48.45
N VAL D 363 4.05 -44.87 49.21
CA VAL D 363 2.70 -45.01 49.75
C VAL D 363 1.98 -43.69 49.52
N ARG D 364 0.66 -43.76 49.45
CA ARG D 364 -0.17 -42.58 49.24
C ARG D 364 -1.00 -42.31 50.49
N PHE D 365 -0.86 -41.12 51.04
CA PHE D 365 -1.52 -40.72 52.28
C PHE D 365 -2.72 -39.84 51.95
N ASN D 366 -3.90 -40.24 52.42
CA ASN D 366 -5.12 -39.44 52.27
C ASN D 366 -5.35 -38.70 53.58
N PHE D 367 -5.05 -37.40 53.58
CA PHE D 367 -5.30 -36.57 54.75
C PHE D 367 -6.56 -35.73 54.60
N GLY D 368 -7.48 -36.13 53.74
CA GLY D 368 -8.77 -35.50 53.65
C GLY D 368 -9.71 -36.01 54.73
N CYS D 369 -9.42 -35.63 55.97
CA CYS D 369 -10.15 -36.16 57.12
C CYS D 369 -10.04 -35.15 58.25
N PRO D 370 -10.85 -35.27 59.30
CA PRO D 370 -10.68 -34.40 60.47
C PRO D 370 -9.29 -34.55 61.06
N ARG D 371 -8.78 -33.45 61.60
CA ARG D 371 -7.40 -33.42 62.06
C ARG D 371 -7.16 -34.37 63.23
N GLN D 372 -8.19 -34.62 64.05
CA GLN D 372 -8.02 -35.53 65.17
C GLN D 372 -7.69 -36.94 64.70
N LEU D 373 -8.25 -37.36 63.55
CA LEU D 373 -7.86 -38.63 62.97
C LEU D 373 -6.47 -38.56 62.34
N LEU D 374 -6.10 -37.40 61.82
CA LEU D 374 -4.76 -37.26 61.24
C LEU D 374 -3.69 -37.32 62.31
N GLU D 375 -3.91 -36.66 63.46
CA GLU D 375 -2.94 -36.71 64.54
C GLU D 375 -2.83 -38.12 65.11
N GLU D 376 -3.94 -38.86 65.16
CA GLU D 376 -3.87 -40.27 65.52
C GLU D 376 -3.10 -41.06 64.47
N ALA D 377 -3.27 -40.70 63.19
CA ALA D 377 -2.53 -41.36 62.13
C ALA D 377 -1.05 -41.00 62.18
N LEU D 378 -0.75 -39.73 62.47
CA LEU D 378 0.64 -39.33 62.66
C LEU D 378 1.25 -40.00 63.89
N GLN D 379 0.44 -40.25 64.91
CA GLN D 379 0.94 -40.92 66.11
C GLN D 379 1.33 -42.36 65.80
N ARG D 380 0.59 -43.02 64.91
CA ARG D 380 0.91 -44.41 64.58
C ARG D 380 2.13 -44.50 63.67
N MET D 381 2.37 -43.48 62.84
CA MET D 381 3.58 -43.46 62.02
C MET D 381 4.83 -43.39 62.90
N THR D 382 4.76 -42.63 63.99
CA THR D 382 5.90 -42.52 64.89
C THR D 382 6.17 -43.84 65.60
N ARG D 383 5.11 -44.48 66.12
CA ARG D 383 5.27 -45.73 66.84
C ARG D 383 5.62 -46.89 65.90
N ALA D 384 5.31 -46.77 64.61
CA ALA D 384 5.62 -47.84 63.66
C ALA D 384 7.11 -47.88 63.31
N LEU D 385 7.80 -46.76 63.41
CA LEU D 385 9.23 -46.70 63.09
C LEU D 385 10.11 -46.89 64.31
N THR D 386 9.55 -46.80 65.52
CA THR D 386 10.29 -46.99 66.76
C THR D 386 9.65 -48.14 67.53
N SER D 387 10.36 -49.25 67.66
CA SER D 387 11.70 -49.39 67.11
C SER D 387 11.83 -50.69 66.31
N GLY D 388 10.74 -51.43 66.20
CA GLY D 388 10.74 -52.70 65.50
C GLY D 388 10.86 -52.57 63.99
N TYR D 389 12.05 -52.21 63.52
CA TYR D 389 12.32 -52.03 62.09
C TYR D 389 11.33 -51.07 61.44
N ASN E 12 15.35 -21.09 54.51
CA ASN E 12 14.43 -19.98 54.75
C ASN E 12 13.80 -20.09 56.14
N PHE E 13 13.75 -18.97 56.86
CA PHE E 13 13.22 -18.96 58.22
C PHE E 13 12.88 -17.52 58.59
N ASP E 14 11.60 -17.21 58.62
CA ASP E 14 11.13 -15.84 58.83
C ASP E 14 10.85 -15.51 60.29
N GLN E 15 10.98 -16.47 61.20
CA GLN E 15 10.79 -16.20 62.62
C GLN E 15 12.00 -15.56 63.27
N ARG E 16 13.08 -15.32 62.51
CA ARG E 16 14.25 -14.66 63.05
C ARG E 16 13.88 -13.25 63.51
N ILE E 17 14.44 -12.84 64.64
CA ILE E 17 14.16 -11.54 65.24
C ILE E 17 15.35 -10.63 64.98
N ASP E 18 15.18 -9.65 64.09
CA ASP E 18 16.21 -8.70 63.75
C ASP E 18 15.96 -7.38 64.47
N ARG E 19 16.96 -6.91 65.21
CA ARG E 19 16.86 -5.64 65.91
C ARG E 19 17.16 -4.49 64.94
N ARG E 20 16.43 -3.39 65.08
CA ARG E 20 16.59 -2.23 64.21
C ARG E 20 16.54 -0.94 65.03
N HIS E 21 17.71 -0.48 65.47
CA HIS E 21 17.92 0.90 65.89
C HIS E 21 18.66 1.68 64.81
N SER E 22 18.50 1.30 63.54
CA SER E 22 19.28 1.83 62.44
C SER E 22 18.53 2.92 61.68
N ASP E 23 18.70 2.96 60.37
CA ASP E 23 18.06 3.98 59.54
C ASP E 23 16.64 3.62 59.14
N SER E 24 16.06 2.57 59.74
CA SER E 24 14.70 2.17 59.39
C SER E 24 13.69 3.21 59.86
N LEU E 25 12.89 3.72 58.92
CA LEU E 25 11.83 4.66 59.28
C LEU E 25 10.78 4.00 60.15
N LYS E 26 10.60 2.69 60.01
CA LYS E 26 9.59 1.98 60.80
C LYS E 26 9.88 2.09 62.30
N TRP E 27 11.11 1.75 62.70
CA TRP E 27 11.47 1.66 64.11
C TRP E 27 12.08 2.96 64.65
N LYS E 28 12.09 4.03 63.88
CA LYS E 28 12.57 5.31 64.39
C LYS E 28 11.44 6.17 64.96
N LYS E 29 10.22 6.00 64.46
CA LYS E 29 9.09 6.81 64.93
C LYS E 29 8.87 6.62 66.43
N TYR E 30 9.01 5.39 66.92
CA TYR E 30 8.85 5.07 68.32
C TYR E 30 10.13 4.49 68.90
N ALA E 31 11.27 5.10 68.53
CA ALA E 31 12.57 4.53 68.88
C ALA E 31 12.80 4.57 70.39
N ASP E 32 12.36 5.62 71.06
CA ASP E 32 12.61 5.79 72.49
C ASP E 32 11.45 5.35 73.36
N ARG E 33 10.29 5.05 72.79
CA ARG E 33 9.11 4.68 73.57
C ARG E 33 8.81 3.20 73.43
N ASP E 34 7.96 2.72 74.33
CA ASP E 34 7.58 1.30 74.38
C ASP E 34 6.32 1.08 73.55
N ILE E 35 6.46 1.29 72.25
CA ILE E 35 5.37 1.13 71.29
C ILE E 35 5.85 0.25 70.16
N LEU E 36 5.09 -0.80 69.86
CA LEU E 36 5.43 -1.71 68.77
C LEU E 36 5.10 -1.06 67.43
N PRO E 37 6.07 -0.87 66.54
CA PRO E 37 5.79 -0.23 65.25
C PRO E 37 5.18 -1.22 64.27
N LEU E 38 3.95 -0.95 63.86
CA LEU E 38 3.22 -1.79 62.91
C LEU E 38 2.45 -0.91 61.92
N TRP E 39 3.12 0.11 61.39
CA TRP E 39 2.44 1.14 60.61
C TRP E 39 2.95 1.19 59.17
N ILE E 40 4.21 1.57 58.93
CA ILE E 40 4.70 1.72 57.57
C ILE E 40 4.71 0.35 56.88
N ALA E 41 4.50 0.37 55.56
CA ALA E 41 4.27 -0.85 54.80
C ALA E 41 5.58 -1.47 54.31
N ASP E 42 6.41 -1.86 55.27
CA ASP E 42 7.56 -2.70 55.00
C ASP E 42 7.65 -3.77 56.08
N THR E 43 8.36 -4.84 55.78
CA THR E 43 8.51 -5.95 56.72
C THR E 43 9.84 -5.88 57.45
N ASP E 44 9.90 -6.56 58.59
CA ASP E 44 11.12 -6.71 59.37
C ASP E 44 11.94 -7.91 58.94
N PHE E 45 11.66 -8.47 57.77
CA PHE E 45 12.34 -9.66 57.29
C PHE E 45 13.66 -9.31 56.62
N ARG E 46 14.67 -10.15 56.85
CA ARG E 46 15.94 -10.00 56.17
C ARG E 46 15.79 -10.37 54.70
N ALA E 47 16.46 -9.60 53.84
CA ALA E 47 16.38 -9.85 52.41
C ALA E 47 16.92 -11.25 52.07
N ALA E 48 16.46 -11.77 50.94
CA ALA E 48 16.89 -13.09 50.51
C ALA E 48 18.40 -13.13 50.29
N ASP E 49 18.98 -14.32 50.43
CA ASP E 49 20.43 -14.46 50.29
C ASP E 49 20.88 -14.13 48.87
N CYS E 50 20.04 -14.41 47.87
CA CYS E 50 20.42 -14.10 46.50
C CYS E 50 20.53 -12.60 46.28
N ILE E 51 19.68 -11.81 46.94
CA ILE E 51 19.75 -10.36 46.80
C ILE E 51 20.97 -9.82 47.52
N ILE E 52 21.28 -10.36 48.70
CA ILE E 52 22.41 -9.87 49.47
C ILE E 52 23.73 -10.24 48.80
N ASP E 53 23.83 -11.47 48.27
CA ASP E 53 25.05 -11.88 47.59
C ASP E 53 25.29 -11.05 46.35
N ALA E 54 24.23 -10.74 45.60
CA ALA E 54 24.38 -9.95 44.39
C ALA E 54 24.89 -8.55 44.70
N LEU E 55 24.39 -7.94 45.79
CA LEU E 55 24.84 -6.61 46.17
C LEU E 55 26.32 -6.60 46.51
N GLN E 56 26.76 -7.51 47.39
CA GLN E 56 28.16 -7.53 47.81
C GLN E 56 29.09 -7.86 46.66
N GLN E 57 28.63 -8.66 45.69
CA GLN E 57 29.43 -8.88 44.48
C GLN E 57 29.58 -7.59 43.70
N ARG E 58 28.52 -6.78 43.64
CA ARG E 58 28.60 -5.50 42.94
C ARG E 58 29.39 -4.47 43.76
N VAL E 59 29.27 -4.53 45.08
CA VAL E 59 30.01 -3.60 45.93
C VAL E 59 31.50 -3.89 45.85
N GLN E 60 31.89 -5.16 45.81
CA GLN E 60 33.30 -5.52 45.80
C GLN E 60 33.97 -5.22 44.45
N GLN E 61 33.19 -4.92 43.41
CA GLN E 61 33.80 -4.50 42.15
C GLN E 61 34.55 -3.18 42.31
N GLY E 62 34.05 -2.29 43.17
CA GLY E 62 34.77 -1.10 43.58
C GLY E 62 34.34 0.18 42.89
N VAL E 63 33.96 0.11 41.61
CA VAL E 63 33.67 1.29 40.81
C VAL E 63 32.16 1.54 40.82
N PHE E 64 31.77 2.78 41.17
CA PHE E 64 30.36 3.12 41.25
C PHE E 64 30.05 4.32 40.37
N GLY E 65 30.53 4.30 39.13
CA GLY E 65 30.22 5.34 38.18
C GLY E 65 28.84 5.18 37.58
N TYR E 66 28.56 6.01 36.56
CA TYR E 66 27.27 5.99 35.91
C TYR E 66 26.98 4.63 35.28
N GLY E 67 25.77 4.13 35.48
CA GLY E 67 25.41 2.82 35.00
C GLY E 67 24.41 2.81 33.86
N VAL E 68 24.32 1.69 33.15
CA VAL E 68 23.37 1.53 32.07
C VAL E 68 22.10 0.88 32.59
N THR E 69 21.05 0.90 31.78
CA THR E 69 19.82 0.19 32.14
C THR E 69 20.09 -1.30 32.17
N SER E 70 19.70 -1.95 33.27
CA SER E 70 19.91 -3.38 33.42
C SER E 70 19.14 -4.17 32.38
N GLU E 71 19.84 -4.75 31.40
CA GLU E 71 19.18 -5.63 30.45
C GLU E 71 18.79 -6.95 31.08
N ALA E 72 19.46 -7.35 32.17
CA ALA E 72 19.05 -8.56 32.88
C ALA E 72 17.72 -8.35 33.59
N LEU E 73 17.52 -7.20 34.22
CA LEU E 73 16.25 -6.91 34.87
C LEU E 73 15.13 -6.79 33.85
N ALA E 74 15.42 -6.22 32.68
CA ALA E 74 14.42 -6.15 31.62
C ALA E 74 14.09 -7.54 31.09
N GLU E 75 15.09 -8.42 31.01
CA GLU E 75 14.86 -9.77 30.51
C GLU E 75 14.00 -10.58 31.47
N VAL E 76 14.33 -10.54 32.77
CA VAL E 76 13.58 -11.31 33.75
C VAL E 76 12.20 -10.72 34.01
N ALA E 77 12.02 -9.42 33.77
CA ALA E 77 10.69 -8.83 33.93
C ALA E 77 9.74 -9.29 32.84
N ILE E 78 10.24 -9.42 31.61
CA ILE E 78 9.41 -9.89 30.50
C ILE E 78 9.02 -11.35 30.73
N GLU E 79 9.94 -12.16 31.25
CA GLU E 79 9.63 -13.57 31.46
C GLU E 79 8.75 -13.78 32.69
N ARG E 80 8.89 -12.93 33.70
CA ARG E 80 8.05 -13.07 34.90
C ARG E 80 6.59 -12.75 34.58
N MET E 81 6.35 -11.76 33.72
CA MET E 81 4.99 -11.42 33.34
C MET E 81 4.31 -12.54 32.57
N GLU E 82 5.09 -13.30 31.79
CA GLU E 82 4.52 -14.39 31.00
C GLU E 82 4.24 -15.61 31.85
N SER E 83 5.19 -16.00 32.70
CA SER E 83 5.03 -17.23 33.48
C SER E 83 4.03 -17.05 34.61
N ARG E 84 4.14 -15.95 35.36
CA ARG E 84 3.32 -15.80 36.56
C ARG E 84 1.92 -15.29 36.23
N PHE E 85 1.80 -14.42 35.24
CA PHE E 85 0.53 -13.76 34.96
C PHE E 85 -0.03 -14.00 33.58
N GLY E 86 0.71 -14.69 32.70
CA GLY E 86 0.23 -14.92 31.34
C GLY E 86 0.05 -13.63 30.58
N TRP E 87 1.10 -12.79 30.59
CA TRP E 87 1.05 -11.47 29.98
C TRP E 87 2.34 -11.25 29.22
N LYS E 88 2.26 -11.10 27.90
CA LYS E 88 3.43 -10.98 27.06
C LYS E 88 3.80 -9.50 26.90
N ILE E 89 5.00 -9.14 27.35
CA ILE E 89 5.47 -7.76 27.37
C ILE E 89 6.51 -7.57 26.27
N GLN E 90 6.41 -6.45 25.55
CA GLN E 90 7.47 -6.15 24.61
C GLN E 90 8.60 -5.38 25.33
N PRO E 91 9.85 -5.61 24.91
CA PRO E 91 10.96 -4.93 25.59
C PRO E 91 10.88 -3.42 25.55
N GLU E 92 10.33 -2.84 24.48
CA GLU E 92 10.24 -1.39 24.36
C GLU E 92 9.19 -0.78 25.28
N TRP E 93 8.32 -1.59 25.88
CA TRP E 93 7.28 -1.06 26.76
C TRP E 93 7.81 -0.69 28.14
N LEU E 94 8.98 -1.20 28.53
CA LEU E 94 9.47 -1.02 29.88
C LEU E 94 10.07 0.35 30.08
N VAL E 95 9.75 0.96 31.23
CA VAL E 95 10.36 2.22 31.67
C VAL E 95 10.66 2.07 33.16
N PHE E 96 11.95 2.09 33.51
CA PHE E 96 12.37 1.87 34.89
C PHE E 96 12.37 3.18 35.67
N LEU E 97 11.86 3.12 36.89
CA LEU E 97 11.67 4.29 37.74
C LEU E 97 12.25 4.03 39.12
N PRO E 98 12.79 5.07 39.77
CA PRO E 98 13.20 4.97 41.18
C PRO E 98 12.02 5.15 42.13
N GLY E 99 11.27 4.08 42.31
CA GLY E 99 10.08 4.08 43.16
C GLY E 99 8.80 4.03 42.35
N VAL E 100 7.70 3.86 43.08
CA VAL E 100 6.38 3.78 42.48
C VAL E 100 5.60 5.09 42.67
N VAL E 101 5.79 5.75 43.81
CA VAL E 101 5.12 7.03 44.04
C VAL E 101 5.49 8.03 42.96
N THR E 102 6.76 8.01 42.52
CA THR E 102 7.17 8.88 41.43
C THR E 102 6.46 8.54 40.13
N GLY E 103 6.18 7.25 39.90
CA GLY E 103 5.44 6.87 38.71
C GLY E 103 4.01 7.36 38.72
N ILE E 104 3.37 7.34 39.90
CA ILE E 104 2.01 7.87 40.02
C ILE E 104 2.00 9.36 39.72
N ASN E 105 2.99 10.10 40.25
CA ASN E 105 3.02 11.54 40.04
C ASN E 105 3.32 11.89 38.59
N ILE E 106 4.14 11.09 37.90
CA ILE E 106 4.40 11.34 36.49
C ILE E 106 3.15 11.10 35.66
N ALA E 107 2.42 10.02 35.96
CA ALA E 107 1.20 9.70 35.21
C ALA E 107 0.12 10.76 35.41
N VAL E 108 0.04 11.35 36.59
CA VAL E 108 -0.98 12.38 36.85
C VAL E 108 -0.67 13.64 36.04
N ARG E 109 0.61 14.01 35.94
CA ARG E 109 1.01 15.24 35.29
C ARG E 109 1.26 15.10 33.80
N ALA E 110 1.33 13.87 33.28
CA ALA E 110 1.56 13.65 31.86
C ALA E 110 0.31 13.23 31.12
N PHE E 111 -0.77 12.85 31.83
CA PHE E 111 -1.99 12.38 31.20
C PHE E 111 -3.22 13.16 31.61
N THR E 112 -3.08 14.18 32.44
CA THR E 112 -4.18 15.07 32.79
C THR E 112 -3.71 16.51 32.72
N GLU E 113 -4.62 17.40 32.34
CA GLU E 113 -4.35 18.83 32.36
C GLU E 113 -5.03 19.48 33.55
N ALA E 114 -4.76 20.79 33.71
CA ALA E 114 -5.20 21.51 34.91
C ALA E 114 -6.72 21.48 35.07
N HIS E 115 -7.46 21.45 33.97
CA HIS E 115 -8.92 21.45 34.01
C HIS E 115 -9.51 20.04 34.05
N GLN E 116 -8.68 19.01 34.21
CA GLN E 116 -9.14 17.64 34.21
C GLN E 116 -8.93 17.00 35.58
N SER E 117 -9.73 15.98 35.85
CA SER E 117 -9.77 15.34 37.16
C SER E 117 -9.41 13.86 37.04
N THR E 118 -9.14 13.26 38.20
CA THR E 118 -8.77 11.85 38.30
C THR E 118 -9.79 11.13 39.18
N VAL E 119 -9.90 9.81 38.98
CA VAL E 119 -10.84 8.97 39.71
C VAL E 119 -10.07 7.82 40.34
N SER E 120 -10.32 7.57 41.62
CA SER E 120 -9.79 6.41 42.32
C SER E 120 -10.82 5.97 43.34
N ALA E 121 -10.45 4.98 44.15
CA ALA E 121 -11.30 4.50 45.23
C ALA E 121 -10.89 5.16 46.54
N THR E 122 -11.73 4.97 47.56
CA THR E 122 -11.43 5.43 48.91
C THR E 122 -12.05 4.45 49.89
N PRO E 123 -11.32 4.05 50.94
CA PRO E 123 -9.94 4.46 51.25
C PRO E 123 -8.92 3.85 50.30
N ILE E 124 -7.72 4.42 50.25
CA ILE E 124 -6.72 4.00 49.27
C ILE E 124 -5.35 4.51 49.70
N TYR E 125 -4.31 4.04 49.01
CA TYR E 125 -2.95 4.54 49.20
C TYR E 125 -2.93 6.06 49.11
N PRO E 126 -2.46 6.76 50.15
CA PRO E 126 -2.62 8.22 50.21
C PRO E 126 -2.09 8.95 48.98
N PRO E 127 -0.95 8.56 48.41
CA PRO E 127 -0.48 9.25 47.20
C PRO E 127 -1.43 9.14 46.00
N PHE E 128 -2.51 8.36 46.08
CA PHE E 128 -3.46 8.32 44.98
C PHE E 128 -4.32 9.57 44.91
N PHE E 129 -4.62 10.20 46.04
CA PHE E 129 -5.35 11.46 46.03
C PHE E 129 -4.49 12.66 46.44
N LEU E 130 -3.30 12.44 46.98
CA LEU E 130 -2.39 13.55 47.27
C LEU E 130 -1.75 14.07 46.00
N ALA E 131 -1.24 13.17 45.16
CA ALA E 131 -0.61 13.59 43.91
C ALA E 131 -1.53 14.44 43.03
N PRO E 132 -2.81 14.11 42.83
CA PRO E 132 -3.68 15.06 42.11
C PRO E 132 -3.90 16.35 42.87
N LYS E 133 -3.92 16.31 44.20
CA LYS E 133 -4.11 17.54 44.97
C LYS E 133 -2.90 18.45 44.85
N LEU E 134 -1.69 17.89 44.99
CA LEU E 134 -0.48 18.69 44.87
C LEU E 134 -0.18 19.09 43.43
N ALA E 135 -0.95 18.61 42.46
CA ALA E 135 -0.77 18.98 41.06
C ALA E 135 -1.88 19.88 40.53
N GLY E 136 -2.81 20.31 41.39
CA GLY E 136 -3.89 21.16 40.97
C GLY E 136 -5.06 20.46 40.31
N ARG E 137 -5.10 19.13 40.36
CA ARG E 137 -6.18 18.36 39.77
C ARG E 137 -7.23 18.02 40.82
N GLN E 138 -8.49 18.16 40.44
CA GLN E 138 -9.57 17.69 41.30
C GLN E 138 -9.66 16.17 41.23
N HIS E 139 -10.27 15.58 42.26
CA HIS E 139 -10.28 14.13 42.41
C HIS E 139 -11.68 13.64 42.75
N LEU E 140 -12.13 12.60 42.05
CA LEU E 140 -13.40 11.95 42.33
C LEU E 140 -13.12 10.63 43.04
N SER E 141 -13.65 10.48 44.25
CA SER E 141 -13.41 9.31 45.08
C SER E 141 -14.65 8.43 45.09
N ALA E 142 -14.48 7.16 44.75
CA ALA E 142 -15.56 6.17 44.73
C ALA E 142 -15.37 5.24 45.93
N ALA E 143 -16.26 5.36 46.92
CA ALA E 143 -16.11 4.62 48.16
C ALA E 143 -16.27 3.12 47.95
N LEU E 144 -15.54 2.35 48.74
CA LEU E 144 -15.63 0.90 48.73
C LEU E 144 -16.69 0.45 49.72
N ARG E 145 -17.56 -0.45 49.29
CA ARG E 145 -18.58 -1.02 50.15
C ARG E 145 -18.23 -2.46 50.49
N LEU E 146 -18.71 -2.91 51.66
CA LEU E 146 -18.45 -4.26 52.15
C LEU E 146 -19.49 -5.19 51.55
N GLU E 147 -19.03 -6.11 50.68
CA GLU E 147 -19.93 -7.02 49.96
C GLU E 147 -19.31 -8.41 50.00
N GLN E 148 -19.99 -9.34 50.70
CA GLN E 148 -19.52 -10.71 50.87
C GLN E 148 -18.15 -10.76 51.54
N GLN E 149 -17.99 -9.95 52.59
CA GLN E 149 -16.74 -9.87 53.36
C GLN E 149 -15.55 -9.56 52.46
N ARG E 150 -15.77 -8.65 51.51
CA ARG E 150 -14.72 -8.20 50.60
C ARG E 150 -14.96 -6.74 50.25
N TRP E 151 -13.90 -5.95 50.23
CA TRP E 151 -13.98 -4.55 49.82
C TRP E 151 -14.02 -4.51 48.30
N VAL E 152 -15.21 -4.27 47.75
CA VAL E 152 -15.40 -4.25 46.32
C VAL E 152 -15.53 -2.81 45.85
N LEU E 153 -15.22 -2.58 44.58
CA LEU E 153 -15.27 -1.27 43.96
C LEU E 153 -16.39 -1.24 42.93
N ASP E 154 -17.29 -0.27 43.06
CA ASP E 154 -18.44 -0.11 42.17
C ASP E 154 -18.31 1.26 41.52
N LEU E 155 -17.71 1.31 40.32
CA LEU E 155 -17.45 2.57 39.67
C LEU E 155 -18.68 3.09 38.92
N ASP E 156 -19.47 2.19 38.35
CA ASP E 156 -20.66 2.61 37.60
C ASP E 156 -21.83 2.98 38.49
N SER E 157 -21.63 3.06 39.80
CA SER E 157 -22.64 3.59 40.70
C SER E 157 -22.51 5.09 40.92
N HIS E 158 -21.35 5.67 40.60
CA HIS E 158 -21.11 7.10 40.70
C HIS E 158 -21.12 7.77 39.34
N GLU E 159 -21.83 7.19 38.37
CA GLU E 159 -21.84 7.74 37.02
C GLU E 159 -22.32 9.19 37.00
N ASP E 160 -23.52 9.44 37.51
CA ASP E 160 -24.09 10.78 37.49
C ASP E 160 -23.37 11.74 38.44
N ARG E 161 -22.46 11.25 39.27
CA ARG E 161 -21.65 12.13 40.11
C ARG E 161 -20.41 12.64 39.40
N MET E 162 -20.08 12.09 38.23
CA MET E 162 -18.95 12.57 37.45
C MET E 162 -19.32 13.84 36.71
N SER E 163 -18.36 14.77 36.64
CA SER E 163 -18.62 16.05 36.00
C SER E 163 -18.42 15.99 34.50
N GLY E 164 -17.36 15.31 34.04
CA GLY E 164 -17.04 15.25 32.63
C GLY E 164 -15.60 15.59 32.37
N ASN E 165 -14.90 16.10 33.40
CA ASN E 165 -13.49 16.43 33.30
C ASN E 165 -12.59 15.27 33.68
N GLU E 166 -13.15 14.11 34.00
CA GLU E 166 -12.34 12.96 34.39
C GLU E 166 -11.61 12.40 33.18
N LYS E 167 -10.33 12.09 33.36
CA LYS E 167 -9.51 11.54 32.28
C LYS E 167 -8.60 10.40 32.71
N LEU E 168 -8.12 10.36 33.95
CA LEU E 168 -7.21 9.32 34.42
C LEU E 168 -7.87 8.53 35.54
N LEU E 169 -7.95 7.21 35.36
CA LEU E 169 -8.49 6.31 36.37
C LEU E 169 -7.34 5.65 37.11
N LEU E 170 -7.31 5.82 38.43
CA LEU E 170 -6.22 5.32 39.27
C LEU E 170 -6.69 4.04 39.95
N LEU E 171 -6.19 2.90 39.47
CA LEU E 171 -6.52 1.59 40.03
C LEU E 171 -5.38 1.11 40.92
N CYS E 172 -5.69 0.06 41.69
CA CYS E 172 -4.71 -0.51 42.62
C CYS E 172 -5.08 -1.98 42.82
N ASN E 173 -4.40 -2.87 42.12
CA ASN E 173 -4.66 -4.30 42.20
C ASN E 173 -3.37 -5.03 42.52
N PRO E 174 -3.25 -5.63 43.72
CA PRO E 174 -4.25 -5.63 44.79
C PRO E 174 -4.34 -4.29 45.54
N HIS E 175 -5.40 -4.14 46.33
CA HIS E 175 -5.62 -2.91 47.08
C HIS E 175 -4.64 -2.81 48.24
N ASN E 176 -4.28 -1.58 48.60
CA ASN E 176 -3.26 -1.40 49.62
C ASN E 176 -3.82 -1.66 51.03
N PRO E 177 -4.81 -0.89 51.53
CA PRO E 177 -5.33 -1.20 52.86
C PRO E 177 -6.31 -2.35 52.84
N GLY E 178 -7.24 -2.35 51.88
CA GLY E 178 -8.24 -3.40 51.81
C GLY E 178 -7.66 -4.77 51.53
N GLY E 179 -6.58 -4.83 50.77
CA GLY E 179 -5.98 -6.11 50.42
C GLY E 179 -6.78 -6.92 49.44
N THR E 180 -7.69 -6.29 48.70
CA THR E 180 -8.57 -7.00 47.79
C THR E 180 -7.83 -7.38 46.51
N VAL E 181 -8.00 -8.63 46.08
CA VAL E 181 -7.48 -9.11 44.81
C VAL E 181 -8.66 -9.21 43.85
N TYR E 182 -8.67 -8.39 42.82
CA TYR E 182 -9.81 -8.32 41.91
C TYR E 182 -9.83 -9.50 40.96
N ARG E 183 -11.05 -9.90 40.58
CA ARG E 183 -11.26 -11.02 39.69
C ARG E 183 -11.38 -10.55 38.24
N ARG E 184 -11.63 -11.49 37.32
CA ARG E 184 -11.79 -11.13 35.91
C ARG E 184 -13.06 -10.31 35.69
N LYS E 185 -14.18 -10.76 36.26
CA LYS E 185 -15.45 -10.06 36.04
C LYS E 185 -15.42 -8.66 36.65
N GLU E 186 -14.59 -8.44 37.67
CA GLU E 186 -14.49 -7.12 38.28
C GLU E 186 -13.56 -6.20 37.50
N LEU E 187 -12.40 -6.71 37.06
CA LEU E 187 -11.47 -5.89 36.30
C LEU E 187 -12.02 -5.52 34.94
N GLU E 188 -12.80 -6.39 34.32
CA GLU E 188 -13.40 -6.06 33.03
C GLU E 188 -14.51 -5.02 33.20
N ALA E 189 -15.13 -4.96 34.37
CA ALA E 189 -16.14 -3.94 34.62
C ALA E 189 -15.52 -2.55 34.66
N GLN E 190 -14.39 -2.40 35.36
CA GLN E 190 -13.73 -1.10 35.41
C GLN E 190 -13.02 -0.78 34.10
N LEU E 191 -12.69 -1.78 33.29
CA LEU E 191 -12.18 -1.50 31.94
C LEU E 191 -13.29 -0.91 31.07
N ARG E 192 -14.48 -1.51 31.09
CA ARG E 192 -15.60 -0.95 30.36
C ARG E 192 -16.00 0.42 30.93
N PHE E 193 -15.80 0.62 32.23
CA PHE E 193 -16.05 1.94 32.80
C PHE E 193 -15.07 2.98 32.26
N ALA E 194 -13.81 2.57 32.04
CA ALA E 194 -12.83 3.49 31.48
C ALA E 194 -13.08 3.72 30.00
N GLN E 195 -13.51 2.68 29.28
CA GLN E 195 -13.84 2.85 27.87
C GLN E 195 -15.08 3.73 27.70
N ARG E 196 -16.04 3.60 28.61
CA ARG E 196 -17.28 4.37 28.51
C ARG E 196 -17.03 5.86 28.64
N HIS E 197 -16.04 6.26 29.45
CA HIS E 197 -15.75 7.67 29.69
C HIS E 197 -14.41 8.10 29.13
N ASP E 198 -13.80 7.29 28.26
CA ASP E 198 -12.53 7.63 27.60
C ASP E 198 -11.43 7.94 28.63
N LEU E 199 -11.31 7.07 29.63
CA LEU E 199 -10.40 7.27 30.74
C LEU E 199 -9.11 6.49 30.53
N LEU E 200 -7.98 7.16 30.70
CA LEU E 200 -6.71 6.47 30.79
C LEU E 200 -6.58 5.83 32.17
N VAL E 201 -5.87 4.71 32.23
CA VAL E 201 -5.81 3.88 33.43
C VAL E 201 -4.37 3.83 33.92
N CYS E 202 -4.20 4.00 35.24
CA CYS E 202 -2.91 3.83 35.90
C CYS E 202 -3.11 2.75 36.96
N SER E 203 -2.68 1.54 36.65
CA SER E 203 -2.91 0.38 37.51
C SER E 203 -1.67 0.15 38.37
N ASP E 204 -1.82 0.33 39.68
CA ASP E 204 -0.75 0.09 40.64
C ASP E 204 -0.80 -1.38 41.04
N GLU E 205 0.23 -2.14 40.67
CA GLU E 205 0.28 -3.58 40.89
C GLU E 205 1.58 -3.98 41.57
N ILE E 206 1.92 -3.24 42.65
CA ILE E 206 3.15 -3.52 43.39
C ILE E 206 2.98 -4.63 44.41
N HIS E 207 1.73 -5.00 44.74
CA HIS E 207 1.45 -6.12 45.64
C HIS E 207 1.09 -7.39 44.88
N CYS E 208 1.36 -7.44 43.56
CA CYS E 208 0.87 -8.55 42.76
C CYS E 208 1.52 -9.87 43.13
N ASP E 209 2.77 -9.83 43.62
CA ASP E 209 3.48 -11.05 44.02
C ASP E 209 3.12 -11.49 45.43
N LEU E 210 2.14 -10.87 46.08
CA LEU E 210 1.80 -11.16 47.47
C LEU E 210 0.37 -11.67 47.61
N VAL E 211 -0.17 -12.26 46.55
CA VAL E 211 -1.50 -12.87 46.62
C VAL E 211 -1.43 -14.10 47.52
N LEU E 212 -2.36 -14.20 48.47
CA LEU E 212 -2.37 -15.28 49.44
C LEU E 212 -3.45 -16.32 49.21
N GLU E 213 -4.47 -16.01 48.42
CA GLU E 213 -5.58 -16.96 48.22
C GLU E 213 -5.13 -18.09 47.29
N PRO E 214 -5.42 -19.35 47.63
CA PRO E 214 -5.01 -20.46 46.77
C PRO E 214 -5.91 -20.56 45.54
N GLY E 215 -5.27 -20.87 44.40
CA GLY E 215 -6.00 -21.02 43.16
C GLY E 215 -6.44 -19.72 42.51
N VAL E 216 -5.94 -18.58 42.98
CA VAL E 216 -6.29 -17.28 42.44
C VAL E 216 -5.02 -16.61 41.94
N GLN E 217 -5.01 -16.24 40.66
CA GLN E 217 -3.86 -15.59 40.04
C GLN E 217 -4.13 -14.10 39.91
N HIS E 218 -3.12 -13.29 40.19
CA HIS E 218 -3.21 -11.86 39.92
C HIS E 218 -3.37 -11.63 38.43
N ILE E 219 -4.29 -10.74 38.07
CA ILE E 219 -4.59 -10.48 36.66
C ILE E 219 -4.26 -9.03 36.34
N PRO E 220 -3.22 -8.77 35.55
CA PRO E 220 -2.91 -7.39 35.16
C PRO E 220 -4.06 -6.76 34.39
N PHE E 221 -4.21 -5.45 34.56
CA PHE E 221 -5.28 -4.74 33.86
C PHE E 221 -5.06 -4.75 32.36
N ALA E 222 -3.84 -4.44 31.92
CA ALA E 222 -3.54 -4.35 30.49
C ALA E 222 -3.55 -5.71 29.81
N SER E 223 -3.63 -6.81 30.55
CA SER E 223 -3.70 -8.14 29.96
C SER E 223 -5.11 -8.55 29.56
N LEU E 224 -6.11 -7.71 29.84
CA LEU E 224 -7.49 -8.08 29.51
C LEU E 224 -7.75 -7.99 28.02
N SER E 225 -7.26 -6.93 27.37
CA SER E 225 -7.48 -6.73 25.94
C SER E 225 -6.41 -5.79 25.41
N ASP E 226 -6.27 -5.75 24.09
CA ASP E 226 -5.33 -4.83 23.47
C ASP E 226 -5.76 -3.38 23.67
N ASP E 227 -7.07 -3.12 23.69
CA ASP E 227 -7.54 -1.77 23.99
C ASP E 227 -7.18 -1.36 25.41
N ALA E 228 -7.19 -2.31 26.34
CA ALA E 228 -6.77 -2.01 27.71
C ALA E 228 -5.29 -1.65 27.76
N ALA E 229 -4.46 -2.34 26.99
CA ALA E 229 -3.03 -2.09 27.02
C ALA E 229 -2.68 -0.74 26.42
N GLN E 230 -3.46 -0.26 25.45
CA GLN E 230 -3.17 1.00 24.78
C GLN E 230 -3.63 2.20 25.59
N ARG E 231 -4.35 2.00 26.69
CA ARG E 231 -4.82 3.10 27.53
C ARG E 231 -4.29 3.04 28.95
N SER E 232 -3.44 2.06 29.27
CA SER E 232 -3.07 1.78 30.66
C SER E 232 -1.63 2.14 30.95
N ILE E 233 -1.34 2.25 32.25
CA ILE E 233 0.01 2.39 32.77
C ILE E 233 0.10 1.44 33.97
N THR E 234 1.01 0.47 33.89
CA THR E 234 1.16 -0.54 34.93
C THR E 234 2.44 -0.28 35.71
N LEU E 235 2.31 -0.16 37.03
CA LEU E 235 3.45 0.06 37.91
C LEU E 235 3.71 -1.23 38.69
N MET E 236 4.94 -1.73 38.59
CA MET E 236 5.34 -2.95 39.27
C MET E 236 6.74 -2.79 39.82
N SER E 237 7.03 -3.53 40.90
CA SER E 237 8.33 -3.47 41.55
C SER E 237 8.46 -4.57 42.59
N PRO E 238 9.67 -5.12 42.78
CA PRO E 238 9.89 -6.08 43.86
C PRO E 238 10.13 -5.45 45.23
N SER E 239 9.86 -4.15 45.38
CA SER E 239 10.13 -3.46 46.63
C SER E 239 9.29 -4.02 47.77
N LYS E 240 8.00 -4.19 47.53
CA LYS E 240 7.10 -4.68 48.57
C LYS E 240 7.29 -6.17 48.84
N SER E 241 7.37 -6.97 47.76
CA SER E 241 7.40 -8.41 47.93
C SER E 241 8.71 -8.91 48.50
N PHE E 242 9.81 -8.20 48.24
CA PHE E 242 11.13 -8.63 48.70
C PHE E 242 11.74 -7.69 49.73
N ASN E 243 10.98 -6.71 50.21
CA ASN E 243 11.40 -5.80 51.27
C ASN E 243 12.71 -5.09 50.90
N ILE E 244 12.70 -4.43 49.75
CA ILE E 244 13.85 -3.65 49.30
C ILE E 244 13.38 -2.29 48.84
N ALA E 245 12.34 -1.75 49.52
CA ALA E 245 11.86 -0.41 49.19
C ALA E 245 12.90 0.66 49.50
N GLY E 246 13.90 0.35 50.33
CA GLY E 246 14.99 1.27 50.56
C GLY E 246 15.87 1.51 49.34
N LEU E 247 15.70 0.70 48.30
CA LEU E 247 16.40 0.89 47.03
C LEU E 247 15.48 1.33 45.91
N GLY E 248 14.23 0.83 45.91
CA GLY E 248 13.20 1.32 45.02
C GLY E 248 13.48 1.25 43.54
N ALA E 249 13.74 0.05 43.03
CA ALA E 249 13.93 -0.17 41.60
C ALA E 249 12.59 -0.64 41.04
N SER E 250 11.83 0.29 40.47
CA SER E 250 10.51 0.02 39.93
C SER E 250 10.54 0.12 38.40
N LEU E 251 9.43 -0.28 37.79
CA LEU E 251 9.30 -0.18 36.34
C LEU E 251 7.85 0.04 35.99
N ALA E 252 7.64 0.80 34.90
CA ALA E 252 6.31 1.04 34.35
C ALA E 252 6.30 0.54 32.91
N VAL E 253 5.27 -0.23 32.57
CA VAL E 253 5.08 -0.70 31.19
C VAL E 253 4.03 0.19 30.53
N ILE E 254 4.34 0.64 29.33
CA ILE E 254 3.46 1.54 28.58
C ILE E 254 3.42 1.07 27.13
N PRO E 255 2.51 0.17 26.77
CA PRO E 255 2.47 -0.32 25.38
C PRO E 255 2.19 0.77 24.35
N ASN E 256 1.60 1.89 24.76
CA ASN E 256 1.25 2.94 23.81
C ASN E 256 2.44 3.85 23.55
N PRO E 257 2.89 3.99 22.30
CA PRO E 257 4.06 4.86 22.04
C PRO E 257 3.81 6.32 22.37
N GLU E 258 2.59 6.83 22.15
CA GLU E 258 2.31 8.23 22.44
C GLU E 258 2.30 8.50 23.93
N LEU E 259 1.63 7.63 24.71
CA LEU E 259 1.63 7.78 26.15
C LEU E 259 3.02 7.56 26.75
N ARG E 260 3.83 6.71 26.10
CA ARG E 260 5.19 6.48 26.59
C ARG E 260 6.08 7.69 26.34
N ALA E 261 5.88 8.39 25.22
CA ALA E 261 6.65 9.60 24.95
C ALA E 261 6.28 10.70 25.93
N ARG E 262 4.99 10.86 26.23
CA ARG E 262 4.56 11.82 27.23
C ARG E 262 5.15 11.50 28.59
N PHE E 263 5.16 10.22 28.96
CA PHE E 263 5.70 9.81 30.25
C PHE E 263 7.18 10.12 30.35
N ASN E 264 7.96 9.73 29.33
CA ASN E 264 9.40 9.96 29.36
C ASN E 264 9.73 11.45 29.30
N ARG E 265 8.96 12.22 28.53
CA ARG E 265 9.16 13.66 28.48
C ARG E 265 8.88 14.29 29.84
N MET E 266 7.86 13.80 30.53
CA MET E 266 7.51 14.32 31.85
C MET E 266 8.49 13.89 32.93
N ARG E 267 9.37 12.93 32.65
CA ARG E 267 10.33 12.43 33.61
C ARG E 267 11.70 13.08 33.49
N LYS E 268 12.12 13.43 32.28
CA LYS E 268 13.48 13.90 32.02
C LYS E 268 13.87 15.04 32.94
N GLY E 269 15.08 14.97 33.48
CA GLY E 269 15.59 15.99 34.41
C GLY E 269 15.03 15.95 35.83
N MET E 270 13.72 15.81 35.96
CA MET E 270 13.08 15.82 37.27
C MET E 270 13.39 14.54 38.04
N VAL E 271 13.19 13.40 37.41
CA VAL E 271 13.36 12.10 38.04
C VAL E 271 14.66 11.48 37.52
N PRO E 272 15.56 11.05 38.40
CA PRO E 272 16.86 10.53 37.96
C PRO E 272 16.75 9.07 37.54
N ASP E 273 17.89 8.52 37.12
CA ASP E 273 17.97 7.11 36.77
C ASP E 273 17.90 6.25 38.02
N VAL E 274 17.65 4.96 37.81
CA VAL E 274 17.62 4.02 38.92
C VAL E 274 19.03 3.80 39.44
N ASP E 275 19.17 3.69 40.77
CA ASP E 275 20.47 3.48 41.39
C ASP E 275 21.16 2.25 40.83
N VAL E 276 22.49 2.30 40.79
CA VAL E 276 23.28 1.19 40.26
C VAL E 276 23.05 -0.07 41.10
N LEU E 277 23.10 0.08 42.43
CA LEU E 277 22.87 -1.06 43.30
C LEU E 277 21.41 -1.49 43.31
N ALA E 278 20.48 -0.56 43.06
CA ALA E 278 19.07 -0.91 43.03
C ALA E 278 18.76 -1.83 41.85
N TYR E 279 19.41 -1.61 40.71
CA TYR E 279 19.23 -2.51 39.56
C TYR E 279 19.64 -3.93 39.90
N VAL E 280 20.78 -4.09 40.57
CA VAL E 280 21.29 -5.42 40.88
C VAL E 280 20.37 -6.15 41.86
N ALA E 281 19.91 -5.45 42.90
CA ALA E 281 19.06 -6.09 43.90
C ALA E 281 17.71 -6.49 43.30
N ALA E 282 17.10 -5.60 42.54
CA ALA E 282 15.83 -5.95 41.89
C ALA E 282 16.01 -7.03 40.84
N SER E 283 17.16 -7.04 40.15
CA SER E 283 17.43 -8.11 39.20
C SER E 283 17.59 -9.45 39.90
N ALA E 284 18.32 -9.48 41.02
CA ALA E 284 18.49 -10.71 41.77
C ALA E 284 17.19 -11.17 42.41
N ALA E 285 16.30 -10.24 42.77
CA ALA E 285 15.06 -10.60 43.44
C ALA E 285 14.17 -11.44 42.52
N TRP E 286 13.85 -10.91 41.34
CA TRP E 286 12.95 -11.60 40.42
C TRP E 286 13.61 -12.76 39.69
N ARG E 287 14.94 -12.91 39.77
CA ARG E 287 15.64 -13.96 39.04
C ARG E 287 15.92 -15.19 39.89
N GLU E 288 16.16 -15.02 41.20
CA GLU E 288 16.50 -16.15 42.04
C GLU E 288 15.81 -16.12 43.40
N GLY E 289 14.89 -15.20 43.64
CA GLY E 289 14.27 -15.04 44.94
C GLY E 289 12.92 -15.68 45.12
N GLN E 290 12.41 -16.40 44.13
CA GLN E 290 11.08 -16.99 44.25
C GLN E 290 10.96 -18.02 45.37
N PRO E 291 11.93 -18.92 45.61
CA PRO E 291 11.80 -19.81 46.78
C PRO E 291 11.70 -19.05 48.09
N TRP E 292 12.41 -17.92 48.22
CA TRP E 292 12.28 -17.11 49.41
C TRP E 292 10.90 -16.47 49.51
N LEU E 293 10.37 -16.01 48.38
CA LEU E 293 9.04 -15.40 48.38
C LEU E 293 7.96 -16.43 48.67
N ASP E 294 8.12 -17.66 48.15
CA ASP E 294 7.15 -18.71 48.44
C ASP E 294 7.11 -19.03 49.93
N ALA E 295 8.28 -19.08 50.58
CA ALA E 295 8.31 -19.29 52.01
C ALA E 295 7.70 -18.12 52.77
N GLN E 296 7.80 -16.91 52.23
CA GLN E 296 7.21 -15.75 52.89
C GLN E 296 5.69 -15.77 52.81
N LEU E 297 5.14 -16.23 51.68
CA LEU E 297 3.69 -16.25 51.51
C LEU E 297 3.05 -17.22 52.51
N ASP E 298 3.66 -18.38 52.71
CA ASP E 298 3.14 -19.31 53.72
C ASP E 298 3.21 -18.71 55.11
N TYR E 299 4.31 -18.01 55.42
CA TYR E 299 4.46 -17.40 56.74
C TYR E 299 3.46 -16.27 56.95
N LEU E 300 3.27 -15.43 55.92
CA LEU E 300 2.32 -14.33 56.04
C LEU E 300 0.88 -14.82 56.10
N ARG E 301 0.58 -15.92 55.41
CA ARG E 301 -0.78 -16.47 55.46
C ARG E 301 -1.10 -17.00 56.86
N ALA E 302 -0.10 -17.57 57.54
CA ALA E 302 -0.34 -18.04 58.90
C ALA E 302 -0.45 -16.87 59.87
N ASN E 303 0.39 -15.84 59.70
CA ASN E 303 0.27 -14.64 60.52
C ASN E 303 -1.06 -13.95 60.28
N ARG E 304 -1.52 -13.90 59.02
CA ARG E 304 -2.77 -13.24 58.70
C ARG E 304 -3.96 -13.91 59.37
N ASP E 305 -4.05 -15.25 59.25
CA ASP E 305 -5.15 -15.98 59.85
C ASP E 305 -5.16 -15.83 61.37
N MET E 306 -3.98 -15.71 61.98
CA MET E 306 -3.92 -15.50 63.42
C MET E 306 -4.47 -14.13 63.80
N LEU E 307 -4.15 -13.10 63.01
CA LEU E 307 -4.64 -11.75 63.30
C LEU E 307 -6.16 -11.66 63.08
N ALA E 308 -6.65 -12.24 61.98
CA ALA E 308 -8.08 -12.15 61.67
C ALA E 308 -8.91 -12.89 62.71
N GLN E 309 -8.43 -14.04 63.18
CA GLN E 309 -9.16 -14.79 64.21
C GLN E 309 -9.18 -14.02 65.52
N HIS E 310 -8.07 -13.36 65.87
CA HIS E 310 -7.98 -12.65 67.14
C HIS E 310 -8.72 -11.32 67.11
N VAL E 311 -8.72 -10.64 65.97
CA VAL E 311 -9.30 -9.31 65.89
C VAL E 311 -10.83 -9.34 65.85
N ASN E 312 -11.43 -10.45 65.42
CA ASN E 312 -12.87 -10.56 65.41
C ASN E 312 -13.43 -11.12 66.71
N ARG E 313 -12.60 -11.79 67.51
CA ARG E 313 -13.01 -12.19 68.85
C ARG E 313 -13.04 -10.98 69.79
N LEU E 314 -12.22 -9.97 69.51
CA LEU E 314 -12.25 -8.74 70.30
C LEU E 314 -13.57 -8.00 70.07
N PRO E 315 -14.06 -7.27 71.09
CA PRO E 315 -15.42 -6.72 71.01
C PRO E 315 -15.65 -5.70 69.90
N GLY E 316 -15.08 -4.51 70.06
CA GLY E 316 -15.42 -3.40 69.17
C GLY E 316 -14.81 -3.42 67.80
N LEU E 317 -13.91 -4.36 67.51
CA LEU E 317 -13.18 -4.37 66.25
C LEU E 317 -13.78 -5.35 65.26
N SER E 318 -13.62 -5.03 63.98
CA SER E 318 -13.97 -5.93 62.88
C SER E 318 -12.94 -5.76 61.78
N MET E 319 -12.76 -6.81 60.99
CA MET E 319 -11.72 -6.80 59.96
C MET E 319 -12.01 -7.91 58.95
N VAL E 320 -11.85 -7.59 57.68
CA VAL E 320 -11.94 -8.58 56.62
C VAL E 320 -10.57 -9.22 56.43
N THR E 321 -10.56 -10.50 56.10
CA THR E 321 -9.31 -11.21 55.87
C THR E 321 -8.72 -10.75 54.54
N PRO E 322 -7.55 -10.11 54.53
CA PRO E 322 -7.02 -9.56 53.28
C PRO E 322 -6.56 -10.65 52.34
N GLU E 323 -6.87 -10.47 51.05
CA GLU E 323 -6.48 -11.44 50.04
C GLU E 323 -5.03 -11.26 49.59
N ALA E 324 -4.38 -10.17 49.98
CA ALA E 324 -2.98 -9.93 49.61
C ALA E 324 -2.25 -9.30 50.79
N SER E 325 -1.08 -9.84 51.10
CA SER E 325 -0.27 -9.39 52.22
C SER E 325 0.21 -7.95 52.03
N PHE E 326 0.51 -7.26 53.14
CA PHE E 326 0.49 -7.82 54.50
C PHE E 326 -0.26 -6.92 55.47
N LEU E 327 -1.38 -6.37 55.01
CA LEU E 327 -2.24 -5.53 55.83
C LEU E 327 -3.69 -5.78 55.37
N GLY E 328 -4.63 -5.72 56.31
CA GLY E 328 -4.40 -5.35 57.70
C GLY E 328 -5.35 -4.24 58.10
N TRP E 329 -6.51 -4.20 57.45
CA TRP E 329 -7.45 -3.09 57.52
C TRP E 329 -8.51 -3.38 58.58
N ILE E 330 -8.31 -2.86 59.79
CA ILE E 330 -9.16 -3.13 60.93
C ILE E 330 -10.11 -1.96 61.14
N ASP E 331 -11.40 -2.26 61.27
CA ASP E 331 -12.41 -1.25 61.57
C ASP E 331 -12.50 -1.08 63.08
N ALA E 332 -12.28 0.15 63.55
CA ALA E 332 -12.30 0.45 64.98
C ALA E 332 -13.37 1.46 65.34
N SER E 333 -14.39 1.61 64.48
CA SER E 333 -15.47 2.55 64.77
C SER E 333 -16.33 2.10 65.94
N GLY E 334 -16.29 0.82 66.30
CA GLY E 334 -17.06 0.31 67.41
C GLY E 334 -16.35 0.45 68.75
N LEU E 335 -15.52 1.47 68.87
CA LEU E 335 -14.81 1.74 70.12
C LEU E 335 -15.26 3.02 70.81
N GLY E 336 -16.01 3.87 70.13
CA GLY E 336 -16.48 5.10 70.74
C GLY E 336 -15.42 6.16 70.95
N VAL E 337 -14.29 6.06 70.25
CA VAL E 337 -13.21 7.02 70.37
C VAL E 337 -13.10 7.80 69.06
N ALA E 338 -12.52 9.01 69.16
CA ALA E 338 -12.37 9.86 67.99
C ALA E 338 -11.19 9.41 67.13
N ASP E 339 -10.02 9.22 67.75
CA ASP E 339 -8.82 8.79 67.06
C ASP E 339 -8.45 7.39 67.52
N PRO E 340 -8.90 6.35 66.82
CA PRO E 340 -8.53 4.98 67.24
C PRO E 340 -7.04 4.70 67.14
N ALA E 341 -6.34 5.35 66.21
CA ALA E 341 -4.90 5.17 66.12
C ALA E 341 -4.20 5.76 67.33
N LEU E 342 -4.65 6.92 67.80
CA LEU E 342 -4.07 7.52 69.00
C LEU E 342 -4.43 6.71 70.24
N PHE E 343 -5.59 6.04 70.23
CA PHE E 343 -5.97 5.20 71.36
C PHE E 343 -5.03 4.01 71.51
N PHE E 344 -4.77 3.29 70.42
CA PHE E 344 -3.84 2.18 70.48
C PHE E 344 -2.40 2.64 70.69
N GLU E 345 -2.09 3.89 70.32
CA GLU E 345 -0.72 4.38 70.49
C GLU E 345 -0.35 4.48 71.97
N LYS E 346 -1.25 5.01 72.79
CA LYS E 346 -0.98 5.13 74.22
C LYS E 346 -1.03 3.78 74.94
N HIS E 347 -1.37 2.69 74.24
CA HIS E 347 -1.39 1.36 74.83
C HIS E 347 -0.34 0.44 74.20
N GLY E 348 0.67 1.01 73.53
CA GLY E 348 1.79 0.23 73.06
C GLY E 348 1.66 -0.35 71.66
N LEU E 349 0.82 0.23 70.81
CA LEU E 349 0.62 -0.29 69.46
C LEU E 349 0.62 0.87 68.48
N GLY E 350 1.60 0.88 67.57
CA GLY E 350 1.69 1.92 66.58
C GLY E 350 1.19 1.50 65.21
N PHE E 351 -0.05 1.87 64.89
CA PHE E 351 -0.68 1.53 63.62
C PHE E 351 -0.65 2.73 62.68
N SER E 352 -1.12 2.50 61.46
CA SER E 352 -1.33 3.57 60.49
C SER E 352 -2.76 4.08 60.62
N SER E 353 -2.91 5.36 60.95
CA SER E 353 -4.24 5.94 61.09
C SER E 353 -4.99 5.88 59.77
N GLY E 354 -6.24 5.42 59.83
CA GLY E 354 -7.06 5.35 58.63
C GLY E 354 -7.37 6.71 58.03
N ARG E 355 -7.19 7.78 58.80
CA ARG E 355 -7.41 9.13 58.27
C ARG E 355 -6.46 9.43 57.11
N ASP E 356 -5.24 8.89 57.15
CA ASP E 356 -4.32 9.09 56.05
C ASP E 356 -4.85 8.48 54.76
N PHE E 357 -5.67 7.44 54.87
CA PHE E 357 -6.22 6.75 53.71
C PHE E 357 -7.61 7.22 53.31
N GLY E 358 -8.31 7.93 54.20
CA GLY E 358 -9.62 8.47 53.89
C GLY E 358 -10.74 7.89 54.74
N ASN E 359 -10.39 7.36 55.91
CA ASN E 359 -11.40 6.75 56.79
C ASN E 359 -10.77 6.64 58.18
N ASP E 360 -10.86 7.72 58.95
CA ASP E 360 -10.21 7.80 60.27
C ASP E 360 -10.76 6.79 61.27
N ARG E 361 -11.83 6.08 60.93
CA ARG E 361 -12.40 5.09 61.83
C ARG E 361 -11.63 3.78 61.82
N PHE E 362 -10.63 3.65 60.95
CA PHE E 362 -9.89 2.41 60.76
C PHE E 362 -8.44 2.57 61.23
N VAL E 363 -7.81 1.42 61.45
CA VAL E 363 -6.38 1.33 61.72
C VAL E 363 -5.81 0.22 60.85
N ARG E 364 -4.57 0.39 60.41
CA ARG E 364 -3.93 -0.55 59.51
C ARG E 364 -2.88 -1.35 60.27
N PHE E 365 -3.12 -2.65 60.42
CA PHE E 365 -2.20 -3.55 61.10
C PHE E 365 -1.18 -4.09 60.11
N ASN E 366 0.09 -4.04 60.49
CA ASN E 366 1.18 -4.53 59.65
C ASN E 366 1.73 -5.80 60.29
N PHE E 367 1.23 -6.95 59.85
CA PHE E 367 1.68 -8.24 60.35
C PHE E 367 2.84 -8.81 59.54
N GLY E 368 3.65 -7.96 58.93
CA GLY E 368 4.86 -8.40 58.25
C GLY E 368 6.03 -8.45 59.21
N CYS E 369 5.96 -9.35 60.19
CA CYS E 369 6.95 -9.42 61.25
C CYS E 369 7.01 -10.85 61.75
N PRO E 370 8.06 -11.22 62.48
CA PRO E 370 8.10 -12.58 63.06
C PRO E 370 6.90 -12.84 63.96
N ARG E 371 6.50 -14.12 64.00
CA ARG E 371 5.26 -14.49 64.67
C ARG E 371 5.32 -14.23 66.17
N GLN E 372 6.50 -14.34 66.77
CA GLN E 372 6.62 -14.05 68.20
C GLN E 372 6.32 -12.59 68.49
N LEU E 373 6.73 -11.69 67.60
CA LEU E 373 6.40 -10.28 67.76
C LEU E 373 4.91 -10.03 67.54
N LEU E 374 4.31 -10.75 66.59
CA LEU E 374 2.88 -10.59 66.34
C LEU E 374 2.05 -11.00 67.55
N GLU E 375 2.44 -12.10 68.20
CA GLU E 375 1.71 -12.56 69.38
C GLU E 375 1.81 -11.56 70.52
N GLU E 376 2.98 -10.92 70.66
CA GLU E 376 3.11 -9.85 71.66
C GLU E 376 2.30 -8.62 71.29
N ALA E 377 2.00 -8.43 70.01
CA ALA E 377 1.15 -7.32 69.61
C ALA E 377 -0.33 -7.64 69.83
N LEU E 378 -0.72 -8.91 69.70
CA LEU E 378 -2.12 -9.29 69.93
C LEU E 378 -2.47 -9.20 71.40
N GLN E 379 -1.53 -9.57 72.28
CA GLN E 379 -1.80 -9.47 73.72
C GLN E 379 -1.98 -8.02 74.14
N ARG E 380 -1.24 -7.10 73.52
CA ARG E 380 -1.45 -5.68 73.79
C ARG E 380 -2.81 -5.20 73.31
N MET E 381 -3.38 -5.86 72.30
CA MET E 381 -4.72 -5.51 71.87
C MET E 381 -5.77 -5.95 72.89
N THR E 382 -5.57 -7.12 73.50
CA THR E 382 -6.51 -7.59 74.51
C THR E 382 -6.46 -6.71 75.76
N ARG E 383 -5.26 -6.45 76.28
CA ARG E 383 -5.13 -5.62 77.48
C ARG E 383 -5.69 -4.22 77.23
N ALA E 384 -5.51 -3.69 76.02
CA ALA E 384 -6.04 -2.36 75.71
C ALA E 384 -7.54 -2.37 75.52
N LEU E 385 -8.15 -3.53 75.22
CA LEU E 385 -9.58 -3.61 74.99
C LEU E 385 -10.32 -4.40 76.06
N THR E 386 -9.62 -5.02 77.00
CA THR E 386 -10.27 -5.77 78.10
C THR E 386 -9.67 -5.31 79.43
N SER E 387 -10.02 -4.10 79.88
CA SER E 387 -10.83 -3.13 79.15
C SER E 387 -10.36 -1.71 79.48
N GLY E 388 -9.83 -1.01 78.47
CA GLY E 388 -9.31 0.32 78.67
C GLY E 388 -10.36 1.41 78.47
N TYR E 389 -11.27 1.19 77.53
CA TYR E 389 -12.33 2.14 77.15
C TYR E 389 -11.87 3.60 77.15
N PHE F 11 6.75 58.37 -8.04
CA PHE F 11 6.84 57.32 -9.05
C PHE F 11 8.29 57.03 -9.40
N ASN F 12 8.75 55.82 -9.09
CA ASN F 12 10.10 55.41 -9.38
C ASN F 12 10.24 55.06 -10.85
N PHE F 13 11.09 55.79 -11.56
CA PHE F 13 11.45 55.41 -12.95
C PHE F 13 12.90 55.80 -13.17
N ASP F 14 13.75 54.80 -13.38
CA ASP F 14 15.18 54.98 -13.50
C ASP F 14 15.63 55.22 -14.93
N GLN F 15 14.70 55.57 -15.83
CA GLN F 15 15.02 55.80 -17.23
C GLN F 15 15.35 57.25 -17.53
N ARG F 16 15.36 58.13 -16.53
CA ARG F 16 15.82 59.50 -16.75
C ARG F 16 17.29 59.50 -17.14
N ILE F 17 17.67 60.48 -17.96
CA ILE F 17 19.05 60.73 -18.33
C ILE F 17 19.49 62.02 -17.66
N ASP F 18 20.66 62.00 -17.03
CA ASP F 18 21.16 63.13 -16.26
C ASP F 18 22.38 63.72 -16.93
N ARG F 19 22.48 65.05 -16.87
CA ARG F 19 23.57 65.78 -17.53
C ARG F 19 24.76 65.88 -16.59
N ARG F 20 25.91 65.37 -17.04
CA ARG F 20 27.15 65.41 -16.26
C ARG F 20 28.31 65.62 -17.24
N HIS F 21 28.93 66.81 -17.28
CA HIS F 21 28.60 68.09 -16.58
C HIS F 21 28.26 68.05 -15.09
N SER F 22 29.20 67.59 -14.28
CA SER F 22 29.09 67.59 -12.83
C SER F 22 30.46 67.22 -12.27
N ASP F 23 30.54 67.05 -10.95
CA ASP F 23 31.78 66.59 -10.34
C ASP F 23 32.04 65.11 -10.60
N SER F 24 31.18 64.44 -11.37
CA SER F 24 31.27 63.00 -11.57
C SER F 24 32.59 62.61 -12.21
N LEU F 25 33.33 61.73 -11.53
CA LEU F 25 34.54 61.15 -12.12
C LEU F 25 34.21 60.17 -13.24
N LYS F 26 33.01 59.59 -13.24
CA LYS F 26 32.63 58.63 -14.26
C LYS F 26 32.63 59.27 -15.65
N TRP F 27 32.04 60.45 -15.77
CA TRP F 27 31.83 61.09 -17.06
C TRP F 27 32.94 62.08 -17.42
N LYS F 28 33.92 62.30 -16.54
CA LYS F 28 35.01 63.21 -16.85
C LYS F 28 36.26 62.51 -17.38
N LYS F 29 36.39 61.21 -17.18
CA LYS F 29 37.54 60.49 -17.74
C LYS F 29 37.48 60.47 -19.26
N TYR F 30 36.28 60.37 -19.82
CA TYR F 30 36.07 60.38 -21.26
C TYR F 30 35.25 61.60 -21.67
N ALA F 31 35.49 62.74 -21.02
CA ALA F 31 34.70 63.93 -21.31
C ALA F 31 35.00 64.48 -22.69
N ASP F 32 36.27 64.50 -23.08
CA ASP F 32 36.70 65.03 -24.37
C ASP F 32 36.84 63.93 -25.42
N ARG F 33 36.00 62.91 -25.36
CA ARG F 33 36.05 61.80 -26.30
C ARG F 33 34.68 61.17 -26.42
N ASP F 34 34.37 60.66 -27.60
CA ASP F 34 33.10 59.98 -27.86
C ASP F 34 33.21 58.52 -27.41
N ILE F 35 33.30 58.36 -26.09
CA ILE F 35 33.45 57.04 -25.47
C ILE F 35 32.45 56.95 -24.32
N LEU F 36 31.56 55.97 -24.39
CA LEU F 36 30.54 55.79 -23.36
C LEU F 36 31.19 55.34 -22.06
N PRO F 37 31.05 56.08 -20.96
CA PRO F 37 31.69 55.70 -19.70
C PRO F 37 30.89 54.61 -18.99
N LEU F 38 31.48 53.41 -18.91
CA LEU F 38 30.86 52.27 -18.24
C LEU F 38 31.89 51.56 -17.37
N TRP F 39 32.72 52.32 -16.67
CA TRP F 39 33.89 51.79 -15.97
C TRP F 39 33.71 51.81 -14.46
N ILE F 40 33.74 52.98 -13.83
CA ILE F 40 33.75 53.05 -12.37
C ILE F 40 32.40 52.59 -11.82
N ALA F 41 32.42 52.10 -10.58
CA ALA F 41 31.25 51.44 -9.99
C ALA F 41 30.36 52.47 -9.30
N ASP F 42 29.50 53.10 -10.11
CA ASP F 42 28.44 53.94 -9.60
C ASP F 42 27.34 53.99 -10.64
N THR F 43 26.12 54.25 -10.18
CA THR F 43 24.96 54.27 -11.07
C THR F 43 24.68 55.68 -11.56
N ASP F 44 24.10 55.77 -12.76
CA ASP F 44 23.65 57.04 -13.33
C ASP F 44 22.26 57.43 -12.87
N PHE F 45 21.86 57.03 -11.67
CA PHE F 45 20.50 57.21 -11.17
C PHE F 45 20.46 58.33 -10.14
N ARG F 46 19.40 59.13 -10.19
CA ARG F 46 19.18 60.13 -9.16
C ARG F 46 18.84 59.46 -7.84
N ALA F 47 19.42 59.97 -6.75
CA ALA F 47 19.20 59.39 -5.44
C ALA F 47 17.72 59.46 -5.07
N ALA F 48 17.32 58.57 -4.16
CA ALA F 48 15.94 58.51 -3.71
C ALA F 48 15.52 59.85 -3.12
N ASP F 49 14.26 60.22 -3.33
CA ASP F 49 13.77 61.51 -2.88
C ASP F 49 13.86 61.66 -1.37
N CYS F 50 13.78 60.55 -0.63
CA CYS F 50 13.97 60.61 0.81
C CYS F 50 15.40 61.05 1.15
N ILE F 51 16.38 60.62 0.34
CA ILE F 51 17.75 61.05 0.56
C ILE F 51 17.91 62.52 0.16
N ILE F 52 17.27 62.93 -0.94
CA ILE F 52 17.33 64.33 -1.36
C ILE F 52 16.66 65.22 -0.32
N ASP F 53 15.46 64.85 0.11
CA ASP F 53 14.71 65.68 1.04
C ASP F 53 15.21 65.59 2.47
N ALA F 54 16.13 64.68 2.77
CA ALA F 54 16.76 64.66 4.09
C ALA F 54 17.99 65.56 4.14
N LEU F 55 18.74 65.63 3.05
CA LEU F 55 19.85 66.57 2.97
C LEU F 55 19.36 68.01 2.96
N GLN F 56 18.17 68.26 2.39
CA GLN F 56 17.62 69.62 2.36
C GLN F 56 17.33 70.14 3.75
N GLN F 57 16.88 69.26 4.66
CA GLN F 57 16.59 69.69 6.02
C GLN F 57 17.87 70.02 6.76
N ARG F 58 18.91 69.20 6.61
CA ARG F 58 20.14 69.42 7.35
C ARG F 58 20.89 70.65 6.85
N VAL F 59 20.83 70.92 5.55
CA VAL F 59 21.48 72.12 5.02
C VAL F 59 20.72 73.37 5.45
N GLN F 60 19.39 73.34 5.36
CA GLN F 60 18.59 74.50 5.76
C GLN F 60 18.65 74.77 7.26
N GLN F 61 19.15 73.82 8.06
CA GLN F 61 19.30 74.07 9.49
C GLN F 61 20.30 75.19 9.74
N GLY F 62 21.30 75.33 8.87
CA GLY F 62 22.17 76.49 8.90
C GLY F 62 23.58 76.23 9.37
N VAL F 63 23.72 75.59 10.53
CA VAL F 63 25.02 75.43 11.18
C VAL F 63 25.59 74.07 10.83
N PHE F 64 26.90 74.03 10.58
CA PHE F 64 27.61 72.80 10.23
C PHE F 64 28.85 72.66 11.13
N GLY F 65 28.62 72.68 12.44
CA GLY F 65 29.68 72.52 13.40
C GLY F 65 30.07 71.06 13.58
N TYR F 66 30.81 70.82 14.66
CA TYR F 66 31.22 69.46 14.97
C TYR F 66 30.03 68.61 15.36
N GLY F 67 29.86 67.48 14.68
CA GLY F 67 28.73 66.60 14.89
C GLY F 67 29.06 65.37 15.71
N VAL F 68 28.01 64.64 16.07
CA VAL F 68 28.14 63.39 16.79
C VAL F 68 27.81 62.24 15.85
N THR F 69 28.20 61.04 16.25
CA THR F 69 27.84 59.85 15.49
C THR F 69 26.32 59.68 15.51
N SER F 70 25.76 59.31 14.36
CA SER F 70 24.32 59.24 14.21
C SER F 70 23.77 58.04 14.98
N GLU F 71 22.99 58.32 16.03
CA GLU F 71 22.29 57.24 16.72
C GLU F 71 21.16 56.68 15.87
N ALA F 72 20.62 57.50 14.96
CA ALA F 72 19.59 57.00 14.04
C ALA F 72 20.18 56.00 13.05
N LEU F 73 21.40 56.24 12.59
CA LEU F 73 22.06 55.29 11.70
C LEU F 73 22.35 53.98 12.43
N ALA F 74 22.70 54.06 13.71
CA ALA F 74 23.01 52.86 14.48
C ALA F 74 21.78 51.96 14.61
N GLU F 75 20.63 52.56 14.96
CA GLU F 75 19.42 51.76 15.15
C GLU F 75 18.92 51.18 13.84
N VAL F 76 18.96 51.96 12.75
CA VAL F 76 18.48 51.44 11.48
C VAL F 76 19.42 50.38 10.93
N ALA F 77 20.71 50.47 11.25
CA ALA F 77 21.65 49.44 10.81
C ALA F 77 21.41 48.13 11.57
N ILE F 78 21.21 48.21 12.89
CA ILE F 78 20.97 47.01 13.68
C ILE F 78 19.67 46.34 13.27
N GLU F 79 18.63 47.14 13.01
CA GLU F 79 17.36 46.58 12.58
C GLU F 79 17.49 45.90 11.22
N ARG F 80 18.23 46.52 10.30
CA ARG F 80 18.34 45.98 8.95
C ARG F 80 19.10 44.66 8.92
N MET F 81 20.10 44.50 9.80
CA MET F 81 20.87 43.26 9.80
C MET F 81 20.01 42.08 10.27
N GLU F 82 19.15 42.31 11.25
CA GLU F 82 18.31 41.22 11.74
C GLU F 82 17.05 41.05 10.90
N SER F 83 16.61 42.11 10.22
CA SER F 83 15.38 42.03 9.43
C SER F 83 15.64 41.37 8.08
N ARG F 84 16.61 41.89 7.32
CA ARG F 84 16.87 41.38 5.98
C ARG F 84 17.82 40.19 5.98
N PHE F 85 18.75 40.12 6.92
CA PHE F 85 19.76 39.06 6.93
C PHE F 85 19.67 38.13 8.13
N GLY F 86 18.96 38.52 9.18
CA GLY F 86 18.85 37.69 10.37
C GLY F 86 20.12 37.66 11.20
N TRP F 87 20.79 38.80 11.33
CA TRP F 87 22.05 38.90 12.06
C TRP F 87 21.85 39.83 13.24
N LYS F 88 21.92 39.28 14.46
CA LYS F 88 21.68 40.03 15.68
C LYS F 88 22.93 40.83 16.03
N ILE F 89 22.83 42.16 15.95
CA ILE F 89 23.97 43.05 16.15
C ILE F 89 23.76 43.83 17.45
N GLN F 90 24.86 44.00 18.22
CA GLN F 90 24.87 44.88 19.37
C GLN F 90 25.49 46.23 19.00
N PRO F 91 25.02 47.32 19.60
CA PRO F 91 25.48 48.65 19.17
C PRO F 91 26.98 48.88 19.39
N GLU F 92 27.57 48.28 20.43
CA GLU F 92 28.98 48.52 20.71
C GLU F 92 29.89 47.96 19.63
N TRP F 93 29.40 47.06 18.78
CA TRP F 93 30.22 46.50 17.72
C TRP F 93 30.45 47.49 16.58
N LEU F 94 29.58 48.49 16.43
CA LEU F 94 29.60 49.34 15.25
C LEU F 94 30.72 50.37 15.31
N VAL F 95 31.37 50.58 14.17
CA VAL F 95 32.39 51.61 14.00
C VAL F 95 32.11 52.30 12.67
N PHE F 96 31.86 53.60 12.71
CA PHE F 96 31.54 54.37 11.51
C PHE F 96 32.81 54.82 10.82
N LEU F 97 32.87 54.64 9.50
CA LEU F 97 34.03 54.99 8.71
C LEU F 97 33.62 55.81 7.49
N PRO F 98 34.40 56.83 7.13
CA PRO F 98 34.17 57.55 5.87
C PRO F 98 34.66 56.75 4.67
N GLY F 99 33.84 55.82 4.21
CA GLY F 99 34.18 54.94 3.13
C GLY F 99 34.52 53.53 3.61
N VAL F 100 34.60 52.62 2.66
CA VAL F 100 34.91 51.22 2.94
C VAL F 100 36.38 50.96 2.63
N VAL F 101 36.92 51.69 1.65
CA VAL F 101 38.32 51.55 1.30
C VAL F 101 39.22 51.77 2.51
N THR F 102 38.86 52.73 3.35
CA THR F 102 39.63 52.94 4.57
C THR F 102 39.50 51.76 5.54
N GLY F 103 38.33 51.12 5.56
CA GLY F 103 38.15 49.96 6.43
C GLY F 103 39.06 48.81 6.05
N ILE F 104 39.33 48.64 4.76
CA ILE F 104 40.23 47.58 4.31
C ILE F 104 41.66 47.90 4.75
N ASN F 105 42.10 49.14 4.54
CA ASN F 105 43.48 49.51 4.85
C ASN F 105 43.77 49.44 6.34
N ILE F 106 42.80 49.84 7.17
CA ILE F 106 43.00 49.76 8.62
C ILE F 106 43.08 48.31 9.07
N ALA F 107 42.24 47.45 8.50
CA ALA F 107 42.24 46.04 8.89
C ALA F 107 43.54 45.36 8.51
N VAL F 108 44.13 45.74 7.37
CA VAL F 108 45.39 45.13 6.96
C VAL F 108 46.52 45.56 7.87
N ARG F 109 46.52 46.83 8.28
CA ARG F 109 47.61 47.36 9.11
C ARG F 109 47.44 47.03 10.59
N ALA F 110 46.21 46.81 11.06
CA ALA F 110 45.98 46.55 12.48
C ALA F 110 45.91 45.07 12.82
N PHE F 111 45.55 44.21 11.88
CA PHE F 111 45.40 42.78 12.16
C PHE F 111 46.57 41.95 11.66
N THR F 112 47.53 42.56 10.94
CA THR F 112 48.74 41.87 10.53
C THR F 112 49.93 42.78 10.78
N GLU F 113 51.10 42.17 11.00
CA GLU F 113 52.35 42.88 11.12
C GLU F 113 53.25 42.54 9.92
N ALA F 114 54.46 43.11 9.94
CA ALA F 114 55.30 43.11 8.74
C ALA F 114 55.58 41.70 8.23
N HIS F 115 55.88 40.77 9.12
CA HIS F 115 56.26 39.41 8.70
C HIS F 115 55.06 38.55 8.32
N GLN F 116 53.83 39.07 8.42
CA GLN F 116 52.64 38.30 8.11
C GLN F 116 52.08 38.71 6.76
N SER F 117 51.23 37.85 6.20
CA SER F 117 50.71 38.02 4.85
C SER F 117 49.19 37.97 4.86
N THR F 118 48.60 38.31 3.71
CA THR F 118 47.17 38.35 3.52
C THR F 118 46.75 37.35 2.44
N VAL F 119 45.48 36.98 2.45
CA VAL F 119 44.93 36.00 1.52
C VAL F 119 43.62 36.56 0.94
N SER F 120 43.46 36.40 -0.37
CA SER F 120 42.23 36.80 -1.04
C SER F 120 42.11 36.00 -2.33
N ALA F 121 41.07 36.31 -3.10
CA ALA F 121 40.82 35.64 -4.37
C ALA F 121 41.39 36.47 -5.52
N THR F 122 41.29 35.92 -6.74
CA THR F 122 41.77 36.59 -7.94
C THR F 122 40.88 36.15 -9.10
N PRO F 123 40.29 37.08 -9.86
CA PRO F 123 40.39 38.54 -9.70
C PRO F 123 39.65 39.04 -8.47
N ILE F 124 39.85 40.31 -8.10
CA ILE F 124 39.34 40.84 -6.84
C ILE F 124 39.32 42.36 -6.93
N TYR F 125 38.53 42.98 -6.07
CA TYR F 125 38.56 44.43 -5.90
C TYR F 125 40.00 44.88 -5.66
N PRO F 126 40.49 45.85 -6.42
CA PRO F 126 41.94 46.16 -6.42
C PRO F 126 42.50 46.43 -5.03
N PRO F 127 41.82 47.19 -4.15
CA PRO F 127 42.40 47.42 -2.82
C PRO F 127 42.64 46.16 -2.00
N PHE F 128 42.06 45.02 -2.38
CA PHE F 128 42.29 43.79 -1.63
C PHE F 128 43.74 43.32 -1.72
N PHE F 129 44.41 43.59 -2.84
CA PHE F 129 45.82 43.26 -2.98
C PHE F 129 46.72 44.50 -3.09
N LEU F 130 46.15 45.69 -3.21
CA LEU F 130 46.93 46.91 -3.22
C LEU F 130 47.20 47.44 -1.81
N ALA F 131 46.26 47.25 -0.89
CA ALA F 131 46.46 47.66 0.50
C ALA F 131 47.57 46.84 1.17
N PRO F 132 47.61 45.51 1.01
CA PRO F 132 48.76 44.77 1.55
C PRO F 132 50.08 45.18 0.93
N LYS F 133 50.09 45.45 -0.38
CA LYS F 133 51.31 45.90 -1.05
C LYS F 133 51.74 47.27 -0.53
N LEU F 134 50.79 48.18 -0.32
CA LEU F 134 51.12 49.51 0.17
C LEU F 134 51.54 49.48 1.64
N ALA F 135 51.23 48.42 2.36
CA ALA F 135 51.59 48.28 3.77
C ALA F 135 52.79 47.37 3.99
N GLY F 136 53.47 46.96 2.92
CA GLY F 136 54.61 46.09 3.04
C GLY F 136 54.31 44.64 3.32
N ARG F 137 53.04 44.25 3.30
CA ARG F 137 52.65 42.87 3.57
C ARG F 137 52.63 42.07 2.28
N GLN F 138 53.09 40.82 2.37
CA GLN F 138 52.99 39.93 1.23
C GLN F 138 51.54 39.48 1.06
N HIS F 139 51.20 39.04 -0.15
CA HIS F 139 49.82 38.72 -0.48
C HIS F 139 49.75 37.42 -1.28
N LEU F 140 48.95 36.49 -0.79
CA LEU F 140 48.68 35.24 -1.49
C LEU F 140 47.39 35.37 -2.28
N SER F 141 47.38 34.83 -3.50
CA SER F 141 46.26 34.94 -4.41
C SER F 141 45.72 33.56 -4.75
N ALA F 142 44.41 33.40 -4.63
CA ALA F 142 43.72 32.16 -4.96
C ALA F 142 42.83 32.42 -6.17
N ALA F 143 43.19 31.83 -7.31
CA ALA F 143 42.50 32.12 -8.56
C ALA F 143 41.07 31.56 -8.53
N LEU F 144 40.11 32.42 -8.88
CA LEU F 144 38.74 31.96 -9.02
C LEU F 144 38.62 31.07 -10.26
N ARG F 145 37.92 29.95 -10.10
CA ARG F 145 37.72 29.00 -11.19
C ARG F 145 36.24 28.92 -11.53
N LEU F 146 35.96 28.61 -12.79
CA LEU F 146 34.60 28.55 -13.31
C LEU F 146 34.02 27.16 -13.09
N GLU F 147 32.79 27.11 -12.56
CA GLU F 147 32.12 25.85 -12.28
C GLU F 147 30.62 26.06 -12.40
N GLN F 148 30.01 25.45 -13.42
CA GLN F 148 28.58 25.57 -13.69
C GLN F 148 28.17 27.04 -13.86
N GLN F 149 28.94 27.75 -14.68
CA GLN F 149 28.68 29.16 -15.00
C GLN F 149 28.59 30.03 -13.74
N ARG F 150 29.53 29.80 -12.83
CA ARG F 150 29.66 30.59 -11.62
C ARG F 150 31.13 30.67 -11.24
N TRP F 151 31.59 31.87 -10.88
CA TRP F 151 32.94 32.05 -10.36
C TRP F 151 32.97 31.61 -8.91
N VAL F 152 33.62 30.49 -8.63
CA VAL F 152 33.66 29.91 -7.29
C VAL F 152 35.06 30.05 -6.71
N LEU F 153 35.12 30.15 -5.39
CA LEU F 153 36.38 30.29 -4.66
C LEU F 153 36.69 28.98 -3.95
N ASP F 154 37.89 28.45 -4.21
CA ASP F 154 38.35 27.19 -3.60
C ASP F 154 39.66 27.49 -2.88
N LEU F 155 39.56 28.05 -1.67
CA LEU F 155 40.75 28.38 -0.89
C LEU F 155 41.50 27.15 -0.42
N ASP F 156 40.83 26.00 -0.34
CA ASP F 156 41.50 24.79 0.14
C ASP F 156 42.50 24.25 -0.88
N SER F 157 42.26 24.49 -2.17
CA SER F 157 43.15 23.97 -3.20
C SER F 157 44.53 24.62 -3.15
N HIS F 158 44.60 25.86 -2.67
CA HIS F 158 45.85 26.61 -2.63
C HIS F 158 46.59 26.45 -1.30
N GLU F 159 46.20 25.49 -0.48
CA GLU F 159 46.86 25.30 0.81
C GLU F 159 48.30 24.84 0.66
N ASP F 160 48.65 24.18 -0.46
CA ASP F 160 50.03 23.80 -0.70
C ASP F 160 50.91 24.98 -1.08
N ARG F 161 50.34 26.18 -1.25
CA ARG F 161 51.09 27.38 -1.56
C ARG F 161 51.27 28.30 -0.36
N MET F 162 50.74 27.92 0.81
CA MET F 162 50.79 28.78 1.98
C MET F 162 52.13 28.64 2.70
N SER F 163 52.63 29.76 3.22
CA SER F 163 53.92 29.79 3.90
C SER F 163 53.81 29.62 5.40
N GLY F 164 52.61 29.79 5.97
CA GLY F 164 52.42 29.73 7.40
C GLY F 164 52.40 31.08 8.10
N ASN F 165 52.70 32.16 7.38
CA ASN F 165 52.67 33.50 7.95
C ASN F 165 51.40 34.25 7.58
N GLU F 166 50.41 33.56 7.02
CA GLU F 166 49.14 34.19 6.70
C GLU F 166 48.38 34.52 7.98
N LYS F 167 47.70 35.66 8.00
CA LYS F 167 46.98 36.07 9.20
C LYS F 167 45.62 36.68 8.89
N LEU F 168 45.51 37.41 7.78
CA LEU F 168 44.28 38.11 7.42
C LEU F 168 43.70 37.51 6.14
N LEU F 169 42.45 37.09 6.21
CA LEU F 169 41.71 36.61 5.06
C LEU F 169 40.74 37.71 4.62
N LEU F 170 40.85 38.10 3.35
CA LEU F 170 40.06 39.19 2.79
C LEU F 170 38.97 38.60 1.89
N LEU F 171 37.73 38.66 2.35
CA LEU F 171 36.60 38.10 1.63
C LEU F 171 35.73 39.20 1.04
N CYS F 172 35.11 38.91 -0.11
CA CYS F 172 34.24 39.84 -0.80
C CYS F 172 32.96 39.09 -1.15
N ASN F 173 31.86 39.46 -0.49
CA ASN F 173 30.59 38.78 -0.72
C ASN F 173 29.44 39.78 -0.70
N PRO F 174 28.78 40.04 -1.85
CA PRO F 174 29.02 39.46 -3.18
C PRO F 174 30.38 39.85 -3.77
N HIS F 175 30.97 38.94 -4.53
CA HIS F 175 32.33 39.15 -5.01
C HIS F 175 32.37 40.20 -6.11
N ASN F 176 33.39 41.05 -6.07
CA ASN F 176 33.65 42.04 -7.09
C ASN F 176 35.04 41.78 -7.66
N PRO F 177 35.19 41.56 -8.99
CA PRO F 177 34.10 41.55 -9.96
C PRO F 177 33.42 40.19 -10.08
N GLY F 178 32.52 40.06 -11.06
CA GLY F 178 31.82 38.81 -11.27
C GLY F 178 30.40 38.83 -10.74
N GLY F 179 30.24 39.23 -9.48
CA GLY F 179 28.92 39.29 -8.86
C GLY F 179 28.43 37.96 -8.37
N THR F 180 29.28 37.23 -7.65
CA THR F 180 28.93 35.92 -7.11
C THR F 180 28.39 36.07 -5.69
N VAL F 181 27.17 35.58 -5.47
CA VAL F 181 26.57 35.56 -4.14
C VAL F 181 26.83 34.18 -3.55
N TYR F 182 27.66 34.13 -2.51
CA TYR F 182 28.09 32.86 -1.94
C TYR F 182 26.97 32.25 -1.11
N ARG F 183 26.68 30.98 -1.38
CA ARG F 183 25.73 30.23 -0.57
C ARG F 183 26.35 29.89 0.78
N ARG F 184 25.50 29.53 1.74
CA ARG F 184 25.99 29.24 3.08
C ARG F 184 26.82 27.97 3.13
N LYS F 185 26.67 27.07 2.17
CA LYS F 185 27.55 25.91 2.10
C LYS F 185 28.97 26.31 1.76
N GLU F 186 29.13 27.32 0.89
CA GLU F 186 30.47 27.78 0.52
C GLU F 186 31.10 28.60 1.65
N LEU F 187 30.29 29.40 2.35
CA LEU F 187 30.84 30.24 3.41
C LEU F 187 31.35 29.40 4.57
N GLU F 188 30.72 28.26 4.86
CA GLU F 188 31.19 27.39 5.94
C GLU F 188 32.54 26.77 5.59
N ALA F 189 32.75 26.43 4.32
CA ALA F 189 34.05 25.93 3.90
C ALA F 189 35.13 27.00 4.01
N GLN F 190 34.78 28.26 3.77
CA GLN F 190 35.74 29.35 3.92
C GLN F 190 36.00 29.64 5.40
N LEU F 191 34.96 29.58 6.23
CA LEU F 191 35.14 29.75 7.66
C LEU F 191 36.05 28.67 8.23
N ARG F 192 35.79 27.41 7.86
CA ARG F 192 36.66 26.32 8.29
C ARG F 192 38.06 26.44 7.69
N PHE F 193 38.21 27.14 6.57
CA PHE F 193 39.55 27.43 6.05
C PHE F 193 40.25 28.47 6.93
N ALA F 194 39.52 29.50 7.36
CA ALA F 194 40.11 30.50 8.24
C ALA F 194 40.40 29.91 9.62
N GLN F 195 39.52 29.04 10.11
CA GLN F 195 39.77 28.36 11.38
C GLN F 195 40.96 27.42 11.30
N ARG F 196 41.19 26.82 10.13
CA ARG F 196 42.27 25.86 9.96
C ARG F 196 43.65 26.51 10.01
N HIS F 197 43.74 27.81 9.77
CA HIS F 197 45.01 28.52 9.80
C HIS F 197 44.98 29.71 10.76
N ASP F 198 43.96 29.81 11.61
CA ASP F 198 43.80 30.88 12.59
C ASP F 198 43.90 32.25 11.92
N LEU F 199 43.14 32.40 10.84
CA LEU F 199 43.15 33.62 10.04
C LEU F 199 42.04 34.55 10.50
N LEU F 200 42.39 35.81 10.74
CA LEU F 200 41.38 36.84 10.90
C LEU F 200 40.74 37.15 9.56
N VAL F 201 39.44 37.43 9.56
CA VAL F 201 38.68 37.59 8.34
C VAL F 201 38.18 39.02 8.23
N CYS F 202 38.26 39.58 7.02
CA CYS F 202 37.68 40.88 6.71
C CYS F 202 36.70 40.68 5.57
N SER F 203 35.41 40.74 5.88
CA SER F 203 34.35 40.46 4.91
C SER F 203 33.82 41.79 4.37
N ASP F 204 34.10 42.06 3.10
CA ASP F 204 33.56 43.22 2.40
C ASP F 204 32.19 42.85 1.84
N GLU F 205 31.15 43.50 2.35
CA GLU F 205 29.77 43.20 1.98
C GLU F 205 29.04 44.46 1.55
N ILE F 206 29.71 45.31 0.78
CA ILE F 206 29.11 46.57 0.36
C ILE F 206 28.12 46.37 -0.79
N HIS F 207 28.15 45.22 -1.46
CA HIS F 207 27.21 44.91 -2.53
C HIS F 207 26.08 44.00 -2.07
N CYS F 208 25.89 43.83 -0.76
CA CYS F 208 24.94 42.83 -0.27
C CYS F 208 23.49 43.25 -0.45
N ASP F 209 23.22 44.54 -0.63
CA ASP F 209 21.86 45.00 -0.87
C ASP F 209 21.44 44.91 -2.33
N LEU F 210 22.35 44.50 -3.22
CA LEU F 210 22.06 44.39 -4.65
C LEU F 210 21.97 42.94 -5.10
N VAL F 211 21.48 42.05 -4.24
CA VAL F 211 21.27 40.66 -4.62
C VAL F 211 20.08 40.58 -5.56
N LEU F 212 20.25 39.91 -6.69
CA LEU F 212 19.22 39.84 -7.72
C LEU F 212 18.62 38.46 -7.90
N GLU F 213 19.20 37.42 -7.31
CA GLU F 213 18.69 36.07 -7.55
C GLU F 213 17.53 35.78 -6.60
N PRO F 214 16.40 35.26 -7.10
CA PRO F 214 15.25 35.02 -6.23
C PRO F 214 15.49 33.84 -5.30
N GLY F 215 14.89 33.92 -4.11
CA GLY F 215 15.05 32.89 -3.10
C GLY F 215 16.40 32.88 -2.42
N VAL F 216 17.40 33.53 -3.00
CA VAL F 216 18.74 33.55 -2.43
C VAL F 216 18.89 34.79 -1.57
N GLN F 217 19.40 34.60 -0.35
CA GLN F 217 19.62 35.69 0.59
C GLN F 217 21.12 35.87 0.83
N HIS F 218 21.55 37.13 0.99
CA HIS F 218 22.92 37.38 1.39
C HIS F 218 23.14 36.92 2.81
N ILE F 219 24.30 36.30 3.06
CA ILE F 219 24.62 35.76 4.37
C ILE F 219 25.91 36.40 4.88
N PRO F 220 25.85 37.25 5.90
CA PRO F 220 27.07 37.82 6.46
C PRO F 220 27.98 36.73 7.02
N PHE F 221 29.28 36.92 6.83
CA PHE F 221 30.25 35.90 7.25
C PHE F 221 30.21 35.68 8.76
N ALA F 222 30.07 36.76 9.53
CA ALA F 222 30.07 36.66 10.98
C ALA F 222 28.76 36.13 11.56
N SER F 223 27.76 35.91 10.72
CA SER F 223 26.49 35.34 11.17
C SER F 223 26.49 33.82 11.13
N LEU F 224 27.59 33.20 10.69
CA LEU F 224 27.63 31.74 10.62
C LEU F 224 27.67 31.10 12.00
N SER F 225 28.44 31.69 12.91
CA SER F 225 28.58 31.15 14.27
C SER F 225 29.19 32.23 15.14
N ASP F 226 29.32 31.91 16.44
CA ASP F 226 30.00 32.80 17.36
C ASP F 226 31.48 32.91 17.03
N ASP F 227 32.09 31.80 16.60
CA ASP F 227 33.50 31.81 16.23
C ASP F 227 33.76 32.72 15.04
N ALA F 228 32.83 32.76 14.08
CA ALA F 228 33.00 33.65 12.94
C ALA F 228 32.87 35.11 13.34
N ALA F 229 32.01 35.42 14.32
CA ALA F 229 31.86 36.80 14.76
C ALA F 229 33.10 37.28 15.50
N GLN F 230 33.59 36.46 16.44
CA GLN F 230 34.78 36.79 17.25
C GLN F 230 36.07 36.71 16.47
N ARG F 231 35.99 36.56 15.15
CA ARG F 231 37.16 36.43 14.30
C ARG F 231 37.20 37.43 13.16
N SER F 232 36.08 38.06 12.81
CA SER F 232 35.96 38.80 11.56
C SER F 232 35.67 40.27 11.81
N ILE F 233 35.85 41.04 10.75
CA ILE F 233 35.37 42.42 10.66
C ILE F 233 34.58 42.55 9.37
N THR F 234 33.35 43.04 9.47
CA THR F 234 32.43 43.12 8.34
C THR F 234 32.25 44.57 7.93
N LEU F 235 32.46 44.86 6.66
CA LEU F 235 32.32 46.20 6.12
C LEU F 235 31.02 46.30 5.33
N MET F 236 30.20 47.31 5.64
CA MET F 236 28.95 47.55 4.94
C MET F 236 28.74 49.04 4.79
N SER F 237 27.94 49.41 3.79
CA SER F 237 27.67 50.80 3.49
C SER F 237 26.49 50.92 2.53
N PRO F 238 25.69 52.00 2.61
CA PRO F 238 24.63 52.21 1.63
C PRO F 238 25.10 53.01 0.42
N SER F 239 26.40 52.99 0.15
CA SER F 239 26.95 53.81 -0.93
C SER F 239 26.66 53.22 -2.30
N LYS F 240 26.64 51.88 -2.41
CA LYS F 240 26.40 51.27 -3.71
C LYS F 240 24.91 51.13 -4.00
N SER F 241 24.14 50.68 -3.01
CA SER F 241 22.72 50.41 -3.24
C SER F 241 21.94 51.69 -3.50
N PHE F 242 22.31 52.79 -2.85
CA PHE F 242 21.60 54.05 -2.97
C PHE F 242 22.40 55.09 -3.75
N ASN F 243 23.58 54.75 -4.26
CA ASN F 243 24.39 55.64 -5.09
C ASN F 243 24.70 56.95 -4.38
N ILE F 244 25.29 56.83 -3.19
CA ILE F 244 25.74 57.98 -2.43
C ILE F 244 27.22 57.82 -2.11
N ALA F 245 27.96 57.21 -3.04
CA ALA F 245 29.39 56.98 -2.83
C ALA F 245 30.18 58.29 -2.77
N GLY F 246 29.64 59.37 -3.35
CA GLY F 246 30.26 60.68 -3.19
C GLY F 246 30.24 61.18 -1.76
N LEU F 247 29.28 60.72 -0.97
CA LEU F 247 29.25 60.99 0.47
C LEU F 247 30.00 59.93 1.25
N GLY F 248 29.70 58.66 0.99
CA GLY F 248 30.49 57.55 1.51
C GLY F 248 30.51 57.40 3.01
N ALA F 249 29.33 57.21 3.62
CA ALA F 249 29.23 56.92 5.04
C ALA F 249 29.14 55.40 5.20
N SER F 250 30.18 54.81 5.77
CA SER F 250 30.29 53.36 5.91
C SER F 250 30.43 53.00 7.39
N LEU F 251 30.23 51.71 7.67
CA LEU F 251 30.36 51.20 9.02
C LEU F 251 31.07 49.85 8.99
N ALA F 252 31.66 49.49 10.13
CA ALA F 252 32.32 48.21 10.31
C ALA F 252 31.79 47.54 11.56
N VAL F 253 31.53 46.24 11.47
CA VAL F 253 31.01 45.45 12.58
C VAL F 253 32.13 44.55 13.08
N ILE F 254 32.64 44.85 14.27
CA ILE F 254 33.71 44.09 14.88
C ILE F 254 33.23 43.56 16.23
N PRO F 255 32.71 42.33 16.30
CA PRO F 255 32.19 41.84 17.58
C PRO F 255 33.26 41.64 18.63
N ASN F 256 34.45 41.20 18.24
CA ASN F 256 35.52 40.95 19.20
C ASN F 256 35.99 42.26 19.82
N PRO F 257 35.96 42.40 21.16
CA PRO F 257 36.37 43.68 21.76
C PRO F 257 37.83 44.02 21.54
N GLU F 258 38.73 43.03 21.61
CA GLU F 258 40.14 43.32 21.41
C GLU F 258 40.45 43.64 19.95
N LEU F 259 39.77 42.98 19.01
CA LEU F 259 39.91 43.35 17.61
C LEU F 259 39.38 44.76 17.36
N ARG F 260 38.30 45.14 18.05
CA ARG F 260 37.75 46.47 17.89
C ARG F 260 38.68 47.53 18.47
N ALA F 261 39.30 47.24 19.62
CA ALA F 261 40.21 48.19 20.23
C ALA F 261 41.44 48.40 19.37
N ARG F 262 41.99 47.32 18.81
CA ARG F 262 43.14 47.46 17.91
C ARG F 262 42.76 48.19 16.63
N PHE F 263 41.52 48.01 16.15
CA PHE F 263 41.06 48.73 14.97
C PHE F 263 40.93 50.23 15.26
N ASN F 264 40.34 50.58 16.40
CA ASN F 264 40.16 51.99 16.74
C ASN F 264 41.49 52.68 17.01
N ARG F 265 42.48 51.95 17.52
CA ARG F 265 43.80 52.54 17.73
C ARG F 265 44.48 52.86 16.41
N MET F 266 44.35 51.98 15.42
CA MET F 266 44.95 52.23 14.11
C MET F 266 44.25 53.36 13.38
N ARG F 267 42.95 53.54 13.61
CA ARG F 267 42.18 54.57 12.92
C ARG F 267 42.34 55.93 13.56
N LYS F 268 42.57 55.98 14.87
CA LYS F 268 42.57 57.24 15.60
C LYS F 268 43.55 58.23 14.99
N GLY F 269 43.05 59.42 14.68
CA GLY F 269 43.88 60.48 14.14
C GLY F 269 44.08 60.40 12.64
N MET F 270 44.37 59.19 12.15
CA MET F 270 44.69 59.02 10.73
C MET F 270 43.45 59.18 9.86
N VAL F 271 42.34 58.60 10.27
CA VAL F 271 41.09 58.64 9.51
C VAL F 271 40.10 59.55 10.23
N PRO F 272 39.54 60.56 9.58
CA PRO F 272 38.66 61.50 10.28
C PRO F 272 37.31 60.92 10.61
N ASP F 273 36.45 61.72 11.23
CA ASP F 273 35.08 61.32 11.53
C ASP F 273 34.20 61.45 10.29
N VAL F 274 33.05 60.80 10.34
CA VAL F 274 32.13 60.81 9.20
C VAL F 274 31.52 62.19 9.03
N ASP F 275 31.30 62.59 7.79
CA ASP F 275 30.71 63.88 7.50
C ASP F 275 29.33 64.00 8.14
N VAL F 276 28.98 65.24 8.51
CA VAL F 276 27.66 65.51 9.08
C VAL F 276 26.58 65.20 8.04
N LEU F 277 26.79 65.60 6.79
CA LEU F 277 25.81 65.35 5.75
C LEU F 277 25.80 63.89 5.31
N ALA F 278 26.93 63.19 5.46
CA ALA F 278 26.96 61.77 5.11
C ALA F 278 26.16 60.94 6.10
N TYR F 279 26.11 61.36 7.37
CA TYR F 279 25.28 60.66 8.35
C TYR F 279 23.80 60.79 8.01
N VAL F 280 23.37 61.99 7.60
CA VAL F 280 21.97 62.22 7.31
C VAL F 280 21.52 61.41 6.10
N ALA F 281 22.34 61.39 5.05
CA ALA F 281 21.95 60.69 3.82
C ALA F 281 21.99 59.17 4.00
N ALA F 282 23.00 58.68 4.71
CA ALA F 282 23.07 57.23 4.94
C ALA F 282 21.96 56.75 5.85
N SER F 283 21.44 57.64 6.70
CA SER F 283 20.32 57.27 7.56
C SER F 283 19.02 57.21 6.76
N ALA F 284 18.74 58.23 5.96
CA ALA F 284 17.53 58.24 5.16
C ALA F 284 17.52 57.13 4.13
N ALA F 285 18.71 56.68 3.70
CA ALA F 285 18.79 55.59 2.74
C ALA F 285 18.24 54.29 3.32
N TRP F 286 18.83 53.83 4.42
CA TRP F 286 18.44 52.56 5.03
C TRP F 286 17.13 52.66 5.81
N ARG F 287 16.62 53.86 6.07
CA ARG F 287 15.33 53.99 6.76
C ARG F 287 14.15 53.96 5.80
N GLU F 288 14.23 54.71 4.70
CA GLU F 288 13.08 54.90 3.82
C GLU F 288 13.36 54.60 2.35
N GLY F 289 14.61 54.39 1.95
CA GLY F 289 14.93 54.17 0.56
C GLY F 289 14.72 52.76 0.05
N GLN F 290 14.19 51.86 0.87
CA GLN F 290 14.00 50.48 0.42
C GLN F 290 13.03 50.36 -0.75
N PRO F 291 11.87 51.03 -0.78
CA PRO F 291 11.03 50.95 -1.99
C PRO F 291 11.72 51.47 -3.23
N TRP F 292 12.60 52.47 -3.09
CA TRP F 292 13.40 52.91 -4.22
C TRP F 292 14.46 51.87 -4.59
N LEU F 293 14.97 51.16 -3.59
CA LEU F 293 15.96 50.11 -3.87
C LEU F 293 15.30 48.90 -4.52
N ASP F 294 14.10 48.54 -4.08
CA ASP F 294 13.39 47.43 -4.70
C ASP F 294 13.07 47.72 -6.16
N ALA F 295 12.64 48.95 -6.45
CA ALA F 295 12.39 49.34 -7.84
C ALA F 295 13.69 49.35 -8.65
N GLN F 296 14.81 49.65 -8.01
CA GLN F 296 16.09 49.63 -8.71
C GLN F 296 16.53 48.21 -9.03
N LEU F 297 16.26 47.27 -8.13
CA LEU F 297 16.66 45.89 -8.36
C LEU F 297 15.95 45.29 -9.56
N ASP F 298 14.66 45.59 -9.71
CA ASP F 298 13.92 45.09 -10.87
C ASP F 298 14.44 45.71 -12.17
N TYR F 299 14.86 46.98 -12.12
CA TYR F 299 15.35 47.64 -13.31
C TYR F 299 16.76 47.20 -13.66
N LEU F 300 17.61 47.00 -12.65
CA LEU F 300 19.00 46.62 -12.91
C LEU F 300 19.10 45.24 -13.54
N ARG F 301 18.18 44.33 -13.22
CA ARG F 301 18.25 42.99 -13.80
C ARG F 301 17.86 43.00 -15.27
N ALA F 302 16.80 43.74 -15.63
CA ALA F 302 16.44 43.86 -17.03
C ALA F 302 17.60 44.43 -17.85
N ASN F 303 18.43 45.27 -17.23
CA ASN F 303 19.68 45.67 -17.86
C ASN F 303 20.67 44.51 -17.89
N ARG F 304 20.74 43.75 -16.80
CA ARG F 304 21.67 42.62 -16.74
C ARG F 304 21.25 41.51 -17.69
N ASP F 305 19.94 41.20 -17.73
CA ASP F 305 19.47 40.09 -18.55
C ASP F 305 19.68 40.36 -20.03
N MET F 306 19.54 41.62 -20.46
CA MET F 306 19.76 41.93 -21.86
C MET F 306 21.23 42.12 -22.18
N LEU F 307 22.06 42.44 -21.18
CA LEU F 307 23.51 42.48 -21.41
C LEU F 307 24.08 41.08 -21.53
N ALA F 308 23.72 40.19 -20.59
CA ALA F 308 24.19 38.82 -20.65
C ALA F 308 23.67 38.10 -21.89
N GLN F 309 22.49 38.48 -22.36
CA GLN F 309 21.95 37.90 -23.59
C GLN F 309 22.73 38.37 -24.82
N HIS F 310 23.13 39.65 -24.83
CA HIS F 310 23.81 40.19 -26.00
C HIS F 310 25.25 39.70 -26.08
N VAL F 311 25.97 39.69 -24.94
CA VAL F 311 27.35 39.20 -24.93
C VAL F 311 27.38 37.72 -25.29
N ASN F 312 26.34 36.97 -24.93
CA ASN F 312 26.29 35.56 -25.29
C ASN F 312 26.21 35.38 -26.80
N ARG F 313 25.43 36.23 -27.49
CA ARG F 313 25.29 36.10 -28.94
C ARG F 313 26.60 36.42 -29.66
N LEU F 314 27.34 37.41 -29.18
CA LEU F 314 28.56 37.83 -29.85
C LEU F 314 29.58 36.67 -29.85
N PRO F 315 30.39 36.56 -30.91
CA PRO F 315 31.22 35.36 -31.07
C PRO F 315 32.32 35.20 -30.03
N GLY F 316 33.24 36.16 -29.96
CA GLY F 316 34.42 36.03 -29.14
C GLY F 316 34.28 36.49 -27.70
N LEU F 317 33.07 36.72 -27.21
CA LEU F 317 32.85 37.21 -25.85
C LEU F 317 32.00 36.21 -25.07
N SER F 318 32.33 36.04 -23.80
CA SER F 318 31.57 35.22 -22.89
C SER F 318 31.49 35.92 -21.54
N MET F 319 30.35 35.75 -20.86
CA MET F 319 30.11 36.44 -19.60
C MET F 319 29.11 35.66 -18.78
N VAL F 320 29.44 35.43 -17.51
CA VAL F 320 28.50 34.80 -16.58
C VAL F 320 27.50 35.84 -16.11
N THR F 321 26.28 35.41 -15.87
CA THR F 321 25.25 36.31 -15.38
C THR F 321 25.54 36.66 -13.92
N PRO F 322 25.79 37.93 -13.60
CA PRO F 322 26.12 38.28 -12.21
C PRO F 322 24.92 38.13 -11.29
N GLU F 323 25.12 37.44 -10.18
CA GLU F 323 24.06 37.29 -9.19
C GLU F 323 23.82 38.59 -8.41
N ALA F 324 24.71 39.56 -8.53
CA ALA F 324 24.57 40.83 -7.83
C ALA F 324 24.95 41.98 -8.76
N SER F 325 24.04 42.95 -8.89
CA SER F 325 24.28 44.14 -9.68
C SER F 325 25.50 44.90 -9.15
N PHE F 326 26.10 45.73 -10.01
CA PHE F 326 25.65 46.01 -11.37
C PHE F 326 26.77 45.85 -12.39
N LEU F 327 27.43 44.69 -12.33
CA LEU F 327 28.57 44.36 -13.18
C LEU F 327 28.87 42.88 -12.99
N GLY F 328 29.30 42.20 -14.05
CA GLY F 328 29.56 42.81 -15.34
C GLY F 328 30.94 42.39 -15.84
N TRP F 329 31.28 41.12 -15.57
CA TRP F 329 32.61 40.58 -15.81
C TRP F 329 32.58 39.80 -17.12
N ILE F 330 33.15 40.39 -18.17
CA ILE F 330 33.12 39.84 -19.52
C ILE F 330 34.50 39.31 -19.87
N ASP F 331 34.55 38.08 -20.37
CA ASP F 331 35.80 37.45 -20.79
C ASP F 331 36.02 37.77 -22.27
N ALA F 332 36.85 38.78 -22.54
CA ALA F 332 37.16 39.21 -23.91
C ALA F 332 38.46 38.61 -24.41
N SER F 333 38.75 37.36 -24.04
CA SER F 333 39.98 36.70 -24.49
C SER F 333 39.85 36.09 -25.87
N GLY F 334 38.63 35.77 -26.32
CA GLY F 334 38.44 35.21 -27.64
C GLY F 334 38.61 36.20 -28.78
N LEU F 335 38.74 37.48 -28.47
CA LEU F 335 38.94 38.47 -29.52
C LEU F 335 40.31 38.36 -30.16
N GLY F 336 41.30 37.89 -29.41
CA GLY F 336 42.66 37.82 -29.91
C GLY F 336 43.44 39.11 -29.82
N VAL F 337 42.83 40.20 -29.34
CA VAL F 337 43.54 41.47 -29.20
C VAL F 337 44.38 41.44 -27.93
N ALA F 338 45.41 42.29 -27.92
CA ALA F 338 46.33 42.30 -26.78
C ALA F 338 45.71 43.00 -25.58
N ASP F 339 44.99 44.10 -25.80
CA ASP F 339 44.39 44.89 -24.73
C ASP F 339 42.91 45.07 -25.01
N PRO F 340 42.05 44.24 -24.41
CA PRO F 340 40.60 44.36 -24.68
C PRO F 340 40.02 45.70 -24.27
N ALA F 341 40.46 46.26 -23.15
CA ALA F 341 39.93 47.56 -22.72
C ALA F 341 40.37 48.67 -23.66
N LEU F 342 41.62 48.61 -24.13
CA LEU F 342 42.08 49.60 -25.10
C LEU F 342 41.42 49.41 -26.46
N PHE F 343 41.11 48.17 -26.82
CA PHE F 343 40.42 47.91 -28.09
C PHE F 343 38.98 48.44 -28.05
N PHE F 344 38.30 48.25 -26.92
CA PHE F 344 36.91 48.70 -26.83
C PHE F 344 36.80 50.22 -26.73
N GLU F 345 37.79 50.87 -26.09
CA GLU F 345 37.74 52.32 -26.00
C GLU F 345 38.25 53.01 -27.27
N LYS F 346 39.10 52.32 -28.05
CA LYS F 346 39.39 52.80 -29.40
C LYS F 346 38.15 52.77 -30.29
N HIS F 347 37.15 51.96 -29.93
CA HIS F 347 35.89 51.86 -30.66
C HIS F 347 34.73 52.47 -29.90
N GLY F 348 35.02 53.29 -28.88
CA GLY F 348 34.00 54.06 -28.19
C GLY F 348 33.27 53.35 -27.06
N LEU F 349 34.01 52.64 -26.22
CA LEU F 349 33.43 51.94 -25.07
C LEU F 349 34.39 52.02 -23.90
N GLY F 350 33.99 52.72 -22.84
CA GLY F 350 34.84 52.88 -21.67
C GLY F 350 34.61 51.80 -20.63
N PHE F 351 35.44 50.77 -20.64
CA PHE F 351 35.34 49.66 -19.72
C PHE F 351 36.49 49.68 -18.73
N SER F 352 36.23 49.14 -17.54
CA SER F 352 37.29 48.95 -16.55
C SER F 352 38.17 47.78 -16.97
N SER F 353 39.44 48.05 -17.22
CA SER F 353 40.37 47.00 -17.62
C SER F 353 40.52 45.98 -16.52
N GLY F 354 40.43 44.69 -16.87
CA GLY F 354 40.67 43.63 -15.92
C GLY F 354 42.09 43.56 -15.42
N ARG F 355 43.01 44.30 -16.02
CA ARG F 355 44.38 44.35 -15.54
C ARG F 355 44.45 44.87 -14.10
N ASP F 356 43.53 45.76 -13.72
CA ASP F 356 43.50 46.25 -12.35
C ASP F 356 43.04 45.17 -11.38
N PHE F 357 42.26 44.21 -11.85
CA PHE F 357 41.70 43.17 -10.99
C PHE F 357 42.52 41.89 -10.98
N GLY F 358 43.32 41.63 -12.02
CA GLY F 358 44.19 40.47 -12.01
C GLY F 358 44.13 39.64 -13.27
N ASN F 359 43.38 40.08 -14.28
CA ASN F 359 43.28 39.34 -15.54
C ASN F 359 43.09 40.34 -16.67
N ASP F 360 44.16 40.55 -17.45
CA ASP F 360 44.13 41.54 -18.53
C ASP F 360 43.18 41.18 -19.66
N ARG F 361 42.61 39.97 -19.66
CA ARG F 361 41.73 39.52 -20.73
C ARG F 361 40.26 39.80 -20.46
N PHE F 362 39.94 40.57 -19.44
CA PHE F 362 38.56 40.83 -19.05
C PHE F 362 38.26 42.32 -19.05
N VAL F 363 37.00 42.65 -19.29
CA VAL F 363 36.49 44.00 -19.17
C VAL F 363 35.31 43.99 -18.22
N ARG F 364 35.07 45.11 -17.55
CA ARG F 364 34.03 45.22 -16.54
C ARG F 364 32.94 46.16 -17.05
N PHE F 365 31.82 45.58 -17.49
CA PHE F 365 30.69 46.35 -17.98
C PHE F 365 29.85 46.86 -16.82
N ASN F 366 29.59 48.16 -16.80
CA ASN F 366 28.78 48.81 -15.76
C ASN F 366 27.43 49.16 -16.38
N PHE F 367 26.43 48.31 -16.17
CA PHE F 367 25.10 48.54 -16.69
C PHE F 367 24.20 49.28 -15.71
N GLY F 368 24.77 50.01 -14.76
CA GLY F 368 23.99 50.84 -13.87
C GLY F 368 23.64 52.17 -14.50
N CYS F 369 22.81 52.12 -15.54
CA CYS F 369 22.49 53.30 -16.33
C CYS F 369 21.10 53.11 -16.93
N PRO F 370 20.47 54.18 -17.41
CA PRO F 370 19.19 54.00 -18.11
C PRO F 370 19.33 53.07 -19.30
N ARG F 371 18.24 52.37 -19.62
CA ARG F 371 18.31 51.29 -20.59
C ARG F 371 18.63 51.78 -21.99
N GLN F 372 18.23 53.00 -22.34
CA GLN F 372 18.51 53.50 -23.68
C GLN F 372 20.02 53.69 -23.88
N LEU F 373 20.73 54.17 -22.86
CA LEU F 373 22.18 54.27 -22.94
C LEU F 373 22.81 52.88 -23.03
N LEU F 374 22.23 51.90 -22.33
CA LEU F 374 22.70 50.53 -22.44
C LEU F 374 22.46 49.99 -23.84
N GLU F 375 21.32 50.31 -24.45
CA GLU F 375 21.02 49.85 -25.79
C GLU F 375 22.02 50.40 -26.80
N GLU F 376 22.46 51.64 -26.61
CA GLU F 376 23.46 52.22 -27.50
C GLU F 376 24.83 51.59 -27.27
N ALA F 377 25.15 51.23 -26.03
CA ALA F 377 26.43 50.57 -25.75
C ALA F 377 26.46 49.17 -26.37
N LEU F 378 25.35 48.44 -26.28
CA LEU F 378 25.29 47.12 -26.91
C LEU F 378 25.38 47.22 -28.43
N GLN F 379 24.86 48.31 -29.01
CA GLN F 379 25.01 48.52 -30.44
C GLN F 379 26.47 48.77 -30.81
N ARG F 380 27.21 49.47 -29.95
CA ARG F 380 28.62 49.73 -30.23
C ARG F 380 29.45 48.45 -30.09
N MET F 381 29.07 47.56 -29.19
CA MET F 381 29.74 46.26 -29.11
C MET F 381 29.58 45.46 -30.39
N THR F 382 28.45 45.63 -31.08
CA THR F 382 28.23 44.91 -32.33
C THR F 382 29.11 45.46 -33.44
N ARG F 383 29.27 46.78 -33.51
CA ARG F 383 30.11 47.37 -34.55
C ARG F 383 31.59 47.14 -34.26
N ALA F 384 31.96 47.00 -32.98
CA ALA F 384 33.35 46.77 -32.64
C ALA F 384 33.86 45.41 -33.10
N LEU F 385 32.96 44.44 -33.29
CA LEU F 385 33.36 43.10 -33.71
C LEU F 385 33.18 42.85 -35.20
N THR F 386 32.37 43.64 -35.88
CA THR F 386 32.11 43.49 -37.31
C THR F 386 32.42 44.80 -38.02
N SER F 387 33.25 44.75 -39.05
CA SER F 387 33.82 43.50 -39.55
C SER F 387 35.30 43.67 -39.86
N GLY F 388 36.00 44.47 -39.06
CA GLY F 388 37.40 44.70 -39.26
C GLY F 388 38.29 43.97 -38.27
N TYR F 389 37.97 42.70 -38.04
CA TYR F 389 38.71 41.84 -37.09
C TYR F 389 38.62 42.40 -35.67
N PHE G 11 -52.39 -43.85 51.53
CA PHE G 11 -53.09 -44.75 50.62
C PHE G 11 -52.71 -44.48 49.17
N ASN G 12 -52.55 -45.55 48.39
CA ASN G 12 -52.16 -45.43 46.99
C ASN G 12 -53.25 -44.73 46.20
N PHE G 13 -52.88 -43.65 45.50
CA PHE G 13 -53.82 -42.85 44.71
C PHE G 13 -53.13 -42.54 43.38
N ASP G 14 -53.30 -43.45 42.41
CA ASP G 14 -52.61 -43.34 41.13
C ASP G 14 -53.29 -42.36 40.18
N GLN G 15 -53.93 -41.33 40.73
CA GLN G 15 -54.57 -40.30 39.92
C GLN G 15 -54.00 -38.92 40.15
N ARG G 16 -52.99 -38.79 41.01
CA ARG G 16 -52.30 -37.52 41.17
C ARG G 16 -51.65 -37.11 39.85
N ILE G 17 -51.72 -35.81 39.55
CA ILE G 17 -51.31 -35.34 38.23
C ILE G 17 -49.80 -35.19 38.13
N ASP G 18 -49.19 -34.47 39.08
CA ASP G 18 -47.75 -34.20 39.09
C ASP G 18 -47.32 -33.42 37.86
N ARG G 19 -47.11 -32.12 38.02
CA ARG G 19 -46.77 -31.24 36.90
C ARG G 19 -45.28 -31.33 36.59
N ARG G 20 -44.96 -31.48 35.29
CA ARG G 20 -43.59 -31.41 34.81
C ARG G 20 -43.58 -30.64 33.49
N HIS G 21 -42.80 -29.56 33.38
CA HIS G 21 -42.06 -28.81 34.43
C HIS G 21 -41.18 -29.58 35.41
N SER G 22 -40.18 -30.30 34.89
CA SER G 22 -39.20 -30.98 35.71
C SER G 22 -38.02 -31.44 34.86
N ASP G 23 -37.31 -32.47 35.32
CA ASP G 23 -36.25 -33.08 34.54
C ASP G 23 -36.78 -34.05 33.48
N SER G 24 -38.10 -34.22 33.40
CA SER G 24 -38.69 -35.27 32.58
C SER G 24 -38.40 -35.03 31.10
N LEU G 25 -37.73 -36.00 30.47
CA LEU G 25 -37.59 -35.98 29.01
C LEU G 25 -38.93 -36.22 28.33
N LYS G 26 -39.82 -36.97 28.98
CA LYS G 26 -41.14 -37.24 28.42
C LYS G 26 -41.93 -35.95 28.23
N TRP G 27 -42.01 -35.12 29.28
CA TRP G 27 -42.75 -33.87 29.25
C TRP G 27 -41.90 -32.69 28.80
N LYS G 28 -40.91 -32.92 27.94
CA LYS G 28 -40.07 -31.85 27.42
C LYS G 28 -39.89 -31.88 25.92
N LYS G 29 -40.14 -33.01 25.26
CA LYS G 29 -40.05 -33.06 23.80
C LYS G 29 -41.14 -32.23 23.15
N TYR G 30 -42.35 -32.27 23.69
CA TYR G 30 -43.45 -31.47 23.18
C TYR G 30 -43.75 -30.32 24.14
N ALA G 31 -42.76 -29.47 24.39
CA ALA G 31 -42.85 -28.42 25.39
C ALA G 31 -43.94 -27.41 25.05
N ASP G 32 -43.64 -26.45 24.16
CA ASP G 32 -44.60 -25.41 23.80
C ASP G 32 -45.50 -25.85 22.66
N ARG G 33 -46.10 -27.03 22.80
CA ARG G 33 -46.98 -27.59 21.79
C ARG G 33 -48.13 -28.32 22.49
N ASP G 34 -49.32 -28.22 21.91
CA ASP G 34 -50.52 -28.84 22.47
C ASP G 34 -50.57 -30.32 22.09
N ILE G 35 -49.58 -31.07 22.58
CA ILE G 35 -49.42 -32.48 22.26
C ILE G 35 -49.26 -33.25 23.56
N LEU G 36 -50.05 -34.30 23.73
CA LEU G 36 -50.00 -35.11 24.95
C LEU G 36 -48.81 -36.05 24.91
N PRO G 37 -47.91 -36.01 25.89
CA PRO G 37 -46.76 -36.92 25.88
C PRO G 37 -47.15 -38.35 26.21
N LEU G 38 -47.10 -39.24 25.22
CA LEU G 38 -47.46 -40.64 25.38
C LEU G 38 -46.46 -41.53 24.65
N TRP G 39 -45.17 -41.17 24.70
CA TRP G 39 -44.19 -41.82 23.85
C TRP G 39 -43.17 -42.64 24.65
N ILE G 40 -42.24 -41.96 25.33
CA ILE G 40 -41.17 -42.69 26.03
C ILE G 40 -41.75 -43.53 27.16
N ALA G 41 -41.02 -44.57 27.53
CA ALA G 41 -41.56 -45.65 28.36
C ALA G 41 -41.24 -45.37 29.83
N ASP G 42 -42.02 -44.48 30.42
CA ASP G 42 -42.05 -44.31 31.87
C ASP G 42 -43.42 -43.76 32.25
N THR G 43 -43.82 -44.00 33.49
CA THR G 43 -45.12 -43.57 33.96
C THR G 43 -45.05 -42.17 34.57
N ASP G 44 -46.22 -41.54 34.69
CA ASP G 44 -46.36 -40.25 35.35
C ASP G 44 -46.68 -40.39 36.84
N PHE G 45 -46.31 -41.51 37.45
CA PHE G 45 -46.66 -41.83 38.82
C PHE G 45 -45.53 -41.45 39.76
N ARG G 46 -45.89 -40.89 40.91
CA ARG G 46 -44.91 -40.65 41.97
C ARG G 46 -44.46 -41.97 42.57
N ALA G 47 -43.16 -42.10 42.78
CA ALA G 47 -42.60 -43.33 43.32
C ALA G 47 -43.18 -43.61 44.71
N ALA G 48 -43.07 -44.88 45.12
CA ALA G 48 -43.60 -45.29 46.41
C ALA G 48 -42.90 -44.55 47.54
N ASP G 49 -43.62 -44.40 48.66
CA ASP G 49 -43.05 -43.69 49.80
C ASP G 49 -41.83 -44.40 50.37
N CYS G 50 -41.79 -45.73 50.30
CA CYS G 50 -40.63 -46.47 50.78
C CYS G 50 -39.38 -46.08 49.99
N ILE G 51 -39.53 -45.88 48.68
CA ILE G 51 -38.40 -45.42 47.87
C ILE G 51 -38.02 -43.99 48.27
N ILE G 52 -39.01 -43.13 48.48
CA ILE G 52 -38.73 -41.74 48.82
C ILE G 52 -38.19 -41.62 50.23
N ASP G 53 -38.75 -42.38 51.18
CA ASP G 53 -38.25 -42.36 52.54
C ASP G 53 -36.81 -42.86 52.61
N ALA G 54 -36.49 -43.91 51.87
CA ALA G 54 -35.12 -44.43 51.86
C ALA G 54 -34.18 -43.45 51.17
N LEU G 55 -34.63 -42.83 50.07
CA LEU G 55 -33.79 -41.87 49.37
C LEU G 55 -33.51 -40.64 50.24
N GLN G 56 -34.49 -40.20 51.02
CA GLN G 56 -34.32 -39.00 51.83
C GLN G 56 -33.39 -39.24 53.00
N GLN G 57 -33.53 -40.37 53.68
CA GLN G 57 -32.68 -40.64 54.83
C GLN G 57 -31.27 -41.05 54.43
N ARG G 58 -31.04 -41.43 53.18
CA ARG G 58 -29.68 -41.59 52.68
C ARG G 58 -29.06 -40.26 52.28
N VAL G 59 -29.88 -39.35 51.76
CA VAL G 59 -29.39 -38.00 51.46
C VAL G 59 -29.24 -37.20 52.75
N GLN G 60 -30.03 -37.51 53.78
CA GLN G 60 -29.92 -36.80 55.05
C GLN G 60 -28.54 -36.97 55.66
N GLN G 61 -27.95 -38.15 55.49
CA GLN G 61 -26.52 -38.29 55.73
C GLN G 61 -25.77 -37.54 54.64
N GLY G 62 -24.75 -36.78 55.05
CA GLY G 62 -23.91 -36.12 54.07
C GLY G 62 -23.01 -37.10 53.35
N VAL G 63 -21.73 -36.74 53.24
CA VAL G 63 -20.65 -37.56 52.68
C VAL G 63 -21.14 -38.55 51.63
N PHE G 64 -21.12 -38.15 50.36
CA PHE G 64 -21.54 -39.02 49.28
C PHE G 64 -20.34 -39.57 48.53
N GLY G 65 -19.47 -40.29 49.24
CA GLY G 65 -18.25 -40.81 48.65
C GLY G 65 -18.48 -42.13 47.95
N TYR G 66 -17.36 -42.78 47.58
CA TYR G 66 -17.43 -44.05 46.87
C TYR G 66 -18.16 -45.09 47.70
N GLY G 67 -19.05 -45.83 47.04
CA GLY G 67 -19.84 -46.83 47.71
C GLY G 67 -19.50 -48.25 47.31
N VAL G 68 -19.94 -49.22 48.11
CA VAL G 68 -19.73 -50.62 47.81
C VAL G 68 -20.97 -51.16 47.11
N THR G 69 -20.84 -52.36 46.53
CA THR G 69 -21.98 -53.03 45.94
C THR G 69 -23.01 -53.34 47.02
N SER G 70 -24.22 -52.83 46.84
CA SER G 70 -25.28 -52.97 47.85
C SER G 70 -25.68 -54.44 47.97
N GLU G 71 -25.24 -55.09 49.04
CA GLU G 71 -25.66 -56.44 49.33
C GLU G 71 -27.07 -56.51 49.89
N ALA G 72 -27.63 -55.39 50.35
CA ALA G 72 -29.04 -55.36 50.71
C ALA G 72 -29.92 -55.54 49.47
N LEU G 73 -29.54 -54.91 48.36
CA LEU G 73 -30.23 -55.14 47.10
C LEU G 73 -29.97 -56.53 46.57
N ALA G 74 -28.79 -57.10 46.87
CA ALA G 74 -28.46 -58.43 46.37
C ALA G 74 -29.32 -59.51 47.04
N GLU G 75 -29.57 -59.38 48.34
CA GLU G 75 -30.32 -60.41 49.05
C GLU G 75 -31.81 -60.36 48.74
N VAL G 76 -32.35 -59.18 48.42
CA VAL G 76 -33.78 -59.11 48.09
C VAL G 76 -34.02 -59.57 46.66
N ALA G 77 -33.08 -59.34 45.75
CA ALA G 77 -33.22 -59.85 44.39
C ALA G 77 -33.24 -61.37 44.38
N ILE G 78 -32.35 -61.99 45.15
CA ILE G 78 -32.37 -63.45 45.28
C ILE G 78 -33.66 -63.91 45.93
N GLU G 79 -34.14 -63.14 46.92
CA GLU G 79 -35.40 -63.48 47.57
C GLU G 79 -36.58 -63.30 46.63
N ARG G 80 -36.60 -62.21 45.86
CA ARG G 80 -37.75 -61.92 44.99
C ARG G 80 -37.84 -62.92 43.84
N MET G 81 -36.70 -63.40 43.34
CA MET G 81 -36.74 -64.27 42.17
C MET G 81 -37.23 -65.67 42.54
N GLU G 82 -36.90 -66.16 43.73
CA GLU G 82 -37.38 -67.47 44.14
C GLU G 82 -38.82 -67.42 44.64
N SER G 83 -39.23 -66.33 45.28
CA SER G 83 -40.56 -66.26 45.85
C SER G 83 -41.62 -66.04 44.78
N ARG G 84 -41.29 -65.25 43.75
CA ARG G 84 -42.27 -64.91 42.72
C ARG G 84 -42.16 -65.75 41.45
N PHE G 85 -40.99 -66.34 41.19
CA PHE G 85 -40.81 -67.13 39.97
C PHE G 85 -40.20 -68.50 40.21
N GLY G 86 -39.90 -68.86 41.46
CA GLY G 86 -39.31 -70.16 41.72
C GLY G 86 -37.93 -70.34 41.13
N TRP G 87 -37.18 -69.25 40.98
CA TRP G 87 -35.84 -69.27 40.39
C TRP G 87 -34.81 -68.95 41.47
N LYS G 88 -33.93 -69.91 41.75
CA LYS G 88 -32.91 -69.73 42.77
C LYS G 88 -31.66 -69.12 42.15
N ILE G 89 -31.09 -68.14 42.84
CA ILE G 89 -29.95 -67.37 42.35
C ILE G 89 -28.81 -67.48 43.35
N GLN G 90 -27.61 -67.75 42.84
CA GLN G 90 -26.43 -67.63 43.69
C GLN G 90 -25.95 -66.19 43.74
N PRO G 91 -25.39 -65.76 44.87
CA PRO G 91 -24.87 -64.38 44.94
C PRO G 91 -23.78 -64.10 43.91
N GLU G 92 -22.96 -65.09 43.57
CA GLU G 92 -21.90 -64.89 42.59
C GLU G 92 -22.43 -64.77 41.16
N TRP G 93 -23.73 -64.95 40.95
CA TRP G 93 -24.33 -64.77 39.62
C TRP G 93 -24.66 -63.33 39.32
N LEU G 94 -24.76 -62.47 40.34
CA LEU G 94 -25.27 -61.11 40.15
C LEU G 94 -24.17 -60.17 39.69
N VAL G 95 -24.50 -59.31 38.73
CA VAL G 95 -23.63 -58.24 38.26
C VAL G 95 -24.49 -56.99 38.15
N PHE G 96 -24.31 -56.05 39.06
CA PHE G 96 -25.14 -54.85 39.09
C PHE G 96 -24.63 -53.84 38.07
N LEU G 97 -25.54 -53.33 37.24
CA LEU G 97 -25.21 -52.43 36.14
C LEU G 97 -26.00 -51.14 36.26
N PRO G 98 -25.44 -50.02 35.76
CA PRO G 98 -26.22 -48.78 35.69
C PRO G 98 -27.06 -48.73 34.41
N GLY G 99 -28.25 -49.29 34.48
CA GLY G 99 -29.12 -49.39 33.31
C GLY G 99 -29.10 -50.77 32.69
N VAL G 100 -30.09 -51.02 31.84
CA VAL G 100 -30.25 -52.31 31.18
C VAL G 100 -29.68 -52.22 29.77
N VAL G 101 -29.76 -51.02 29.18
CA VAL G 101 -29.25 -50.83 27.82
C VAL G 101 -27.76 -51.13 27.76
N THR G 102 -27.01 -50.71 28.78
CA THR G 102 -25.58 -51.00 28.80
C THR G 102 -25.31 -52.50 28.88
N GLY G 103 -26.17 -53.24 29.58
CA GLY G 103 -26.01 -54.69 29.62
C GLY G 103 -26.21 -55.33 28.27
N ILE G 104 -27.09 -54.76 27.44
CA ILE G 104 -27.29 -55.27 26.09
C ILE G 104 -26.03 -55.07 25.26
N ASN G 105 -25.44 -53.87 25.33
CA ASN G 105 -24.24 -53.59 24.55
C ASN G 105 -23.04 -54.40 25.03
N ILE G 106 -22.95 -54.65 26.33
CA ILE G 106 -21.86 -55.48 26.85
C ILE G 106 -21.99 -56.91 26.33
N ALA G 107 -23.20 -57.48 26.44
CA ALA G 107 -23.41 -58.85 26.00
C ALA G 107 -23.15 -59.02 24.51
N VAL G 108 -23.48 -58.00 23.71
CA VAL G 108 -23.24 -58.08 22.27
C VAL G 108 -21.74 -58.09 21.99
N ARG G 109 -20.99 -57.22 22.66
CA ARG G 109 -19.57 -57.08 22.38
C ARG G 109 -18.70 -58.08 23.11
N ALA G 110 -19.26 -58.81 24.08
CA ALA G 110 -18.48 -59.79 24.85
C ALA G 110 -18.69 -61.22 24.39
N PHE G 111 -19.83 -61.53 23.76
CA PHE G 111 -20.15 -62.89 23.37
C PHE G 111 -20.23 -63.06 21.85
N THR G 112 -19.84 -62.05 21.09
CA THR G 112 -19.75 -62.13 19.64
C THR G 112 -18.43 -61.57 19.17
N GLU G 113 -18.02 -61.96 17.98
CA GLU G 113 -16.87 -61.37 17.31
C GLU G 113 -17.33 -60.65 16.05
N ALA G 114 -16.41 -59.87 15.47
CA ALA G 114 -16.75 -58.98 14.36
C ALA G 114 -17.31 -59.72 13.15
N HIS G 115 -17.13 -61.04 13.09
CA HIS G 115 -17.65 -61.85 11.99
C HIS G 115 -18.96 -62.56 12.32
N GLN G 116 -19.28 -62.70 13.60
CA GLN G 116 -20.52 -63.36 14.01
C GLN G 116 -21.67 -62.35 14.05
N SER G 117 -22.88 -62.86 14.18
CA SER G 117 -24.09 -62.05 14.11
C SER G 117 -25.01 -62.37 15.28
N THR G 118 -26.07 -61.57 15.40
CA THR G 118 -27.06 -61.71 16.47
C THR G 118 -28.44 -61.95 15.88
N VAL G 119 -29.30 -62.57 16.70
CA VAL G 119 -30.67 -62.90 16.30
C VAL G 119 -31.64 -62.23 17.26
N SER G 120 -32.68 -61.63 16.71
CA SER G 120 -33.73 -61.01 17.51
C SER G 120 -35.00 -60.94 16.69
N ALA G 121 -36.11 -60.75 17.40
CA ALA G 121 -37.40 -60.57 16.74
C ALA G 121 -37.55 -59.14 16.24
N THR G 122 -38.60 -58.91 15.46
CA THR G 122 -38.92 -57.59 14.96
C THR G 122 -40.42 -57.48 14.81
N PRO G 123 -41.03 -56.35 15.19
CA PRO G 123 -40.38 -55.17 15.78
C PRO G 123 -39.98 -55.40 17.25
N ILE G 124 -39.07 -54.56 17.76
CA ILE G 124 -38.55 -54.76 19.11
C ILE G 124 -37.89 -53.48 19.62
N TYR G 125 -37.53 -53.47 20.90
CA TYR G 125 -36.80 -52.37 21.50
C TYR G 125 -35.57 -52.03 20.66
N PRO G 126 -35.35 -50.76 20.32
CA PRO G 126 -34.34 -50.41 19.31
C PRO G 126 -32.94 -50.88 19.66
N PRO G 127 -32.48 -50.75 20.91
CA PRO G 127 -31.12 -51.23 21.23
C PRO G 127 -30.88 -52.70 20.94
N PHE G 128 -31.92 -53.50 20.71
CA PHE G 128 -31.72 -54.90 20.37
C PHE G 128 -31.12 -55.07 18.97
N PHE G 129 -31.31 -54.12 18.07
CA PHE G 129 -30.63 -54.11 16.79
C PHE G 129 -29.69 -52.92 16.59
N LEU G 130 -29.78 -51.90 17.45
CA LEU G 130 -28.84 -50.78 17.36
C LEU G 130 -27.49 -51.13 17.97
N ALA G 131 -27.49 -51.90 19.05
CA ALA G 131 -26.23 -52.34 19.64
C ALA G 131 -25.42 -53.25 18.71
N PRO G 132 -26.01 -54.23 18.00
CA PRO G 132 -25.22 -54.93 16.98
C PRO G 132 -24.69 -54.01 15.89
N LYS G 133 -25.46 -53.00 15.48
CA LYS G 133 -24.98 -52.05 14.50
C LYS G 133 -23.85 -51.20 15.05
N LEU G 134 -23.94 -50.81 16.33
CA LEU G 134 -22.87 -50.04 16.95
C LEU G 134 -21.59 -50.85 17.03
N ALA G 135 -21.70 -52.14 17.36
CA ALA G 135 -20.54 -53.00 17.52
C ALA G 135 -19.99 -53.53 16.20
N GLY G 136 -20.63 -53.20 15.08
CA GLY G 136 -20.18 -53.70 13.79
C GLY G 136 -20.55 -55.13 13.51
N ARG G 137 -21.65 -55.62 14.08
CA ARG G 137 -22.12 -56.98 13.86
C ARG G 137 -23.30 -56.97 12.91
N GLN G 138 -23.49 -58.10 12.22
CA GLN G 138 -24.70 -58.28 11.43
C GLN G 138 -25.84 -58.74 12.33
N HIS G 139 -27.07 -58.50 11.87
CA HIS G 139 -28.26 -58.76 12.67
C HIS G 139 -29.29 -59.48 11.83
N LEU G 140 -29.85 -60.56 12.38
CA LEU G 140 -30.91 -61.33 11.75
C LEU G 140 -32.23 -61.02 12.45
N SER G 141 -33.21 -60.53 11.71
CA SER G 141 -34.50 -60.13 12.25
C SER G 141 -35.54 -61.17 11.87
N ALA G 142 -36.19 -61.76 12.87
CA ALA G 142 -37.24 -62.75 12.67
C ALA G 142 -38.59 -62.06 12.92
N ALA G 143 -39.39 -61.95 11.87
CA ALA G 143 -40.66 -61.23 11.96
C ALA G 143 -41.61 -61.91 12.93
N LEU G 144 -42.39 -61.10 13.65
CA LEU G 144 -43.42 -61.60 14.55
C LEU G 144 -44.73 -61.73 13.80
N ARG G 145 -45.37 -62.89 13.93
CA ARG G 145 -46.65 -63.13 13.30
C ARG G 145 -47.78 -62.96 14.32
N LEU G 146 -48.92 -62.48 13.85
CA LEU G 146 -50.08 -62.27 14.70
C LEU G 146 -50.92 -63.55 14.71
N GLU G 147 -50.95 -64.22 15.86
CA GLU G 147 -51.67 -65.49 16.00
C GLU G 147 -52.45 -65.46 17.31
N GLN G 148 -53.79 -65.38 17.19
CA GLN G 148 -54.70 -65.53 18.33
C GLN G 148 -54.39 -64.50 19.42
N GLN G 149 -54.75 -63.25 19.10
CA GLN G 149 -54.68 -62.11 20.00
C GLN G 149 -53.27 -61.83 20.53
N ARG G 150 -52.24 -62.41 19.91
CA ARG G 150 -50.89 -62.33 20.46
C ARG G 150 -49.87 -62.28 19.34
N TRP G 151 -48.80 -61.51 19.55
CA TRP G 151 -47.65 -61.50 18.66
C TRP G 151 -46.69 -62.58 19.13
N VAL G 152 -46.63 -63.69 18.39
CA VAL G 152 -45.83 -64.84 18.77
C VAL G 152 -44.56 -64.87 17.93
N LEU G 153 -43.56 -65.59 18.42
CA LEU G 153 -42.28 -65.72 17.76
C LEU G 153 -42.06 -67.16 17.29
N ASP G 154 -41.56 -67.32 16.07
CA ASP G 154 -41.27 -68.63 15.49
C ASP G 154 -39.86 -68.57 14.90
N LEU G 155 -38.86 -68.87 15.74
CA LEU G 155 -37.49 -68.83 15.28
C LEU G 155 -37.18 -69.97 14.31
N ASP G 156 -37.89 -71.10 14.45
CA ASP G 156 -37.63 -72.24 13.56
C ASP G 156 -38.01 -71.93 12.13
N SER G 157 -39.01 -71.09 11.92
CA SER G 157 -39.46 -70.75 10.57
C SER G 157 -38.51 -69.80 9.85
N HIS G 158 -37.36 -69.48 10.43
CA HIS G 158 -36.39 -68.58 9.81
C HIS G 158 -35.04 -69.26 9.61
N GLU G 159 -34.98 -70.59 9.69
CA GLU G 159 -33.71 -71.29 9.51
C GLU G 159 -33.17 -71.13 8.10
N ASP G 160 -34.06 -71.06 7.10
CA ASP G 160 -33.61 -70.86 5.73
C ASP G 160 -33.10 -69.45 5.47
N ARG G 161 -33.23 -68.54 6.43
CA ARG G 161 -32.75 -67.17 6.30
C ARG G 161 -31.43 -66.93 7.04
N MET G 162 -30.85 -67.96 7.65
CA MET G 162 -29.66 -67.79 8.47
C MET G 162 -28.40 -68.01 7.62
N SER G 163 -27.24 -68.07 8.28
CA SER G 163 -25.99 -68.27 7.56
C SER G 163 -24.92 -68.98 8.40
N GLY G 164 -25.27 -69.50 9.57
CA GLY G 164 -24.29 -70.18 10.41
C GLY G 164 -23.38 -69.27 11.19
N ASN G 165 -23.48 -67.96 11.02
CA ASN G 165 -22.66 -67.00 11.76
C ASN G 165 -23.30 -66.50 13.04
N GLU G 166 -24.55 -66.86 13.30
CA GLU G 166 -25.26 -66.36 14.47
C GLU G 166 -24.74 -67.03 15.73
N LYS G 167 -24.47 -66.23 16.77
CA LYS G 167 -23.93 -66.77 18.01
C LYS G 167 -24.72 -66.27 19.22
N LEU G 168 -25.27 -65.07 19.14
CA LEU G 168 -26.00 -64.46 20.24
C LEU G 168 -27.48 -64.35 19.90
N LEU G 169 -28.32 -64.85 20.78
CA LEU G 169 -29.77 -64.79 20.63
C LEU G 169 -30.32 -63.81 21.65
N LEU G 170 -30.96 -62.75 21.16
CA LEU G 170 -31.41 -61.65 22.01
C LEU G 170 -32.92 -61.78 22.22
N LEU G 171 -33.30 -62.15 23.44
CA LEU G 171 -34.70 -62.36 23.81
C LEU G 171 -35.23 -61.17 24.61
N CYS G 172 -36.55 -61.01 24.58
CA CYS G 172 -37.22 -59.93 25.29
C CYS G 172 -38.56 -60.46 25.79
N ASN G 173 -38.62 -60.80 27.08
CA ASN G 173 -39.81 -61.40 27.67
C ASN G 173 -40.05 -60.80 29.06
N PRO G 174 -41.17 -60.09 29.28
CA PRO G 174 -42.23 -59.73 28.33
C PRO G 174 -41.74 -58.86 27.18
N HIS G 175 -42.42 -58.95 26.04
CA HIS G 175 -41.89 -58.38 24.81
C HIS G 175 -42.24 -56.90 24.69
N ASN G 176 -41.25 -56.11 24.30
CA ASN G 176 -41.40 -54.70 23.96
C ASN G 176 -41.26 -54.55 22.46
N PRO G 177 -42.23 -53.93 21.76
CA PRO G 177 -43.43 -53.24 22.27
C PRO G 177 -44.71 -54.09 22.22
N GLY G 178 -44.59 -55.40 22.02
CA GLY G 178 -45.76 -56.23 21.90
C GLY G 178 -46.53 -56.37 23.20
N GLY G 179 -45.82 -56.49 24.31
CA GLY G 179 -46.45 -56.79 25.58
C GLY G 179 -46.73 -58.25 25.81
N THR G 180 -46.21 -59.13 24.95
CA THR G 180 -46.51 -60.55 25.05
C THR G 180 -45.75 -61.18 26.21
N VAL G 181 -46.45 -62.02 26.97
CA VAL G 181 -45.84 -62.81 28.04
C VAL G 181 -45.80 -64.24 27.53
N TYR G 182 -44.61 -64.69 27.11
CA TYR G 182 -44.46 -66.01 26.52
C TYR G 182 -44.77 -67.10 27.53
N ARG G 183 -45.57 -68.09 27.10
CA ARG G 183 -45.82 -69.24 27.94
C ARG G 183 -44.63 -70.19 27.91
N ARG G 184 -44.69 -71.22 28.78
CA ARG G 184 -43.54 -72.10 28.95
C ARG G 184 -43.20 -72.86 27.67
N LYS G 185 -44.22 -73.37 26.97
CA LYS G 185 -43.96 -74.13 25.75
C LYS G 185 -43.33 -73.28 24.65
N GLU G 186 -43.50 -71.97 24.71
CA GLU G 186 -42.86 -71.08 23.74
C GLU G 186 -41.43 -70.72 24.12
N LEU G 187 -41.15 -70.58 25.43
CA LEU G 187 -39.78 -70.31 25.86
C LEU G 187 -38.88 -71.51 25.62
N GLU G 188 -39.39 -72.73 25.82
CA GLU G 188 -38.59 -73.92 25.58
C GLU G 188 -38.38 -74.16 24.09
N ALA G 189 -39.30 -73.69 23.24
CA ALA G 189 -39.10 -73.78 21.81
C ALA G 189 -37.96 -72.87 21.35
N GLN G 190 -37.84 -71.69 21.98
CA GLN G 190 -36.69 -70.83 21.68
C GLN G 190 -35.42 -71.36 22.32
N LEU G 191 -35.54 -72.03 23.46
CA LEU G 191 -34.37 -72.65 24.09
C LEU G 191 -33.78 -73.72 23.19
N ARG G 192 -34.63 -74.58 22.63
CA ARG G 192 -34.15 -75.62 21.72
C ARG G 192 -33.56 -75.01 20.45
N PHE G 193 -34.06 -73.86 20.01
CA PHE G 193 -33.49 -73.21 18.85
C PHE G 193 -32.09 -72.69 19.15
N ALA G 194 -31.83 -72.24 20.38
CA ALA G 194 -30.50 -71.80 20.74
C ALA G 194 -29.53 -72.97 20.85
N GLN G 195 -30.02 -74.16 21.23
CA GLN G 195 -29.15 -75.31 21.36
C GLN G 195 -28.79 -75.88 19.99
N ARG G 196 -29.73 -75.86 19.04
CA ARG G 196 -29.48 -76.43 17.73
C ARG G 196 -28.44 -75.64 16.94
N HIS G 197 -28.31 -74.35 17.22
CA HIS G 197 -27.34 -73.50 16.53
C HIS G 197 -26.24 -73.02 17.46
N ASP G 198 -26.13 -73.59 18.66
CA ASP G 198 -25.10 -73.23 19.62
C ASP G 198 -25.10 -71.74 19.91
N LEU G 199 -26.29 -71.20 20.17
CA LEU G 199 -26.47 -69.77 20.37
C LEU G 199 -26.42 -69.44 21.86
N LEU G 200 -25.83 -68.28 22.17
CA LEU G 200 -25.89 -67.73 23.51
C LEU G 200 -27.11 -66.81 23.62
N VAL G 201 -27.82 -66.89 24.74
CA VAL G 201 -29.09 -66.19 24.93
C VAL G 201 -28.87 -64.99 25.82
N CYS G 202 -29.52 -63.87 25.49
CA CYS G 202 -29.57 -62.69 26.35
C CYS G 202 -31.04 -62.34 26.52
N SER G 203 -31.60 -62.68 27.67
CA SER G 203 -33.02 -62.52 27.95
C SER G 203 -33.24 -61.25 28.75
N ASP G 204 -33.90 -60.26 28.15
CA ASP G 204 -34.23 -59.02 28.83
C ASP G 204 -35.60 -59.16 29.49
N GLU G 205 -35.64 -59.05 30.81
CA GLU G 205 -36.83 -59.33 31.60
C GLU G 205 -37.06 -58.23 32.64
N ILE G 206 -37.22 -56.99 32.17
CA ILE G 206 -37.45 -55.86 33.07
C ILE G 206 -38.90 -55.38 33.05
N HIS G 207 -39.66 -55.68 31.99
CA HIS G 207 -41.11 -55.57 32.05
C HIS G 207 -41.73 -56.74 32.78
N CYS G 208 -40.92 -57.49 33.52
CA CYS G 208 -41.32 -58.76 34.11
C CYS G 208 -42.26 -58.57 35.29
N ASP G 209 -42.09 -57.51 36.06
CA ASP G 209 -42.96 -57.24 37.21
C ASP G 209 -44.26 -56.54 36.83
N LEU G 210 -44.57 -56.45 35.54
CA LEU G 210 -45.72 -55.67 35.06
C LEU G 210 -46.74 -56.52 34.33
N VAL G 211 -46.90 -57.78 34.75
CA VAL G 211 -47.90 -58.65 34.13
C VAL G 211 -49.28 -58.23 34.61
N LEU G 212 -50.20 -58.03 33.66
CA LEU G 212 -51.54 -57.52 33.95
C LEU G 212 -52.60 -58.60 33.96
N GLU G 213 -52.67 -59.43 32.91
CA GLU G 213 -53.72 -60.42 32.77
C GLU G 213 -53.71 -61.37 33.96
N PRO G 214 -54.77 -61.41 34.76
CA PRO G 214 -54.76 -62.26 35.96
C PRO G 214 -54.70 -63.74 35.59
N GLY G 215 -53.81 -64.47 36.27
CA GLY G 215 -53.57 -65.86 35.99
C GLY G 215 -52.31 -66.13 35.18
N VAL G 216 -51.59 -65.10 34.76
CA VAL G 216 -50.39 -65.24 33.94
C VAL G 216 -49.17 -64.96 34.82
N GLN G 217 -48.22 -65.88 34.81
CA GLN G 217 -46.97 -65.73 35.55
C GLN G 217 -45.80 -65.65 34.58
N HIS G 218 -44.83 -64.79 34.90
CA HIS G 218 -43.63 -64.66 34.10
C HIS G 218 -42.67 -65.81 34.39
N ILE G 219 -41.99 -66.27 33.35
CA ILE G 219 -41.05 -67.38 33.46
C ILE G 219 -39.67 -66.92 33.01
N PRO G 220 -38.70 -66.83 33.92
CA PRO G 220 -37.34 -66.48 33.49
C PRO G 220 -36.77 -67.56 32.58
N PHE G 221 -36.08 -67.13 31.53
CA PHE G 221 -35.56 -68.08 30.55
C PHE G 221 -34.55 -69.03 31.18
N ALA G 222 -33.67 -68.52 32.04
CA ALA G 222 -32.64 -69.35 32.65
C ALA G 222 -33.20 -70.33 33.67
N SER G 223 -34.47 -70.20 34.04
CA SER G 223 -35.08 -71.12 35.00
C SER G 223 -35.71 -72.33 34.33
N LEU G 224 -35.68 -72.41 33.00
CA LEU G 224 -36.25 -73.54 32.29
C LEU G 224 -35.46 -74.82 32.60
N SER G 225 -34.22 -74.88 32.13
CA SER G 225 -33.34 -76.01 32.39
C SER G 225 -32.00 -75.49 32.88
N ASP G 226 -31.08 -76.42 33.14
CA ASP G 226 -29.72 -76.03 33.56
C ASP G 226 -28.86 -75.63 32.38
N ASP G 227 -29.12 -76.20 31.19
CA ASP G 227 -28.43 -75.74 29.99
C ASP G 227 -28.82 -74.31 29.65
N ALA G 228 -30.04 -73.89 29.99
CA ALA G 228 -30.45 -72.51 29.73
C ALA G 228 -29.71 -71.54 30.64
N ALA G 229 -29.53 -71.92 31.91
CA ALA G 229 -28.84 -71.03 32.85
C ALA G 229 -27.37 -70.87 32.48
N GLN G 230 -26.69 -71.96 32.13
CA GLN G 230 -25.29 -71.93 31.72
C GLN G 230 -25.10 -71.37 30.32
N ARG G 231 -26.11 -70.70 29.79
CA ARG G 231 -26.09 -70.20 28.41
C ARG G 231 -26.61 -68.77 28.28
N SER G 232 -27.34 -68.26 29.26
CA SER G 232 -28.11 -67.04 29.11
C SER G 232 -27.60 -65.92 30.01
N ILE G 233 -27.95 -64.69 29.64
CA ILE G 233 -27.79 -63.51 30.47
C ILE G 233 -29.17 -62.97 30.77
N THR G 234 -29.50 -62.82 32.05
CA THR G 234 -30.81 -62.37 32.48
C THR G 234 -30.70 -60.96 33.04
N LEU G 235 -31.30 -60.00 32.35
CA LEU G 235 -31.28 -58.60 32.76
C LEU G 235 -32.58 -58.28 33.49
N MET G 236 -32.46 -57.66 34.67
CA MET G 236 -33.62 -57.32 35.47
C MET G 236 -33.35 -56.00 36.21
N SER G 237 -34.42 -55.27 36.47
CA SER G 237 -34.33 -53.96 37.11
C SER G 237 -35.71 -53.48 37.56
N PRO G 238 -35.78 -52.74 38.67
CA PRO G 238 -37.06 -52.16 39.08
C PRO G 238 -37.32 -50.80 38.45
N SER G 239 -36.61 -50.48 37.37
CA SER G 239 -36.73 -49.16 36.77
C SER G 239 -38.14 -48.92 36.22
N LYS G 240 -38.65 -49.86 35.42
CA LYS G 240 -39.93 -49.65 34.75
C LYS G 240 -41.11 -49.83 35.70
N SER G 241 -41.06 -50.85 36.55
CA SER G 241 -42.22 -51.16 37.38
C SER G 241 -42.40 -50.15 38.51
N PHE G 242 -41.31 -49.52 38.95
CA PHE G 242 -41.38 -48.55 40.05
C PHE G 242 -41.09 -47.12 39.58
N ASN G 243 -40.90 -46.91 38.29
CA ASN G 243 -40.71 -45.57 37.71
C ASN G 243 -39.50 -44.86 38.35
N ILE G 244 -38.35 -45.55 38.34
CA ILE G 244 -37.11 -44.95 38.81
C ILE G 244 -36.04 -45.13 37.74
N ALA G 245 -36.45 -45.00 36.49
CA ALA G 245 -35.49 -45.10 35.38
C ALA G 245 -34.47 -43.96 35.40
N GLY G 246 -34.75 -42.88 36.12
CA GLY G 246 -33.79 -41.81 36.26
C GLY G 246 -32.58 -42.17 37.08
N LEU G 247 -32.67 -43.24 37.88
CA LEU G 247 -31.56 -43.74 38.67
C LEU G 247 -30.87 -44.92 38.00
N GLY G 248 -31.64 -45.93 37.59
CA GLY G 248 -31.13 -46.94 36.68
C GLY G 248 -30.34 -48.08 37.31
N ALA G 249 -30.58 -48.37 38.58
CA ALA G 249 -29.92 -49.51 39.21
C ALA G 249 -30.46 -50.80 38.61
N SER G 250 -29.60 -51.53 37.90
CA SER G 250 -29.98 -52.76 37.22
C SER G 250 -29.04 -53.88 37.63
N LEU G 251 -29.36 -55.10 37.19
CA LEU G 251 -28.52 -56.25 37.51
C LEU G 251 -28.57 -57.26 36.36
N ALA G 252 -27.51 -58.05 36.26
CA ALA G 252 -27.43 -59.15 35.30
C ALA G 252 -27.15 -60.45 36.05
N VAL G 253 -27.84 -61.51 35.66
CA VAL G 253 -27.71 -62.81 36.30
C VAL G 253 -27.06 -63.74 35.29
N ILE G 254 -25.77 -64.01 35.46
CA ILE G 254 -24.99 -64.84 34.55
C ILE G 254 -24.48 -66.05 35.33
N PRO G 255 -25.19 -67.19 35.26
CA PRO G 255 -24.76 -68.36 36.03
C PRO G 255 -23.44 -68.96 35.56
N ASN G 256 -23.16 -68.93 34.26
CA ASN G 256 -21.93 -69.54 33.75
C ASN G 256 -20.73 -68.70 34.15
N PRO G 257 -19.77 -69.26 34.91
CA PRO G 257 -18.61 -68.45 35.32
C PRO G 257 -17.75 -67.98 34.17
N GLU G 258 -17.62 -68.79 33.12
CA GLU G 258 -16.81 -68.38 31.98
C GLU G 258 -17.46 -67.22 31.23
N LEU G 259 -18.80 -67.22 31.12
CA LEU G 259 -19.49 -66.10 30.51
C LEU G 259 -19.46 -64.86 31.40
N ARG G 260 -19.52 -65.06 32.72
CA ARG G 260 -19.45 -63.91 33.62
C ARG G 260 -18.08 -63.27 33.57
N ALA G 261 -17.02 -64.06 33.43
CA ALA G 261 -15.68 -63.50 33.29
C ALA G 261 -15.55 -62.69 32.00
N ARG G 262 -16.08 -63.22 30.90
CA ARG G 262 -16.07 -62.47 29.65
C ARG G 262 -16.96 -61.22 29.73
N PHE G 263 -17.96 -61.24 30.62
CA PHE G 263 -18.83 -60.09 30.80
C PHE G 263 -18.13 -58.99 31.59
N ASN G 264 -17.59 -59.33 32.76
CA ASN G 264 -16.90 -58.33 33.57
C ASN G 264 -15.68 -57.76 32.87
N ARG G 265 -14.98 -58.57 32.07
CA ARG G 265 -13.83 -58.09 31.32
C ARG G 265 -14.23 -57.08 30.25
N MET G 266 -15.47 -57.15 29.76
CA MET G 266 -15.98 -56.18 28.80
C MET G 266 -16.52 -54.93 29.47
N ARG G 267 -17.09 -55.05 30.67
CA ARG G 267 -17.60 -53.87 31.37
C ARG G 267 -16.46 -53.06 31.98
N LYS G 268 -15.41 -53.72 32.47
CA LYS G 268 -14.39 -53.09 33.29
C LYS G 268 -13.84 -51.83 32.63
N GLY G 269 -13.84 -50.74 33.39
CA GLY G 269 -13.36 -49.44 32.94
C GLY G 269 -14.34 -48.64 32.10
N MET G 270 -15.08 -49.32 31.23
CA MET G 270 -15.99 -48.63 30.32
C MET G 270 -17.28 -48.25 31.01
N VAL G 271 -17.97 -49.21 31.62
CA VAL G 271 -19.25 -48.98 32.26
C VAL G 271 -19.00 -48.70 33.75
N PRO G 272 -19.45 -47.57 34.28
CA PRO G 272 -19.13 -47.22 35.66
C PRO G 272 -19.95 -48.03 36.66
N ASP G 273 -19.61 -47.86 37.93
CA ASP G 273 -20.36 -48.50 39.00
C ASP G 273 -21.71 -47.81 39.19
N VAL G 274 -22.62 -48.51 39.86
CA VAL G 274 -23.94 -47.96 40.12
C VAL G 274 -23.84 -46.81 41.12
N ASP G 275 -24.65 -45.77 40.91
CA ASP G 275 -24.70 -44.65 41.82
C ASP G 275 -25.07 -45.12 43.23
N VAL G 276 -24.55 -44.39 44.23
CA VAL G 276 -24.81 -44.77 45.61
C VAL G 276 -26.27 -44.58 45.97
N LEU G 277 -26.93 -43.58 45.37
CA LEU G 277 -28.35 -43.37 45.64
C LEU G 277 -29.23 -44.33 44.84
N ALA G 278 -28.77 -44.75 43.66
CA ALA G 278 -29.54 -45.70 42.87
C ALA G 278 -29.63 -47.05 43.56
N TYR G 279 -28.59 -47.43 44.33
CA TYR G 279 -28.64 -48.67 45.08
C TYR G 279 -29.74 -48.65 46.14
N VAL G 280 -29.87 -47.52 46.84
CA VAL G 280 -30.83 -47.41 47.93
C VAL G 280 -32.26 -47.50 47.40
N ALA G 281 -32.54 -46.83 46.28
CA ALA G 281 -33.90 -46.82 45.75
C ALA G 281 -34.30 -48.19 45.21
N ALA G 282 -33.37 -48.90 44.57
CA ALA G 282 -33.68 -50.23 44.05
C ALA G 282 -33.90 -51.22 45.19
N SER G 283 -33.15 -51.08 46.28
CA SER G 283 -33.31 -51.99 47.41
C SER G 283 -34.66 -51.79 48.08
N ALA G 284 -35.03 -50.54 48.34
CA ALA G 284 -36.31 -50.26 49.00
C ALA G 284 -37.49 -50.63 48.11
N ALA G 285 -37.33 -50.49 46.78
CA ALA G 285 -38.43 -50.81 45.87
C ALA G 285 -38.80 -52.27 45.94
N TRP G 286 -37.80 -53.16 45.87
CA TRP G 286 -38.07 -54.59 45.90
C TRP G 286 -38.30 -55.12 47.31
N ARG G 287 -38.00 -54.34 48.34
CA ARG G 287 -38.23 -54.79 49.71
C ARG G 287 -39.60 -54.35 50.25
N GLU G 288 -40.03 -53.13 49.93
CA GLU G 288 -41.25 -52.59 50.51
C GLU G 288 -42.16 -51.91 49.49
N GLY G 289 -41.92 -52.08 48.19
CA GLY G 289 -42.73 -51.46 47.18
C GLY G 289 -43.78 -52.35 46.55
N GLN G 290 -43.86 -53.62 46.95
CA GLN G 290 -44.83 -54.52 46.34
C GLN G 290 -46.28 -54.08 46.53
N PRO G 291 -46.72 -53.64 47.71
CA PRO G 291 -48.10 -53.10 47.80
C PRO G 291 -48.34 -51.95 46.83
N TRP G 292 -47.34 -51.10 46.61
CA TRP G 292 -47.47 -50.05 45.62
C TRP G 292 -47.56 -50.62 44.20
N LEU G 293 -46.80 -51.67 43.93
CA LEU G 293 -46.82 -52.28 42.61
C LEU G 293 -48.16 -52.94 42.32
N ASP G 294 -48.71 -53.68 43.30
CA ASP G 294 -49.97 -54.36 43.08
C ASP G 294 -51.11 -53.38 42.83
N ALA G 295 -51.06 -52.21 43.49
CA ALA G 295 -52.07 -51.19 43.23
C ALA G 295 -51.91 -50.58 41.85
N GLN G 296 -50.68 -50.52 41.33
CA GLN G 296 -50.45 -49.98 40.00
C GLN G 296 -50.93 -50.96 38.93
N LEU G 297 -50.72 -52.26 39.15
CA LEU G 297 -51.14 -53.25 38.16
C LEU G 297 -52.65 -53.23 37.98
N ASP G 298 -53.40 -53.04 39.06
CA ASP G 298 -54.85 -52.92 38.94
C ASP G 298 -55.24 -51.63 38.25
N TYR G 299 -54.57 -50.52 38.57
CA TYR G 299 -54.86 -49.26 37.93
C TYR G 299 -54.46 -49.26 36.46
N LEU G 300 -53.39 -49.98 36.11
CA LEU G 300 -52.97 -50.07 34.72
C LEU G 300 -53.84 -51.06 33.94
N ARG G 301 -54.35 -52.10 34.60
CA ARG G 301 -55.24 -53.04 33.92
C ARG G 301 -56.54 -52.37 33.51
N ALA G 302 -57.02 -51.41 34.31
CA ALA G 302 -58.22 -50.68 33.93
C ALA G 302 -57.96 -49.72 32.77
N ASN G 303 -56.81 -49.03 32.80
CA ASN G 303 -56.45 -48.17 31.67
C ASN G 303 -56.17 -48.98 30.42
N ARG G 304 -55.64 -50.20 30.57
CA ARG G 304 -55.39 -51.05 29.43
C ARG G 304 -56.69 -51.43 28.73
N ASP G 305 -57.65 -51.97 29.48
CA ASP G 305 -58.93 -52.35 28.90
C ASP G 305 -59.67 -51.12 28.36
N MET G 306 -59.50 -49.97 28.99
CA MET G 306 -60.11 -48.75 28.48
C MET G 306 -59.51 -48.33 27.14
N LEU G 307 -58.22 -48.62 26.94
CA LEU G 307 -57.58 -48.30 25.66
C LEU G 307 -57.86 -49.36 24.61
N ALA G 308 -57.92 -50.63 25.03
CA ALA G 308 -58.09 -51.72 24.07
C ALA G 308 -59.45 -51.65 23.39
N GLN G 309 -60.51 -51.39 24.16
CA GLN G 309 -61.85 -51.35 23.57
C GLN G 309 -62.02 -50.13 22.68
N HIS G 310 -61.45 -48.99 23.07
CA HIS G 310 -61.64 -47.77 22.29
C HIS G 310 -60.89 -47.84 20.96
N VAL G 311 -59.72 -48.48 20.95
CA VAL G 311 -58.92 -48.53 19.72
C VAL G 311 -59.58 -49.45 18.70
N ASN G 312 -59.98 -50.64 19.11
CA ASN G 312 -60.57 -51.60 18.18
C ASN G 312 -61.99 -51.21 17.76
N ARG G 313 -62.59 -50.21 18.40
CA ARG G 313 -63.84 -49.64 17.92
C ARG G 313 -63.63 -48.46 16.97
N LEU G 314 -62.39 -48.00 16.82
CA LEU G 314 -62.07 -46.93 15.88
C LEU G 314 -61.89 -47.49 14.48
N PRO G 315 -62.07 -46.65 13.44
CA PRO G 315 -62.09 -47.16 12.06
C PRO G 315 -60.84 -47.93 11.64
N GLY G 316 -59.74 -47.22 11.39
CA GLY G 316 -58.57 -47.87 10.82
C GLY G 316 -57.44 -48.15 11.79
N LEU G 317 -57.76 -48.77 12.93
CA LEU G 317 -56.75 -49.09 13.93
C LEU G 317 -56.99 -50.48 14.49
N SER G 318 -55.90 -51.22 14.74
CA SER G 318 -55.94 -52.52 15.37
C SER G 318 -54.91 -52.54 16.50
N MET G 319 -55.23 -53.29 17.56
CA MET G 319 -54.34 -53.38 18.71
C MET G 319 -54.67 -54.64 19.50
N VAL G 320 -53.64 -55.42 19.80
CA VAL G 320 -53.81 -56.56 20.69
C VAL G 320 -53.77 -56.08 22.14
N THR G 321 -54.54 -56.72 23.00
CA THR G 321 -54.55 -56.36 24.40
C THR G 321 -53.27 -56.89 25.05
N PRO G 322 -52.35 -56.01 25.47
CA PRO G 322 -51.07 -56.48 25.98
C PRO G 322 -51.22 -57.15 27.34
N GLU G 323 -50.46 -58.23 27.54
CA GLU G 323 -50.43 -58.92 28.82
C GLU G 323 -49.41 -58.31 29.78
N ALA G 324 -48.73 -57.25 29.37
CA ALA G 324 -47.72 -56.61 30.22
C ALA G 324 -47.74 -55.11 29.96
N SER G 325 -48.12 -54.34 30.98
CA SER G 325 -48.12 -52.89 30.92
C SER G 325 -46.74 -52.36 30.55
N PHE G 326 -46.70 -51.15 29.99
CA PHE G 326 -47.86 -50.28 29.76
C PHE G 326 -47.90 -49.78 28.32
N LEU G 327 -47.69 -50.71 27.38
CA LEU G 327 -47.69 -50.44 25.96
C LEU G 327 -48.36 -51.63 25.26
N GLY G 328 -49.09 -51.36 24.17
CA GLY G 328 -49.24 -50.03 23.59
C GLY G 328 -49.13 -50.09 22.08
N TRP G 329 -48.97 -51.31 21.55
CA TRP G 329 -48.66 -51.53 20.14
C TRP G 329 -49.93 -51.46 19.31
N ILE G 330 -50.11 -50.38 18.56
CA ILE G 330 -51.30 -50.14 17.77
C ILE G 330 -50.95 -50.23 16.29
N ASP G 331 -51.69 -51.05 15.56
CA ASP G 331 -51.53 -51.15 14.11
C ASP G 331 -52.31 -50.03 13.44
N ALA G 332 -51.60 -49.14 12.74
CA ALA G 332 -52.22 -48.05 12.01
C ALA G 332 -52.13 -48.25 10.49
N SER G 333 -52.08 -49.51 10.05
CA SER G 333 -52.03 -49.80 8.63
C SER G 333 -53.32 -49.39 7.94
N GLY G 334 -54.44 -49.38 8.67
CA GLY G 334 -55.72 -49.01 8.07
C GLY G 334 -55.86 -47.53 7.79
N LEU G 335 -54.99 -46.70 8.36
CA LEU G 335 -55.08 -45.27 8.12
C LEU G 335 -54.59 -44.89 6.73
N GLY G 336 -53.71 -45.70 6.14
CA GLY G 336 -53.18 -45.39 4.83
C GLY G 336 -52.30 -44.16 4.79
N VAL G 337 -51.69 -43.81 5.91
CA VAL G 337 -50.83 -42.63 6.01
C VAL G 337 -49.38 -43.07 6.00
N ALA G 338 -48.53 -42.24 5.40
CA ALA G 338 -47.10 -42.55 5.33
C ALA G 338 -46.49 -42.64 6.72
N ASP G 339 -46.60 -41.56 7.50
CA ASP G 339 -46.02 -41.48 8.84
C ASP G 339 -47.16 -41.35 9.85
N PRO G 340 -47.66 -42.48 10.38
CA PRO G 340 -48.78 -42.40 11.34
C PRO G 340 -48.44 -41.61 12.60
N ALA G 341 -47.21 -41.72 13.10
CA ALA G 341 -46.82 -40.97 14.28
C ALA G 341 -46.82 -39.47 14.01
N LEU G 342 -46.44 -39.06 12.80
CA LEU G 342 -46.49 -37.66 12.45
C LEU G 342 -47.92 -37.18 12.26
N PHE G 343 -48.81 -38.05 11.81
CA PHE G 343 -50.21 -37.67 11.63
C PHE G 343 -50.89 -37.40 12.96
N PHE G 344 -50.59 -38.20 13.99
CA PHE G 344 -51.27 -38.04 15.27
C PHE G 344 -50.78 -36.81 16.01
N GLU G 345 -49.49 -36.49 15.92
CA GLU G 345 -49.00 -35.31 16.63
C GLU G 345 -49.47 -34.02 16.00
N LYS G 346 -49.92 -34.05 14.73
CA LYS G 346 -50.64 -32.92 14.17
C LYS G 346 -52.05 -32.80 14.71
N HIS G 347 -52.49 -33.74 15.57
CA HIS G 347 -53.79 -33.68 16.20
C HIS G 347 -53.68 -33.84 17.71
N GLY G 348 -52.52 -33.55 18.29
CA GLY G 348 -52.36 -33.52 19.73
C GLY G 348 -52.04 -34.83 20.40
N LEU G 349 -51.31 -35.72 19.73
CA LEU G 349 -51.00 -37.03 20.30
C LEU G 349 -49.56 -37.37 19.96
N GLY G 350 -48.70 -37.44 20.98
CA GLY G 350 -47.30 -37.77 20.77
C GLY G 350 -46.97 -39.21 21.14
N PHE G 351 -46.97 -40.08 20.14
CA PHE G 351 -46.65 -41.49 20.33
C PHE G 351 -45.20 -41.77 19.96
N SER G 352 -44.75 -42.97 20.28
CA SER G 352 -43.46 -43.47 19.82
C SER G 352 -43.65 -44.11 18.45
N SER G 353 -42.96 -43.59 17.45
CA SER G 353 -43.09 -44.10 16.09
C SER G 353 -42.60 -45.54 16.02
N GLY G 354 -43.40 -46.41 15.40
CA GLY G 354 -42.99 -47.78 15.16
C GLY G 354 -41.80 -47.90 14.22
N ARG G 355 -41.43 -46.81 13.54
CA ARG G 355 -40.23 -46.84 12.70
C ARG G 355 -38.99 -47.17 13.52
N ASP G 356 -38.93 -46.67 14.75
CA ASP G 356 -37.79 -46.97 15.62
C ASP G 356 -37.77 -48.43 16.05
N PHE G 357 -38.92 -49.11 16.03
CA PHE G 357 -38.98 -50.51 16.41
C PHE G 357 -38.88 -51.45 15.21
N GLY G 358 -39.22 -50.99 14.02
CA GLY G 358 -39.08 -51.80 12.82
C GLY G 358 -40.34 -51.97 12.00
N ASN G 359 -41.31 -51.08 12.20
CA ASN G 359 -42.56 -51.13 11.44
C ASN G 359 -43.17 -49.73 11.47
N ASP G 360 -43.02 -48.99 10.37
CA ASP G 360 -43.46 -47.60 10.31
C ASP G 360 -44.97 -47.46 10.47
N ARG G 361 -45.74 -48.50 10.12
CA ARG G 361 -47.20 -48.42 10.16
C ARG G 361 -47.78 -48.56 11.57
N PHE G 362 -46.94 -48.63 12.60
CA PHE G 362 -47.39 -48.83 13.97
C PHE G 362 -47.05 -47.61 14.82
N VAL G 363 -47.79 -47.46 15.92
CA VAL G 363 -47.51 -46.47 16.95
C VAL G 363 -47.62 -47.15 18.30
N ARG G 364 -46.85 -46.65 19.27
CA ARG G 364 -46.85 -47.19 20.62
C ARG G 364 -47.53 -46.21 21.57
N PHE G 365 -48.49 -46.72 22.34
CA PHE G 365 -49.29 -45.91 23.26
C PHE G 365 -48.80 -46.15 24.68
N ASN G 366 -48.32 -45.09 25.33
CA ASN G 366 -47.90 -45.15 26.73
C ASN G 366 -49.09 -44.76 27.58
N PHE G 367 -49.84 -45.76 28.06
CA PHE G 367 -51.00 -45.51 28.90
C PHE G 367 -50.67 -45.60 30.39
N GLY G 368 -49.40 -45.52 30.75
CA GLY G 368 -49.01 -45.44 32.15
C GLY G 368 -49.14 -44.02 32.67
N CYS G 369 -50.39 -43.59 32.90
CA CYS G 369 -50.68 -42.21 33.24
C CYS G 369 -51.99 -42.18 34.00
N PRO G 370 -52.32 -41.07 34.67
CA PRO G 370 -53.62 -40.98 35.33
C PRO G 370 -54.77 -41.10 34.34
N ARG G 371 -55.87 -41.66 34.82
CA ARG G 371 -56.99 -42.01 33.93
C ARG G 371 -57.59 -40.77 33.29
N GLN G 372 -57.64 -39.65 34.02
CA GLN G 372 -58.18 -38.42 33.43
C GLN G 372 -57.35 -37.95 32.25
N LEU G 373 -56.04 -38.22 32.24
CA LEU G 373 -55.22 -37.89 31.09
C LEU G 373 -55.43 -38.88 29.95
N LEU G 374 -55.71 -40.14 30.27
CA LEU G 374 -55.94 -41.14 29.21
C LEU G 374 -57.23 -40.86 28.46
N GLU G 375 -58.30 -40.55 29.19
CA GLU G 375 -59.58 -40.28 28.53
C GLU G 375 -59.52 -39.02 27.68
N GLU G 376 -58.64 -38.08 28.04
CA GLU G 376 -58.41 -36.93 27.16
C GLU G 376 -57.67 -37.33 25.90
N ALA G 377 -56.79 -38.34 25.99
CA ALA G 377 -56.10 -38.82 24.79
C ALA G 377 -57.05 -39.61 23.90
N LEU G 378 -58.04 -40.30 24.48
CA LEU G 378 -58.96 -41.07 23.66
C LEU G 378 -59.86 -40.18 22.83
N GLN G 379 -60.30 -39.04 23.38
CA GLN G 379 -61.13 -38.12 22.60
C GLN G 379 -60.33 -37.47 21.47
N ARG G 380 -59.02 -37.32 21.65
CA ARG G 380 -58.20 -36.79 20.57
C ARG G 380 -58.00 -37.82 19.46
N MET G 381 -57.96 -39.11 19.82
CA MET G 381 -57.97 -40.15 18.80
C MET G 381 -59.27 -40.12 18.02
N THR G 382 -60.39 -39.87 18.70
CA THR G 382 -61.69 -39.85 18.04
C THR G 382 -61.83 -38.64 17.13
N ARG G 383 -61.30 -37.49 17.54
CA ARG G 383 -61.38 -36.29 16.71
C ARG G 383 -60.55 -36.44 15.44
N ALA G 384 -59.41 -37.11 15.52
CA ALA G 384 -58.51 -37.19 14.39
C ALA G 384 -58.97 -38.18 13.33
N LEU G 385 -59.71 -39.22 13.73
CA LEU G 385 -60.06 -40.31 12.82
C LEU G 385 -61.49 -40.26 12.31
N THR G 386 -62.33 -39.36 12.84
CA THR G 386 -63.72 -39.25 12.43
C THR G 386 -64.04 -37.84 11.98
N SER G 387 -63.16 -37.27 11.13
CA SER G 387 -63.39 -35.92 10.64
C SER G 387 -62.82 -35.68 9.25
N GLY G 388 -62.47 -36.74 8.52
CA GLY G 388 -62.01 -36.58 7.14
C GLY G 388 -60.62 -36.01 6.98
N TYR G 389 -59.70 -36.35 7.87
CA TYR G 389 -58.32 -35.90 7.74
C TYR G 389 -57.53 -36.84 6.85
N MET H 9 18.85 35.95 -89.29
CA MET H 9 20.22 35.79 -88.84
C MET H 9 20.35 35.22 -87.41
N PRO H 10 19.69 35.83 -86.41
CA PRO H 10 19.95 35.41 -85.03
C PRO H 10 19.12 34.20 -84.61
N PHE H 11 19.75 33.31 -83.85
CA PHE H 11 19.07 32.20 -83.22
C PHE H 11 18.34 32.68 -81.97
N ASN H 12 17.23 32.00 -81.65
CA ASN H 12 16.42 32.13 -80.44
C ASN H 12 15.43 33.28 -80.51
N PHE H 13 15.43 34.08 -81.59
CA PHE H 13 14.48 35.15 -81.91
C PHE H 13 13.20 35.11 -81.05
N ASP H 14 13.09 36.03 -80.10
CA ASP H 14 12.06 36.00 -79.07
C ASP H 14 10.89 36.91 -79.34
N GLN H 15 10.73 37.41 -80.57
CA GLN H 15 9.68 38.38 -80.87
C GLN H 15 8.45 37.72 -81.48
N ARG H 16 8.26 36.42 -81.28
CA ARG H 16 7.02 35.77 -81.67
C ARG H 16 5.90 36.17 -80.71
N ILE H 17 4.68 36.11 -81.21
CA ILE H 17 3.49 36.41 -80.41
C ILE H 17 2.55 35.20 -80.50
N ASP H 18 2.47 34.44 -79.41
CA ASP H 18 1.58 33.30 -79.33
C ASP H 18 0.19 33.74 -78.91
N ARG H 19 -0.81 32.92 -79.26
CA ARG H 19 -2.20 33.21 -78.94
C ARG H 19 -2.66 32.36 -77.75
N ARG H 20 -3.47 32.97 -76.89
CA ARG H 20 -3.91 32.32 -75.66
C ARG H 20 -5.34 32.78 -75.36
N HIS H 21 -6.35 31.95 -75.67
CA HIS H 21 -6.34 30.68 -76.42
C HIS H 21 -5.38 29.58 -75.95
N SER H 22 -5.43 29.29 -74.66
CA SER H 22 -4.64 28.23 -74.04
C SER H 22 -5.15 28.05 -72.62
N ASP H 23 -4.45 27.23 -71.84
CA ASP H 23 -4.76 27.05 -70.42
C ASP H 23 -4.09 28.11 -69.54
N SER H 24 -3.44 29.10 -70.15
CA SER H 24 -2.66 30.07 -69.39
C SER H 24 -3.55 30.89 -68.46
N LEU H 25 -3.20 30.88 -67.17
CA LEU H 25 -3.87 31.75 -66.21
C LEU H 25 -3.55 33.22 -66.49
N LYS H 26 -2.41 33.49 -67.11
CA LYS H 26 -2.02 34.87 -67.41
C LYS H 26 -3.05 35.56 -68.29
N TRP H 27 -3.49 34.90 -69.35
CA TRP H 27 -4.35 35.51 -70.36
C TRP H 27 -5.81 35.13 -70.21
N LYS H 28 -6.20 34.48 -69.11
CA LYS H 28 -7.60 34.15 -68.88
C LYS H 28 -8.27 35.11 -67.89
N LYS H 29 -7.50 35.79 -67.05
CA LYS H 29 -8.09 36.71 -66.08
C LYS H 29 -8.80 37.87 -66.77
N TYR H 30 -8.23 38.36 -67.87
CA TYR H 30 -8.85 39.45 -68.62
C TYR H 30 -9.24 39.00 -70.02
N ALA H 31 -9.90 37.84 -70.11
CA ALA H 31 -10.24 37.28 -71.42
C ALA H 31 -11.37 38.04 -72.09
N ASP H 32 -12.27 38.62 -71.31
CA ASP H 32 -13.41 39.35 -71.87
C ASP H 32 -13.15 40.83 -72.06
N ARG H 33 -12.16 41.38 -71.36
CA ARG H 33 -11.90 42.81 -71.37
C ARG H 33 -10.71 43.15 -72.26
N ASP H 34 -10.57 44.44 -72.55
CA ASP H 34 -9.43 44.94 -73.32
C ASP H 34 -8.34 45.44 -72.39
N ILE H 35 -7.83 44.50 -71.58
CA ILE H 35 -6.80 44.77 -70.59
C ILE H 35 -5.63 43.84 -70.87
N LEU H 36 -4.43 44.41 -70.93
CA LEU H 36 -3.25 43.62 -71.28
C LEU H 36 -2.75 42.86 -70.05
N PRO H 37 -2.59 41.54 -70.15
CA PRO H 37 -2.10 40.76 -68.99
C PRO H 37 -0.63 41.01 -68.73
N LEU H 38 -0.32 41.64 -67.60
CA LEU H 38 1.06 41.92 -67.20
C LEU H 38 1.22 41.74 -65.70
N TRP H 39 0.58 40.71 -65.14
CA TRP H 39 0.56 40.58 -63.69
C TRP H 39 1.36 39.37 -63.20
N ILE H 40 0.84 38.15 -63.41
CA ILE H 40 1.49 36.97 -62.85
C ILE H 40 2.85 36.76 -63.50
N ALA H 41 3.78 36.19 -62.74
CA ALA H 41 5.18 36.11 -63.13
C ALA H 41 5.41 34.88 -64.00
N ASP H 42 5.12 35.03 -65.29
CA ASP H 42 5.53 34.06 -66.29
C ASP H 42 5.64 34.77 -67.62
N THR H 43 6.57 34.31 -68.44
CA THR H 43 6.85 34.97 -69.71
C THR H 43 5.97 34.41 -70.82
N ASP H 44 5.67 35.25 -71.81
CA ASP H 44 4.93 34.86 -73.00
C ASP H 44 5.83 34.23 -74.06
N PHE H 45 6.95 33.64 -73.64
CA PHE H 45 7.92 33.09 -74.57
C PHE H 45 7.79 31.58 -74.64
N ARG H 46 7.76 31.05 -75.86
CA ARG H 46 7.81 29.61 -76.05
C ARG H 46 9.11 29.06 -75.48
N ALA H 47 9.02 27.93 -74.78
CA ALA H 47 10.19 27.32 -74.18
C ALA H 47 11.22 26.94 -75.25
N ALA H 48 12.46 26.75 -74.80
CA ALA H 48 13.53 26.37 -75.70
C ALA H 48 13.21 25.02 -76.36
N ASP H 49 13.65 24.88 -77.62
CA ASP H 49 13.38 23.65 -78.34
C ASP H 49 14.08 22.45 -77.72
N CYS H 50 15.16 22.65 -76.97
CA CYS H 50 15.78 21.56 -76.24
C CYS H 50 14.85 21.03 -75.15
N ILE H 51 13.96 21.88 -74.65
CA ILE H 51 12.95 21.44 -73.68
C ILE H 51 11.79 20.77 -74.41
N ILE H 52 11.37 21.34 -75.54
CA ILE H 52 10.20 20.82 -76.25
C ILE H 52 10.51 19.46 -76.88
N ASP H 53 11.68 19.33 -77.49
CA ASP H 53 12.05 18.07 -78.11
C ASP H 53 12.27 16.97 -77.07
N ALA H 54 12.79 17.34 -75.89
CA ALA H 54 12.95 16.35 -74.84
C ALA H 54 11.62 15.83 -74.33
N LEU H 55 10.58 16.68 -74.34
CA LEU H 55 9.26 16.23 -73.91
C LEU H 55 8.65 15.27 -74.92
N GLN H 56 8.69 15.62 -76.21
CA GLN H 56 8.08 14.77 -77.23
C GLN H 56 8.81 13.44 -77.34
N GLN H 57 10.14 13.44 -77.22
CA GLN H 57 10.88 12.19 -77.25
C GLN H 57 10.52 11.31 -76.05
N ARG H 58 10.22 11.94 -74.90
CA ARG H 58 9.77 11.19 -73.73
C ARG H 58 8.30 10.77 -73.85
N VAL H 59 7.48 11.59 -74.51
CA VAL H 59 6.06 11.27 -74.62
C VAL H 59 5.85 10.08 -75.55
N GLN H 60 6.60 10.01 -76.65
CA GLN H 60 6.42 8.93 -77.61
C GLN H 60 6.71 7.56 -76.97
N GLN H 61 7.52 7.52 -75.92
CA GLN H 61 7.58 6.35 -75.06
C GLN H 61 6.28 6.28 -74.27
N GLY H 62 5.28 5.58 -74.80
CA GLY H 62 3.93 5.66 -74.30
C GLY H 62 3.68 5.15 -72.89
N VAL H 63 4.74 4.80 -72.16
CA VAL H 63 4.62 4.33 -70.79
C VAL H 63 4.85 5.50 -69.85
N PHE H 64 3.88 5.76 -68.98
CA PHE H 64 3.94 6.87 -68.03
C PHE H 64 3.73 6.36 -66.61
N GLY H 65 4.41 5.26 -66.26
CA GLY H 65 4.33 4.70 -64.93
C GLY H 65 5.12 5.52 -63.92
N TYR H 66 5.20 4.97 -62.71
CA TYR H 66 5.96 5.62 -61.64
C TYR H 66 7.41 5.78 -62.04
N GLY H 67 7.97 6.95 -61.75
CA GLY H 67 9.32 7.29 -62.15
C GLY H 67 10.29 7.33 -60.98
N VAL H 68 11.57 7.51 -61.33
CA VAL H 68 12.63 7.67 -60.36
C VAL H 68 13.12 9.10 -60.39
N THR H 69 13.79 9.51 -59.31
CA THR H 69 14.41 10.83 -59.28
C THR H 69 15.49 10.90 -60.36
N SER H 70 15.33 11.86 -61.28
CA SER H 70 16.25 11.99 -62.40
C SER H 70 17.67 12.24 -61.93
N GLU H 71 18.55 11.25 -62.13
CA GLU H 71 19.96 11.42 -61.77
C GLU H 71 20.71 12.28 -62.77
N ALA H 72 20.16 12.47 -63.97
CA ALA H 72 20.77 13.41 -64.91
C ALA H 72 20.53 14.84 -64.48
N LEU H 73 19.32 15.13 -63.96
CA LEU H 73 19.04 16.47 -63.44
C LEU H 73 19.87 16.76 -62.20
N ALA H 74 20.13 15.76 -61.37
CA ALA H 74 20.95 15.98 -60.18
C ALA H 74 22.40 16.28 -60.55
N GLU H 75 22.91 15.65 -61.61
CA GLU H 75 24.30 15.84 -61.99
C GLU H 75 24.51 17.16 -62.72
N VAL H 76 23.52 17.63 -63.47
CA VAL H 76 23.67 18.93 -64.14
C VAL H 76 23.47 20.07 -63.15
N ALA H 77 22.70 19.84 -62.08
CA ALA H 77 22.55 20.85 -61.05
C ALA H 77 23.86 21.09 -60.32
N ILE H 78 24.61 20.02 -60.06
CA ILE H 78 25.90 20.16 -59.36
C ILE H 78 26.88 20.94 -60.21
N GLU H 79 26.96 20.61 -61.50
CA GLU H 79 27.91 21.30 -62.37
C GLU H 79 27.50 22.74 -62.62
N ARG H 80 26.20 23.05 -62.53
CA ARG H 80 25.74 24.40 -62.81
C ARG H 80 26.06 25.34 -61.65
N MET H 81 25.94 24.86 -60.41
CA MET H 81 26.27 25.70 -59.25
C MET H 81 27.76 26.00 -59.20
N GLU H 82 28.61 25.07 -59.64
CA GLU H 82 30.05 25.29 -59.64
C GLU H 82 30.48 26.16 -60.81
N SER H 83 29.94 25.90 -62.00
CA SER H 83 30.39 26.61 -63.20
C SER H 83 29.93 28.05 -63.20
N ARG H 84 28.71 28.31 -62.72
CA ARG H 84 28.13 29.66 -62.80
C ARG H 84 28.20 30.42 -61.49
N PHE H 85 28.21 29.72 -60.35
CA PHE H 85 28.21 30.38 -59.05
C PHE H 85 29.39 30.00 -58.17
N GLY H 86 30.16 28.97 -58.53
CA GLY H 86 31.30 28.59 -57.72
C GLY H 86 30.95 27.87 -56.44
N TRP H 87 29.71 27.39 -56.30
CA TRP H 87 29.26 26.67 -55.12
C TRP H 87 29.27 25.18 -55.42
N LYS H 88 30.16 24.44 -54.76
CA LYS H 88 30.29 23.01 -54.98
C LYS H 88 29.20 22.26 -54.21
N ILE H 89 28.43 21.45 -54.91
CA ILE H 89 27.24 20.81 -54.37
C ILE H 89 27.53 19.32 -54.18
N GLN H 90 27.14 18.78 -53.02
CA GLN H 90 27.18 17.34 -52.81
C GLN H 90 25.88 16.71 -53.27
N PRO H 91 25.94 15.53 -53.89
CA PRO H 91 24.70 14.91 -54.41
C PRO H 91 23.67 14.61 -53.34
N GLU H 92 24.10 14.34 -52.11
CA GLU H 92 23.15 14.01 -51.05
C GLU H 92 22.35 15.22 -50.60
N TRP H 93 22.81 16.44 -50.89
CA TRP H 93 22.10 17.64 -50.45
C TRP H 93 20.84 17.91 -51.26
N LEU H 94 20.72 17.34 -52.45
CA LEU H 94 19.65 17.72 -53.37
C LEU H 94 18.35 17.01 -52.97
N VAL H 95 17.31 17.80 -52.72
CA VAL H 95 15.97 17.31 -52.48
C VAL H 95 15.05 17.93 -53.54
N PHE H 96 14.39 17.07 -54.32
CA PHE H 96 13.53 17.53 -55.40
C PHE H 96 12.09 17.71 -54.90
N LEU H 97 11.48 18.82 -55.28
CA LEU H 97 10.14 19.18 -54.85
C LEU H 97 9.30 19.59 -56.06
N PRO H 98 8.00 19.31 -56.03
CA PRO H 98 7.10 19.82 -57.08
C PRO H 98 6.70 21.27 -56.84
N GLY H 99 7.65 22.16 -57.07
CA GLY H 99 7.44 23.59 -56.90
C GLY H 99 8.34 24.16 -55.82
N VAL H 100 8.35 25.50 -55.78
CA VAL H 100 9.14 26.23 -54.79
C VAL H 100 8.20 26.75 -53.70
N VAL H 101 6.96 27.07 -54.09
CA VAL H 101 5.96 27.50 -53.12
C VAL H 101 5.77 26.42 -52.05
N THR H 102 5.75 25.16 -52.46
CA THR H 102 5.62 24.07 -51.49
C THR H 102 6.84 23.99 -50.59
N GLY H 103 8.04 24.23 -51.13
CA GLY H 103 9.23 24.18 -50.32
C GLY H 103 9.26 25.23 -49.23
N ILE H 104 8.67 26.40 -49.48
CA ILE H 104 8.60 27.43 -48.45
C ILE H 104 7.67 27.01 -47.33
N ASN H 105 6.53 26.39 -47.68
CA ASN H 105 5.61 25.93 -46.65
C ASN H 105 6.21 24.80 -45.83
N ILE H 106 6.96 23.90 -46.48
CA ILE H 106 7.63 22.84 -45.74
C ILE H 106 8.72 23.40 -44.84
N ALA H 107 9.43 24.42 -45.32
CA ALA H 107 10.47 25.04 -44.51
C ALA H 107 9.90 25.72 -43.27
N VAL H 108 8.70 26.29 -43.38
CA VAL H 108 8.09 26.93 -42.22
C VAL H 108 7.50 25.90 -41.27
N ARG H 109 6.77 24.92 -41.81
CA ARG H 109 6.13 23.91 -40.98
C ARG H 109 7.12 22.97 -40.31
N ALA H 110 8.38 22.97 -40.71
CA ALA H 110 9.39 22.09 -40.13
C ALA H 110 10.43 22.81 -39.31
N PHE H 111 10.68 24.09 -39.55
CA PHE H 111 11.72 24.82 -38.84
C PHE H 111 11.16 25.85 -37.87
N THR H 112 9.85 25.82 -37.61
CA THR H 112 9.23 26.65 -36.59
C THR H 112 8.30 25.78 -35.75
N GLU H 113 8.04 26.24 -34.54
CA GLU H 113 7.07 25.62 -33.64
C GLU H 113 5.93 26.60 -33.39
N ALA H 114 4.88 26.11 -32.72
CA ALA H 114 3.66 26.88 -32.53
C ALA H 114 3.92 28.24 -31.88
N HIS H 115 5.03 28.39 -31.17
CA HIS H 115 5.41 29.66 -30.55
C HIS H 115 6.42 30.45 -31.36
N GLN H 116 7.32 29.77 -32.08
CA GLN H 116 8.32 30.46 -32.89
C GLN H 116 7.66 31.19 -34.05
N SER H 117 8.38 32.17 -34.60
CA SER H 117 7.89 33.00 -35.68
C SER H 117 8.98 33.13 -36.75
N THR H 118 8.62 33.80 -37.85
CA THR H 118 9.52 34.01 -38.98
C THR H 118 9.74 35.49 -39.19
N VAL H 119 10.75 35.80 -40.00
CA VAL H 119 11.10 37.19 -40.33
C VAL H 119 11.54 37.24 -41.80
N SER H 120 11.00 38.21 -42.54
CA SER H 120 11.37 38.42 -43.92
C SER H 120 11.16 39.89 -44.26
N ALA H 121 11.50 40.25 -45.50
CA ALA H 121 11.36 41.61 -45.95
C ALA H 121 9.92 41.92 -46.35
N THR H 122 9.65 43.21 -46.56
CA THR H 122 8.35 43.67 -47.02
C THR H 122 8.55 44.97 -47.80
N PRO H 123 7.91 45.12 -48.97
CA PRO H 123 7.03 44.14 -49.60
C PRO H 123 7.79 42.95 -50.18
N ILE H 124 7.13 41.82 -50.35
CA ILE H 124 7.80 40.60 -50.78
C ILE H 124 6.80 39.64 -51.41
N TYR H 125 7.31 38.58 -52.04
CA TYR H 125 6.51 37.53 -52.64
C TYR H 125 5.43 37.05 -51.68
N PRO H 126 4.15 37.09 -52.06
CA PRO H 126 3.05 36.92 -51.10
C PRO H 126 3.10 35.62 -50.31
N PRO H 127 3.60 34.50 -50.88
CA PRO H 127 3.73 33.30 -50.04
C PRO H 127 4.58 33.50 -48.78
N PHE H 128 5.60 34.36 -48.83
CA PHE H 128 6.25 34.79 -47.61
C PHE H 128 5.22 35.49 -46.71
N PHE H 129 5.44 35.42 -45.40
CA PHE H 129 4.52 35.88 -44.37
C PHE H 129 3.07 35.36 -44.52
N LEU H 130 2.80 34.57 -45.55
CA LEU H 130 1.51 33.90 -45.70
C LEU H 130 1.59 32.41 -45.43
N ALA H 131 2.68 31.76 -45.83
CA ALA H 131 2.91 30.38 -45.43
C ALA H 131 3.02 30.23 -43.91
N PRO H 132 3.73 31.10 -43.17
CA PRO H 132 3.66 31.01 -41.71
C PRO H 132 2.30 31.40 -41.15
N LYS H 133 1.54 32.23 -41.85
CA LYS H 133 0.21 32.60 -41.38
C LYS H 133 -0.74 31.41 -41.42
N LEU H 134 -0.67 30.60 -42.49
CA LEU H 134 -1.45 29.37 -42.53
C LEU H 134 -0.92 28.36 -41.52
N ALA H 135 0.38 28.40 -41.23
CA ALA H 135 1.01 27.47 -40.29
C ALA H 135 0.80 27.88 -38.83
N GLY H 136 -0.20 28.71 -38.53
CA GLY H 136 -0.47 29.11 -37.17
C GLY H 136 0.53 30.06 -36.55
N ARG H 137 1.67 30.29 -37.19
CA ARG H 137 2.67 31.20 -36.67
C ARG H 137 2.29 32.64 -37.04
N GLN H 138 3.18 33.57 -36.72
CA GLN H 138 3.06 34.96 -37.18
C GLN H 138 4.42 35.41 -37.70
N HIS H 139 4.43 36.60 -38.28
CA HIS H 139 5.57 37.07 -39.06
C HIS H 139 6.09 38.40 -38.53
N LEU H 140 7.40 38.59 -38.64
CA LEU H 140 8.06 39.85 -38.36
C LEU H 140 8.51 40.47 -39.68
N SER H 141 7.96 41.63 -40.01
CA SER H 141 8.19 42.27 -41.30
C SER H 141 9.27 43.34 -41.16
N ALA H 142 10.35 43.18 -41.91
CA ALA H 142 11.42 44.18 -41.98
C ALA H 142 11.24 44.99 -43.27
N ALA H 143 10.97 46.27 -43.12
CA ALA H 143 10.65 47.12 -44.26
C ALA H 143 11.90 47.44 -45.08
N LEU H 144 11.75 47.39 -46.41
CA LEU H 144 12.80 47.82 -47.30
C LEU H 144 12.73 49.33 -47.51
N ARG H 145 13.88 49.93 -47.80
CA ARG H 145 13.96 51.35 -48.08
C ARG H 145 14.84 51.58 -49.30
N LEU H 146 14.66 52.74 -49.91
CA LEU H 146 15.35 53.07 -51.16
C LEU H 146 16.69 53.74 -50.86
N GLU H 147 17.76 53.23 -51.47
CA GLU H 147 19.08 53.81 -51.32
C GLU H 147 19.91 53.43 -52.54
N GLN H 148 20.54 54.43 -53.17
CA GLN H 148 21.32 54.24 -54.39
C GLN H 148 20.47 53.59 -55.49
N GLN H 149 19.20 53.96 -55.54
CA GLN H 149 18.24 53.39 -56.49
C GLN H 149 18.19 51.87 -56.38
N ARG H 150 18.14 51.37 -55.14
CA ARG H 150 17.99 49.96 -54.87
C ARG H 150 17.18 49.78 -53.59
N TRP H 151 16.38 48.72 -53.55
CA TRP H 151 15.66 48.33 -52.34
C TRP H 151 16.56 47.41 -51.53
N VAL H 152 17.10 47.91 -50.42
CA VAL H 152 18.06 47.18 -49.61
C VAL H 152 17.37 46.67 -48.36
N LEU H 153 17.79 45.49 -47.89
CA LEU H 153 17.28 44.88 -46.67
C LEU H 153 18.25 45.18 -45.53
N ASP H 154 17.80 45.98 -44.57
CA ASP H 154 18.60 46.34 -43.40
C ASP H 154 17.96 45.70 -42.18
N LEU H 155 18.48 44.54 -41.79
CA LEU H 155 17.97 43.82 -40.62
C LEU H 155 18.54 44.34 -39.31
N ASP H 156 19.43 45.34 -39.35
CA ASP H 156 20.05 45.85 -38.14
C ASP H 156 19.19 46.90 -37.45
N SER H 157 18.46 47.72 -38.22
CA SER H 157 17.48 48.63 -37.64
C SER H 157 16.19 47.93 -37.24
N HIS H 158 16.26 46.61 -37.03
CA HIS H 158 15.11 45.83 -36.60
C HIS H 158 15.41 44.90 -35.44
N GLU H 159 16.68 44.79 -35.00
CA GLU H 159 16.98 43.96 -33.83
C GLU H 159 16.36 44.55 -32.57
N ASP H 160 16.31 45.88 -32.48
CA ASP H 160 15.77 46.56 -31.31
C ASP H 160 14.26 46.68 -31.36
N ARG H 161 13.60 45.75 -32.06
CA ARG H 161 12.17 45.83 -32.31
C ARG H 161 11.43 44.55 -31.97
N MET H 162 12.06 43.40 -32.18
CA MET H 162 11.38 42.11 -32.09
C MET H 162 11.47 41.52 -30.68
N SER H 163 10.77 40.42 -30.49
CA SER H 163 10.88 39.60 -29.28
C SER H 163 12.01 38.60 -29.47
N GLY H 164 12.06 37.57 -28.64
CA GLY H 164 13.04 36.52 -28.81
C GLY H 164 12.44 35.27 -29.43
N ASN H 165 11.27 35.42 -30.05
CA ASN H 165 10.48 34.30 -30.58
C ASN H 165 10.63 34.16 -32.09
N GLU H 166 11.84 34.29 -32.61
CA GLU H 166 12.11 34.09 -34.03
C GLU H 166 13.14 32.98 -34.21
N LYS H 167 13.05 32.29 -35.34
CA LYS H 167 13.92 31.14 -35.60
C LYS H 167 14.18 30.97 -37.09
N LEU H 168 13.26 31.43 -37.93
CA LEU H 168 13.36 31.22 -39.38
C LEU H 168 13.41 32.57 -40.09
N LEU H 169 14.48 32.79 -40.83
CA LEU H 169 14.65 34.01 -41.62
C LEU H 169 14.44 33.66 -43.10
N LEU H 170 13.40 34.25 -43.70
CA LEU H 170 13.05 33.97 -45.08
C LEU H 170 13.69 35.03 -45.97
N LEU H 171 14.73 34.65 -46.71
CA LEU H 171 15.41 35.53 -47.63
C LEU H 171 14.90 35.32 -49.06
N CYS H 172 15.16 36.31 -49.90
CA CYS H 172 14.76 36.27 -51.31
C CYS H 172 15.84 36.98 -52.12
N ASN H 173 16.76 36.21 -52.69
CA ASN H 173 17.87 36.73 -53.48
C ASN H 173 17.93 36.01 -54.81
N PRO H 174 17.58 36.66 -55.93
CA PRO H 174 17.13 38.05 -56.08
C PRO H 174 15.77 38.30 -55.47
N HIS H 175 15.45 39.57 -55.21
CA HIS H 175 14.26 39.92 -54.45
C HIS H 175 13.07 40.15 -55.38
N ASN H 176 11.96 39.46 -55.09
CA ASN H 176 10.68 39.68 -55.72
C ASN H 176 9.77 40.42 -54.75
N PRO H 177 9.19 41.56 -55.13
CA PRO H 177 9.23 42.22 -56.44
C PRO H 177 10.30 43.29 -56.57
N GLY H 178 11.30 43.28 -55.69
CA GLY H 178 12.29 44.36 -55.70
C GLY H 178 13.19 44.31 -56.93
N GLY H 179 13.55 43.11 -57.38
CA GLY H 179 14.53 42.98 -58.43
C GLY H 179 15.96 43.23 -57.99
N THR H 180 16.22 43.25 -56.68
CA THR H 180 17.53 43.56 -56.16
C THR H 180 18.40 42.31 -56.09
N VAL H 181 19.63 42.41 -56.58
CA VAL H 181 20.61 41.34 -56.47
C VAL H 181 21.60 41.76 -55.39
N TYR H 182 21.52 41.10 -54.24
CA TYR H 182 22.34 41.49 -53.10
C TYR H 182 23.81 41.10 -53.34
N ARG H 183 24.71 41.87 -52.72
CA ARG H 183 26.13 41.70 -52.90
C ARG H 183 26.72 40.88 -51.76
N ARG H 184 28.04 40.64 -51.83
CA ARG H 184 28.71 39.87 -50.79
C ARG H 184 28.63 40.58 -49.44
N LYS H 185 28.79 41.90 -49.44
CA LYS H 185 28.75 42.66 -48.18
C LYS H 185 27.36 42.62 -47.55
N GLU H 186 26.30 42.61 -48.36
CA GLU H 186 24.95 42.56 -47.82
C GLU H 186 24.56 41.16 -47.37
N LEU H 187 25.05 40.13 -48.06
CA LEU H 187 24.75 38.76 -47.67
C LEU H 187 25.39 38.42 -46.33
N GLU H 188 26.65 38.84 -46.12
CA GLU H 188 27.32 38.57 -44.86
C GLU H 188 26.69 39.34 -43.71
N ALA H 189 26.18 40.55 -43.98
CA ALA H 189 25.47 41.30 -42.95
C ALA H 189 24.20 40.57 -42.52
N GLN H 190 23.46 40.03 -43.48
CA GLN H 190 22.30 39.21 -43.15
C GLN H 190 22.70 37.91 -42.49
N LEU H 191 23.89 37.40 -42.82
CA LEU H 191 24.36 36.15 -42.22
C LEU H 191 24.64 36.34 -40.73
N ARG H 192 25.36 37.40 -40.37
CA ARG H 192 25.64 37.66 -38.96
C ARG H 192 24.37 37.92 -38.17
N PHE H 193 23.38 38.58 -38.80
CA PHE H 193 22.09 38.76 -38.14
C PHE H 193 21.41 37.43 -37.86
N ALA H 194 21.64 36.43 -38.72
CA ALA H 194 21.10 35.10 -38.47
C ALA H 194 22.00 34.30 -37.52
N GLN H 195 23.31 34.51 -37.61
CA GLN H 195 24.23 33.79 -36.73
C GLN H 195 24.07 34.23 -35.28
N ARG H 196 23.93 35.54 -35.05
CA ARG H 196 23.81 36.04 -33.67
C ARG H 196 22.55 35.51 -33.01
N HIS H 197 21.40 35.66 -33.68
CA HIS H 197 20.13 35.24 -33.13
C HIS H 197 19.82 33.77 -33.36
N ASP H 198 20.79 32.99 -33.85
CA ASP H 198 20.62 31.57 -34.12
C ASP H 198 19.39 31.30 -34.99
N LEU H 199 19.31 32.04 -36.10
CA LEU H 199 18.19 31.94 -37.01
C LEU H 199 18.49 30.93 -38.12
N LEU H 200 17.50 30.10 -38.44
CA LEU H 200 17.57 29.28 -39.64
C LEU H 200 17.09 30.10 -40.83
N VAL H 201 17.77 29.95 -41.97
CA VAL H 201 17.56 30.81 -43.12
C VAL H 201 17.02 30.00 -44.28
N CYS H 202 16.02 30.55 -44.95
CA CYS H 202 15.43 29.96 -46.16
C CYS H 202 15.50 31.02 -47.25
N SER H 203 16.44 30.89 -48.17
CA SER H 203 16.67 31.87 -49.23
C SER H 203 16.04 31.35 -50.51
N ASP H 204 15.00 32.04 -50.98
CA ASP H 204 14.36 31.72 -52.26
C ASP H 204 15.19 32.34 -53.38
N GLU H 205 15.88 31.48 -54.14
CA GLU H 205 16.74 31.95 -55.21
C GLU H 205 16.26 31.44 -56.56
N ILE H 206 14.96 31.59 -56.83
CA ILE H 206 14.39 31.09 -58.09
C ILE H 206 14.58 32.08 -59.24
N HIS H 207 14.93 33.33 -58.96
CA HIS H 207 15.20 34.33 -59.98
C HIS H 207 16.70 34.50 -60.23
N CYS H 208 17.53 33.58 -59.75
CA CYS H 208 18.97 33.81 -59.75
C CYS H 208 19.59 33.71 -61.14
N ASP H 209 18.98 32.94 -62.04
CA ASP H 209 19.49 32.82 -63.40
C ASP H 209 18.98 33.93 -64.32
N LEU H 210 18.33 34.96 -63.78
CA LEU H 210 17.77 36.02 -64.60
C LEU H 210 18.38 37.36 -64.26
N VAL H 211 19.70 37.43 -64.18
CA VAL H 211 20.41 38.68 -63.91
C VAL H 211 20.61 39.43 -65.21
N LEU H 212 20.18 40.70 -65.24
CA LEU H 212 20.21 41.50 -66.45
C LEU H 212 21.36 42.50 -66.49
N GLU H 213 21.76 43.06 -65.35
CA GLU H 213 22.86 44.00 -65.30
C GLU H 213 24.14 43.33 -65.80
N PRO H 214 25.11 44.13 -66.30
CA PRO H 214 26.27 43.56 -66.99
C PRO H 214 27.08 42.56 -66.18
N GLY H 215 28.01 43.06 -65.36
CA GLY H 215 28.93 42.19 -64.66
C GLY H 215 28.46 41.72 -63.30
N VAL H 216 27.18 41.86 -63.02
CA VAL H 216 26.62 41.48 -61.73
C VAL H 216 26.47 39.96 -61.66
N GLN H 217 26.86 39.37 -60.54
CA GLN H 217 26.82 37.94 -60.33
C GLN H 217 25.90 37.61 -59.16
N HIS H 218 25.23 36.47 -59.25
CA HIS H 218 24.44 35.97 -58.13
C HIS H 218 25.32 35.21 -57.16
N ILE H 219 25.13 35.47 -55.87
CA ILE H 219 25.88 34.81 -54.81
C ILE H 219 24.88 33.99 -54.00
N PRO H 220 24.96 32.65 -54.04
CA PRO H 220 24.07 31.84 -53.18
C PRO H 220 24.40 32.07 -51.72
N PHE H 221 23.34 32.10 -50.89
CA PHE H 221 23.54 32.40 -49.48
C PHE H 221 24.36 31.34 -48.78
N ALA H 222 24.27 30.08 -49.23
CA ALA H 222 25.06 29.00 -48.65
C ALA H 222 26.46 28.92 -49.25
N SER H 223 26.90 29.97 -49.96
CA SER H 223 28.23 30.02 -50.53
C SER H 223 29.15 30.98 -49.79
N LEU H 224 28.68 31.61 -48.71
CA LEU H 224 29.50 32.54 -47.95
C LEU H 224 30.48 31.77 -47.07
N SER H 225 30.02 31.35 -45.90
CA SER H 225 30.79 30.55 -44.97
C SER H 225 30.21 29.14 -44.91
N ASP H 226 30.56 28.39 -43.86
CA ASP H 226 29.97 27.08 -43.62
C ASP H 226 28.87 27.11 -42.57
N ASP H 227 28.87 28.11 -41.68
CA ASP H 227 27.71 28.32 -40.83
C ASP H 227 26.48 28.63 -41.67
N ALA H 228 26.65 29.44 -42.71
CA ALA H 228 25.55 29.71 -43.64
C ALA H 228 25.11 28.44 -44.37
N ALA H 229 26.03 27.52 -44.61
CA ALA H 229 25.71 26.30 -45.34
C ALA H 229 25.11 25.22 -44.45
N GLN H 230 25.25 25.32 -43.12
CA GLN H 230 24.72 24.32 -42.21
C GLN H 230 23.48 24.80 -41.46
N ARG H 231 22.85 25.88 -41.92
CA ARG H 231 21.60 26.33 -41.34
C ARG H 231 20.64 26.87 -42.38
N SER H 232 20.89 26.62 -43.67
CA SER H 232 20.12 27.22 -44.74
C SER H 232 19.45 26.16 -45.59
N ILE H 233 18.40 26.58 -46.30
CA ILE H 233 17.76 25.80 -47.35
C ILE H 233 17.62 26.71 -48.56
N THR H 234 18.25 26.32 -49.67
CA THR H 234 18.26 27.11 -50.89
C THR H 234 17.25 26.51 -51.87
N LEU H 235 16.30 27.34 -52.32
CA LEU H 235 15.27 26.92 -53.24
C LEU H 235 15.58 27.48 -54.63
N MET H 236 15.72 26.60 -55.61
CA MET H 236 16.00 27.01 -56.98
C MET H 236 15.16 26.17 -57.93
N SER H 237 14.92 26.72 -59.12
CA SER H 237 14.11 26.05 -60.13
C SER H 237 14.30 26.71 -61.48
N PRO H 238 14.37 25.93 -62.57
CA PRO H 238 14.43 26.52 -63.91
C PRO H 238 13.05 26.96 -64.42
N SER H 239 12.11 27.13 -63.49
CA SER H 239 10.74 27.44 -63.88
C SER H 239 10.62 28.88 -64.36
N LYS H 240 11.14 29.84 -63.59
CA LYS H 240 10.98 31.23 -63.95
C LYS H 240 11.88 31.63 -65.11
N SER H 241 13.09 31.05 -65.18
CA SER H 241 14.04 31.43 -66.21
C SER H 241 13.65 30.83 -67.56
N PHE H 242 13.29 29.55 -67.60
CA PHE H 242 12.96 28.86 -68.83
C PHE H 242 11.46 28.77 -69.08
N ASN H 243 10.64 29.44 -68.26
CA ASN H 243 9.20 29.56 -68.47
C ASN H 243 8.54 28.18 -68.55
N ILE H 244 8.74 27.39 -67.49
CA ILE H 244 8.12 26.08 -67.40
C ILE H 244 7.53 25.90 -66.00
N ALA H 245 6.98 26.99 -65.46
CA ALA H 245 6.37 26.94 -64.13
C ALA H 245 5.14 26.03 -64.10
N GLY H 246 4.49 25.81 -65.25
CA GLY H 246 3.37 24.89 -65.32
C GLY H 246 3.73 23.44 -65.06
N LEU H 247 5.02 23.10 -65.12
CA LEU H 247 5.50 21.77 -64.80
C LEU H 247 5.98 21.68 -63.35
N GLY H 248 6.76 22.65 -62.89
CA GLY H 248 7.05 22.79 -61.48
C GLY H 248 8.11 21.89 -60.93
N ALA H 249 9.16 21.60 -61.69
CA ALA H 249 10.28 20.82 -61.19
C ALA H 249 11.25 21.76 -60.49
N SER H 250 11.38 21.62 -59.17
CA SER H 250 12.20 22.50 -58.36
C SER H 250 13.20 21.68 -57.55
N LEU H 251 14.11 22.37 -56.89
CA LEU H 251 15.22 21.75 -56.17
C LEU H 251 15.42 22.43 -54.83
N ALA H 252 15.66 21.62 -53.79
CA ALA H 252 15.97 22.10 -52.46
C ALA H 252 17.32 21.54 -52.03
N VAL H 253 18.21 22.43 -51.57
CA VAL H 253 19.57 22.06 -51.21
C VAL H 253 19.72 22.23 -49.71
N ILE H 254 19.91 21.12 -49.00
CA ILE H 254 20.08 21.13 -47.55
C ILE H 254 21.35 20.38 -47.19
N PRO H 255 22.48 21.08 -46.98
CA PRO H 255 23.71 20.36 -46.60
C PRO H 255 23.65 19.73 -45.23
N ASN H 256 22.94 20.31 -44.28
CA ASN H 256 22.89 19.77 -42.92
C ASN H 256 22.02 18.53 -42.89
N PRO H 257 22.54 17.38 -42.46
CA PRO H 257 21.72 16.15 -42.50
C PRO H 257 20.51 16.20 -41.58
N GLU H 258 20.71 16.60 -40.32
CA GLU H 258 19.60 16.62 -39.36
C GLU H 258 18.52 17.61 -39.79
N LEU H 259 18.92 18.73 -40.39
CA LEU H 259 17.95 19.70 -40.88
C LEU H 259 17.24 19.23 -42.14
N ARG H 260 17.90 18.38 -42.93
CA ARG H 260 17.31 17.84 -44.15
C ARG H 260 16.37 16.68 -43.85
N ALA H 261 16.74 15.82 -42.89
CA ALA H 261 15.89 14.70 -42.52
C ALA H 261 14.55 15.17 -41.97
N ARG H 262 14.55 16.32 -41.27
CA ARG H 262 13.29 16.87 -40.80
C ARG H 262 12.51 17.54 -41.93
N PHE H 263 13.21 18.09 -42.91
CA PHE H 263 12.54 18.65 -44.08
C PHE H 263 11.88 17.57 -44.93
N ASN H 264 12.39 16.33 -44.86
CA ASN H 264 11.83 15.23 -45.61
C ASN H 264 10.73 14.48 -44.85
N ARG H 265 10.66 14.64 -43.53
CA ARG H 265 9.56 14.03 -42.78
C ARG H 265 8.30 14.88 -42.86
N MET H 266 8.44 16.21 -42.79
CA MET H 266 7.30 17.09 -42.98
C MET H 266 6.79 17.05 -44.41
N ARG H 267 7.62 16.63 -45.36
CA ARG H 267 7.25 16.58 -46.77
C ARG H 267 6.63 15.24 -47.17
N LYS H 268 7.06 14.14 -46.55
CA LYS H 268 6.63 12.81 -46.96
C LYS H 268 5.12 12.66 -46.83
N GLY H 269 4.51 12.09 -47.87
CA GLY H 269 3.08 11.82 -47.85
C GLY H 269 2.24 12.91 -48.45
N MET H 270 2.29 14.11 -47.86
CA MET H 270 1.45 15.20 -48.33
C MET H 270 1.96 15.79 -49.65
N VAL H 271 3.28 15.87 -49.81
CA VAL H 271 3.89 16.43 -51.01
C VAL H 271 4.36 15.27 -51.88
N PRO H 272 3.73 15.00 -53.02
CA PRO H 272 4.14 13.85 -53.84
C PRO H 272 5.45 14.09 -54.57
N ASP H 273 5.91 13.09 -55.30
CA ASP H 273 7.16 13.21 -56.04
C ASP H 273 6.95 14.10 -57.28
N VAL H 274 8.07 14.42 -57.93
CA VAL H 274 8.02 15.30 -59.09
C VAL H 274 7.45 14.55 -60.29
N ASP H 275 6.68 15.27 -61.12
CA ASP H 275 6.09 14.69 -62.31
C ASP H 275 7.18 14.13 -63.23
N VAL H 276 6.86 13.05 -63.94
CA VAL H 276 7.83 12.39 -64.79
C VAL H 276 8.22 13.23 -66.00
N LEU H 277 7.36 14.15 -66.41
CA LEU H 277 7.69 15.07 -67.50
C LEU H 277 8.32 16.36 -67.01
N ALA H 278 8.12 16.72 -65.74
CA ALA H 278 8.80 17.87 -65.18
C ALA H 278 10.29 17.58 -65.01
N TYR H 279 10.64 16.35 -64.66
CA TYR H 279 12.05 15.97 -64.57
C TYR H 279 12.75 16.11 -65.91
N VAL H 280 12.08 15.74 -66.99
CA VAL H 280 12.69 15.80 -68.32
C VAL H 280 12.91 17.25 -68.74
N ALA H 281 11.89 18.08 -68.58
CA ALA H 281 12.00 19.48 -69.00
C ALA H 281 13.02 20.23 -68.15
N ALA H 282 13.09 19.94 -66.85
CA ALA H 282 14.06 20.60 -65.99
C ALA H 282 15.48 20.19 -66.34
N SER H 283 15.70 18.90 -66.60
CA SER H 283 17.04 18.43 -66.97
C SER H 283 17.47 19.01 -68.31
N ALA H 284 16.58 19.03 -69.29
CA ALA H 284 16.91 19.61 -70.58
C ALA H 284 17.13 21.11 -70.49
N ALA H 285 16.47 21.77 -69.53
CA ALA H 285 16.61 23.22 -69.39
C ALA H 285 18.02 23.59 -68.92
N TRP H 286 18.57 22.83 -67.97
CA TRP H 286 19.88 23.15 -67.42
C TRP H 286 21.02 22.45 -68.15
N ARG H 287 20.74 21.42 -68.94
CA ARG H 287 21.79 20.77 -69.70
C ARG H 287 22.08 21.51 -71.00
N GLU H 288 21.02 21.87 -71.74
CA GLU H 288 21.18 22.40 -73.09
C GLU H 288 20.41 23.71 -73.29
N GLY H 289 20.06 24.42 -72.21
CA GLY H 289 19.21 25.59 -72.34
C GLY H 289 19.90 26.92 -72.13
N GLN H 290 21.17 26.90 -71.72
CA GLN H 290 21.86 28.15 -71.45
C GLN H 290 21.99 29.05 -72.68
N PRO H 291 22.25 28.55 -73.89
CA PRO H 291 22.22 29.45 -75.07
C PRO H 291 20.89 30.15 -75.25
N TRP H 292 19.77 29.44 -75.01
CA TRP H 292 18.47 30.08 -75.08
C TRP H 292 18.31 31.14 -73.99
N LEU H 293 18.83 30.86 -72.80
CA LEU H 293 18.68 31.80 -71.69
C LEU H 293 19.51 33.06 -71.91
N ASP H 294 20.76 32.91 -72.34
CA ASP H 294 21.61 34.06 -72.57
C ASP H 294 21.00 35.01 -73.59
N ALA H 295 20.32 34.47 -74.60
CA ALA H 295 19.65 35.32 -75.58
C ALA H 295 18.43 36.01 -74.96
N GLN H 296 17.73 35.30 -74.06
CA GLN H 296 16.58 35.91 -73.39
C GLN H 296 16.99 37.01 -72.44
N LEU H 297 18.16 36.87 -71.80
CA LEU H 297 18.62 37.90 -70.86
C LEU H 297 18.83 39.23 -71.56
N ASP H 298 19.45 39.21 -72.74
CA ASP H 298 19.65 40.45 -73.50
C ASP H 298 18.32 41.06 -73.90
N TYR H 299 17.38 40.25 -74.38
CA TYR H 299 16.08 40.76 -74.82
C TYR H 299 15.28 41.32 -73.66
N LEU H 300 15.40 40.72 -72.47
CA LEU H 300 14.70 41.25 -71.31
C LEU H 300 15.30 42.56 -70.83
N ARG H 301 16.62 42.71 -70.95
CA ARG H 301 17.26 43.98 -70.59
C ARG H 301 16.81 45.10 -71.52
N ALA H 302 16.62 44.79 -72.81
CA ALA H 302 16.09 45.80 -73.73
C ALA H 302 14.68 46.21 -73.33
N ASN H 303 13.85 45.24 -72.94
CA ASN H 303 12.52 45.56 -72.42
C ASN H 303 12.61 46.31 -71.10
N ARG H 304 13.65 46.03 -70.30
CA ARG H 304 13.80 46.70 -69.01
C ARG H 304 14.18 48.16 -69.19
N ASP H 305 15.22 48.43 -69.98
CA ASP H 305 15.64 49.81 -70.21
C ASP H 305 14.52 50.63 -70.83
N MET H 306 13.75 50.03 -71.72
CA MET H 306 12.60 50.73 -72.30
C MET H 306 11.57 51.08 -71.25
N LEU H 307 11.34 50.17 -70.30
CA LEU H 307 10.39 50.44 -69.23
C LEU H 307 10.93 51.47 -68.25
N ALA H 308 12.21 51.34 -67.87
CA ALA H 308 12.80 52.26 -66.90
C ALA H 308 12.87 53.67 -67.45
N GLN H 309 13.04 53.83 -68.76
CA GLN H 309 13.09 55.16 -69.35
C GLN H 309 11.71 55.81 -69.37
N HIS H 310 10.67 55.03 -69.67
CA HIS H 310 9.33 55.61 -69.81
C HIS H 310 8.76 56.00 -68.45
N VAL H 311 8.96 55.17 -67.43
CA VAL H 311 8.46 55.51 -66.10
C VAL H 311 9.20 56.74 -65.57
N ASN H 312 10.50 56.86 -65.87
CA ASN H 312 11.24 58.05 -65.48
C ASN H 312 10.67 59.30 -66.13
N ARG H 313 10.26 59.20 -67.40
CA ARG H 313 9.73 60.35 -68.11
C ARG H 313 8.30 60.68 -67.71
N LEU H 314 7.51 59.67 -67.37
CA LEU H 314 6.14 59.93 -66.93
C LEU H 314 6.15 60.66 -65.59
N PRO H 315 5.24 61.61 -65.38
CA PRO H 315 5.32 62.47 -64.20
C PRO H 315 5.08 61.75 -62.88
N GLY H 316 3.87 61.23 -62.67
CA GLY H 316 3.48 60.74 -61.37
C GLY H 316 4.01 59.36 -61.01
N LEU H 317 4.96 58.85 -61.77
CA LEU H 317 5.50 57.52 -61.54
C LEU H 317 7.01 57.57 -61.39
N SER H 318 7.55 56.56 -60.70
CA SER H 318 8.99 56.39 -60.55
C SER H 318 9.24 54.91 -60.28
N MET H 319 10.31 54.38 -60.87
CA MET H 319 10.59 52.95 -60.79
C MET H 319 12.09 52.73 -60.63
N VAL H 320 12.44 51.85 -59.70
CA VAL H 320 13.82 51.40 -59.57
C VAL H 320 14.15 50.48 -60.74
N THR H 321 15.24 50.76 -61.43
CA THR H 321 15.70 49.88 -62.50
C THR H 321 16.14 48.56 -61.89
N PRO H 322 15.45 47.45 -62.14
CA PRO H 322 15.81 46.19 -61.50
C PRO H 322 17.03 45.56 -62.13
N GLU H 323 17.74 44.78 -61.32
CA GLU H 323 18.85 43.97 -61.81
C GLU H 323 18.45 42.54 -62.11
N ALA H 324 17.21 42.15 -61.78
CA ALA H 324 16.71 40.81 -62.00
C ALA H 324 15.38 40.89 -62.75
N SER H 325 15.27 40.10 -63.82
CA SER H 325 14.05 40.03 -64.61
C SER H 325 12.99 39.23 -63.86
N PHE H 326 11.72 39.50 -64.17
CA PHE H 326 11.29 40.42 -65.23
C PHE H 326 10.26 41.42 -64.71
N LEU H 327 10.44 41.83 -63.45
CA LEU H 327 9.56 42.79 -62.79
C LEU H 327 10.41 43.68 -61.91
N GLY H 328 10.02 44.95 -61.79
CA GLY H 328 8.82 45.51 -62.37
C GLY H 328 8.08 46.35 -61.35
N TRP H 329 8.80 46.71 -60.28
CA TRP H 329 8.21 47.39 -59.13
C TRP H 329 8.14 48.88 -59.40
N ILE H 330 6.92 49.40 -59.55
CA ILE H 330 6.68 50.79 -59.92
C ILE H 330 5.93 51.49 -58.79
N ASP H 331 6.45 52.63 -58.35
CA ASP H 331 5.82 53.45 -57.33
C ASP H 331 4.80 54.36 -58.02
N ALA H 332 3.51 54.13 -57.75
CA ALA H 332 2.44 54.92 -58.33
C ALA H 332 1.70 55.74 -57.28
N SER H 333 2.35 56.03 -56.14
CA SER H 333 1.71 56.80 -55.09
C SER H 333 1.53 58.27 -55.46
N GLY H 334 2.31 58.77 -56.42
CA GLY H 334 2.21 60.15 -56.82
C GLY H 334 1.11 60.42 -57.82
N LEU H 335 0.00 59.68 -57.72
CA LEU H 335 -1.14 59.86 -58.59
C LEU H 335 -2.40 60.26 -57.85
N GLY H 336 -2.37 60.33 -56.52
CA GLY H 336 -3.56 60.66 -55.76
C GLY H 336 -4.67 59.63 -55.86
N VAL H 337 -4.34 58.41 -56.28
CA VAL H 337 -5.30 57.34 -56.47
C VAL H 337 -5.28 56.42 -55.27
N ALA H 338 -6.48 56.04 -54.79
CA ALA H 338 -6.56 55.13 -53.65
C ALA H 338 -6.05 53.73 -54.01
N ASP H 339 -6.31 53.30 -55.25
CA ASP H 339 -5.86 51.98 -55.72
C ASP H 339 -5.26 52.16 -57.10
N PRO H 340 -3.93 52.26 -57.20
CA PRO H 340 -3.30 52.37 -58.54
C PRO H 340 -3.54 51.16 -59.42
N ALA H 341 -3.62 49.96 -58.83
CA ALA H 341 -3.86 48.77 -59.64
C ALA H 341 -5.24 48.82 -60.29
N LEU H 342 -6.27 49.23 -59.54
CA LEU H 342 -7.59 49.36 -60.12
C LEU H 342 -7.64 50.51 -61.14
N PHE H 343 -6.81 51.53 -60.96
CA PHE H 343 -6.81 52.66 -61.90
C PHE H 343 -6.30 52.22 -63.27
N PHE H 344 -5.19 51.48 -63.30
CA PHE H 344 -4.62 51.07 -64.59
C PHE H 344 -5.48 50.04 -65.31
N GLU H 345 -6.31 49.29 -64.59
CA GLU H 345 -7.18 48.33 -65.26
C GLU H 345 -8.28 49.01 -66.05
N LYS H 346 -8.77 50.16 -65.57
CA LYS H 346 -9.76 50.92 -66.30
C LYS H 346 -9.21 51.54 -67.58
N HIS H 347 -7.88 51.55 -67.75
CA HIS H 347 -7.24 52.05 -68.95
C HIS H 347 -6.62 50.94 -69.79
N GLY H 348 -6.86 49.68 -69.43
CA GLY H 348 -6.41 48.55 -70.24
C GLY H 348 -5.02 48.06 -69.92
N LEU H 349 -4.66 48.05 -68.63
CA LEU H 349 -3.34 47.57 -68.19
C LEU H 349 -3.52 46.80 -66.90
N GLY H 350 -3.25 45.50 -66.94
CA GLY H 350 -3.43 44.65 -65.77
C GLY H 350 -2.12 44.31 -65.07
N PHE H 351 -1.85 44.98 -63.96
CA PHE H 351 -0.66 44.74 -63.16
C PHE H 351 -1.01 43.94 -61.91
N SER H 352 0.03 43.37 -61.31
CA SER H 352 -0.14 42.74 -59.99
C SER H 352 -0.32 43.83 -58.94
N SER H 353 -1.43 43.77 -58.21
CA SER H 353 -1.72 44.79 -57.22
C SER H 353 -0.68 44.79 -56.11
N GLY H 354 -0.23 45.99 -55.74
CA GLY H 354 0.79 46.11 -54.71
C GLY H 354 0.33 45.67 -53.33
N ARG H 355 -0.98 45.68 -53.07
CA ARG H 355 -1.49 45.26 -51.77
C ARG H 355 -1.20 43.79 -51.49
N ASP H 356 -1.02 42.98 -52.53
CA ASP H 356 -0.72 41.56 -52.32
C ASP H 356 0.68 41.38 -51.77
N PHE H 357 1.62 42.24 -52.14
CA PHE H 357 2.98 42.17 -51.62
C PHE H 357 3.15 42.92 -50.30
N GLY H 358 2.28 43.88 -50.01
CA GLY H 358 2.36 44.60 -48.76
C GLY H 358 2.56 46.09 -48.90
N ASN H 359 2.18 46.65 -50.04
CA ASN H 359 2.30 48.09 -50.26
C ASN H 359 1.27 48.48 -51.31
N ASP H 360 0.13 49.01 -50.86
CA ASP H 360 -0.99 49.32 -51.74
C ASP H 360 -0.68 50.42 -52.75
N ARG H 361 0.44 51.13 -52.60
CA ARG H 361 0.75 52.27 -53.45
C ARG H 361 1.60 51.91 -54.65
N PHE H 362 1.88 50.63 -54.86
CA PHE H 362 2.74 50.18 -55.95
C PHE H 362 1.97 49.30 -56.93
N VAL H 363 2.56 49.11 -58.10
CA VAL H 363 2.06 48.17 -59.10
C VAL H 363 3.27 47.47 -59.70
N ARG H 364 3.13 46.17 -59.95
CA ARG H 364 4.22 45.35 -60.49
C ARG H 364 4.02 45.14 -61.98
N PHE H 365 5.04 45.47 -62.76
CA PHE H 365 4.97 45.43 -64.22
C PHE H 365 5.73 44.20 -64.71
N ASN H 366 5.04 43.33 -65.45
CA ASN H 366 5.66 42.16 -66.07
C ASN H 366 6.01 42.53 -67.51
N PHE H 367 7.32 42.65 -67.78
CA PHE H 367 7.80 42.91 -69.14
C PHE H 367 8.45 41.69 -69.76
N GLY H 368 8.03 40.50 -69.35
CA GLY H 368 8.46 39.27 -69.97
C GLY H 368 7.60 38.90 -71.16
N CYS H 369 7.48 39.82 -72.11
CA CYS H 369 6.63 39.65 -73.29
C CYS H 369 7.36 40.20 -74.50
N PRO H 370 6.90 39.90 -75.72
CA PRO H 370 7.52 40.51 -76.91
C PRO H 370 7.49 42.03 -76.83
N ARG H 371 8.51 42.66 -77.42
CA ARG H 371 8.70 44.10 -77.30
C ARG H 371 7.54 44.89 -77.89
N GLN H 372 6.81 44.32 -78.84
CA GLN H 372 5.68 45.05 -79.42
C GLN H 372 4.51 45.10 -78.44
N LEU H 373 4.28 44.02 -77.70
CA LEU H 373 3.23 44.05 -76.68
C LEU H 373 3.58 45.00 -75.55
N LEU H 374 4.86 45.14 -75.24
CA LEU H 374 5.28 46.12 -74.24
C LEU H 374 5.08 47.54 -74.74
N GLU H 375 5.31 47.77 -76.03
CA GLU H 375 5.12 49.11 -76.58
C GLU H 375 3.66 49.54 -76.50
N GLU H 376 2.73 48.60 -76.69
CA GLU H 376 1.33 48.92 -76.49
C GLU H 376 1.02 49.25 -75.04
N ALA H 377 1.73 48.60 -74.11
CA ALA H 377 1.51 48.87 -72.69
C ALA H 377 1.99 50.27 -72.31
N LEU H 378 3.17 50.66 -72.80
CA LEU H 378 3.70 51.99 -72.49
C LEU H 378 2.84 53.09 -73.09
N GLN H 379 2.29 52.86 -74.29
CA GLN H 379 1.41 53.86 -74.89
C GLN H 379 0.10 53.97 -74.11
N ARG H 380 -0.39 52.87 -73.55
CA ARG H 380 -1.56 52.94 -72.67
C ARG H 380 -1.22 53.65 -71.37
N MET H 381 0.02 53.51 -70.88
CA MET H 381 0.44 54.26 -69.70
C MET H 381 0.45 55.75 -69.97
N THR H 382 0.84 56.16 -71.17
CA THR H 382 0.84 57.58 -71.51
C THR H 382 -0.58 58.10 -71.70
N ARG H 383 -1.44 57.32 -72.36
CA ARG H 383 -2.83 57.73 -72.53
C ARG H 383 -3.54 57.86 -71.20
N ALA H 384 -3.16 57.03 -70.22
CA ALA H 384 -3.82 57.08 -68.91
C ALA H 384 -3.53 58.40 -68.21
N LEU H 385 -2.26 58.79 -68.12
CA LEU H 385 -1.91 60.03 -67.43
C LEU H 385 -2.29 61.27 -68.22
N THR H 386 -2.43 61.16 -69.53
CA THR H 386 -2.80 62.31 -70.37
C THR H 386 -4.27 62.66 -70.20
N ASN I 12 17.17 24.99 -21.83
CA ASN I 12 16.08 25.29 -20.91
C ASN I 12 15.14 26.35 -21.46
N PHE I 13 13.99 25.91 -21.96
CA PHE I 13 12.93 26.82 -22.40
C PHE I 13 11.69 26.60 -21.54
N ASP I 14 10.70 27.48 -21.75
CA ASP I 14 9.42 27.37 -21.07
C ASP I 14 8.29 27.93 -21.91
N GLN I 15 8.39 27.80 -23.24
CA GLN I 15 7.51 28.51 -24.15
C GLN I 15 6.70 27.60 -25.08
N ARG I 16 7.05 26.32 -25.18
CA ARG I 16 6.28 25.41 -26.02
C ARG I 16 4.88 25.21 -25.45
N ILE I 17 3.88 25.27 -26.33
CA ILE I 17 2.48 25.07 -25.93
C ILE I 17 2.18 23.59 -26.11
N ASP I 18 2.27 22.83 -25.02
CA ASP I 18 1.99 21.40 -25.09
C ASP I 18 0.50 21.16 -25.19
N ARG I 19 0.09 20.37 -26.19
CA ARG I 19 -1.31 20.06 -26.38
C ARG I 19 -1.82 19.20 -25.23
N ARG I 20 -3.07 19.43 -24.83
CA ARG I 20 -3.66 18.76 -23.67
C ARG I 20 -5.08 18.34 -24.01
N HIS I 21 -5.24 17.10 -24.47
CA HIS I 21 -6.54 16.42 -24.49
C HIS I 21 -6.46 15.11 -23.72
N SER I 22 -5.48 14.99 -22.83
CA SER I 22 -5.20 13.74 -22.12
C SER I 22 -5.90 13.69 -20.77
N ASP I 23 -5.20 13.18 -19.75
CA ASP I 23 -5.73 13.05 -18.41
C ASP I 23 -5.66 14.34 -17.61
N SER I 24 -5.16 15.42 -18.19
CA SER I 24 -4.99 16.67 -17.46
C SER I 24 -6.33 17.23 -17.00
N LEU I 25 -6.49 17.37 -15.68
CA LEU I 25 -7.70 17.96 -15.13
C LEU I 25 -7.84 19.43 -15.53
N LYS I 26 -6.71 20.12 -15.73
CA LYS I 26 -6.75 21.54 -16.04
C LYS I 26 -7.48 21.79 -17.36
N TRP I 27 -7.17 21.00 -18.39
CA TRP I 27 -7.76 21.18 -19.70
C TRP I 27 -8.99 20.30 -19.92
N LYS I 28 -9.34 19.44 -18.96
CA LYS I 28 -10.53 18.61 -19.09
C LYS I 28 -11.80 19.38 -18.76
N LYS I 29 -11.72 20.36 -17.86
CA LYS I 29 -12.91 21.11 -17.46
C LYS I 29 -13.50 21.88 -18.62
N TYR I 30 -12.74 22.80 -19.19
CA TYR I 30 -13.17 23.56 -20.37
C TYR I 30 -12.72 22.86 -21.65
N ALA I 31 -13.18 21.61 -21.79
CA ALA I 31 -12.72 20.71 -22.85
C ALA I 31 -12.96 21.27 -24.24
N ASP I 32 -14.19 21.14 -24.74
CA ASP I 32 -14.52 21.55 -26.09
C ASP I 32 -15.12 22.96 -26.15
N ARG I 33 -14.67 23.85 -25.26
CA ARG I 33 -15.13 25.22 -25.22
C ARG I 33 -13.96 26.17 -25.45
N ASP I 34 -14.25 27.34 -25.99
CA ASP I 34 -13.23 28.36 -26.26
C ASP I 34 -12.95 29.17 -24.99
N ILE I 35 -12.43 28.47 -23.99
CA ILE I 35 -12.09 29.06 -22.70
C ILE I 35 -10.68 28.60 -22.32
N LEU I 36 -9.82 29.54 -21.97
CA LEU I 36 -8.44 29.23 -21.63
C LEU I 36 -8.35 28.72 -20.19
N PRO I 37 -7.87 27.50 -19.96
CA PRO I 37 -7.76 27.00 -18.58
C PRO I 37 -6.65 27.69 -17.80
N LEU I 38 -7.02 28.48 -16.81
CA LEU I 38 -6.07 29.20 -15.97
C LEU I 38 -6.51 29.15 -14.51
N TRP I 39 -6.99 28.00 -14.06
CA TRP I 39 -7.65 27.88 -12.77
C TRP I 39 -6.85 27.05 -11.78
N ILE I 40 -6.79 25.73 -11.94
CA ILE I 40 -6.18 24.87 -10.93
C ILE I 40 -4.67 25.10 -10.88
N ALA I 41 -4.12 25.07 -9.66
CA ALA I 41 -2.70 25.28 -9.46
C ALA I 41 -1.89 24.21 -10.18
N ASP I 42 -1.65 24.42 -11.47
CA ASP I 42 -1.03 23.40 -12.32
C ASP I 42 -0.40 24.11 -13.51
N THR I 43 0.91 23.97 -13.67
CA THR I 43 1.60 24.60 -14.78
C THR I 43 1.58 23.69 -16.01
N ASP I 44 1.56 24.31 -17.18
CA ASP I 44 1.61 23.60 -18.45
C ASP I 44 3.03 23.25 -18.87
N PHE I 45 3.98 23.28 -17.94
CA PHE I 45 5.38 23.08 -18.25
C PHE I 45 5.73 21.59 -18.27
N ARG I 46 6.60 21.22 -19.21
CA ARG I 46 7.10 19.86 -19.27
C ARG I 46 8.14 19.62 -18.18
N ALA I 47 8.03 18.49 -17.50
CA ALA I 47 8.93 18.17 -16.40
C ALA I 47 10.38 18.14 -16.87
N ALA I 48 11.29 18.38 -15.95
CA ALA I 48 12.72 18.43 -16.27
C ALA I 48 13.20 17.08 -16.79
N ASP I 49 14.29 17.12 -17.55
CA ASP I 49 14.83 15.90 -18.15
C ASP I 49 15.31 14.92 -17.08
N CYS I 50 15.90 15.43 -16.01
CA CYS I 50 16.39 14.55 -14.95
C CYS I 50 15.25 13.80 -14.28
N ILE I 51 14.04 14.37 -14.29
CA ILE I 51 12.88 13.67 -13.74
C ILE I 51 12.36 12.65 -14.75
N ILE I 52 12.34 12.99 -16.03
CA ILE I 52 11.83 12.08 -17.04
C ILE I 52 12.82 10.93 -17.28
N ASP I 53 14.12 11.24 -17.33
CA ASP I 53 15.11 10.19 -17.51
C ASP I 53 15.10 9.20 -16.36
N ALA I 54 14.87 9.69 -15.14
CA ALA I 54 14.80 8.80 -13.98
C ALA I 54 13.57 7.91 -14.04
N LEU I 55 12.44 8.46 -14.47
CA LEU I 55 11.23 7.65 -14.60
C LEU I 55 11.41 6.57 -15.65
N GLN I 56 11.93 6.93 -16.82
CA GLN I 56 12.20 5.93 -17.86
C GLN I 56 13.24 4.91 -17.39
N GLN I 57 14.17 5.34 -16.55
CA GLN I 57 15.13 4.39 -15.95
C GLN I 57 14.42 3.37 -15.09
N ARG I 58 13.46 3.82 -14.27
CA ARG I 58 12.77 2.91 -13.36
C ARG I 58 11.80 2.01 -14.09
N VAL I 59 11.12 2.54 -15.12
CA VAL I 59 10.17 1.72 -15.87
C VAL I 59 10.89 0.61 -16.63
N GLN I 60 12.11 0.88 -17.11
CA GLN I 60 12.85 -0.13 -17.84
C GLN I 60 13.35 -1.27 -16.95
N GLN I 61 13.35 -1.08 -15.63
CA GLN I 61 13.73 -2.18 -14.74
C GLN I 61 12.75 -3.34 -14.87
N GLY I 62 11.46 -3.05 -15.03
CA GLY I 62 10.48 -4.08 -15.28
C GLY I 62 9.61 -4.42 -14.09
N VAL I 63 10.22 -4.65 -12.93
CA VAL I 63 9.49 -5.07 -11.74
C VAL I 63 8.93 -3.85 -11.02
N PHE I 64 7.69 -3.98 -10.54
CA PHE I 64 7.00 -2.91 -9.82
C PHE I 64 6.34 -3.47 -8.56
N GLY I 65 7.07 -4.29 -7.81
CA GLY I 65 6.57 -4.82 -6.57
C GLY I 65 6.54 -3.78 -5.48
N TYR I 66 6.29 -4.25 -4.26
CA TYR I 66 6.25 -3.36 -3.10
C TYR I 66 7.60 -2.73 -2.86
N GLY I 67 7.62 -1.41 -2.63
CA GLY I 67 8.84 -0.66 -2.48
C GLY I 67 9.12 -0.26 -1.04
N VAL I 68 10.35 0.15 -0.82
CA VAL I 68 10.79 0.65 0.47
C VAL I 68 10.81 2.18 0.43
N THR I 69 10.99 2.80 1.60
CA THR I 69 11.12 4.24 1.66
C THR I 69 12.40 4.69 0.96
N SER I 70 12.26 5.66 0.06
CA SER I 70 13.40 6.17 -0.71
C SER I 70 14.38 6.87 0.23
N GLU I 71 15.47 6.18 0.58
CA GLU I 71 16.50 6.81 1.39
C GLU I 71 17.25 7.88 0.62
N ALA I 72 17.28 7.80 -0.72
CA ALA I 72 17.86 8.88 -1.51
C ALA I 72 17.04 10.15 -1.36
N LEU I 73 15.70 10.04 -1.40
CA LEU I 73 14.85 11.20 -1.18
C LEU I 73 15.01 11.74 0.24
N ALA I 74 15.30 10.86 1.20
CA ALA I 74 15.52 11.31 2.57
C ALA I 74 16.83 12.09 2.68
N GLU I 75 17.87 11.63 1.98
CA GLU I 75 19.17 12.31 2.05
C GLU I 75 19.11 13.69 1.40
N VAL I 76 18.50 13.78 0.22
CA VAL I 76 18.46 15.07 -0.48
C VAL I 76 17.52 16.03 0.22
N ALA I 77 16.49 15.53 0.91
CA ALA I 77 15.58 16.41 1.63
C ALA I 77 16.28 17.07 2.81
N ILE I 78 17.12 16.31 3.52
CA ILE I 78 17.81 16.85 4.69
C ILE I 78 18.85 17.89 4.25
N GLU I 79 19.62 17.59 3.20
CA GLU I 79 20.66 18.51 2.76
C GLU I 79 20.08 19.75 2.09
N ARG I 80 18.86 19.67 1.55
CA ARG I 80 18.24 20.84 0.94
C ARG I 80 17.71 21.81 1.99
N MET I 81 17.26 21.31 3.13
CA MET I 81 16.75 22.17 4.18
C MET I 81 17.85 22.99 4.84
N GLU I 82 19.10 22.56 4.74
CA GLU I 82 20.23 23.32 5.28
C GLU I 82 20.87 24.23 4.24
N SER I 83 21.15 23.72 3.04
CA SER I 83 21.83 24.51 2.04
C SER I 83 20.95 25.62 1.48
N ARG I 84 19.63 25.51 1.59
CA ARG I 84 18.73 26.50 1.04
C ARG I 84 17.92 27.26 2.07
N PHE I 85 17.65 26.65 3.23
CA PHE I 85 16.86 27.30 4.27
C PHE I 85 17.57 27.40 5.61
N GLY I 86 18.76 26.84 5.74
CA GLY I 86 19.48 26.91 7.00
C GLY I 86 18.77 26.23 8.15
N TRP I 87 18.18 25.06 7.90
CA TRP I 87 17.40 24.32 8.89
C TRP I 87 17.88 22.88 8.91
N LYS I 88 18.49 22.48 10.01
CA LYS I 88 18.98 21.13 10.15
C LYS I 88 17.83 20.17 10.44
N ILE I 89 17.79 19.06 9.71
CA ILE I 89 16.71 18.09 9.80
C ILE I 89 17.28 16.77 10.32
N GLN I 90 16.63 16.21 11.34
CA GLN I 90 17.06 14.88 11.73
C GLN I 90 16.37 13.82 10.89
N PRO I 91 17.04 12.69 10.62
CA PRO I 91 16.43 11.66 9.78
C PRO I 91 15.13 11.12 10.33
N GLU I 92 15.03 10.95 11.65
CA GLU I 92 13.83 10.38 12.25
C GLU I 92 12.62 11.32 12.23
N TRP I 93 12.79 12.55 11.74
CA TRP I 93 11.67 13.49 11.68
C TRP I 93 10.82 13.33 10.43
N LEU I 94 11.36 12.70 9.38
CA LEU I 94 10.68 12.66 8.10
C LEU I 94 9.60 11.59 8.07
N VAL I 95 8.44 11.95 7.52
CA VAL I 95 7.36 11.01 7.26
C VAL I 95 6.84 11.32 5.87
N PHE I 96 6.93 10.35 4.96
CA PHE I 96 6.54 10.56 3.56
C PHE I 96 5.07 10.22 3.36
N LEU I 97 4.39 11.10 2.60
CA LEU I 97 2.96 10.99 2.37
C LEU I 97 2.66 11.14 0.88
N PRO I 98 1.67 10.41 0.37
CA PRO I 98 1.21 10.65 -1.00
C PRO I 98 0.35 11.90 -1.09
N GLY I 99 0.94 13.02 -1.46
CA GLY I 99 0.24 14.28 -1.51
C GLY I 99 0.34 15.06 -0.21
N VAL I 100 -0.17 16.29 -0.27
CA VAL I 100 -0.10 17.19 0.87
C VAL I 100 -1.47 17.39 1.53
N VAL I 101 -2.56 17.38 0.76
CA VAL I 101 -3.90 17.50 1.33
C VAL I 101 -4.12 16.43 2.38
N THR I 102 -3.58 15.23 2.16
CA THR I 102 -3.70 14.17 3.15
C THR I 102 -2.96 14.53 4.44
N GLY I 103 -1.84 15.25 4.33
CA GLY I 103 -1.14 15.65 5.54
C GLY I 103 -1.92 16.66 6.36
N ILE I 104 -2.65 17.56 5.70
CA ILE I 104 -3.47 18.52 6.42
C ILE I 104 -4.63 17.81 7.12
N ASN I 105 -5.23 16.83 6.45
CA ASN I 105 -6.37 16.13 7.05
C ASN I 105 -5.94 15.28 8.24
N ILE I 106 -4.76 14.68 8.17
CA ILE I 106 -4.26 13.90 9.31
C ILE I 106 -3.92 14.83 10.47
N ALA I 107 -3.31 15.98 10.18
CA ALA I 107 -2.97 16.94 11.23
C ALA I 107 -4.21 17.45 11.93
N VAL I 108 -5.33 17.57 11.22
CA VAL I 108 -6.57 18.02 11.85
C VAL I 108 -7.15 16.91 12.73
N ARG I 109 -7.12 15.68 12.26
CA ARG I 109 -7.74 14.58 13.01
C ARG I 109 -6.85 14.09 14.14
N ALA I 110 -5.53 14.26 14.03
CA ALA I 110 -4.62 13.78 15.06
C ALA I 110 -4.34 14.83 16.13
N PHE I 111 -4.33 16.10 15.78
CA PHE I 111 -3.95 17.17 16.70
C PHE I 111 -5.13 18.03 17.15
N THR I 112 -6.36 17.56 16.92
CA THR I 112 -7.55 18.29 17.36
C THR I 112 -8.60 17.30 17.82
N GLU I 113 -9.17 17.56 18.99
CA GLU I 113 -10.26 16.73 19.49
C GLU I 113 -11.60 17.33 19.05
N ALA I 114 -12.67 16.56 19.30
CA ALA I 114 -13.98 16.90 18.75
C ALA I 114 -14.43 18.30 19.19
N HIS I 115 -14.24 18.62 20.47
CA HIS I 115 -14.69 19.91 20.99
C HIS I 115 -13.72 21.05 20.68
N GLN I 116 -12.57 20.76 20.08
CA GLN I 116 -11.57 21.79 19.81
C GLN I 116 -11.74 22.35 18.39
N SER I 117 -11.08 23.47 18.14
CA SER I 117 -11.23 24.19 16.89
C SER I 117 -9.86 24.49 16.29
N THR I 118 -9.88 24.92 15.02
CA THR I 118 -8.68 25.27 14.29
C THR I 118 -8.70 26.76 13.95
N VAL I 119 -7.51 27.32 13.77
CA VAL I 119 -7.34 28.73 13.43
C VAL I 119 -6.55 28.82 12.13
N SER I 120 -7.05 29.65 11.20
CA SER I 120 -6.39 29.81 9.91
C SER I 120 -6.77 31.18 9.35
N ALA I 121 -6.07 31.57 8.29
CA ALA I 121 -6.33 32.82 7.62
C ALA I 121 -7.42 32.65 6.56
N THR I 122 -7.99 33.78 6.14
CA THR I 122 -8.99 33.80 5.08
C THR I 122 -8.75 35.05 4.25
N PRO I 123 -8.70 34.94 2.92
CA PRO I 123 -8.85 33.70 2.15
C PRO I 123 -7.63 32.81 2.25
N ILE I 124 -7.77 31.54 1.85
CA ILE I 124 -6.68 30.57 1.99
C ILE I 124 -7.02 29.34 1.16
N TYR I 125 -6.03 28.46 0.98
CA TYR I 125 -6.24 27.19 0.28
C TYR I 125 -7.45 26.47 0.87
N PRO I 126 -8.42 26.07 0.04
CA PRO I 126 -9.72 25.61 0.56
C PRO I 126 -9.60 24.47 1.56
N PRO I 127 -8.73 23.47 1.35
CA PRO I 127 -8.63 22.38 2.36
C PRO I 127 -8.23 22.85 3.75
N PHE I 128 -7.83 24.10 3.93
CA PHE I 128 -7.48 24.57 5.28
C PHE I 128 -8.71 24.71 6.16
N PHE I 129 -9.86 25.09 5.61
CA PHE I 129 -11.10 25.13 6.37
C PHE I 129 -12.05 24.00 6.02
N LEU I 130 -11.84 23.30 4.91
CA LEU I 130 -12.69 22.18 4.57
C LEU I 130 -12.36 20.94 5.39
N ALA I 131 -11.07 20.69 5.64
CA ALA I 131 -10.68 19.52 6.42
C ALA I 131 -11.22 19.55 7.84
N PRO I 132 -11.14 20.66 8.60
CA PRO I 132 -11.84 20.68 9.89
C PRO I 132 -13.35 20.62 9.74
N LYS I 133 -13.88 21.12 8.63
CA LYS I 133 -15.32 21.07 8.40
C LYS I 133 -15.79 19.62 8.21
N LEU I 134 -15.07 18.85 7.39
CA LEU I 134 -15.45 17.47 7.15
C LEU I 134 -15.25 16.60 8.38
N ALA I 135 -14.30 16.96 9.25
CA ALA I 135 -14.03 16.18 10.45
C ALA I 135 -14.92 16.57 11.62
N GLY I 136 -15.70 17.63 11.49
CA GLY I 136 -16.55 18.07 12.58
C GLY I 136 -15.90 19.00 13.58
N ARG I 137 -14.89 19.75 13.15
CA ARG I 137 -14.18 20.69 14.02
C ARG I 137 -14.60 22.11 13.70
N GLN I 138 -14.76 22.93 14.74
CA GLN I 138 -15.05 24.34 14.53
C GLN I 138 -13.83 25.03 13.92
N HIS I 139 -14.08 26.12 13.21
CA HIS I 139 -13.02 26.85 12.52
C HIS I 139 -13.14 28.34 12.80
N LEU I 140 -12.00 28.97 13.10
CA LEU I 140 -11.93 30.41 13.36
C LEU I 140 -11.08 31.04 12.27
N SER I 141 -11.72 31.81 11.40
CA SER I 141 -11.05 32.41 10.25
C SER I 141 -10.58 33.82 10.59
N ALA I 142 -9.31 34.09 10.30
CA ALA I 142 -8.69 35.40 10.51
C ALA I 142 -8.54 36.09 9.17
N ALA I 143 -9.13 37.28 9.04
CA ALA I 143 -9.15 37.99 7.77
C ALA I 143 -7.80 38.60 7.46
N LEU I 144 -7.39 38.50 6.19
CA LEU I 144 -6.18 39.13 5.70
C LEU I 144 -6.49 40.56 5.27
N ARG I 145 -5.67 41.50 5.71
CA ARG I 145 -5.81 42.90 5.34
C ARG I 145 -4.63 43.33 4.48
N LEU I 146 -4.89 44.29 3.60
CA LEU I 146 -3.86 44.78 2.68
C LEU I 146 -2.92 45.74 3.41
N GLU I 147 -1.62 45.53 3.23
CA GLU I 147 -0.60 46.32 3.93
C GLU I 147 0.59 46.52 2.99
N GLN I 148 0.68 47.70 2.39
CA GLN I 148 1.80 48.10 1.54
C GLN I 148 2.07 47.06 0.46
N GLN I 149 1.06 46.86 -0.39
CA GLN I 149 1.16 45.96 -1.54
C GLN I 149 1.47 44.53 -1.11
N ARG I 150 0.84 44.09 -0.03
CA ARG I 150 1.07 42.76 0.52
C ARG I 150 -0.12 42.35 1.38
N TRP I 151 -0.42 41.06 1.37
CA TRP I 151 -1.47 40.49 2.21
C TRP I 151 -0.83 40.00 3.50
N VAL I 152 -1.01 40.75 4.57
CA VAL I 152 -0.40 40.44 5.87
C VAL I 152 -1.43 39.72 6.73
N LEU I 153 -0.94 38.84 7.61
CA LEU I 153 -1.76 38.11 8.55
C LEU I 153 -1.35 38.51 9.96
N ASP I 154 -2.31 38.99 10.75
CA ASP I 154 -2.08 39.33 12.15
C ASP I 154 -3.10 38.59 13.00
N LEU I 155 -2.65 37.55 13.70
CA LEU I 155 -3.54 36.80 14.59
C LEU I 155 -3.77 37.53 15.90
N ASP I 156 -2.85 38.38 16.32
CA ASP I 156 -3.00 39.13 17.56
C ASP I 156 -4.18 40.10 17.51
N SER I 157 -4.67 40.42 16.31
CA SER I 157 -5.84 41.28 16.18
C SER I 157 -7.14 40.54 16.45
N HIS I 158 -7.11 39.22 16.60
CA HIS I 158 -8.32 38.41 16.78
C HIS I 158 -8.25 37.59 18.07
N GLU I 159 -7.61 38.12 19.11
CA GLU I 159 -7.62 37.45 20.40
C GLU I 159 -8.98 37.51 21.06
N ASP I 160 -9.71 38.61 20.87
CA ASP I 160 -11.03 38.76 21.47
C ASP I 160 -12.03 37.75 20.92
N ARG I 161 -11.83 37.31 19.67
CA ARG I 161 -12.76 36.40 19.01
C ARG I 161 -12.44 34.93 19.27
N MET I 162 -11.57 34.64 20.23
CA MET I 162 -11.24 33.27 20.57
C MET I 162 -12.07 32.78 21.75
N SER I 163 -12.12 31.45 21.91
CA SER I 163 -12.97 30.83 22.91
C SER I 163 -12.22 29.99 23.93
N GLY I 164 -11.01 29.53 23.62
CA GLY I 164 -10.29 28.61 24.47
C GLY I 164 -10.28 27.19 23.96
N ASN I 165 -11.12 26.86 22.98
CA ASN I 165 -11.10 25.56 22.34
C ASN I 165 -10.09 25.47 21.20
N GLU I 166 -9.46 26.58 20.84
CA GLU I 166 -8.50 26.58 19.74
C GLU I 166 -7.27 25.76 20.10
N LYS I 167 -6.87 24.88 19.20
CA LYS I 167 -5.77 23.96 19.44
C LYS I 167 -4.79 23.81 18.28
N LEU I 168 -5.25 23.88 17.03
CA LEU I 168 -4.39 23.69 15.87
C LEU I 168 -4.39 24.97 15.04
N LEU I 169 -3.21 25.53 14.82
CA LEU I 169 -3.04 26.72 13.98
C LEU I 169 -2.49 26.29 12.63
N LEU I 170 -3.16 26.71 11.55
CA LEU I 170 -2.80 26.34 10.19
C LEU I 170 -2.14 27.53 9.51
N LEU I 171 -0.92 27.34 9.03
CA LEU I 171 -0.16 28.38 8.35
C LEU I 171 0.10 27.99 6.91
N CYS I 172 0.45 28.99 6.09
CA CYS I 172 0.75 28.76 4.69
C CYS I 172 1.83 29.78 4.29
N ASN I 173 3.07 29.30 4.20
CA ASN I 173 4.21 30.15 3.86
C ASN I 173 5.02 29.49 2.76
N PRO I 174 5.00 30.00 1.52
CA PRO I 174 4.21 31.15 1.04
C PRO I 174 2.70 30.90 1.08
N HIS I 175 1.92 31.97 1.00
CA HIS I 175 0.48 31.89 1.22
C HIS I 175 -0.26 31.72 -0.11
N ASN I 176 -1.21 30.79 -0.13
CA ASN I 176 -2.08 30.56 -1.27
C ASN I 176 -3.51 30.81 -0.84
N PRO I 177 -4.22 31.78 -1.45
CA PRO I 177 -3.72 32.62 -2.54
C PRO I 177 -3.05 33.89 -2.05
N GLY I 178 -2.53 34.70 -2.98
CA GLY I 178 -1.84 35.93 -2.68
C GLY I 178 -0.33 35.85 -2.88
N GLY I 179 0.26 34.69 -2.67
CA GLY I 179 1.69 34.53 -2.85
C GLY I 179 2.54 35.31 -1.88
N THR I 180 2.08 35.47 -0.65
CA THR I 180 2.81 36.26 0.34
C THR I 180 3.96 35.46 0.92
N VAL I 181 5.15 36.06 0.91
CA VAL I 181 6.34 35.48 1.54
C VAL I 181 6.51 36.19 2.89
N TYR I 182 6.19 35.49 3.97
CA TYR I 182 6.24 36.10 5.29
C TYR I 182 7.68 36.31 5.73
N ARG I 183 7.97 37.50 6.26
CA ARG I 183 9.29 37.83 6.75
C ARG I 183 9.55 37.16 8.10
N ARG I 184 10.76 37.33 8.62
CA ARG I 184 11.12 36.69 9.88
C ARG I 184 10.38 37.31 11.05
N LYS I 185 10.18 38.64 11.03
CA LYS I 185 9.45 39.29 12.10
C LYS I 185 7.99 38.86 12.12
N GLU I 186 7.40 38.62 10.95
CA GLU I 186 6.00 38.21 10.90
C GLU I 186 5.82 36.77 11.39
N LEU I 187 6.74 35.88 11.03
CA LEU I 187 6.66 34.51 11.49
C LEU I 187 6.86 34.39 13.00
N GLU I 188 7.66 35.28 13.58
CA GLU I 188 7.85 35.27 15.02
C GLU I 188 6.60 35.74 15.76
N ALA I 189 5.85 36.67 15.18
CA ALA I 189 4.59 37.08 15.78
C ALA I 189 3.58 35.94 15.77
N GLN I 190 3.57 35.15 14.68
CA GLN I 190 2.73 33.95 14.64
C GLN I 190 3.20 32.92 15.66
N LEU I 191 4.51 32.87 15.93
CA LEU I 191 5.03 31.94 16.92
C LEU I 191 4.55 32.30 18.32
N ARG I 192 4.63 33.60 18.67
CA ARG I 192 4.18 34.03 19.99
C ARG I 192 2.68 33.84 20.15
N PHE I 193 1.91 34.02 19.07
CA PHE I 193 0.47 33.76 19.15
C PHE I 193 0.19 32.29 19.43
N ALA I 194 0.96 31.39 18.81
CA ALA I 194 0.79 29.97 19.09
C ALA I 194 1.32 29.61 20.47
N GLN I 195 2.29 30.36 20.99
CA GLN I 195 2.82 30.07 22.31
C GLN I 195 1.83 30.46 23.40
N ARG I 196 1.21 31.63 23.28
CA ARG I 196 0.34 32.11 24.35
C ARG I 196 -0.96 31.33 24.41
N HIS I 197 -1.40 30.76 23.30
CA HIS I 197 -2.63 29.97 23.26
C HIS I 197 -2.37 28.47 23.27
N ASP I 198 -1.10 28.05 23.37
CA ASP I 198 -0.74 26.64 23.42
C ASP I 198 -1.27 25.88 22.21
N LEU I 199 -0.95 26.39 21.03
CA LEU I 199 -1.45 25.85 19.77
C LEU I 199 -0.39 25.00 19.09
N LEU I 200 -0.82 23.86 18.53
CA LEU I 200 0.02 23.11 17.61
C LEU I 200 -0.08 23.74 16.23
N VAL I 201 1.03 23.78 15.51
CA VAL I 201 1.12 24.48 14.24
C VAL I 201 1.28 23.46 13.12
N CYS I 202 0.62 23.74 11.99
CA CYS I 202 0.78 22.97 10.76
C CYS I 202 1.12 23.96 9.66
N SER I 203 2.38 23.95 9.21
CA SER I 203 2.87 24.92 8.24
C SER I 203 2.92 24.29 6.86
N ASP I 204 2.11 24.80 5.95
CA ASP I 204 2.09 24.34 4.57
C ASP I 204 3.09 25.15 3.77
N GLU I 205 4.23 24.53 3.43
CA GLU I 205 5.29 25.23 2.74
C GLU I 205 5.63 24.56 1.42
N ILE I 206 4.63 24.40 0.54
CA ILE I 206 4.85 23.76 -0.75
C ILE I 206 5.46 24.75 -1.74
N HIS I 207 5.09 26.03 -1.66
CA HIS I 207 5.58 27.04 -2.57
C HIS I 207 6.94 27.61 -2.17
N CYS I 208 7.63 26.97 -1.22
CA CYS I 208 8.87 27.55 -0.70
C CYS I 208 9.96 27.62 -1.77
N ASP I 209 9.99 26.66 -2.69
CA ASP I 209 10.95 26.66 -3.78
C ASP I 209 10.56 27.60 -4.92
N LEU I 210 9.50 28.39 -4.75
CA LEU I 210 8.98 29.25 -5.80
C LEU I 210 9.04 30.73 -5.43
N VAL I 211 9.92 31.10 -4.50
CA VAL I 211 10.05 32.50 -4.11
C VAL I 211 10.58 33.31 -5.29
N LEU I 212 9.89 34.41 -5.60
CA LEU I 212 10.21 35.23 -6.76
C LEU I 212 10.81 36.58 -6.40
N GLU I 213 11.17 36.81 -5.15
CA GLU I 213 11.75 38.11 -4.85
C GLU I 213 13.23 37.97 -4.51
N PRO I 214 14.09 38.82 -5.07
CA PRO I 214 15.52 38.70 -4.80
C PRO I 214 15.87 39.14 -3.38
N GLY I 215 16.92 38.51 -2.85
CA GLY I 215 17.37 38.80 -1.50
C GLY I 215 16.49 38.28 -0.39
N VAL I 216 15.36 37.65 -0.70
CA VAL I 216 14.42 37.14 0.29
C VAL I 216 14.45 35.62 0.24
N GLN I 217 14.68 35.00 1.39
CA GLN I 217 14.77 33.55 1.51
C GLN I 217 13.56 33.03 2.29
N HIS I 218 13.06 31.87 1.86
CA HIS I 218 11.99 31.21 2.60
C HIS I 218 12.48 30.81 3.98
N ILE I 219 11.64 31.05 4.98
CA ILE I 219 11.98 30.73 6.36
C ILE I 219 11.00 29.69 6.90
N PRO I 220 11.44 28.46 7.14
CA PRO I 220 10.53 27.48 7.76
C PRO I 220 10.10 27.92 9.14
N PHE I 221 8.85 27.58 9.49
CA PHE I 221 8.32 27.96 10.79
C PHE I 221 9.07 27.27 11.92
N ALA I 222 9.39 25.99 11.75
CA ALA I 222 10.06 25.22 12.79
C ALA I 222 11.54 25.53 12.92
N SER I 223 12.08 26.38 12.05
CA SER I 223 13.48 26.78 12.12
C SER I 223 13.70 28.02 12.99
N LEU I 224 12.62 28.61 13.53
CA LEU I 224 12.76 29.85 14.28
C LEU I 224 13.37 29.59 15.66
N SER I 225 12.87 28.56 16.35
CA SER I 225 13.37 28.22 17.67
C SER I 225 13.17 26.72 17.89
N ASP I 226 13.64 26.23 19.04
CA ASP I 226 13.40 24.83 19.38
C ASP I 226 11.95 24.62 19.82
N ASP I 227 11.32 25.64 20.42
CA ASP I 227 9.90 25.57 20.72
C ASP I 227 9.05 25.74 19.47
N ALA I 228 9.58 26.37 18.43
CA ALA I 228 8.90 26.36 17.14
C ALA I 228 8.78 24.93 16.63
N ALA I 229 9.89 24.19 16.62
CA ALA I 229 9.83 22.75 16.47
C ALA I 229 9.27 22.14 17.75
N GLN I 230 9.19 20.80 17.78
CA GLN I 230 8.61 20.08 18.91
C GLN I 230 7.15 20.46 19.12
N ARG I 231 6.63 21.29 18.23
CA ARG I 231 5.26 21.81 18.30
C ARG I 231 4.57 21.85 16.94
N SER I 232 5.31 21.90 15.83
CA SER I 232 4.75 22.09 14.51
C SER I 232 4.98 20.85 13.64
N ILE I 233 4.31 20.85 12.50
CA ILE I 233 4.52 19.86 11.45
C ILE I 233 4.64 20.60 10.13
N THR I 234 5.75 20.39 9.43
CA THR I 234 6.03 21.11 8.18
C THR I 234 5.72 20.20 7.00
N LEU I 235 4.98 20.74 6.04
CA LEU I 235 4.60 20.01 4.83
C LEU I 235 5.37 20.56 3.65
N MET I 236 6.16 19.71 3.00
CA MET I 236 6.97 20.11 1.86
C MET I 236 6.91 19.03 0.79
N SER I 237 7.06 19.45 -0.46
CA SER I 237 6.97 18.55 -1.60
C SER I 237 7.53 19.21 -2.85
N PRO I 238 8.10 18.44 -3.79
CA PRO I 238 8.56 19.03 -5.06
C PRO I 238 7.48 19.03 -6.11
N SER I 239 6.22 18.87 -5.70
CA SER I 239 5.13 18.72 -6.66
C SER I 239 4.87 20.02 -7.42
N LYS I 240 4.64 21.12 -6.71
CA LYS I 240 4.30 22.37 -7.38
C LYS I 240 5.50 22.95 -8.12
N SER I 241 6.67 22.93 -7.49
CA SER I 241 7.85 23.56 -8.09
C SER I 241 8.37 22.81 -9.31
N PHE I 242 8.09 21.51 -9.43
CA PHE I 242 8.55 20.72 -10.56
C PHE I 242 7.39 20.14 -11.38
N ASN I 243 6.15 20.53 -11.08
CA ASN I 243 4.97 20.14 -11.86
C ASN I 243 4.83 18.62 -11.93
N ILE I 244 4.94 17.97 -10.78
CA ILE I 244 4.79 16.52 -10.70
C ILE I 244 3.73 16.19 -9.66
N ALA I 245 2.73 17.08 -9.52
CA ALA I 245 1.64 16.83 -8.58
C ALA I 245 0.83 15.61 -8.95
N GLY I 246 0.86 15.18 -10.22
CA GLY I 246 0.19 13.96 -10.60
C GLY I 246 0.77 12.73 -9.93
N LEU I 247 2.05 12.78 -9.57
CA LEU I 247 2.70 11.72 -8.82
C LEU I 247 2.55 11.93 -7.32
N GLY I 248 2.85 13.15 -6.86
CA GLY I 248 2.50 13.57 -5.52
C GLY I 248 3.23 12.91 -4.38
N ALA I 249 4.56 12.88 -4.44
CA ALA I 249 5.37 12.45 -3.31
C ALA I 249 5.62 13.65 -2.40
N SER I 250 5.26 13.51 -1.13
CA SER I 250 5.37 14.60 -0.17
C SER I 250 6.01 14.07 1.11
N LEU I 251 6.31 14.99 2.03
CA LEU I 251 6.90 14.62 3.29
C LEU I 251 6.47 15.60 4.38
N ALA I 252 6.42 15.11 5.61
CA ALA I 252 6.07 15.91 6.78
C ALA I 252 7.19 15.81 7.80
N VAL I 253 7.68 16.97 8.26
CA VAL I 253 8.74 17.03 9.25
C VAL I 253 8.09 17.23 10.61
N ILE I 254 8.17 16.20 11.45
CA ILE I 254 7.59 16.26 12.79
C ILE I 254 8.69 16.01 13.82
N PRO I 255 9.32 17.07 14.35
CA PRO I 255 10.41 16.84 15.31
C PRO I 255 9.94 16.27 16.63
N ASN I 256 8.72 16.56 17.06
CA ASN I 256 8.23 16.08 18.34
C ASN I 256 7.98 14.58 18.29
N PRO I 257 8.64 13.77 19.14
CA PRO I 257 8.39 12.32 19.10
C PRO I 257 6.97 11.93 19.45
N GLU I 258 6.33 12.65 20.36
CA GLU I 258 4.95 12.32 20.72
C GLU I 258 3.98 12.70 19.62
N LEU I 259 4.16 13.88 19.00
CA LEU I 259 3.29 14.28 17.91
C LEU I 259 3.50 13.43 16.68
N ARG I 260 4.72 12.95 16.45
CA ARG I 260 4.98 12.10 15.29
C ARG I 260 4.30 10.75 15.43
N ALA I 261 4.25 10.22 16.66
CA ALA I 261 3.62 8.92 16.87
C ALA I 261 2.11 8.98 16.62
N ARG I 262 1.45 10.05 17.09
CA ARG I 262 0.02 10.16 16.88
C ARG I 262 -0.32 10.47 15.42
N PHE I 263 0.57 11.18 14.72
CA PHE I 263 0.37 11.43 13.29
C PHE I 263 0.41 10.11 12.52
N ASN I 264 1.44 9.29 12.77
CA ASN I 264 1.54 8.01 12.10
C ASN I 264 0.42 7.07 12.52
N ARG I 265 -0.01 7.15 13.78
CA ARG I 265 -1.15 6.34 14.23
C ARG I 265 -2.41 6.68 13.45
N MET I 266 -2.65 7.98 13.23
CA MET I 266 -3.82 8.42 12.48
C MET I 266 -3.68 8.18 10.97
N ARG I 267 -2.49 7.84 10.50
CA ARG I 267 -2.23 7.67 9.07
C ARG I 267 -2.29 6.21 8.63
N LYS I 268 -1.90 5.28 9.49
CA LYS I 268 -1.71 3.89 9.07
C LYS I 268 -3.02 3.30 8.55
N GLY I 269 -2.91 2.48 7.51
CA GLY I 269 -4.08 1.87 6.87
C GLY I 269 -4.93 2.79 6.03
N MET I 270 -5.22 3.99 6.52
CA MET I 270 -6.05 4.94 5.79
C MET I 270 -5.30 5.53 4.60
N VAL I 271 -4.07 5.97 4.82
CA VAL I 271 -3.26 6.61 3.80
C VAL I 271 -2.19 5.62 3.34
N PRO I 272 -2.12 5.30 2.05
CA PRO I 272 -1.17 4.28 1.60
C PRO I 272 0.26 4.83 1.50
N ASP I 273 1.18 3.93 1.21
CA ASP I 273 2.57 4.31 1.00
C ASP I 273 2.71 5.07 -0.32
N VAL I 274 3.81 5.81 -0.44
CA VAL I 274 4.06 6.60 -1.64
C VAL I 274 4.36 5.67 -2.80
N ASP I 275 3.88 6.06 -3.99
CA ASP I 275 4.11 5.28 -5.21
C ASP I 275 5.60 5.03 -5.42
N VAL I 276 5.90 3.91 -6.06
CA VAL I 276 7.30 3.56 -6.35
C VAL I 276 7.86 4.50 -7.42
N LEU I 277 7.04 4.94 -8.37
CA LEU I 277 7.51 5.87 -9.40
C LEU I 277 7.54 7.31 -8.89
N ALA I 278 6.65 7.66 -7.95
CA ALA I 278 6.68 9.01 -7.39
C ALA I 278 7.93 9.25 -6.57
N TYR I 279 8.51 8.20 -6.00
CA TYR I 279 9.75 8.34 -5.24
C TYR I 279 10.90 8.74 -6.15
N VAL I 280 11.11 7.99 -7.23
CA VAL I 280 12.26 8.26 -8.11
C VAL I 280 12.11 9.61 -8.80
N ALA I 281 10.86 10.08 -8.98
CA ALA I 281 10.67 11.38 -9.60
C ALA I 281 10.90 12.51 -8.62
N ALA I 282 10.43 12.37 -7.38
CA ALA I 282 10.71 13.38 -6.36
C ALA I 282 12.17 13.36 -5.95
N SER I 283 12.80 12.18 -5.97
CA SER I 283 14.22 12.09 -5.64
C SER I 283 15.07 12.81 -6.67
N ALA I 284 14.78 12.60 -7.95
CA ALA I 284 15.54 13.27 -9.00
C ALA I 284 15.18 14.75 -9.12
N ALA I 285 14.02 15.16 -8.62
CA ALA I 285 13.63 16.56 -8.72
C ALA I 285 14.48 17.44 -7.83
N TRP I 286 14.62 17.06 -6.56
CA TRP I 286 15.41 17.84 -5.62
C TRP I 286 16.90 17.58 -5.70
N ARG I 287 17.32 16.50 -6.37
CA ARG I 287 18.74 16.17 -6.43
C ARG I 287 19.44 16.78 -7.63
N GLU I 288 18.81 16.76 -8.80
CA GLU I 288 19.46 17.27 -10.00
C GLU I 288 18.54 18.15 -10.85
N GLY I 289 17.46 18.67 -10.28
CA GLY I 289 16.54 19.53 -11.00
C GLY I 289 16.68 21.00 -10.71
N GLN I 290 17.65 21.41 -9.90
CA GLN I 290 17.78 22.81 -9.54
C GLN I 290 18.08 23.73 -10.73
N PRO I 291 18.95 23.37 -11.69
CA PRO I 291 19.11 24.24 -12.87
C PRO I 291 17.81 24.43 -13.64
N TRP I 292 16.91 23.44 -13.63
CA TRP I 292 15.62 23.62 -14.28
C TRP I 292 14.73 24.57 -13.48
N LEU I 293 14.74 24.44 -12.15
CA LEU I 293 13.91 25.31 -11.32
C LEU I 293 14.40 26.75 -11.35
N ASP I 294 15.72 26.96 -11.45
CA ASP I 294 16.25 28.32 -11.54
C ASP I 294 15.76 29.01 -12.81
N ALA I 295 15.68 28.27 -13.91
CA ALA I 295 15.21 28.87 -15.16
C ALA I 295 13.70 29.09 -15.14
N GLN I 296 12.97 28.30 -14.36
CA GLN I 296 11.52 28.49 -14.26
C GLN I 296 11.18 29.74 -13.44
N LEU I 297 11.94 29.99 -12.37
CA LEU I 297 11.67 31.15 -11.53
C LEU I 297 11.88 32.44 -12.31
N ASP I 298 12.97 32.53 -13.07
CA ASP I 298 13.22 33.71 -13.88
C ASP I 298 12.28 33.82 -15.07
N TYR I 299 11.57 32.75 -15.42
CA TYR I 299 10.56 32.80 -16.47
C TYR I 299 9.18 33.14 -15.95
N LEU I 300 8.85 32.67 -14.73
CA LEU I 300 7.54 32.96 -14.15
C LEU I 300 7.40 34.41 -13.72
N ARG I 301 8.52 35.10 -13.44
CA ARG I 301 8.43 36.50 -13.04
C ARG I 301 8.11 37.40 -14.22
N ALA I 302 8.71 37.13 -15.38
CA ALA I 302 8.35 37.89 -16.58
C ALA I 302 6.87 37.69 -16.92
N ASN I 303 6.35 36.49 -16.67
CA ASN I 303 4.90 36.29 -16.73
C ASN I 303 4.19 37.08 -15.63
N ARG I 304 4.77 37.09 -14.42
CA ARG I 304 4.19 37.84 -13.33
C ARG I 304 4.22 39.34 -13.61
N ASP I 305 5.33 39.84 -14.15
CA ASP I 305 5.45 41.27 -14.44
C ASP I 305 4.47 41.70 -15.53
N MET I 306 4.27 40.85 -16.54
CA MET I 306 3.30 41.16 -17.58
C MET I 306 1.88 41.21 -17.02
N LEU I 307 1.53 40.26 -16.16
CA LEU I 307 0.20 40.25 -15.56
C LEU I 307 0.06 41.38 -14.55
N ALA I 308 1.12 41.69 -13.81
CA ALA I 308 1.04 42.74 -12.79
C ALA I 308 0.83 44.11 -13.41
N GLN I 309 1.38 44.34 -14.61
CA GLN I 309 1.20 45.62 -15.29
C GLN I 309 -0.05 45.65 -16.17
N HIS I 310 -0.52 44.49 -16.63
CA HIS I 310 -1.77 44.46 -17.37
C HIS I 310 -2.95 44.75 -16.44
N VAL I 311 -2.98 44.11 -15.29
CA VAL I 311 -3.85 44.52 -14.19
C VAL I 311 -3.24 45.80 -13.62
N ASN I 312 -4.00 46.52 -12.79
CA ASN I 312 -3.62 47.83 -12.27
C ASN I 312 -3.60 48.86 -13.40
N ARG I 313 -3.81 48.40 -14.62
CA ARG I 313 -4.00 49.24 -15.80
C ARG I 313 -5.36 49.05 -16.45
N LEU I 314 -5.91 47.83 -16.42
CA LEU I 314 -7.29 47.61 -16.82
C LEU I 314 -8.23 48.37 -15.90
N PRO I 315 -9.50 48.58 -16.33
CA PRO I 315 -10.42 49.41 -15.54
C PRO I 315 -10.58 49.02 -14.09
N GLY I 316 -11.44 48.06 -13.79
CA GLY I 316 -11.77 47.76 -12.41
C GLY I 316 -11.19 46.46 -11.88
N LEU I 317 -9.89 46.25 -12.09
CA LEU I 317 -9.22 45.05 -11.62
C LEU I 317 -7.98 45.45 -10.82
N SER I 318 -7.87 44.94 -9.60
CA SER I 318 -6.73 45.16 -8.73
C SER I 318 -6.04 43.84 -8.45
N MET I 319 -4.71 43.87 -8.40
CA MET I 319 -3.94 42.67 -8.09
C MET I 319 -2.67 43.06 -7.36
N VAL I 320 -2.36 42.33 -6.31
CA VAL I 320 -1.10 42.47 -5.58
C VAL I 320 -0.07 41.57 -6.24
N THR I 321 1.11 42.11 -6.52
CA THR I 321 2.18 41.34 -7.13
C THR I 321 2.62 40.22 -6.19
N PRO I 322 2.41 38.96 -6.58
CA PRO I 322 2.75 37.86 -5.66
C PRO I 322 4.25 37.65 -5.60
N GLU I 323 4.76 37.47 -4.38
CA GLU I 323 6.18 37.24 -4.19
C GLU I 323 6.60 35.79 -4.41
N ALA I 324 5.65 34.90 -4.67
CA ALA I 324 5.98 33.49 -4.82
C ALA I 324 4.92 32.81 -5.67
N SER I 325 5.31 31.64 -6.20
CA SER I 325 4.44 30.78 -6.99
C SER I 325 3.94 31.48 -8.25
N PHE I 326 2.92 30.91 -8.91
CA PHE I 326 2.44 31.40 -10.19
C PHE I 326 0.97 31.82 -10.12
N LEU I 327 0.53 32.28 -8.94
CA LEU I 327 -0.82 32.82 -8.75
C LEU I 327 -0.72 33.94 -7.72
N GLY I 328 -1.47 35.02 -7.92
CA GLY I 328 -2.42 35.16 -9.01
C GLY I 328 -3.75 35.72 -8.50
N TRP I 329 -3.69 36.41 -7.37
CA TRP I 329 -4.88 36.83 -6.62
C TRP I 329 -5.31 38.21 -7.09
N ILE I 330 -6.40 38.25 -7.87
CA ILE I 330 -6.88 39.48 -8.50
C ILE I 330 -8.21 39.88 -7.86
N ASP I 331 -8.29 41.14 -7.44
CA ASP I 331 -9.54 41.69 -6.92
C ASP I 331 -10.42 42.14 -8.08
N ALA I 332 -11.70 41.77 -8.03
CA ALA I 332 -12.64 42.11 -9.09
C ALA I 332 -13.91 42.76 -8.56
N SER I 333 -13.86 43.34 -7.35
CA SER I 333 -15.03 44.01 -6.80
C SER I 333 -15.42 45.24 -7.60
N GLY I 334 -14.49 45.84 -8.32
CA GLY I 334 -14.76 47.04 -9.09
C GLY I 334 -15.35 46.75 -10.46
N LEU I 335 -16.04 45.62 -10.59
CA LEU I 335 -16.71 45.26 -11.84
C LEU I 335 -18.22 45.24 -11.74
N GLY I 336 -18.78 45.01 -10.56
CA GLY I 336 -20.21 45.03 -10.37
C GLY I 336 -20.93 43.73 -10.64
N VAL I 337 -20.20 42.63 -10.83
CA VAL I 337 -20.79 41.32 -11.11
C VAL I 337 -20.86 40.53 -9.81
N ALA I 338 -21.94 39.77 -9.63
CA ALA I 338 -22.07 38.93 -8.45
C ALA I 338 -21.15 37.71 -8.50
N ASP I 339 -20.65 37.35 -9.68
CA ASP I 339 -19.75 36.22 -9.83
C ASP I 339 -18.70 36.59 -10.87
N PRO I 340 -17.56 37.13 -10.44
CA PRO I 340 -16.50 37.48 -11.40
C PRO I 340 -15.96 36.29 -12.17
N ALA I 341 -15.91 35.11 -11.54
CA ALA I 341 -15.43 33.92 -12.23
C ALA I 341 -16.39 33.51 -13.34
N LEU I 342 -17.70 33.58 -13.08
CA LEU I 342 -18.67 33.26 -14.11
C LEU I 342 -18.68 34.32 -15.22
N PHE I 343 -18.33 35.56 -14.89
CA PHE I 343 -18.28 36.61 -15.90
C PHE I 343 -17.14 36.36 -16.89
N PHE I 344 -15.96 36.01 -16.38
CA PHE I 344 -14.83 35.75 -17.26
C PHE I 344 -14.98 34.43 -18.01
N GLU I 345 -15.84 33.53 -17.54
CA GLU I 345 -16.08 32.29 -18.28
C GLU I 345 -16.71 32.56 -19.65
N LYS I 346 -17.66 33.49 -19.69
CA LYS I 346 -18.35 33.77 -20.95
C LYS I 346 -17.49 34.55 -21.94
N HIS I 347 -16.31 35.01 -21.54
CA HIS I 347 -15.41 35.73 -22.43
C HIS I 347 -14.12 34.96 -22.71
N GLY I 348 -14.12 33.65 -22.44
CA GLY I 348 -12.99 32.81 -22.79
C GLY I 348 -11.85 32.79 -21.79
N LEU I 349 -12.15 32.90 -20.50
CA LEU I 349 -11.13 32.90 -19.46
C LEU I 349 -11.60 32.02 -18.30
N GLY I 350 -10.87 30.95 -18.04
CA GLY I 350 -11.23 30.04 -16.97
C GLY I 350 -10.37 30.19 -15.75
N PHE I 351 -10.84 30.96 -14.77
CA PHE I 351 -10.10 31.21 -13.54
C PHE I 351 -10.65 30.36 -12.41
N SER I 352 -10.00 30.44 -11.25
CA SER I 352 -10.52 29.87 -10.03
C SER I 352 -11.34 30.92 -9.29
N SER I 353 -12.54 30.54 -8.86
CA SER I 353 -13.43 31.49 -8.21
C SER I 353 -12.90 31.90 -6.84
N GLY I 354 -13.40 33.03 -6.35
CA GLY I 354 -13.10 33.47 -5.01
C GLY I 354 -13.93 32.79 -3.95
N ARG I 355 -15.10 32.25 -4.33
CA ARG I 355 -15.89 31.47 -3.40
C ARG I 355 -15.13 30.26 -2.89
N ASP I 356 -14.24 29.69 -3.72
CA ASP I 356 -13.43 28.56 -3.30
C ASP I 356 -12.60 28.88 -2.05
N PHE I 357 -12.02 30.08 -2.01
CA PHE I 357 -11.10 30.44 -0.94
C PHE I 357 -11.76 31.24 0.18
N GLY I 358 -12.98 31.71 -0.01
CA GLY I 358 -13.70 32.43 1.02
C GLY I 358 -13.94 33.91 0.77
N ASN I 359 -13.87 34.36 -0.49
CA ASN I 359 -14.14 35.78 -0.80
C ASN I 359 -14.53 35.83 -2.28
N ASP I 360 -15.84 35.77 -2.53
CA ASP I 360 -16.37 35.59 -3.89
C ASP I 360 -16.23 36.83 -4.76
N ARG I 361 -15.37 37.77 -4.38
CA ARG I 361 -15.10 38.95 -5.17
C ARG I 361 -13.78 38.87 -5.92
N PHE I 362 -13.00 37.82 -5.71
CA PHE I 362 -11.68 37.67 -6.30
C PHE I 362 -11.67 36.53 -7.31
N VAL I 363 -10.67 36.56 -8.17
CA VAL I 363 -10.40 35.48 -9.13
C VAL I 363 -8.91 35.17 -9.09
N ARG I 364 -8.57 33.90 -9.18
CA ARG I 364 -7.18 33.46 -9.14
C ARG I 364 -6.68 33.20 -10.56
N PHE I 365 -5.58 33.85 -10.93
CA PHE I 365 -5.01 33.77 -12.27
C PHE I 365 -3.79 32.84 -12.23
N ASN I 366 -3.84 31.76 -13.00
CA ASN I 366 -2.72 30.83 -13.14
C ASN I 366 -1.94 31.24 -14.38
N PHE I 367 -0.79 31.89 -14.16
CA PHE I 367 0.08 32.30 -15.26
C PHE I 367 1.32 31.40 -15.38
N GLY I 368 1.26 30.20 -14.81
CA GLY I 368 2.32 29.23 -15.01
C GLY I 368 2.17 28.52 -16.34
N CYS I 369 2.25 29.28 -17.42
CA CYS I 369 1.98 28.76 -18.75
C CYS I 369 2.94 29.42 -19.75
N PRO I 370 3.04 28.92 -20.98
CA PRO I 370 3.84 29.61 -21.99
C PRO I 370 3.42 31.06 -22.14
N ARG I 371 4.40 31.93 -22.40
CA ARG I 371 4.13 33.36 -22.45
C ARG I 371 3.15 33.71 -23.56
N GLN I 372 3.20 32.97 -24.69
CA GLN I 372 2.29 33.26 -25.79
C GLN I 372 0.85 33.00 -25.37
N LEU I 373 0.61 31.91 -24.62
CA LEU I 373 -0.73 31.66 -24.09
C LEU I 373 -1.14 32.75 -23.10
N LEU I 374 -0.19 33.27 -22.33
CA LEU I 374 -0.51 34.35 -21.39
C LEU I 374 -0.89 35.62 -22.13
N GLU I 375 -0.17 35.95 -23.21
CA GLU I 375 -0.51 37.13 -24.00
C GLU I 375 -1.92 37.01 -24.58
N GLU I 376 -2.29 35.82 -25.04
CA GLU I 376 -3.64 35.60 -25.55
C GLU I 376 -4.67 35.79 -24.45
N ALA I 377 -4.35 35.36 -23.22
CA ALA I 377 -5.27 35.55 -22.11
C ALA I 377 -5.37 37.02 -21.71
N LEU I 378 -4.28 37.78 -21.86
CA LEU I 378 -4.32 39.20 -21.50
C LEU I 378 -5.15 39.99 -22.51
N GLN I 379 -5.02 39.67 -23.80
CA GLN I 379 -5.82 40.37 -24.81
C GLN I 379 -7.31 40.05 -24.65
N ARG I 380 -7.64 38.86 -24.14
CA ARG I 380 -9.03 38.54 -23.85
C ARG I 380 -9.54 39.37 -22.68
N MET I 381 -8.68 39.67 -21.70
CA MET I 381 -9.09 40.52 -20.59
C MET I 381 -9.40 41.94 -21.07
N THR I 382 -8.70 42.41 -22.10
CA THR I 382 -9.00 43.73 -22.65
C THR I 382 -10.34 43.73 -23.37
N ARG I 383 -10.54 42.74 -24.26
CA ARG I 383 -11.79 42.68 -25.02
C ARG I 383 -12.98 42.32 -24.15
N ALA I 384 -12.76 41.67 -23.00
CA ALA I 384 -13.85 41.43 -22.07
C ALA I 384 -14.22 42.69 -21.30
N LEU I 385 -13.30 43.65 -21.19
CA LEU I 385 -13.53 44.91 -20.49
C LEU I 385 -13.32 46.05 -21.49
N THR I 386 -14.22 46.16 -22.46
CA THR I 386 -14.12 47.21 -23.47
C THR I 386 -15.49 47.82 -23.76
N ASN J 12 23.79 90.71 7.43
CA ASN J 12 24.62 90.02 8.41
C ASN J 12 24.27 90.46 9.83
N PHE J 13 23.72 89.53 10.60
CA PHE J 13 23.31 89.80 11.97
C PHE J 13 24.30 89.27 13.01
N ASP J 14 24.70 88.00 12.88
CA ASP J 14 25.56 87.31 13.83
C ASP J 14 24.97 87.25 15.23
N GLN J 15 23.67 87.56 15.38
CA GLN J 15 22.99 87.50 16.66
C GLN J 15 21.86 86.50 16.73
N ARG J 16 21.40 85.99 15.58
CA ARG J 16 20.29 85.05 15.56
C ARG J 16 20.64 83.77 16.30
N ILE J 17 19.86 83.44 17.33
CA ILE J 17 20.09 82.24 18.11
C ILE J 17 19.61 81.02 17.32
N ASP J 18 20.43 79.98 17.31
CA ASP J 18 20.11 78.75 16.58
C ASP J 18 19.52 77.72 17.53
N ARG J 19 18.70 76.82 16.97
CA ARG J 19 17.94 75.86 17.77
C ARG J 19 18.72 74.56 17.84
N ARG J 20 19.51 74.41 18.91
CA ARG J 20 20.18 73.15 19.24
C ARG J 20 19.82 72.82 20.68
N HIS J 21 19.41 71.58 20.96
CA HIS J 21 19.56 70.32 20.21
C HIS J 21 19.48 70.25 18.68
N SER J 22 20.63 69.91 18.09
CA SER J 22 20.73 69.51 16.70
C SER J 22 21.55 68.23 16.65
N ASP J 23 22.56 68.17 15.77
CA ASP J 23 23.56 67.12 15.82
C ASP J 23 24.91 67.64 16.27
N SER J 24 24.95 68.87 16.80
CA SER J 24 26.22 69.49 17.17
C SER J 24 26.80 68.83 18.41
N LEU J 25 28.08 68.44 18.33
CA LEU J 25 28.78 67.90 19.49
C LEU J 25 28.95 68.95 20.59
N LYS J 26 28.91 70.24 20.23
CA LYS J 26 29.10 71.29 21.22
C LYS J 26 27.99 71.30 22.26
N TRP J 27 26.74 71.15 21.83
CA TRP J 27 25.60 71.22 22.73
C TRP J 27 25.18 69.87 23.28
N LYS J 28 25.73 68.76 22.78
CA LYS J 28 25.36 67.44 23.28
C LYS J 28 26.04 67.12 24.61
N LYS J 29 27.23 67.67 24.84
CA LYS J 29 28.00 67.32 26.04
C LYS J 29 27.23 67.70 27.31
N TYR J 30 26.87 68.96 27.44
CA TYR J 30 26.06 69.44 28.56
C TYR J 30 24.60 69.59 28.11
N ALA J 31 24.05 68.48 27.61
CA ALA J 31 22.73 68.46 26.99
C ALA J 31 21.65 68.94 27.95
N ASP J 32 21.27 68.10 28.92
CA ASP J 32 20.23 68.43 29.89
C ASP J 32 20.82 68.81 31.25
N ARG J 33 21.91 69.57 31.23
CA ARG J 33 22.51 70.12 32.43
C ARG J 33 22.65 71.62 32.27
N ASP J 34 22.29 72.38 33.31
CA ASP J 34 22.29 73.83 33.22
C ASP J 34 23.72 74.37 33.11
N ILE J 35 24.35 74.15 31.96
CA ILE J 35 25.73 74.54 31.72
C ILE J 35 25.83 75.10 30.30
N LEU J 36 26.48 76.25 30.16
CA LEU J 36 26.63 76.89 28.85
C LEU J 36 27.80 76.26 28.10
N PRO J 37 27.58 75.72 26.90
CA PRO J 37 28.67 75.06 26.16
C PRO J 37 29.61 76.08 25.54
N LEU J 38 30.84 76.13 26.04
CA LEU J 38 31.87 77.03 25.53
C LEU J 38 33.22 76.32 25.50
N TRP J 39 33.22 75.09 24.97
CA TRP J 39 34.42 74.25 25.03
C TRP J 39 34.98 73.97 23.64
N ILE J 40 34.29 73.17 22.82
CA ILE J 40 34.86 72.75 21.54
C ILE J 40 34.95 73.95 20.59
N ALA J 41 35.92 73.89 19.68
CA ALA J 41 36.32 75.06 18.89
C ALA J 41 35.48 75.14 17.61
N ASP J 42 34.26 75.65 17.76
CA ASP J 42 33.45 76.03 16.61
C ASP J 42 32.43 77.07 17.07
N THR J 43 31.98 77.88 16.12
CA THR J 43 31.06 78.96 16.44
C THR J 43 29.61 78.51 16.34
N ASP J 44 28.75 79.24 17.04
CA ASP J 44 27.30 79.03 16.97
C ASP J 44 26.66 79.91 15.90
N PHE J 45 27.30 80.02 14.74
CA PHE J 45 26.85 80.92 13.68
C PHE J 45 26.34 80.11 12.50
N ARG J 46 25.21 80.56 11.94
CA ARG J 46 24.73 80.01 10.69
C ARG J 46 25.69 80.36 9.56
N ALA J 47 25.99 79.37 8.71
CA ALA J 47 26.92 79.58 7.62
C ALA J 47 26.40 80.63 6.65
N ALA J 48 27.32 81.19 5.86
CA ALA J 48 26.96 82.21 4.89
C ALA J 48 25.99 81.63 3.86
N ASP J 49 25.10 82.50 3.34
CA ASP J 49 24.10 82.06 2.38
C ASP J 49 24.74 81.53 1.10
N CYS J 50 25.91 82.07 0.72
CA CYS J 50 26.61 81.55 -0.45
C CYS J 50 27.00 80.09 -0.25
N ILE J 51 27.34 79.71 0.98
CA ILE J 51 27.64 78.31 1.25
C ILE J 51 26.38 77.45 1.18
N ILE J 52 25.28 77.96 1.75
CA ILE J 52 24.04 77.19 1.75
C ILE J 52 23.44 77.11 0.36
N ASP J 53 23.45 78.22 -0.38
CA ASP J 53 22.91 78.20 -1.74
C ASP J 53 23.69 77.25 -2.63
N ALA J 54 25.01 77.18 -2.43
CA ALA J 54 25.82 76.26 -3.22
C ALA J 54 25.48 74.81 -2.89
N LEU J 55 25.27 74.50 -1.61
CA LEU J 55 24.89 73.14 -1.23
C LEU J 55 23.49 72.78 -1.74
N GLN J 56 22.59 73.76 -1.78
CA GLN J 56 21.24 73.49 -2.29
C GLN J 56 21.27 73.13 -3.77
N GLN J 57 22.00 73.90 -4.57
CA GLN J 57 22.10 73.62 -6.00
C GLN J 57 22.83 72.30 -6.27
N ARG J 58 23.64 71.84 -5.33
CA ARG J 58 24.31 70.55 -5.48
C ARG J 58 23.47 69.40 -4.94
N VAL J 59 22.74 69.62 -3.86
CA VAL J 59 21.84 68.58 -3.35
C VAL J 59 20.65 68.40 -4.29
N GLN J 60 20.06 69.51 -4.74
CA GLN J 60 18.97 69.41 -5.70
C GLN J 60 19.42 68.72 -6.99
N GLN J 61 20.69 68.87 -7.35
CA GLN J 61 21.27 68.02 -8.38
C GLN J 61 21.24 66.58 -7.88
N GLY J 62 20.67 65.69 -8.68
CA GLY J 62 20.27 64.38 -8.16
C GLY J 62 21.45 63.50 -7.80
N VAL J 63 22.42 63.37 -8.69
CA VAL J 63 23.45 62.35 -8.55
C VAL J 63 24.39 62.69 -7.40
N PHE J 64 24.87 61.65 -6.73
CA PHE J 64 25.86 61.78 -5.65
C PHE J 64 26.91 60.67 -5.78
N GLY J 65 27.38 60.47 -7.00
CA GLY J 65 28.39 59.45 -7.27
C GLY J 65 29.79 59.95 -6.95
N TYR J 66 30.77 59.19 -7.42
CA TYR J 66 32.16 59.52 -7.17
C TYR J 66 32.53 60.85 -7.82
N GLY J 67 33.23 61.68 -7.07
CA GLY J 67 33.58 63.01 -7.53
C GLY J 67 35.04 63.22 -7.84
N VAL J 68 35.34 64.23 -8.63
CA VAL J 68 36.72 64.60 -8.91
C VAL J 68 37.16 65.67 -7.94
N THR J 69 38.48 65.86 -7.84
CA THR J 69 39.02 66.96 -7.05
C THR J 69 38.52 68.28 -7.61
N SER J 70 37.93 69.12 -6.75
CA SER J 70 37.32 70.36 -7.19
C SER J 70 38.37 71.29 -7.78
N GLU J 71 38.23 71.61 -9.07
CA GLU J 71 39.06 72.62 -9.69
C GLU J 71 38.57 74.03 -9.38
N ALA J 72 37.46 74.17 -8.66
CA ALA J 72 36.99 75.47 -8.20
C ALA J 72 37.57 75.85 -6.85
N LEU J 73 37.80 74.87 -5.98
CA LEU J 73 38.42 75.15 -4.69
C LEU J 73 39.91 75.42 -4.81
N ALA J 74 40.58 74.79 -5.78
CA ALA J 74 42.00 75.02 -5.97
C ALA J 74 42.27 76.42 -6.52
N GLU J 75 41.52 76.82 -7.56
CA GLU J 75 41.77 78.10 -8.19
C GLU J 75 41.42 79.26 -7.27
N VAL J 76 40.44 79.09 -6.37
CA VAL J 76 40.12 80.15 -5.43
C VAL J 76 41.12 80.17 -4.28
N ALA J 77 41.72 79.03 -3.95
CA ALA J 77 42.72 78.99 -2.89
C ALA J 77 44.01 79.69 -3.32
N ILE J 78 44.44 79.46 -4.56
CA ILE J 78 45.66 80.06 -5.05
C ILE J 78 45.52 81.59 -5.11
N GLU J 79 44.35 82.07 -5.54
CA GLU J 79 44.15 83.52 -5.60
C GLU J 79 44.03 84.11 -4.20
N ARG J 80 43.37 83.40 -3.28
CA ARG J 80 43.23 83.91 -1.92
C ARG J 80 44.57 83.97 -1.20
N MET J 81 45.48 83.05 -1.52
CA MET J 81 46.77 83.03 -0.83
C MET J 81 47.64 84.20 -1.26
N GLU J 82 47.45 84.72 -2.47
CA GLU J 82 48.22 85.87 -2.91
C GLU J 82 47.49 87.19 -2.66
N SER J 83 46.15 87.19 -2.76
CA SER J 83 45.40 88.42 -2.59
C SER J 83 45.44 88.93 -1.15
N ARG J 84 45.46 88.03 -0.17
CA ARG J 84 45.42 88.43 1.23
C ARG J 84 46.71 88.17 1.99
N PHE J 85 47.55 87.24 1.53
CA PHE J 85 48.81 86.94 2.20
C PHE J 85 50.04 87.21 1.35
N GLY J 86 49.88 87.47 0.05
CA GLY J 86 51.04 87.65 -0.81
C GLY J 86 51.85 86.39 -1.02
N TRP J 87 51.23 85.22 -0.89
CA TRP J 87 51.90 83.94 -1.00
C TRP J 87 51.43 83.25 -2.28
N LYS J 88 52.37 82.93 -3.16
CA LYS J 88 52.05 82.37 -4.47
C LYS J 88 52.11 80.84 -4.39
N ILE J 89 51.01 80.19 -4.77
CA ILE J 89 50.90 78.74 -4.75
C ILE J 89 50.92 78.22 -6.18
N GLN J 90 51.60 77.10 -6.40
CA GLN J 90 51.47 76.45 -7.69
C GLN J 90 50.44 75.32 -7.59
N PRO J 91 49.70 75.06 -8.67
CA PRO J 91 48.62 74.06 -8.60
C PRO J 91 49.09 72.67 -8.19
N GLU J 92 50.30 72.27 -8.60
CA GLU J 92 50.77 70.94 -8.25
C GLU J 92 51.16 70.81 -6.78
N TRP J 93 51.17 71.91 -6.03
CA TRP J 93 51.51 71.88 -4.61
C TRP J 93 50.33 71.52 -3.72
N LEU J 94 49.11 71.58 -4.25
CA LEU J 94 47.90 71.43 -3.44
C LEU J 94 47.54 69.96 -3.26
N VAL J 95 47.25 69.58 -2.02
CA VAL J 95 46.75 68.25 -1.68
C VAL J 95 45.57 68.45 -0.74
N PHE J 96 44.38 68.01 -1.16
CA PHE J 96 43.18 68.19 -0.37
C PHE J 96 42.99 67.04 0.61
N LEU J 97 42.55 67.38 1.82
CA LEU J 97 42.41 66.44 2.91
C LEU J 97 41.03 66.60 3.57
N PRO J 98 40.43 65.51 4.02
CA PRO J 98 39.16 65.60 4.79
C PRO J 98 39.42 65.91 6.26
N GLY J 99 39.88 67.13 6.53
CA GLY J 99 40.19 67.54 7.89
C GLY J 99 41.65 67.89 8.08
N VAL J 100 41.92 68.81 9.02
CA VAL J 100 43.29 69.25 9.24
C VAL J 100 44.04 68.28 10.16
N VAL J 101 43.36 67.75 11.17
CA VAL J 101 43.97 66.75 12.06
C VAL J 101 44.51 65.58 11.25
N THR J 102 43.84 65.24 10.15
CA THR J 102 44.36 64.22 9.25
C THR J 102 45.74 64.59 8.74
N GLY J 103 45.93 65.85 8.36
CA GLY J 103 47.22 66.28 7.84
C GLY J 103 48.34 66.18 8.85
N ILE J 104 48.04 66.43 10.13
CA ILE J 104 49.07 66.35 11.16
C ILE J 104 49.55 64.91 11.33
N ASN J 105 48.60 63.95 11.35
CA ASN J 105 48.98 62.56 11.54
C ASN J 105 49.74 62.01 10.34
N ILE J 106 49.36 62.43 9.13
CA ILE J 106 50.09 61.99 7.94
C ILE J 106 51.49 62.59 7.94
N ALA J 107 51.62 63.86 8.34
CA ALA J 107 52.93 64.50 8.33
C ALA J 107 53.87 63.86 9.33
N VAL J 108 53.37 63.48 10.51
CA VAL J 108 54.22 62.85 11.51
C VAL J 108 54.66 61.47 11.06
N ARG J 109 53.75 60.68 10.49
CA ARG J 109 54.07 59.32 10.11
C ARG J 109 54.94 59.27 8.85
N ALA J 110 54.83 60.27 7.99
CA ALA J 110 55.57 60.27 6.73
C ALA J 110 56.91 61.01 6.81
N PHE J 111 57.03 61.99 7.71
CA PHE J 111 58.25 62.79 7.79
C PHE J 111 59.08 62.46 9.03
N THR J 112 58.83 61.30 9.66
CA THR J 112 59.64 60.84 10.77
C THR J 112 59.84 59.33 10.64
N GLU J 113 60.95 58.85 11.20
CA GLU J 113 61.19 57.43 11.34
C GLU J 113 60.85 56.97 12.75
N ALA J 114 60.87 55.65 12.95
CA ALA J 114 60.48 55.05 14.22
C ALA J 114 61.40 55.45 15.37
N HIS J 115 62.54 56.09 15.09
CA HIS J 115 63.49 56.49 16.11
C HIS J 115 63.61 58.00 16.25
N GLN J 116 62.85 58.78 15.49
CA GLN J 116 62.96 60.22 15.48
C GLN J 116 61.80 60.86 16.23
N SER J 117 61.97 62.12 16.59
CA SER J 117 61.05 62.84 17.45
C SER J 117 60.49 64.08 16.75
N THR J 118 59.55 64.74 17.43
CA THR J 118 58.96 65.98 16.95
C THR J 118 59.07 67.05 18.03
N VAL J 119 59.04 68.31 17.59
CA VAL J 119 59.18 69.46 18.46
C VAL J 119 57.97 70.37 18.27
N SER J 120 57.34 70.75 19.38
CA SER J 120 56.21 71.66 19.34
C SER J 120 56.22 72.50 20.61
N ALA J 121 55.22 73.37 20.75
CA ALA J 121 55.08 74.22 21.92
C ALA J 121 54.06 73.62 22.89
N THR J 122 53.96 74.25 24.06
CA THR J 122 52.97 73.86 25.07
C THR J 122 52.62 75.12 25.86
N PRO J 123 51.33 75.40 26.08
CA PRO J 123 50.18 74.60 25.62
C PRO J 123 49.94 74.68 24.11
N ILE J 124 49.27 73.67 23.56
CA ILE J 124 49.10 73.53 22.12
C ILE J 124 47.84 72.72 21.87
N TYR J 125 47.36 72.77 20.62
CA TYR J 125 46.27 71.90 20.19
C TYR J 125 46.61 70.45 20.53
N PRO J 126 45.75 69.72 21.24
CA PRO J 126 46.12 68.40 21.80
C PRO J 126 46.66 67.45 20.75
N PRO J 127 46.09 67.39 19.53
CA PRO J 127 46.67 66.49 18.51
C PRO J 127 48.11 66.78 18.16
N PHE J 128 48.67 67.92 18.56
CA PHE J 128 50.07 68.19 18.24
C PHE J 128 51.02 67.27 18.99
N PHE J 129 50.65 66.83 20.19
CA PHE J 129 51.44 65.83 20.90
C PHE J 129 50.76 64.47 21.00
N LEU J 130 49.47 64.38 20.69
CA LEU J 130 48.80 63.09 20.70
C LEU J 130 49.09 62.29 19.42
N ALA J 131 49.32 62.96 18.29
CA ALA J 131 49.62 62.29 17.03
C ALA J 131 50.98 61.61 17.09
N PRO J 132 52.04 62.27 17.58
CA PRO J 132 53.31 61.54 17.77
C PRO J 132 53.21 60.44 18.80
N LYS J 133 52.30 60.57 19.78
CA LYS J 133 52.14 59.52 20.79
C LYS J 133 51.47 58.30 20.18
N LEU J 134 50.53 58.51 19.26
CA LEU J 134 49.84 57.40 18.60
C LEU J 134 50.74 56.69 17.60
N ALA J 135 51.74 57.36 17.06
CA ALA J 135 52.63 56.78 16.06
C ALA J 135 53.89 56.16 16.66
N GLY J 136 53.99 56.11 17.99
CA GLY J 136 55.18 55.58 18.62
C GLY J 136 56.40 56.47 18.46
N ARG J 137 56.21 57.79 18.43
CA ARG J 137 57.29 58.73 18.23
C ARG J 137 57.55 59.51 19.50
N GLN J 138 58.83 59.80 19.75
CA GLN J 138 59.19 60.70 20.85
C GLN J 138 58.72 62.11 20.56
N HIS J 139 58.55 62.91 21.61
CA HIS J 139 58.08 64.26 21.44
C HIS J 139 58.73 65.18 22.47
N LEU J 140 59.17 66.35 22.00
CA LEU J 140 59.77 67.38 22.84
C LEU J 140 58.92 68.64 22.76
N SER J 141 58.49 69.13 23.92
CA SER J 141 57.66 70.31 24.00
C SER J 141 58.43 71.47 24.62
N ALA J 142 58.19 72.68 24.11
CA ALA J 142 58.84 73.89 24.59
C ALA J 142 57.78 74.84 25.14
N ALA J 143 57.89 75.19 26.41
CA ALA J 143 56.90 76.04 27.05
C ALA J 143 56.99 77.46 26.53
N LEU J 144 55.82 78.10 26.37
CA LEU J 144 55.76 79.49 25.97
C LEU J 144 56.00 80.39 27.17
N ARG J 145 56.38 81.63 26.89
CA ARG J 145 56.64 82.64 27.91
C ARG J 145 55.73 83.84 27.70
N LEU J 146 55.17 84.35 28.80
CA LEU J 146 54.36 85.56 28.76
C LEU J 146 55.29 86.77 28.67
N GLU J 147 55.29 87.42 27.52
CA GLU J 147 56.16 88.58 27.27
C GLU J 147 55.32 89.74 26.75
N GLN J 148 54.99 90.67 27.65
CA GLN J 148 54.28 91.91 27.33
C GLN J 148 52.95 91.60 26.64
N GLN J 149 52.05 91.00 27.42
CA GLN J 149 50.68 90.72 27.00
C GLN J 149 50.61 89.84 25.75
N ARG J 150 51.57 88.92 25.61
CA ARG J 150 51.60 88.01 24.48
C ARG J 150 52.40 86.77 24.85
N TRP J 151 51.97 85.62 24.35
CA TRP J 151 52.67 84.36 24.55
C TRP J 151 53.64 84.14 23.40
N VAL J 152 54.94 84.18 23.69
CA VAL J 152 55.97 84.07 22.68
C VAL J 152 56.56 82.68 22.72
N LEU J 153 57.30 82.32 21.66
CA LEU J 153 57.95 81.03 21.55
C LEU J 153 59.43 81.25 21.26
N ASP J 154 60.29 80.69 22.11
CA ASP J 154 61.75 80.78 21.95
C ASP J 154 62.30 79.36 21.93
N LEU J 155 62.39 78.78 20.74
CA LEU J 155 62.95 77.44 20.59
C LEU J 155 64.47 77.43 20.75
N ASP J 156 65.12 78.58 20.58
CA ASP J 156 66.58 78.62 20.74
C ASP J 156 66.98 78.37 22.19
N SER J 157 66.17 78.83 23.15
CA SER J 157 66.48 78.63 24.55
C SER J 157 66.20 77.20 25.02
N HIS J 158 65.63 76.35 24.17
CA HIS J 158 65.32 74.97 24.53
C HIS J 158 66.21 73.96 23.81
N GLU J 159 67.32 74.42 23.24
CA GLU J 159 68.26 73.51 22.58
C GLU J 159 68.97 72.60 23.59
N ASP J 160 69.00 72.99 24.86
CA ASP J 160 69.68 72.20 25.88
C ASP J 160 68.97 70.89 26.16
N ARG J 161 67.71 70.73 25.75
CA ARG J 161 66.93 69.53 26.03
C ARG J 161 66.71 68.67 24.79
N MET J 162 67.57 68.80 23.77
CA MET J 162 67.42 68.03 22.56
C MET J 162 67.82 66.57 22.79
N SER J 163 67.14 65.67 22.10
CA SER J 163 67.53 64.27 22.06
C SER J 163 68.47 63.96 20.91
N GLY J 164 68.65 64.89 19.97
CA GLY J 164 69.47 64.69 18.81
C GLY J 164 68.75 64.09 17.62
N ASN J 165 67.64 63.38 17.86
CA ASN J 165 66.87 62.76 16.80
C ASN J 165 65.66 63.59 16.37
N GLU J 166 65.70 64.90 16.63
CA GLU J 166 64.61 65.77 16.21
C GLU J 166 64.62 65.91 14.69
N LYS J 167 63.44 65.79 14.08
CA LYS J 167 63.33 65.92 12.62
C LYS J 167 62.13 66.73 12.15
N LEU J 168 61.02 66.76 12.87
CA LEU J 168 59.81 67.43 12.42
C LEU J 168 59.41 68.51 13.44
N LEU J 169 59.39 69.76 12.99
CA LEU J 169 58.96 70.88 13.81
C LEU J 169 57.48 71.16 13.52
N LEU J 170 56.65 71.06 14.56
CA LEU J 170 55.20 71.25 14.43
C LEU J 170 54.88 72.68 14.85
N LEU J 171 54.72 73.56 13.87
CA LEU J 171 54.36 74.94 14.14
C LEU J 171 52.84 75.11 14.12
N CYS J 172 52.38 76.25 14.64
CA CYS J 172 50.95 76.53 14.72
C CYS J 172 50.79 78.07 14.75
N ASN J 173 50.60 78.65 13.57
CA ASN J 173 50.46 80.09 13.43
C ASN J 173 49.18 80.38 12.65
N PRO J 174 48.17 81.03 13.25
CA PRO J 174 48.13 81.50 14.63
C PRO J 174 48.08 80.38 15.67
N HIS J 175 48.43 80.71 16.91
CA HIS J 175 48.61 79.69 17.94
C HIS J 175 47.28 79.35 18.61
N ASN J 176 46.95 78.07 18.64
CA ASN J 176 45.83 77.54 19.41
C ASN J 176 46.37 76.82 20.63
N PRO J 177 45.91 77.15 21.85
CA PRO J 177 44.85 78.09 22.22
C PRO J 177 45.32 79.51 22.55
N GLY J 178 46.61 79.80 22.36
CA GLY J 178 47.12 81.09 22.75
C GLY J 178 46.53 82.26 21.98
N GLY J 179 46.08 82.01 20.75
CA GLY J 179 45.59 83.09 19.91
C GLY J 179 46.66 84.04 19.43
N THR J 180 47.92 83.60 19.43
CA THR J 180 49.05 84.46 19.12
C THR J 180 49.30 84.48 17.62
N VAL J 181 49.38 85.68 17.06
CA VAL J 181 49.76 85.88 15.66
C VAL J 181 51.25 86.20 15.63
N TYR J 182 52.05 85.27 15.12
CA TYR J 182 53.49 85.44 15.14
C TYR J 182 53.93 86.50 14.14
N ARG J 183 54.87 87.34 14.56
CA ARG J 183 55.44 88.36 13.70
C ARG J 183 56.56 87.74 12.84
N ARG J 184 57.04 88.53 11.88
CA ARG J 184 57.99 87.99 10.91
C ARG J 184 59.32 87.64 11.57
N LYS J 185 59.80 88.49 12.47
CA LYS J 185 61.08 88.21 13.13
C LYS J 185 61.01 86.94 13.97
N GLU J 186 59.84 86.63 14.53
CA GLU J 186 59.68 85.39 15.29
C GLU J 186 59.58 84.18 14.37
N LEU J 187 58.87 84.32 13.26
CA LEU J 187 58.75 83.22 12.32
C LEU J 187 60.09 82.86 11.70
N GLU J 188 60.89 83.87 11.35
CA GLU J 188 62.22 83.61 10.81
C GLU J 188 63.13 83.00 11.88
N ALA J 189 62.99 83.44 13.13
CA ALA J 189 63.74 82.81 14.21
C ALA J 189 63.40 81.35 14.36
N GLN J 190 62.15 80.98 14.05
CA GLN J 190 61.79 79.57 14.01
C GLN J 190 62.35 78.88 12.77
N LEU J 191 62.54 79.62 11.68
CA LEU J 191 63.12 79.05 10.48
C LEU J 191 64.60 78.72 10.69
N ARG J 192 65.38 79.69 11.19
CA ARG J 192 66.78 79.43 11.49
C ARG J 192 66.93 78.32 12.52
N PHE J 193 65.97 78.21 13.43
CA PHE J 193 65.94 77.07 14.34
C PHE J 193 65.72 75.76 13.58
N ALA J 194 64.89 75.80 12.55
CA ALA J 194 64.65 74.61 11.74
C ALA J 194 65.79 74.35 10.76
N GLN J 195 66.49 75.40 10.33
CA GLN J 195 67.60 75.22 9.40
C GLN J 195 68.79 74.55 10.08
N ARG J 196 69.07 74.91 11.34
CA ARG J 196 70.26 74.42 12.01
C ARG J 196 70.16 72.92 12.31
N HIS J 197 68.99 72.46 12.74
CA HIS J 197 68.82 71.08 13.16
C HIS J 197 68.24 70.19 12.06
N ASP J 198 68.16 70.69 10.83
CA ASP J 198 67.59 69.94 9.71
C ASP J 198 66.18 69.47 10.03
N LEU J 199 65.34 70.40 10.47
CA LEU J 199 63.98 70.11 10.90
C LEU J 199 63.00 70.43 9.77
N LEU J 200 62.23 69.43 9.36
CA LEU J 200 61.09 69.68 8.48
C LEU J 200 59.98 70.33 9.29
N VAL J 201 59.28 71.29 8.67
CA VAL J 201 58.31 72.13 9.36
C VAL J 201 56.91 71.75 8.90
N CYS J 202 56.00 71.56 9.85
CA CYS J 202 54.58 71.39 9.58
C CYS J 202 53.86 72.56 10.24
N SER J 203 53.41 73.51 9.44
CA SER J 203 52.82 74.75 9.94
C SER J 203 51.29 74.66 9.80
N ASP J 204 50.61 74.49 10.93
CA ASP J 204 49.16 74.49 10.96
C ASP J 204 48.68 75.94 10.94
N GLU J 205 48.06 76.35 9.83
CA GLU J 205 47.63 77.74 9.68
C GLU J 205 46.12 77.80 9.40
N ILE J 206 45.33 77.18 10.28
CA ILE J 206 43.88 77.12 10.08
C ILE J 206 43.16 78.33 10.69
N HIS J 207 43.80 79.06 11.60
CA HIS J 207 43.21 80.24 12.21
C HIS J 207 43.64 81.53 11.52
N CYS J 208 44.25 81.43 10.34
CA CYS J 208 44.85 82.62 9.70
C CYS J 208 43.79 83.63 9.27
N ASP J 209 42.61 83.17 8.89
CA ASP J 209 41.53 84.06 8.46
C ASP J 209 40.81 84.72 9.62
N LEU J 210 41.25 84.51 10.86
CA LEU J 210 40.55 85.00 12.03
C LEU J 210 41.40 85.98 12.84
N VAL J 211 41.97 86.97 12.18
CA VAL J 211 42.77 87.99 12.85
C VAL J 211 41.86 89.15 13.26
N LEU J 212 41.93 89.52 14.55
CA LEU J 212 41.09 90.59 15.09
C LEU J 212 41.81 91.91 15.19
N GLU J 213 43.01 91.92 15.80
CA GLU J 213 43.78 93.13 16.03
C GLU J 213 44.00 93.86 14.71
N PRO J 214 43.41 95.05 14.54
CA PRO J 214 43.50 95.74 13.26
C PRO J 214 44.93 96.15 12.94
N GLY J 215 45.30 96.00 11.67
CA GLY J 215 46.64 96.30 11.23
C GLY J 215 47.65 95.19 11.39
N VAL J 216 47.19 93.97 11.67
CA VAL J 216 48.07 92.81 11.83
C VAL J 216 47.82 91.85 10.68
N GLN J 217 48.91 91.43 10.03
CA GLN J 217 48.84 90.55 8.88
C GLN J 217 49.39 89.18 9.24
N HIS J 218 48.72 88.14 8.75
CA HIS J 218 49.22 86.78 8.94
C HIS J 218 50.29 86.47 7.89
N ILE J 219 51.35 85.81 8.34
CA ILE J 219 52.49 85.51 7.47
C ILE J 219 52.64 83.99 7.34
N PRO J 220 52.37 83.42 6.18
CA PRO J 220 52.58 81.98 6.01
C PRO J 220 54.06 81.64 6.12
N PHE J 221 54.35 80.52 6.80
CA PHE J 221 55.74 80.16 7.07
C PHE J 221 56.50 79.89 5.78
N ALA J 222 55.84 79.31 4.77
CA ALA J 222 56.51 79.01 3.52
C ALA J 222 56.74 80.25 2.66
N SER J 223 56.06 81.36 2.95
CA SER J 223 56.25 82.59 2.19
C SER J 223 57.51 83.34 2.61
N LEU J 224 58.24 82.86 3.61
CA LEU J 224 59.44 83.52 4.09
C LEU J 224 60.54 83.47 3.03
N SER J 225 61.05 82.27 2.75
CA SER J 225 62.09 82.09 1.77
C SER J 225 61.82 80.83 0.96
N ASP J 226 62.57 80.66 -0.14
CA ASP J 226 62.44 79.45 -0.94
C ASP J 226 62.90 78.23 -0.18
N ASP J 227 63.88 78.39 0.73
CA ASP J 227 64.27 77.28 1.59
C ASP J 227 63.16 76.91 2.56
N ALA J 228 62.36 77.90 3.00
CA ALA J 228 61.25 77.61 3.89
C ALA J 228 60.14 76.85 3.17
N ALA J 229 59.87 77.20 1.92
CA ALA J 229 58.82 76.50 1.17
C ALA J 229 59.22 75.07 0.86
N GLN J 230 60.47 74.85 0.45
CA GLN J 230 60.97 73.50 0.19
C GLN J 230 61.16 72.68 1.45
N ARG J 231 60.88 73.25 2.62
CA ARG J 231 61.03 72.58 3.89
C ARG J 231 59.72 72.40 4.65
N SER J 232 58.71 73.20 4.36
CA SER J 232 57.51 73.26 5.17
C SER J 232 56.33 72.55 4.51
N ILE J 233 55.41 72.07 5.34
CA ILE J 233 54.11 71.59 4.92
C ILE J 233 53.08 72.51 5.57
N THR J 234 52.26 73.16 4.75
CA THR J 234 51.32 74.16 5.22
C THR J 234 49.90 73.59 5.16
N LEU J 235 49.18 73.69 6.27
CA LEU J 235 47.82 73.19 6.38
C LEU J 235 46.87 74.37 6.55
N MET J 236 45.85 74.43 5.69
CA MET J 236 44.86 75.50 5.75
C MET J 236 43.48 74.92 5.50
N SER J 237 42.47 75.66 5.92
CA SER J 237 41.08 75.22 5.80
C SER J 237 40.14 76.39 6.07
N PRO J 238 39.01 76.46 5.35
CA PRO J 238 37.95 77.42 5.69
C PRO J 238 36.97 76.91 6.75
N SER J 239 37.26 75.79 7.41
CA SER J 239 36.29 75.18 8.30
C SER J 239 36.09 75.98 9.57
N LYS J 240 37.12 76.70 10.03
CA LYS J 240 36.99 77.48 11.25
C LYS J 240 36.43 78.88 10.97
N SER J 241 37.01 79.59 10.01
CA SER J 241 36.58 80.95 9.70
C SER J 241 35.18 81.01 9.09
N PHE J 242 34.63 79.88 8.65
CA PHE J 242 33.29 79.83 8.10
C PHE J 242 32.38 78.83 8.81
N ASN J 243 32.88 78.14 9.83
CA ASN J 243 32.09 77.22 10.65
C ASN J 243 31.46 76.10 9.79
N ILE J 244 32.33 75.33 9.15
CA ILE J 244 31.91 74.17 8.36
C ILE J 244 32.82 72.99 8.69
N ALA J 245 33.25 72.90 9.94
CA ALA J 245 34.10 71.78 10.35
C ALA J 245 33.38 70.45 10.26
N GLY J 246 32.04 70.45 10.32
CA GLY J 246 31.28 69.23 10.13
C GLY J 246 31.41 68.64 8.74
N LEU J 247 31.89 69.42 7.78
CA LEU J 247 32.22 68.95 6.44
C LEU J 247 33.70 68.66 6.26
N GLY J 248 34.57 69.54 6.77
CA GLY J 248 35.97 69.22 6.93
C GLY J 248 36.81 69.21 5.67
N ALA J 249 36.44 69.99 4.66
CA ALA J 249 37.26 70.10 3.46
C ALA J 249 38.50 70.93 3.77
N SER J 250 39.67 70.31 3.72
CA SER J 250 40.93 70.96 4.04
C SER J 250 41.93 70.74 2.91
N LEU J 251 43.09 71.37 3.03
CA LEU J 251 44.12 71.27 2.00
C LEU J 251 45.48 71.37 2.66
N ALA J 252 46.49 70.85 1.95
CA ALA J 252 47.88 70.89 2.38
C ALA J 252 48.73 71.41 1.23
N VAL J 253 49.57 72.39 1.51
CA VAL J 253 50.43 73.01 0.51
C VAL J 253 51.85 72.48 0.72
N ILE J 254 52.28 71.59 -0.16
CA ILE J 254 53.62 71.00 -0.08
C ILE J 254 54.42 71.40 -1.31
N PRO J 255 55.19 72.49 -1.25
CA PRO J 255 55.92 72.93 -2.44
C PRO J 255 57.00 71.96 -2.90
N ASN J 256 57.61 71.23 -1.98
CA ASN J 256 58.68 70.30 -2.37
C ASN J 256 58.08 69.11 -3.10
N PRO J 257 58.61 68.75 -4.28
CA PRO J 257 58.03 67.60 -5.01
C PRO J 257 58.19 66.28 -4.29
N GLU J 258 59.37 66.02 -3.70
CA GLU J 258 59.60 64.74 -3.05
C GLU J 258 58.78 64.63 -1.77
N LEU J 259 58.73 65.70 -0.98
CA LEU J 259 57.93 65.68 0.25
C LEU J 259 56.46 65.42 -0.05
N ARG J 260 55.97 65.95 -1.18
CA ARG J 260 54.60 65.66 -1.59
C ARG J 260 54.43 64.18 -1.93
N ALA J 261 55.47 63.56 -2.52
CA ALA J 261 55.37 62.17 -2.91
C ALA J 261 55.28 61.26 -1.68
N ARG J 262 56.15 61.50 -0.68
CA ARG J 262 56.09 60.70 0.53
C ARG J 262 54.82 60.98 1.33
N PHE J 263 54.33 62.21 1.28
CA PHE J 263 53.06 62.54 1.95
C PHE J 263 51.90 61.79 1.31
N ASN J 264 51.84 61.78 -0.04
CA ASN J 264 50.75 61.11 -0.72
C ASN J 264 50.82 59.60 -0.57
N ARG J 265 52.03 59.05 -0.38
CA ARG J 265 52.15 57.62 -0.14
C ARG J 265 51.57 57.24 1.22
N MET J 266 51.82 58.06 2.24
CA MET J 266 51.27 57.80 3.56
C MET J 266 49.76 58.02 3.61
N ARG J 267 49.24 58.88 2.73
CA ARG J 267 47.83 59.19 2.68
C ARG J 267 47.02 58.18 1.88
N LYS J 268 47.62 57.60 0.83
CA LYS J 268 46.90 56.70 -0.06
C LYS J 268 46.37 55.49 0.71
N GLY J 269 45.09 55.21 0.54
CA GLY J 269 44.49 54.06 1.17
C GLY J 269 43.67 54.38 2.41
N MET J 270 44.33 54.84 3.47
CA MET J 270 43.65 55.03 4.74
C MET J 270 42.83 56.32 4.77
N VAL J 271 43.31 57.38 4.12
CA VAL J 271 42.63 58.67 4.12
C VAL J 271 41.83 58.77 2.83
N PRO J 272 40.49 58.80 2.90
CA PRO J 272 39.68 58.82 1.68
C PRO J 272 39.65 60.20 1.05
N ASP J 273 39.04 60.26 -0.14
CA ASP J 273 38.80 61.53 -0.80
C ASP J 273 37.82 62.36 0.01
N VAL J 274 37.91 63.69 -0.15
CA VAL J 274 37.04 64.58 0.61
C VAL J 274 35.60 64.45 0.09
N ASP J 275 34.65 64.72 0.97
CA ASP J 275 33.24 64.57 0.64
C ASP J 275 32.86 65.45 -0.55
N VAL J 276 31.91 64.96 -1.36
CA VAL J 276 31.51 65.69 -2.55
C VAL J 276 30.79 66.99 -2.17
N LEU J 277 30.06 66.99 -1.05
CA LEU J 277 29.40 68.21 -0.59
C LEU J 277 30.35 69.12 0.19
N ALA J 278 31.44 68.58 0.73
CA ALA J 278 32.44 69.42 1.38
C ALA J 278 33.20 70.26 0.36
N TYR J 279 33.44 69.70 -0.84
CA TYR J 279 34.07 70.47 -1.90
C TYR J 279 33.22 71.68 -2.29
N VAL J 280 31.90 71.49 -2.35
CA VAL J 280 31.02 72.57 -2.79
C VAL J 280 30.98 73.69 -1.75
N ALA J 281 30.95 73.33 -0.46
CA ALA J 281 30.86 74.34 0.58
C ALA J 281 32.19 75.09 0.75
N ALA J 282 33.31 74.37 0.75
CA ALA J 282 34.60 75.03 0.94
C ALA J 282 34.95 75.93 -0.23
N SER J 283 34.53 75.57 -1.45
CA SER J 283 34.82 76.40 -2.61
C SER J 283 33.99 77.68 -2.59
N ALA J 284 32.69 77.55 -2.31
CA ALA J 284 31.82 78.73 -2.27
C ALA J 284 32.16 79.63 -1.09
N ALA J 285 32.73 79.07 -0.02
CA ALA J 285 33.10 79.89 1.13
C ALA J 285 34.21 80.87 0.78
N TRP J 286 35.23 80.39 0.06
CA TRP J 286 36.34 81.26 -0.34
C TRP J 286 36.03 82.04 -1.60
N ARG J 287 35.03 81.62 -2.38
CA ARG J 287 34.68 82.36 -3.60
C ARG J 287 33.79 83.55 -3.30
N GLU J 288 32.86 83.40 -2.34
CA GLU J 288 31.83 84.43 -2.16
C GLU J 288 31.45 84.64 -0.69
N GLY J 289 32.30 84.23 0.25
CA GLY J 289 31.94 84.33 1.66
C GLY J 289 32.76 85.35 2.44
N GLN J 290 33.65 86.06 1.76
CA GLN J 290 34.47 87.05 2.46
C GLN J 290 33.64 88.17 3.10
N PRO J 291 32.59 88.72 2.47
CA PRO J 291 31.76 89.70 3.20
C PRO J 291 31.17 89.15 4.48
N TRP J 292 30.78 87.87 4.50
CA TRP J 292 30.32 87.25 5.74
C TRP J 292 31.46 87.14 6.74
N LEU J 293 32.68 86.90 6.27
CA LEU J 293 33.83 86.80 7.18
C LEU J 293 34.17 88.15 7.79
N ASP J 294 34.21 89.20 6.97
CA ASP J 294 34.52 90.53 7.48
C ASP J 294 33.52 90.96 8.54
N ALA J 295 32.24 90.71 8.31
CA ALA J 295 31.24 91.01 9.33
C ALA J 295 31.42 90.14 10.57
N GLN J 296 31.90 88.91 10.39
CA GLN J 296 32.17 88.05 11.54
C GLN J 296 33.40 88.51 12.31
N LEU J 297 34.41 89.04 11.60
CA LEU J 297 35.62 89.48 12.28
C LEU J 297 35.35 90.68 13.17
N ASP J 298 34.57 91.65 12.69
CA ASP J 298 34.22 92.79 13.52
C ASP J 298 33.34 92.37 14.69
N TYR J 299 32.44 91.40 14.45
CA TYR J 299 31.56 90.94 15.53
C TYR J 299 32.33 90.17 16.58
N LEU J 300 33.26 89.32 16.17
CA LEU J 300 34.02 88.53 17.14
C LEU J 300 35.05 89.38 17.88
N ARG J 301 35.55 90.44 17.24
CA ARG J 301 36.52 91.30 17.91
C ARG J 301 35.89 92.05 19.08
N ALA J 302 34.66 92.54 18.90
CA ALA J 302 33.97 93.20 20.00
C ALA J 302 33.57 92.21 21.09
N ASN J 303 33.29 90.96 20.72
CA ASN J 303 33.09 89.92 21.73
C ASN J 303 34.38 89.61 22.47
N ARG J 304 35.52 89.73 21.80
CA ARG J 304 36.80 89.47 22.44
C ARG J 304 37.13 90.53 23.48
N ASP J 305 36.98 91.80 23.11
CA ASP J 305 37.26 92.88 24.05
C ASP J 305 36.32 92.86 25.23
N MET J 306 35.07 92.48 25.01
CA MET J 306 34.11 92.39 26.11
C MET J 306 34.52 91.29 27.11
N LEU J 307 35.08 90.19 26.60
CA LEU J 307 35.55 89.13 27.48
C LEU J 307 36.84 89.53 28.18
N ALA J 308 37.78 90.13 27.44
CA ALA J 308 39.09 90.43 28.01
C ALA J 308 38.99 91.45 29.14
N GLN J 309 38.12 92.46 28.98
CA GLN J 309 37.98 93.46 30.02
C GLN J 309 37.37 92.88 31.28
N HIS J 310 36.40 91.97 31.13
CA HIS J 310 35.71 91.44 32.30
C HIS J 310 36.58 90.45 33.05
N VAL J 311 37.37 89.64 32.34
CA VAL J 311 38.17 88.62 33.00
C VAL J 311 39.37 89.24 33.70
N ASN J 312 39.93 90.32 33.16
CA ASN J 312 41.04 91.00 33.81
C ASN J 312 40.59 91.75 35.07
N ARG J 313 39.30 92.01 35.21
CA ARG J 313 38.77 92.68 36.40
C ARG J 313 38.41 91.70 37.51
N LEU J 314 38.03 90.48 37.15
CA LEU J 314 37.73 89.47 38.16
C LEU J 314 39.01 89.13 38.93
N PRO J 315 38.87 88.72 40.20
CA PRO J 315 40.05 88.58 41.07
C PRO J 315 41.12 87.61 40.56
N GLY J 316 40.90 86.31 40.78
CA GLY J 316 41.94 85.34 40.47
C GLY J 316 42.13 85.03 39.01
N LEU J 317 41.48 85.76 38.11
CA LEU J 317 41.51 85.48 36.69
C LEU J 317 42.45 86.42 35.96
N SER J 318 43.22 85.88 35.02
CA SER J 318 44.12 86.65 34.17
C SER J 318 44.06 86.06 32.77
N MET J 319 43.86 86.91 31.76
CA MET J 319 43.75 86.45 30.39
C MET J 319 44.46 87.41 29.46
N VAL J 320 45.30 86.87 28.58
CA VAL J 320 45.94 87.66 27.54
C VAL J 320 44.95 87.89 26.41
N THR J 321 44.81 89.14 25.99
CA THR J 321 43.91 89.46 24.88
C THR J 321 44.41 88.77 23.62
N PRO J 322 43.64 87.85 23.04
CA PRO J 322 44.14 87.09 21.90
C PRO J 322 44.12 87.91 20.61
N GLU J 323 45.07 87.62 19.74
CA GLU J 323 45.10 88.21 18.41
C GLU J 323 44.38 87.36 17.38
N ALA J 324 44.05 86.11 17.71
CA ALA J 324 43.36 85.20 16.81
C ALA J 324 42.13 84.63 17.51
N SER J 325 40.99 84.67 16.82
CA SER J 325 39.71 84.22 17.34
C SER J 325 39.59 82.69 17.17
N PHE J 326 38.63 82.08 17.88
CA PHE J 326 37.60 82.74 18.69
C PHE J 326 37.74 82.45 20.17
N LEU J 327 38.97 82.44 20.66
CA LEU J 327 39.29 82.10 22.03
C LEU J 327 40.79 82.26 22.27
N GLY J 328 41.21 82.55 23.50
CA GLY J 328 40.35 82.65 24.67
C GLY J 328 40.95 81.83 25.80
N TRP J 329 42.20 82.17 26.14
CA TRP J 329 43.05 81.37 27.02
C TRP J 329 43.15 82.07 28.37
N ILE J 330 42.40 81.57 29.36
CA ILE J 330 42.27 82.20 30.67
C ILE J 330 43.13 81.46 31.67
N ASP J 331 43.89 82.22 32.47
CA ASP J 331 44.71 81.67 33.54
C ASP J 331 43.90 81.68 34.83
N ALA J 332 43.54 80.50 35.34
CA ALA J 332 42.81 80.37 36.59
C ALA J 332 43.70 79.90 37.73
N SER J 333 45.00 80.19 37.66
CA SER J 333 45.92 79.76 38.70
C SER J 333 45.78 80.56 39.99
N GLY J 334 45.08 81.69 39.96
CA GLY J 334 44.89 82.50 41.14
C GLY J 334 43.60 82.21 41.88
N LEU J 335 43.10 80.97 41.74
CA LEU J 335 41.87 80.56 42.39
C LEU J 335 42.07 79.51 43.47
N GLY J 336 43.23 78.85 43.51
CA GLY J 336 43.49 77.81 44.47
C GLY J 336 42.82 76.48 44.17
N VAL J 337 41.98 76.41 43.14
CA VAL J 337 41.30 75.17 42.81
C VAL J 337 42.27 74.20 42.16
N ALA J 338 42.11 72.91 42.45
CA ALA J 338 42.95 71.89 41.84
C ALA J 338 42.57 71.67 40.37
N ASP J 339 41.28 71.69 40.07
CA ASP J 339 40.79 71.50 38.70
C ASP J 339 39.86 72.67 38.39
N PRO J 340 40.39 73.73 37.78
CA PRO J 340 39.54 74.88 37.43
C PRO J 340 38.46 74.56 36.42
N ALA J 341 38.65 73.53 35.59
CA ALA J 341 37.67 73.21 34.56
C ALA J 341 36.35 72.77 35.16
N LEU J 342 36.39 71.84 36.13
CA LEU J 342 35.16 71.37 36.76
C LEU J 342 34.57 72.39 37.72
N PHE J 343 35.39 73.30 38.26
CA PHE J 343 34.87 74.34 39.13
C PHE J 343 33.87 75.23 38.38
N PHE J 344 34.26 75.72 37.20
CA PHE J 344 33.36 76.52 36.39
C PHE J 344 32.17 75.71 35.88
N GLU J 345 32.30 74.39 35.77
CA GLU J 345 31.17 73.56 35.36
C GLU J 345 30.16 73.40 36.48
N LYS J 346 30.60 73.48 37.74
CA LYS J 346 29.67 73.47 38.86
C LYS J 346 28.92 74.78 39.01
N HIS J 347 29.24 75.79 38.21
CA HIS J 347 28.53 77.07 38.22
C HIS J 347 27.93 77.41 36.86
N GLY J 348 27.77 76.42 36.00
CA GLY J 348 27.09 76.62 34.73
C GLY J 348 27.96 77.16 33.61
N LEU J 349 29.23 76.77 33.57
CA LEU J 349 30.15 77.21 32.51
C LEU J 349 31.02 76.04 32.11
N GLY J 350 30.86 75.57 30.88
CA GLY J 350 31.67 74.49 30.37
C GLY J 350 32.77 74.96 29.45
N PHE J 351 34.00 74.96 29.94
CA PHE J 351 35.18 75.34 29.17
C PHE J 351 35.98 74.11 28.78
N SER J 352 36.89 74.31 27.84
CA SER J 352 37.85 73.26 27.49
C SER J 352 38.92 73.21 28.58
N SER J 353 39.09 72.04 29.19
CA SER J 353 40.07 71.88 30.25
C SER J 353 41.47 72.14 29.72
N GLY J 354 42.17 73.09 30.31
CA GLY J 354 43.55 73.36 29.94
C GLY J 354 44.47 72.17 30.16
N ARG J 355 44.05 71.21 31.00
CA ARG J 355 44.82 69.99 31.18
C ARG J 355 45.01 69.26 29.86
N ASP J 356 43.99 69.29 28.99
CA ASP J 356 44.09 68.67 27.68
C ASP J 356 45.06 69.40 26.76
N PHE J 357 45.50 70.60 27.13
CA PHE J 357 46.42 71.38 26.30
C PHE J 357 47.83 71.44 26.85
N GLY J 358 48.02 71.18 28.14
CA GLY J 358 49.36 71.17 28.72
C GLY J 358 49.53 72.04 29.94
N ASN J 359 48.43 72.58 30.46
CA ASN J 359 48.48 73.41 31.67
C ASN J 359 47.13 73.29 32.37
N ASP J 360 47.08 72.47 33.42
CA ASP J 360 45.83 72.22 34.11
C ASP J 360 45.26 73.45 34.82
N ARG J 361 46.09 74.47 35.06
CA ARG J 361 45.64 75.68 35.73
C ARG J 361 45.07 76.71 34.76
N PHE J 362 44.64 76.28 33.57
CA PHE J 362 44.08 77.18 32.57
C PHE J 362 42.74 76.64 32.10
N VAL J 363 41.90 77.55 31.60
CA VAL J 363 40.63 77.20 30.98
C VAL J 363 40.54 77.93 29.65
N ARG J 364 39.70 77.41 28.77
CA ARG J 364 39.57 77.92 27.40
C ARG J 364 38.14 78.41 27.20
N PHE J 365 37.94 79.72 27.21
CA PHE J 365 36.64 80.33 27.03
C PHE J 365 36.40 80.55 25.55
N ASN J 366 35.38 79.89 25.00
CA ASN J 366 34.97 80.11 23.62
C ASN J 366 33.91 81.21 23.58
N PHE J 367 34.24 82.32 22.92
CA PHE J 367 33.27 83.40 22.72
C PHE J 367 32.79 83.47 21.28
N GLY J 368 32.99 82.40 20.51
CA GLY J 368 32.44 82.32 19.17
C GLY J 368 30.95 82.05 19.21
N CYS J 369 30.18 83.07 19.59
CA CYS J 369 28.75 82.92 19.81
C CYS J 369 28.13 84.32 19.79
N PRO J 370 26.81 84.41 19.60
CA PRO J 370 26.16 85.73 19.61
C PRO J 370 26.38 86.46 20.93
N ARG J 371 26.16 87.78 20.88
CA ARG J 371 26.53 88.65 21.99
C ARG J 371 25.73 88.34 23.24
N GLN J 372 24.42 88.10 23.10
CA GLN J 372 23.58 87.96 24.28
C GLN J 372 23.93 86.71 25.09
N LEU J 373 24.38 85.64 24.43
CA LEU J 373 24.79 84.45 25.17
C LEU J 373 26.15 84.65 25.83
N LEU J 374 27.02 85.44 25.21
CA LEU J 374 28.30 85.76 25.84
C LEU J 374 28.12 86.53 27.14
N GLU J 375 27.19 87.50 27.13
CA GLU J 375 26.93 88.28 28.33
C GLU J 375 26.31 87.43 29.43
N GLU J 376 25.45 86.48 29.06
CA GLU J 376 24.87 85.58 30.04
C GLU J 376 25.94 84.68 30.66
N ALA J 377 27.00 84.38 29.91
CA ALA J 377 28.12 83.64 30.49
C ALA J 377 29.03 84.54 31.32
N LEU J 378 29.17 85.80 30.93
CA LEU J 378 29.99 86.72 31.70
C LEU J 378 29.39 86.99 33.08
N GLN J 379 28.07 87.05 33.17
CA GLN J 379 27.43 87.18 34.48
C GLN J 379 27.66 85.94 35.32
N ARG J 380 27.63 84.75 34.71
CA ARG J 380 27.96 83.53 35.42
C ARG J 380 29.42 83.49 35.87
N MET J 381 30.30 84.24 35.19
CA MET J 381 31.66 84.39 35.67
C MET J 381 31.70 85.14 37.00
N THR J 382 30.73 86.03 37.23
CA THR J 382 30.69 86.81 38.46
C THR J 382 30.12 86.01 39.62
N ARG J 383 29.09 85.20 39.36
CA ARG J 383 28.45 84.43 40.44
C ARG J 383 29.44 83.44 41.06
N ALA J 384 30.30 82.84 40.24
CA ALA J 384 31.22 81.82 40.74
C ALA J 384 32.34 82.42 41.57
N LEU J 385 32.71 83.67 41.32
CA LEU J 385 33.82 84.31 42.01
C LEU J 385 33.40 85.47 42.90
N THR J 386 32.10 85.78 42.97
CA THR J 386 31.62 86.79 43.90
C THR J 386 30.44 86.25 44.71
N PHE K 11 -26.36 -79.37 -3.04
CA PHE K 11 -25.38 -79.24 -4.12
C PHE K 11 -25.77 -78.08 -5.03
N ASN K 12 -27.07 -77.79 -5.06
CA ASN K 12 -27.57 -76.47 -5.41
C ASN K 12 -28.38 -75.97 -4.22
N PHE K 13 -29.48 -75.25 -4.46
CA PHE K 13 -30.34 -74.85 -3.35
C PHE K 13 -31.73 -74.45 -3.80
N ASP K 14 -31.91 -73.15 -4.11
CA ASP K 14 -33.17 -72.56 -4.53
C ASP K 14 -34.20 -72.48 -3.40
N GLN K 15 -33.76 -72.46 -2.14
CA GLN K 15 -34.68 -72.36 -1.02
C GLN K 15 -34.40 -71.18 -0.10
N ARG K 16 -33.21 -70.57 -0.18
CA ARG K 16 -32.92 -69.41 0.66
C ARG K 16 -33.82 -68.24 0.28
N ILE K 17 -34.32 -67.55 1.30
CA ILE K 17 -35.14 -66.35 1.10
C ILE K 17 -34.21 -65.14 1.14
N ASP K 18 -34.07 -64.45 0.03
CA ASP K 18 -33.19 -63.29 -0.07
C ASP K 18 -33.96 -62.02 0.25
N ARG K 19 -33.28 -61.07 0.89
CA ARG K 19 -33.88 -59.78 1.25
C ARG K 19 -33.82 -58.89 0.03
N ARG K 20 -34.88 -58.93 -0.78
CA ARG K 20 -34.93 -58.19 -2.04
C ARG K 20 -35.38 -56.74 -1.84
N HIS K 21 -35.47 -56.25 -0.61
CA HIS K 21 -35.73 -54.85 -0.36
C HIS K 21 -34.51 -54.02 -0.70
N SER K 22 -34.20 -53.91 -1.99
CA SER K 22 -33.00 -53.23 -2.45
C SER K 22 -33.32 -52.33 -3.64
N ASP K 23 -33.25 -52.89 -4.86
CA ASP K 23 -33.61 -52.16 -6.06
C ASP K 23 -34.69 -52.85 -6.88
N SER K 24 -35.16 -54.02 -6.44
CA SER K 24 -36.10 -54.81 -7.23
C SER K 24 -37.44 -54.10 -7.37
N LEU K 25 -37.96 -54.07 -8.60
CA LEU K 25 -39.30 -53.52 -8.81
C LEU K 25 -40.37 -54.40 -8.18
N LYS K 26 -40.07 -55.69 -7.99
CA LYS K 26 -41.05 -56.61 -7.40
C LYS K 26 -41.37 -56.22 -5.97
N TRP K 27 -40.34 -55.96 -5.16
CA TRP K 27 -40.50 -55.71 -3.74
C TRP K 27 -40.56 -54.23 -3.41
N LYS K 28 -40.80 -53.38 -4.40
CA LYS K 28 -40.98 -51.95 -4.17
C LYS K 28 -42.43 -51.51 -4.26
N LYS K 29 -43.25 -52.22 -5.04
CA LYS K 29 -44.65 -51.83 -5.20
C LYS K 29 -45.43 -52.00 -3.89
N TYR K 30 -45.15 -53.08 -3.16
CA TYR K 30 -45.81 -53.36 -1.89
C TYR K 30 -44.85 -53.25 -0.71
N ALA K 31 -43.91 -52.29 -0.78
CA ALA K 31 -42.90 -52.18 0.27
C ALA K 31 -43.48 -51.62 1.57
N ASP K 32 -44.53 -50.79 1.48
CA ASP K 32 -45.14 -50.16 2.64
C ASP K 32 -46.40 -50.87 3.11
N ARG K 33 -46.60 -52.12 2.68
CA ARG K 33 -47.80 -52.86 3.03
C ARG K 33 -47.43 -54.29 3.40
N ASP K 34 -48.40 -55.00 3.97
CA ASP K 34 -48.24 -56.41 4.32
C ASP K 34 -48.79 -57.30 3.21
N ILE K 35 -48.26 -57.10 2.02
CA ILE K 35 -48.70 -57.80 0.81
C ILE K 35 -47.50 -58.51 0.20
N LEU K 36 -47.71 -59.76 -0.19
CA LEU K 36 -46.64 -60.56 -0.78
C LEU K 36 -46.47 -60.21 -2.25
N PRO K 37 -45.28 -59.79 -2.70
CA PRO K 37 -45.08 -59.49 -4.13
C PRO K 37 -45.08 -60.75 -4.98
N LEU K 38 -46.07 -60.87 -5.87
CA LEU K 38 -46.22 -62.05 -6.71
C LEU K 38 -46.73 -61.67 -8.09
N TRP K 39 -46.30 -60.52 -8.61
CA TRP K 39 -46.86 -59.95 -9.83
C TRP K 39 -45.87 -59.92 -10.98
N ILE K 40 -44.78 -59.16 -10.86
CA ILE K 40 -43.87 -58.98 -11.99
C ILE K 40 -43.12 -60.28 -12.25
N ALA K 41 -42.75 -60.49 -13.52
CA ALA K 41 -42.23 -61.78 -13.97
C ALA K 41 -40.71 -61.84 -13.79
N ASP K 42 -40.31 -61.97 -12.53
CA ASP K 42 -38.93 -62.33 -12.20
C ASP K 42 -38.96 -63.19 -10.95
N THR K 43 -37.90 -63.97 -10.77
CA THR K 43 -37.80 -64.88 -9.64
C THR K 43 -36.99 -64.25 -8.52
N ASP K 44 -37.28 -64.68 -7.29
CA ASP K 44 -36.51 -64.27 -6.13
C ASP K 44 -35.22 -65.06 -5.98
N PHE K 45 -34.83 -65.82 -7.00
CA PHE K 45 -33.67 -66.68 -6.92
C PHE K 45 -32.40 -65.91 -7.23
N ARG K 46 -31.35 -66.18 -6.46
CA ARG K 46 -30.03 -65.63 -6.75
C ARG K 46 -29.48 -66.27 -8.02
N ALA K 47 -28.82 -65.46 -8.84
CA ALA K 47 -28.28 -65.94 -10.11
C ALA K 47 -27.24 -67.02 -9.89
N ALA K 48 -26.98 -67.81 -10.94
CA ALA K 48 -26.03 -68.89 -10.86
C ALA K 48 -24.63 -68.36 -10.57
N ASP K 49 -23.78 -69.26 -10.05
CA ASP K 49 -22.42 -68.86 -9.67
C ASP K 49 -21.58 -68.52 -10.88
N CYS K 50 -21.74 -69.28 -11.97
CA CYS K 50 -20.99 -68.98 -13.20
C CYS K 50 -21.34 -67.61 -13.75
N ILE K 51 -22.58 -67.16 -13.54
CA ILE K 51 -22.98 -65.82 -13.94
C ILE K 51 -22.32 -64.79 -13.03
N ILE K 52 -22.42 -64.99 -11.71
CA ILE K 52 -21.90 -64.02 -10.77
C ILE K 52 -20.39 -63.94 -10.84
N ASP K 53 -19.72 -65.09 -10.91
CA ASP K 53 -18.26 -65.09 -10.98
C ASP K 53 -17.77 -64.41 -12.26
N ALA K 54 -18.47 -64.64 -13.38
CA ALA K 54 -18.09 -63.97 -14.62
C ALA K 54 -18.30 -62.47 -14.52
N LEU K 55 -19.34 -62.04 -13.82
CA LEU K 55 -19.56 -60.61 -13.61
C LEU K 55 -18.46 -60.00 -12.74
N GLN K 56 -18.00 -60.74 -11.73
CA GLN K 56 -16.95 -60.24 -10.86
C GLN K 56 -15.64 -60.05 -11.62
N GLN K 57 -15.31 -60.98 -12.52
CA GLN K 57 -14.08 -60.86 -13.29
C GLN K 57 -14.12 -59.63 -14.20
N ARG K 58 -15.24 -59.44 -14.89
CA ARG K 58 -15.36 -58.30 -15.80
C ARG K 58 -15.35 -56.98 -15.03
N VAL K 59 -15.96 -56.96 -13.85
CA VAL K 59 -15.91 -55.77 -13.01
C VAL K 59 -14.49 -55.52 -12.52
N GLN K 60 -13.83 -56.56 -12.03
CA GLN K 60 -12.46 -56.43 -11.54
C GLN K 60 -11.47 -56.19 -12.67
N GLN K 61 -11.87 -56.44 -13.93
CA GLN K 61 -10.98 -56.20 -15.06
C GLN K 61 -10.59 -54.73 -15.17
N GLY K 62 -11.50 -53.83 -14.80
CA GLY K 62 -11.14 -52.43 -14.63
C GLY K 62 -11.75 -51.45 -15.62
N VAL K 63 -11.57 -51.71 -16.91
CA VAL K 63 -11.95 -50.74 -17.95
C VAL K 63 -13.37 -51.04 -18.40
N PHE K 64 -14.20 -50.00 -18.46
CA PHE K 64 -15.58 -50.14 -18.90
C PHE K 64 -15.86 -49.24 -20.11
N GLY K 65 -14.97 -49.28 -21.10
CA GLY K 65 -15.16 -48.52 -22.31
C GLY K 65 -16.11 -49.21 -23.28
N TYR K 66 -16.11 -48.71 -24.52
CA TYR K 66 -16.98 -49.26 -25.54
C TYR K 66 -16.60 -50.69 -25.87
N GLY K 67 -17.57 -51.61 -25.77
CA GLY K 67 -17.34 -53.00 -26.04
C GLY K 67 -17.75 -53.40 -27.46
N VAL K 68 -17.51 -54.68 -27.76
CA VAL K 68 -17.89 -55.26 -29.04
C VAL K 68 -18.92 -56.36 -28.78
N THR K 69 -19.53 -56.82 -29.86
CA THR K 69 -20.46 -57.94 -29.77
C THR K 69 -19.75 -59.17 -29.23
N SER K 70 -20.34 -59.80 -28.21
CA SER K 70 -19.76 -60.99 -27.61
C SER K 70 -19.70 -62.13 -28.61
N GLU K 71 -18.49 -62.49 -29.04
CA GLU K 71 -18.33 -63.63 -29.94
C GLU K 71 -18.65 -64.94 -29.21
N ALA K 72 -18.37 -65.00 -27.91
CA ALA K 72 -18.70 -66.20 -27.15
C ALA K 72 -20.21 -66.41 -27.07
N LEU K 73 -20.96 -65.34 -26.77
CA LEU K 73 -22.42 -65.44 -26.73
C LEU K 73 -22.98 -65.79 -28.09
N ALA K 74 -22.31 -65.40 -29.16
CA ALA K 74 -22.80 -65.70 -30.51
C ALA K 74 -22.74 -67.20 -30.80
N GLU K 75 -21.59 -67.82 -30.56
CA GLU K 75 -21.42 -69.23 -30.93
C GLU K 75 -22.08 -70.19 -29.95
N VAL K 76 -22.27 -69.79 -28.68
CA VAL K 76 -22.97 -70.67 -27.76
C VAL K 76 -24.45 -70.73 -28.11
N ALA K 77 -25.02 -69.62 -28.59
CA ALA K 77 -26.40 -69.64 -29.05
C ALA K 77 -26.57 -70.60 -30.23
N ILE K 78 -25.58 -70.62 -31.13
CA ILE K 78 -25.62 -71.54 -32.27
C ILE K 78 -25.57 -72.99 -31.77
N GLU K 79 -24.69 -73.28 -30.82
CA GLU K 79 -24.60 -74.63 -30.27
C GLU K 79 -25.84 -74.97 -29.46
N ARG K 80 -26.40 -73.99 -28.74
CA ARG K 80 -27.56 -74.26 -27.90
C ARG K 80 -28.79 -74.54 -28.73
N MET K 81 -28.98 -73.82 -29.84
CA MET K 81 -30.14 -74.05 -30.68
C MET K 81 -30.15 -75.43 -31.32
N GLU K 82 -28.99 -76.05 -31.48
CA GLU K 82 -28.90 -77.35 -32.14
C GLU K 82 -29.02 -78.50 -31.14
N SER K 83 -28.27 -78.44 -30.04
CA SER K 83 -28.31 -79.52 -29.07
C SER K 83 -29.65 -79.60 -28.36
N ARG K 84 -30.30 -78.46 -28.12
CA ARG K 84 -31.56 -78.45 -27.39
C ARG K 84 -32.77 -78.53 -28.29
N PHE K 85 -32.70 -77.95 -29.50
CA PHE K 85 -33.84 -77.91 -30.40
C PHE K 85 -33.59 -78.52 -31.77
N GLY K 86 -32.34 -78.73 -32.17
CA GLY K 86 -32.06 -79.19 -33.51
C GLY K 86 -32.32 -78.13 -34.54
N TRP K 87 -31.71 -76.96 -34.37
CA TRP K 87 -31.95 -75.79 -35.21
C TRP K 87 -30.61 -75.18 -35.59
N LYS K 88 -30.22 -75.37 -36.85
CA LYS K 88 -28.92 -74.89 -37.31
C LYS K 88 -28.99 -73.39 -37.57
N ILE K 89 -28.26 -72.62 -36.77
CA ILE K 89 -28.23 -71.16 -36.86
C ILE K 89 -26.98 -70.73 -37.60
N GLN K 90 -27.13 -69.81 -38.54
CA GLN K 90 -25.92 -69.21 -39.10
C GLN K 90 -25.54 -67.96 -38.31
N PRO K 91 -24.24 -67.71 -38.14
CA PRO K 91 -23.83 -66.56 -37.31
C PRO K 91 -24.34 -65.22 -37.82
N GLU K 92 -24.58 -65.09 -39.12
CA GLU K 92 -25.05 -63.84 -39.70
C GLU K 92 -26.55 -63.60 -39.47
N TRP K 93 -27.26 -64.55 -38.87
CA TRP K 93 -28.67 -64.38 -38.57
C TRP K 93 -28.92 -63.67 -37.24
N LEU K 94 -27.90 -63.50 -36.41
CA LEU K 94 -28.09 -63.04 -35.04
C LEU K 94 -28.02 -61.52 -34.97
N VAL K 95 -28.96 -60.95 -34.22
CA VAL K 95 -28.98 -59.52 -33.89
C VAL K 95 -29.17 -59.42 -32.39
N PHE K 96 -28.24 -58.76 -31.71
CA PHE K 96 -28.28 -58.65 -30.25
C PHE K 96 -28.95 -57.34 -29.84
N LEU K 97 -29.88 -57.44 -28.91
CA LEU K 97 -30.70 -56.32 -28.47
C LEU K 97 -30.69 -56.22 -26.95
N PRO K 98 -30.82 -55.00 -26.42
CA PRO K 98 -30.99 -54.83 -24.96
C PRO K 98 -32.46 -54.99 -24.55
N GLY K 99 -32.88 -56.24 -24.39
CA GLY K 99 -34.22 -56.56 -23.99
C GLY K 99 -35.03 -57.20 -25.11
N VAL K 100 -36.15 -57.78 -24.72
CA VAL K 100 -37.07 -58.41 -25.66
C VAL K 100 -38.18 -57.47 -26.08
N VAL K 101 -38.65 -56.62 -25.17
CA VAL K 101 -39.72 -55.67 -25.48
C VAL K 101 -39.29 -54.76 -26.61
N THR K 102 -38.02 -54.32 -26.61
CA THR K 102 -37.53 -53.48 -27.69
C THR K 102 -37.53 -54.22 -29.03
N GLY K 103 -37.27 -55.53 -29.01
CA GLY K 103 -37.33 -56.31 -30.23
C GLY K 103 -38.72 -56.37 -30.82
N ILE K 104 -39.74 -56.41 -29.97
CA ILE K 104 -41.12 -56.40 -30.46
C ILE K 104 -41.44 -55.07 -31.12
N ASN K 105 -41.05 -53.97 -30.46
CA ASN K 105 -41.35 -52.63 -30.99
C ASN K 105 -40.60 -52.39 -32.30
N ILE K 106 -39.38 -52.91 -32.43
CA ILE K 106 -38.67 -52.79 -33.69
C ILE K 106 -39.34 -53.62 -34.77
N ALA K 107 -39.75 -54.84 -34.44
CA ALA K 107 -40.38 -55.72 -35.41
C ALA K 107 -41.72 -55.16 -35.88
N VAL K 108 -42.46 -54.49 -34.99
CA VAL K 108 -43.75 -53.93 -35.38
C VAL K 108 -43.57 -52.79 -36.36
N ARG K 109 -42.66 -51.85 -36.05
CA ARG K 109 -42.50 -50.67 -36.88
C ARG K 109 -41.73 -50.94 -38.17
N ALA K 110 -40.90 -51.98 -38.19
CA ALA K 110 -40.09 -52.27 -39.38
C ALA K 110 -40.76 -53.23 -40.34
N PHE K 111 -41.77 -53.98 -39.91
CA PHE K 111 -42.42 -54.97 -40.75
C PHE K 111 -43.87 -54.62 -41.06
N THR K 112 -44.40 -53.54 -40.50
CA THR K 112 -45.73 -53.04 -40.84
C THR K 112 -45.64 -51.56 -41.17
N GLU K 113 -46.53 -51.12 -42.05
CA GLU K 113 -46.61 -49.73 -42.47
C GLU K 113 -47.83 -49.08 -41.83
N ALA K 114 -47.98 -47.78 -42.07
CA ALA K 114 -48.99 -46.99 -41.36
C ALA K 114 -50.40 -47.53 -41.56
N HIS K 115 -50.65 -48.20 -42.68
CA HIS K 115 -51.98 -48.72 -42.97
C HIS K 115 -52.17 -50.15 -42.51
N GLN K 116 -51.12 -50.97 -42.53
CA GLN K 116 -51.24 -52.40 -42.27
C GLN K 116 -51.58 -52.64 -40.80
N SER K 117 -51.79 -53.91 -40.46
CA SER K 117 -52.28 -54.32 -39.15
C SER K 117 -51.43 -55.47 -38.61
N THR K 118 -51.63 -55.76 -37.33
CA THR K 118 -51.00 -56.90 -36.66
C THR K 118 -52.08 -57.78 -36.05
N VAL K 119 -51.68 -59.01 -35.71
CA VAL K 119 -52.61 -60.00 -35.15
C VAL K 119 -51.88 -60.80 -34.09
N SER K 120 -52.50 -60.93 -32.91
CA SER K 120 -51.97 -61.76 -31.84
C SER K 120 -53.14 -62.37 -31.08
N ALA K 121 -52.80 -63.26 -30.14
CA ALA K 121 -53.82 -63.90 -29.32
C ALA K 121 -54.21 -62.99 -28.16
N THR K 122 -55.24 -63.42 -27.41
CA THR K 122 -55.67 -62.73 -26.22
C THR K 122 -56.29 -63.75 -25.27
N PRO K 123 -55.96 -63.69 -23.96
CA PRO K 123 -55.05 -62.72 -23.36
C PRO K 123 -53.59 -63.00 -23.69
N ILE K 124 -52.73 -61.97 -23.63
CA ILE K 124 -51.34 -62.14 -24.01
C ILE K 124 -50.49 -61.09 -23.28
N TYR K 125 -49.17 -61.26 -23.34
CA TYR K 125 -48.24 -60.29 -22.79
C TYR K 125 -48.59 -58.89 -23.29
N PRO K 126 -48.77 -57.92 -22.38
CA PRO K 126 -49.36 -56.61 -22.77
C PRO K 126 -48.63 -55.94 -23.92
N PRO K 127 -47.29 -55.94 -23.96
CA PRO K 127 -46.60 -55.28 -25.10
C PRO K 127 -46.95 -55.86 -26.47
N PHE K 128 -47.65 -56.99 -26.55
CA PHE K 128 -48.01 -57.54 -27.85
C PHE K 128 -49.10 -56.72 -28.53
N PHE K 129 -49.97 -56.07 -27.75
CA PHE K 129 -50.95 -55.16 -28.32
C PHE K 129 -50.68 -53.70 -27.98
N LEU K 130 -49.74 -53.42 -27.09
CA LEU K 130 -49.37 -52.04 -26.81
C LEU K 130 -48.36 -51.50 -27.81
N ALA K 131 -47.47 -52.36 -28.31
CA ALA K 131 -46.52 -51.91 -29.33
C ALA K 131 -47.19 -51.49 -30.62
N PRO K 132 -48.16 -52.24 -31.19
CA PRO K 132 -48.82 -51.72 -32.40
C PRO K 132 -49.67 -50.49 -32.13
N LYS K 133 -50.31 -50.41 -30.96
CA LYS K 133 -51.14 -49.26 -30.64
C LYS K 133 -50.31 -47.98 -30.57
N LEU K 134 -49.18 -48.02 -29.86
CA LEU K 134 -48.30 -46.87 -29.77
C LEU K 134 -47.57 -46.58 -31.08
N ALA K 135 -47.58 -47.53 -32.03
CA ALA K 135 -47.01 -47.31 -33.35
C ALA K 135 -48.07 -46.96 -34.39
N GLY K 136 -49.31 -46.75 -33.97
CA GLY K 136 -50.38 -46.41 -34.89
C GLY K 136 -50.75 -47.53 -35.83
N ARG K 137 -50.96 -48.73 -35.28
CA ARG K 137 -51.28 -49.90 -36.07
C ARG K 137 -52.56 -50.54 -35.55
N GLN K 138 -53.41 -50.98 -36.47
CA GLN K 138 -54.57 -51.77 -36.10
C GLN K 138 -54.13 -53.12 -35.57
N HIS K 139 -54.81 -53.60 -34.53
CA HIS K 139 -54.47 -54.86 -33.89
C HIS K 139 -55.70 -55.74 -33.83
N LEU K 140 -55.59 -56.95 -34.38
CA LEU K 140 -56.65 -57.93 -34.35
C LEU K 140 -56.33 -58.99 -33.30
N SER K 141 -57.28 -59.20 -32.39
CA SER K 141 -57.09 -60.13 -31.27
C SER K 141 -57.84 -61.43 -31.52
N ALA K 142 -57.19 -62.55 -31.24
CA ALA K 142 -57.77 -63.87 -31.40
C ALA K 142 -57.93 -64.49 -30.02
N ALA K 143 -59.18 -64.67 -29.59
CA ALA K 143 -59.46 -65.16 -28.24
C ALA K 143 -58.99 -66.60 -28.07
N LEU K 144 -58.28 -66.86 -26.98
CA LEU K 144 -57.83 -68.20 -26.66
C LEU K 144 -58.98 -69.03 -26.09
N ARG K 145 -59.07 -70.27 -26.53
CA ARG K 145 -60.13 -71.18 -26.11
C ARG K 145 -59.55 -72.26 -25.21
N LEU K 146 -60.16 -72.44 -24.05
CA LEU K 146 -59.76 -73.51 -23.14
C LEU K 146 -60.24 -74.85 -23.68
N GLU K 147 -59.31 -75.73 -24.02
CA GLU K 147 -59.64 -77.06 -24.53
C GLU K 147 -58.72 -78.09 -23.87
N GLN K 148 -59.33 -79.14 -23.33
CA GLN K 148 -58.68 -80.17 -22.52
C GLN K 148 -57.54 -79.62 -21.67
N GLN K 149 -57.87 -78.65 -20.80
CA GLN K 149 -56.95 -78.12 -19.80
C GLN K 149 -55.74 -77.44 -20.42
N ARG K 150 -55.90 -76.87 -21.61
CA ARG K 150 -54.86 -76.08 -22.26
C ARG K 150 -55.47 -74.91 -23.00
N TRP K 151 -54.79 -73.77 -22.98
CA TRP K 151 -55.21 -72.58 -23.72
C TRP K 151 -54.64 -72.68 -25.13
N VAL K 152 -55.50 -73.04 -26.08
CA VAL K 152 -55.10 -73.25 -27.47
C VAL K 152 -55.43 -72.02 -28.28
N LEU K 153 -54.65 -71.78 -29.33
CA LEU K 153 -54.87 -70.69 -30.26
C LEU K 153 -55.45 -71.23 -31.56
N ASP K 154 -56.59 -70.70 -31.97
CA ASP K 154 -57.30 -71.15 -33.17
C ASP K 154 -57.42 -69.95 -34.11
N LEU K 155 -56.43 -69.80 -35.00
CA LEU K 155 -56.39 -68.64 -35.87
C LEU K 155 -57.37 -68.76 -37.04
N ASP K 156 -57.47 -69.94 -37.65
CA ASP K 156 -58.32 -70.10 -38.82
C ASP K 156 -59.81 -69.97 -38.49
N SER K 157 -60.18 -70.07 -37.21
CA SER K 157 -61.57 -69.82 -36.82
C SER K 157 -61.90 -68.33 -36.75
N HIS K 158 -60.95 -67.46 -37.05
CA HIS K 158 -61.17 -66.03 -37.17
C HIS K 158 -60.79 -65.54 -38.57
N GLU K 159 -60.93 -66.41 -39.56
CA GLU K 159 -60.39 -66.14 -40.90
C GLU K 159 -61.08 -64.96 -41.57
N ASP K 160 -62.32 -64.62 -41.17
CA ASP K 160 -63.00 -63.47 -41.73
C ASP K 160 -63.29 -62.40 -40.67
N ARG K 161 -62.65 -62.51 -39.51
CA ARG K 161 -62.50 -61.34 -38.64
C ARG K 161 -61.45 -60.38 -39.18
N MET K 162 -60.73 -60.79 -40.21
CA MET K 162 -59.65 -59.99 -40.80
C MET K 162 -60.24 -58.92 -41.72
N SER K 163 -59.37 -58.22 -42.44
CA SER K 163 -59.79 -57.24 -43.44
C SER K 163 -58.84 -57.19 -44.62
N GLY K 164 -57.92 -58.15 -44.74
CA GLY K 164 -56.88 -58.09 -45.75
C GLY K 164 -55.75 -57.13 -45.45
N ASN K 165 -55.84 -56.39 -44.34
CA ASN K 165 -54.85 -55.39 -43.96
C ASN K 165 -53.76 -55.95 -43.06
N GLU K 166 -53.82 -57.24 -42.72
CA GLU K 166 -52.88 -57.82 -41.78
C GLU K 166 -51.55 -58.13 -42.46
N LYS K 167 -50.46 -58.01 -41.70
CA LYS K 167 -49.12 -58.27 -42.22
C LYS K 167 -48.19 -58.93 -41.21
N LEU K 168 -48.33 -58.68 -39.91
CA LEU K 168 -47.42 -59.22 -38.90
C LEU K 168 -48.22 -60.05 -37.91
N LEU K 169 -47.85 -61.33 -37.78
CA LEU K 169 -48.45 -62.23 -36.82
C LEU K 169 -47.52 -62.37 -35.62
N LEU K 170 -47.96 -61.91 -34.46
CA LEU K 170 -47.17 -61.95 -33.23
C LEU K 170 -47.53 -63.22 -32.46
N LEU K 171 -46.58 -64.14 -32.37
CA LEU K 171 -46.76 -65.39 -31.64
C LEU K 171 -45.96 -65.37 -30.36
N CYS K 172 -46.47 -66.07 -29.35
CA CYS K 172 -45.81 -66.19 -28.04
C CYS K 172 -45.76 -67.67 -27.69
N ASN K 173 -44.60 -68.28 -27.86
CA ASN K 173 -44.43 -69.72 -27.61
C ASN K 173 -43.12 -69.96 -26.88
N PRO K 174 -43.14 -70.39 -25.61
CA PRO K 174 -44.31 -70.67 -24.76
C PRO K 174 -45.13 -69.42 -24.44
N HIS K 175 -46.42 -69.61 -24.19
CA HIS K 175 -47.36 -68.51 -24.11
C HIS K 175 -47.37 -67.86 -22.73
N ASN K 176 -47.41 -66.53 -22.72
CA ASN K 176 -47.56 -65.73 -21.52
C ASN K 176 -48.88 -64.97 -21.61
N PRO K 177 -49.74 -65.03 -20.58
CA PRO K 177 -49.58 -65.69 -19.29
C PRO K 177 -50.14 -67.12 -19.21
N GLY K 178 -50.68 -67.62 -20.33
CA GLY K 178 -51.32 -68.93 -20.34
C GLY K 178 -50.42 -70.08 -19.94
N GLY K 179 -49.11 -69.95 -20.14
CA GLY K 179 -48.21 -71.06 -19.85
C GLY K 179 -48.33 -72.20 -20.84
N THR K 180 -48.70 -71.91 -22.08
CA THR K 180 -48.97 -72.94 -23.08
C THR K 180 -47.71 -73.25 -23.88
N VAL K 181 -47.46 -74.54 -24.07
CA VAL K 181 -46.38 -75.03 -24.93
C VAL K 181 -47.04 -75.66 -26.16
N TYR K 182 -46.95 -74.97 -27.29
CA TYR K 182 -47.61 -75.44 -28.50
C TYR K 182 -46.88 -76.64 -29.09
N ARG K 183 -47.66 -77.63 -29.54
CA ARG K 183 -47.09 -78.79 -30.19
C ARG K 183 -46.75 -78.47 -31.65
N ARG K 184 -46.10 -79.42 -32.31
CA ARG K 184 -45.64 -79.19 -33.68
C ARG K 184 -46.79 -78.95 -34.63
N LYS K 185 -47.79 -79.85 -34.62
CA LYS K 185 -48.91 -79.72 -35.55
C LYS K 185 -49.75 -78.48 -35.29
N GLU K 186 -49.64 -77.88 -34.11
CA GLU K 186 -50.28 -76.59 -33.88
C GLU K 186 -49.45 -75.45 -34.47
N LEU K 187 -48.13 -75.57 -34.45
CA LEU K 187 -47.27 -74.56 -35.07
C LEU K 187 -47.34 -74.65 -36.58
N GLU K 188 -47.44 -75.87 -37.13
CA GLU K 188 -47.62 -76.03 -38.57
C GLU K 188 -48.96 -75.44 -39.02
N ALA K 189 -49.98 -75.52 -38.17
CA ALA K 189 -51.26 -74.89 -38.50
C ALA K 189 -51.14 -73.37 -38.45
N GLN K 190 -50.40 -72.84 -37.47
CA GLN K 190 -50.15 -71.40 -37.41
C GLN K 190 -49.28 -70.95 -38.57
N LEU K 191 -48.39 -71.82 -39.05
CA LEU K 191 -47.56 -71.49 -40.21
C LEU K 191 -48.41 -71.39 -41.47
N ARG K 192 -49.29 -72.36 -41.69
CA ARG K 192 -50.14 -72.33 -42.87
C ARG K 192 -51.06 -71.12 -42.88
N PHE K 193 -51.46 -70.64 -41.69
CA PHE K 193 -52.26 -69.42 -41.62
C PHE K 193 -51.44 -68.20 -42.04
N ALA K 194 -50.12 -68.22 -41.77
CA ALA K 194 -49.27 -67.11 -42.16
C ALA K 194 -48.94 -67.14 -43.66
N GLN K 195 -48.85 -68.34 -44.24
CA GLN K 195 -48.60 -68.44 -45.68
C GLN K 195 -49.85 -68.08 -46.47
N ARG K 196 -51.00 -68.61 -46.07
CA ARG K 196 -52.25 -68.35 -46.77
C ARG K 196 -52.67 -66.89 -46.70
N HIS K 197 -52.06 -66.09 -45.83
CA HIS K 197 -52.32 -64.66 -45.77
C HIS K 197 -51.07 -63.83 -46.04
N ASP K 198 -49.93 -64.46 -46.33
CA ASP K 198 -48.67 -63.76 -46.59
C ASP K 198 -48.29 -62.84 -45.44
N LEU K 199 -48.45 -63.32 -44.22
CA LEU K 199 -48.13 -62.57 -43.02
C LEU K 199 -46.67 -62.78 -42.64
N LEU K 200 -46.11 -61.80 -41.94
CA LEU K 200 -44.83 -61.95 -41.29
C LEU K 200 -45.04 -62.41 -39.85
N VAL K 201 -44.10 -63.21 -39.35
CA VAL K 201 -44.23 -63.83 -38.04
C VAL K 201 -43.14 -63.30 -37.12
N CYS K 202 -43.53 -62.97 -35.89
CA CYS K 202 -42.60 -62.61 -34.83
C CYS K 202 -42.89 -63.51 -33.63
N SER K 203 -41.97 -64.43 -33.36
CA SER K 203 -42.18 -65.44 -32.32
C SER K 203 -41.38 -65.07 -31.08
N ASP K 204 -42.08 -64.76 -29.99
CA ASP K 204 -41.45 -64.49 -28.70
C ASP K 204 -41.23 -65.82 -28.00
N GLU K 205 -39.98 -66.27 -27.95
CA GLU K 205 -39.63 -67.57 -27.40
C GLU K 205 -38.56 -67.43 -26.32
N ILE K 206 -38.81 -66.57 -25.34
CA ILE K 206 -37.89 -66.41 -24.22
C ILE K 206 -38.31 -67.22 -23.00
N HIS K 207 -39.45 -67.90 -23.07
CA HIS K 207 -39.85 -68.86 -22.04
C HIS K 207 -39.51 -70.29 -22.42
N CYS K 208 -38.77 -70.48 -23.52
CA CYS K 208 -38.55 -71.84 -24.05
C CYS K 208 -37.69 -72.68 -23.12
N ASP K 209 -36.66 -72.08 -22.53
CA ASP K 209 -35.77 -72.82 -21.65
C ASP K 209 -36.39 -73.13 -20.29
N LEU K 210 -37.66 -72.80 -20.06
CA LEU K 210 -38.30 -72.95 -18.76
C LEU K 210 -39.37 -74.05 -18.73
N VAL K 211 -39.51 -74.83 -19.80
CA VAL K 211 -40.56 -75.83 -19.86
C VAL K 211 -40.42 -76.80 -18.69
N LEU K 212 -41.51 -76.97 -17.94
CA LEU K 212 -41.52 -77.76 -16.72
C LEU K 212 -42.05 -79.17 -16.91
N GLU K 213 -43.06 -79.35 -17.76
CA GLU K 213 -43.66 -80.67 -17.92
C GLU K 213 -42.65 -81.66 -18.47
N PRO K 214 -42.57 -82.88 -17.92
CA PRO K 214 -41.60 -83.86 -18.41
C PRO K 214 -41.98 -84.38 -19.78
N GLY K 215 -40.95 -84.69 -20.57
CA GLY K 215 -41.15 -85.20 -21.91
C GLY K 215 -41.68 -84.20 -22.92
N VAL K 216 -41.85 -82.93 -22.53
CA VAL K 216 -42.34 -81.89 -23.42
C VAL K 216 -41.17 -81.06 -23.89
N GLN K 217 -41.03 -80.91 -25.21
CA GLN K 217 -39.95 -80.17 -25.82
C GLN K 217 -40.49 -78.93 -26.52
N HIS K 218 -39.67 -77.88 -26.55
CA HIS K 218 -40.02 -76.66 -27.25
C HIS K 218 -39.56 -76.75 -28.70
N ILE K 219 -40.41 -76.28 -29.62
CA ILE K 219 -40.12 -76.33 -31.04
C ILE K 219 -40.10 -74.91 -31.59
N PRO K 220 -38.93 -74.39 -31.97
CA PRO K 220 -38.88 -73.04 -32.54
C PRO K 220 -39.68 -72.95 -33.83
N PHE K 221 -40.38 -71.84 -33.99
CA PHE K 221 -41.25 -71.65 -35.16
C PHE K 221 -40.44 -71.67 -36.46
N ALA K 222 -39.23 -71.11 -36.44
CA ALA K 222 -38.42 -71.04 -37.64
C ALA K 222 -37.78 -72.38 -38.00
N SER K 223 -37.82 -73.36 -37.11
CA SER K 223 -37.25 -74.68 -37.40
C SER K 223 -38.21 -75.59 -38.15
N LEU K 224 -39.45 -75.15 -38.38
CA LEU K 224 -40.43 -76.00 -39.06
C LEU K 224 -40.04 -76.21 -40.53
N SER K 225 -39.71 -75.13 -41.23
CA SER K 225 -39.34 -75.22 -42.64
C SER K 225 -38.52 -74.00 -43.01
N ASP K 226 -37.90 -74.06 -44.19
CA ASP K 226 -37.14 -72.93 -44.70
C ASP K 226 -38.04 -71.72 -44.93
N ASP K 227 -39.26 -71.96 -45.43
CA ASP K 227 -40.21 -70.87 -45.60
C ASP K 227 -40.63 -70.28 -44.26
N ALA K 228 -40.72 -71.13 -43.22
CA ALA K 228 -41.02 -70.61 -41.89
C ALA K 228 -39.87 -69.77 -41.35
N ALA K 229 -38.62 -70.17 -41.65
CA ALA K 229 -37.47 -69.42 -41.18
C ALA K 229 -37.29 -68.13 -41.97
N GLN K 230 -37.56 -68.17 -43.28
CA GLN K 230 -37.39 -66.99 -44.12
C GLN K 230 -38.50 -65.96 -43.94
N ARG K 231 -39.53 -66.28 -43.15
CA ARG K 231 -40.65 -65.39 -42.92
C ARG K 231 -40.70 -64.82 -41.51
N SER K 232 -40.11 -65.51 -40.54
CA SER K 232 -40.27 -65.17 -39.13
C SER K 232 -39.05 -64.44 -38.58
N ILE K 233 -39.22 -63.91 -37.38
CA ILE K 233 -38.14 -63.40 -36.55
C ILE K 233 -38.33 -63.94 -35.14
N THR K 234 -37.30 -64.60 -34.61
CA THR K 234 -37.41 -65.29 -33.33
C THR K 234 -36.69 -64.47 -32.25
N LEU K 235 -37.40 -64.23 -31.15
CA LEU K 235 -36.86 -63.48 -30.01
C LEU K 235 -36.56 -64.45 -28.88
N MET K 236 -35.29 -64.49 -28.45
CA MET K 236 -34.86 -65.36 -27.38
C MET K 236 -33.97 -64.59 -26.42
N SER K 237 -33.92 -65.07 -25.18
CA SER K 237 -33.16 -64.41 -24.13
C SER K 237 -32.99 -65.32 -22.91
N PRO K 238 -31.84 -65.29 -22.25
CA PRO K 238 -31.70 -66.02 -20.99
C PRO K 238 -32.09 -65.16 -19.79
N SER K 239 -32.77 -64.04 -20.05
CA SER K 239 -33.09 -63.10 -18.98
C SER K 239 -34.09 -63.67 -17.99
N LYS K 240 -34.98 -64.55 -18.43
CA LYS K 240 -36.01 -65.10 -17.57
C LYS K 240 -35.61 -66.42 -16.94
N SER K 241 -35.09 -67.35 -17.74
CA SER K 241 -34.68 -68.64 -17.19
C SER K 241 -33.57 -68.49 -16.16
N PHE K 242 -32.67 -67.52 -16.35
CA PHE K 242 -31.57 -67.29 -15.45
C PHE K 242 -31.74 -66.06 -14.57
N ASN K 243 -32.88 -65.37 -14.68
CA ASN K 243 -33.23 -64.24 -13.81
C ASN K 243 -32.16 -63.15 -13.87
N ILE K 244 -31.97 -62.61 -15.08
CA ILE K 244 -31.01 -61.53 -15.29
C ILE K 244 -31.66 -60.46 -16.17
N ALA K 245 -32.98 -60.32 -16.07
CA ALA K 245 -33.68 -59.29 -16.82
C ALA K 245 -33.23 -57.89 -16.43
N GLY K 246 -32.71 -57.72 -15.22
CA GLY K 246 -32.13 -56.43 -14.85
C GLY K 246 -30.94 -56.07 -15.70
N LEU K 247 -30.25 -57.07 -16.25
CA LEU K 247 -29.20 -56.85 -17.23
C LEU K 247 -29.76 -56.82 -18.65
N GLY K 248 -30.61 -57.79 -18.99
CA GLY K 248 -31.41 -57.75 -20.19
C GLY K 248 -30.65 -57.80 -21.49
N ALA K 249 -29.94 -58.91 -21.73
CA ALA K 249 -29.29 -59.17 -23.01
C ALA K 249 -30.14 -60.18 -23.77
N SER K 250 -30.55 -59.81 -24.98
CA SER K 250 -31.40 -60.65 -25.82
C SER K 250 -30.83 -60.71 -27.22
N LEU K 251 -31.31 -61.67 -28.00
CA LEU K 251 -30.90 -61.81 -29.39
C LEU K 251 -32.12 -62.06 -30.26
N ALA K 252 -32.01 -61.67 -31.52
CA ALA K 252 -33.06 -61.90 -32.51
C ALA K 252 -32.45 -62.65 -33.68
N VAL K 253 -33.08 -63.74 -34.08
CA VAL K 253 -32.62 -64.59 -35.17
C VAL K 253 -33.48 -64.29 -36.39
N ILE K 254 -32.87 -63.70 -37.41
CA ILE K 254 -33.58 -63.32 -38.64
C ILE K 254 -32.88 -63.97 -39.83
N PRO K 255 -33.31 -65.15 -40.27
CA PRO K 255 -32.62 -65.80 -41.40
C PRO K 255 -32.80 -65.08 -42.73
N ASN K 256 -33.84 -64.26 -42.87
CA ASN K 256 -34.09 -63.59 -44.14
C ASN K 256 -33.26 -62.33 -44.25
N PRO K 257 -32.37 -62.21 -45.24
CA PRO K 257 -31.53 -61.01 -45.34
C PRO K 257 -32.31 -59.73 -45.58
N GLU K 258 -33.49 -59.82 -46.19
CA GLU K 258 -34.30 -58.62 -46.42
C GLU K 258 -34.93 -58.14 -45.12
N LEU K 259 -35.43 -59.05 -44.30
CA LEU K 259 -36.02 -58.66 -43.01
C LEU K 259 -34.96 -58.21 -42.03
N ARG K 260 -33.76 -58.79 -42.10
CA ARG K 260 -32.69 -58.38 -41.19
C ARG K 260 -32.19 -56.98 -41.50
N ALA K 261 -32.22 -56.58 -42.78
CA ALA K 261 -31.80 -55.23 -43.13
C ALA K 261 -32.82 -54.20 -42.67
N ARG K 262 -34.12 -54.49 -42.84
CA ARG K 262 -35.14 -53.58 -42.37
C ARG K 262 -35.18 -53.51 -40.86
N PHE K 263 -34.79 -54.58 -40.17
CA PHE K 263 -34.76 -54.57 -38.71
C PHE K 263 -33.65 -53.68 -38.19
N ASN K 264 -32.46 -53.73 -38.83
CA ASN K 264 -31.32 -52.98 -38.33
C ASN K 264 -31.47 -51.48 -38.58
N ARG K 265 -32.01 -51.11 -39.74
CA ARG K 265 -32.18 -49.68 -40.03
C ARG K 265 -33.21 -49.06 -39.10
N MET K 266 -34.27 -49.79 -38.76
CA MET K 266 -35.25 -49.30 -37.80
C MET K 266 -34.65 -49.22 -36.40
N ARG K 267 -33.63 -50.04 -36.12
CA ARG K 267 -33.04 -50.05 -34.79
C ARG K 267 -31.94 -48.99 -34.63
N LYS K 268 -31.20 -48.72 -35.69
CA LYS K 268 -29.99 -47.91 -35.59
C LYS K 268 -30.30 -46.52 -35.02
N GLY K 269 -29.50 -46.12 -34.05
CA GLY K 269 -29.67 -44.82 -33.39
C GLY K 269 -30.58 -44.83 -32.18
N MET K 270 -31.81 -45.32 -32.36
CA MET K 270 -32.78 -45.29 -31.25
C MET K 270 -32.44 -46.32 -30.18
N VAL K 271 -32.11 -47.54 -30.59
CA VAL K 271 -31.81 -48.63 -29.67
C VAL K 271 -30.30 -48.76 -29.54
N PRO K 272 -29.73 -48.64 -28.35
CA PRO K 272 -28.28 -48.68 -28.20
C PRO K 272 -27.76 -50.12 -28.19
N ASP K 273 -26.43 -50.24 -28.23
CA ASP K 273 -25.79 -51.54 -28.16
C ASP K 273 -25.94 -52.13 -26.76
N VAL K 274 -25.65 -53.42 -26.67
CA VAL K 274 -25.81 -54.15 -25.40
C VAL K 274 -24.66 -53.80 -24.47
N ASP K 275 -24.98 -53.66 -23.18
CA ASP K 275 -23.98 -53.36 -22.17
C ASP K 275 -22.93 -54.47 -22.10
N VAL K 276 -21.69 -54.07 -21.81
CA VAL K 276 -20.58 -55.04 -21.74
C VAL K 276 -20.79 -56.01 -20.59
N LEU K 277 -21.47 -55.59 -19.52
CA LEU K 277 -21.76 -56.50 -18.41
C LEU K 277 -22.95 -57.40 -18.71
N ALA K 278 -23.90 -56.94 -19.52
CA ALA K 278 -25.00 -57.79 -19.92
C ALA K 278 -24.54 -58.89 -20.86
N TYR K 279 -23.52 -58.62 -21.69
CA TYR K 279 -22.95 -59.65 -22.55
C TYR K 279 -22.29 -60.76 -21.74
N VAL K 280 -21.54 -60.39 -20.71
CA VAL K 280 -20.82 -61.38 -19.90
C VAL K 280 -21.80 -62.29 -19.19
N ALA K 281 -22.84 -61.72 -18.59
CA ALA K 281 -23.81 -62.53 -17.85
C ALA K 281 -24.60 -63.43 -18.78
N ALA K 282 -24.99 -62.93 -19.95
CA ALA K 282 -25.72 -63.76 -20.91
C ALA K 282 -24.83 -64.86 -21.48
N SER K 283 -23.56 -64.53 -21.74
CA SER K 283 -22.63 -65.53 -22.27
C SER K 283 -22.36 -66.63 -21.26
N ALA K 284 -22.12 -66.25 -20.00
CA ALA K 284 -21.84 -67.26 -18.98
C ALA K 284 -23.07 -68.10 -18.66
N ALA K 285 -24.27 -67.55 -18.89
CA ALA K 285 -25.50 -68.29 -18.58
C ALA K 285 -25.68 -69.49 -19.50
N TRP K 286 -25.56 -69.26 -20.82
CA TRP K 286 -25.78 -70.33 -21.77
C TRP K 286 -24.57 -71.23 -21.97
N ARG K 287 -23.40 -70.86 -21.46
CA ARG K 287 -22.21 -71.69 -21.57
C ARG K 287 -21.98 -72.57 -20.35
N GLU K 288 -22.39 -72.14 -19.16
CA GLU K 288 -22.08 -72.86 -17.94
C GLU K 288 -23.22 -72.89 -16.94
N GLY K 289 -24.43 -72.48 -17.31
CA GLY K 289 -25.49 -72.36 -16.34
C GLY K 289 -26.61 -73.38 -16.44
N GLN K 290 -26.45 -74.35 -17.33
CA GLN K 290 -27.50 -75.36 -17.51
C GLN K 290 -27.73 -76.22 -16.27
N PRO K 291 -26.72 -76.64 -15.50
CA PRO K 291 -27.02 -77.36 -14.25
C PRO K 291 -27.88 -76.56 -13.29
N TRP K 292 -27.63 -75.25 -13.18
CA TRP K 292 -28.45 -74.41 -12.30
C TRP K 292 -29.90 -74.37 -12.78
N LEU K 293 -30.10 -74.35 -14.11
CA LEU K 293 -31.46 -74.28 -14.65
C LEU K 293 -32.20 -75.60 -14.45
N ASP K 294 -31.52 -76.73 -14.69
CA ASP K 294 -32.16 -78.03 -14.47
C ASP K 294 -32.57 -78.20 -13.02
N ALA K 295 -31.76 -77.69 -12.09
CA ALA K 295 -32.14 -77.72 -10.67
C ALA K 295 -33.29 -76.77 -10.37
N GLN K 296 -33.38 -75.65 -11.11
CA GLN K 296 -34.47 -74.72 -10.89
C GLN K 296 -35.78 -75.26 -11.47
N LEU K 297 -35.72 -75.91 -12.63
CA LEU K 297 -36.93 -76.46 -13.23
C LEU K 297 -37.56 -77.51 -12.34
N ASP K 298 -36.74 -78.34 -11.69
CA ASP K 298 -37.28 -79.31 -10.74
C ASP K 298 -37.92 -78.62 -9.55
N TYR K 299 -37.30 -77.53 -9.07
CA TYR K 299 -37.87 -76.79 -7.95
C TYR K 299 -39.13 -76.04 -8.36
N LEU K 300 -39.18 -75.54 -9.60
CA LEU K 300 -40.36 -74.81 -10.06
C LEU K 300 -41.54 -75.73 -10.31
N ARG K 301 -41.29 -76.98 -10.73
CA ARG K 301 -42.38 -77.90 -10.96
C ARG K 301 -43.09 -78.26 -9.65
N ALA K 302 -42.32 -78.47 -8.58
CA ALA K 302 -42.92 -78.76 -7.28
C ALA K 302 -43.73 -77.58 -6.79
N ASN K 303 -43.22 -76.35 -6.98
CA ASN K 303 -44.01 -75.17 -6.64
C ASN K 303 -45.25 -75.07 -7.52
N ARG K 304 -45.14 -75.48 -8.79
CA ARG K 304 -46.28 -75.42 -9.69
C ARG K 304 -47.35 -76.42 -9.29
N ASP K 305 -46.96 -77.68 -9.06
CA ASP K 305 -47.93 -78.70 -8.66
C ASP K 305 -48.58 -78.34 -7.33
N MET K 306 -47.81 -77.74 -6.41
CA MET K 306 -48.36 -77.36 -5.12
C MET K 306 -49.42 -76.27 -5.29
N LEU K 307 -49.21 -75.34 -6.22
CA LEU K 307 -50.22 -74.33 -6.50
C LEU K 307 -51.40 -74.92 -7.25
N ALA K 308 -51.13 -75.78 -8.24
CA ALA K 308 -52.21 -76.38 -9.02
C ALA K 308 -53.08 -77.30 -8.16
N GLN K 309 -52.49 -77.95 -7.15
CA GLN K 309 -53.27 -78.79 -6.27
C GLN K 309 -54.15 -77.97 -5.34
N HIS K 310 -53.69 -76.77 -4.94
CA HIS K 310 -54.45 -75.97 -3.99
C HIS K 310 -55.63 -75.27 -4.65
N VAL K 311 -55.39 -74.61 -5.80
CA VAL K 311 -56.48 -73.96 -6.52
C VAL K 311 -57.51 -75.00 -6.98
N ASN K 312 -57.08 -76.24 -7.17
CA ASN K 312 -58.02 -77.32 -7.45
C ASN K 312 -59.00 -77.52 -6.30
N ARG K 313 -58.57 -77.26 -5.07
CA ARG K 313 -59.41 -77.46 -3.90
C ARG K 313 -60.22 -76.23 -3.51
N LEU K 314 -59.81 -75.04 -3.95
CA LEU K 314 -60.54 -73.82 -3.61
C LEU K 314 -61.78 -73.68 -4.49
N PRO K 315 -62.89 -73.16 -3.94
CA PRO K 315 -64.16 -73.16 -4.68
C PRO K 315 -64.16 -72.27 -5.90
N GLY K 316 -64.29 -70.95 -5.70
CA GLY K 316 -64.49 -70.03 -6.80
C GLY K 316 -63.25 -69.73 -7.63
N LEU K 317 -62.31 -70.66 -7.68
CA LEU K 317 -61.08 -70.48 -8.44
C LEU K 317 -60.79 -71.73 -9.25
N SER K 318 -60.16 -71.52 -10.42
CA SER K 318 -59.70 -72.61 -11.27
C SER K 318 -58.57 -72.09 -12.13
N MET K 319 -57.63 -72.97 -12.44
CA MET K 319 -56.50 -72.58 -13.28
C MET K 319 -55.96 -73.81 -13.99
N VAL K 320 -55.30 -73.56 -15.12
CA VAL K 320 -54.66 -74.61 -15.91
C VAL K 320 -53.23 -74.79 -15.40
N THR K 321 -52.85 -76.05 -15.17
CA THR K 321 -51.47 -76.36 -14.81
C THR K 321 -50.56 -75.98 -15.96
N PRO K 322 -49.72 -74.95 -15.81
CA PRO K 322 -48.92 -74.50 -16.95
C PRO K 322 -47.81 -75.48 -17.28
N GLU K 323 -47.52 -75.61 -18.57
CA GLU K 323 -46.40 -76.39 -19.05
C GLU K 323 -45.13 -75.56 -19.20
N ALA K 324 -45.23 -74.24 -19.01
CA ALA K 324 -44.20 -73.32 -19.46
C ALA K 324 -43.45 -72.79 -18.25
N SER K 325 -43.72 -71.57 -17.80
CA SER K 325 -42.81 -70.84 -16.91
C SER K 325 -43.25 -70.88 -15.45
N PHE K 326 -42.86 -69.85 -14.69
CA PHE K 326 -43.18 -69.73 -13.28
C PHE K 326 -44.40 -68.84 -13.03
N LEU K 327 -45.32 -68.78 -14.00
CA LEU K 327 -46.49 -67.92 -13.91
C LEU K 327 -47.75 -68.77 -14.06
N GLY K 328 -48.73 -68.52 -13.19
CA GLY K 328 -49.98 -69.26 -13.21
C GLY K 328 -51.19 -68.41 -13.54
N TRP K 329 -51.93 -68.80 -14.57
CA TRP K 329 -53.08 -68.05 -15.05
C TRP K 329 -54.32 -68.59 -14.34
N ILE K 330 -54.83 -67.83 -13.37
CA ILE K 330 -55.89 -68.28 -12.49
C ILE K 330 -57.19 -67.58 -12.87
N ASP K 331 -58.24 -68.37 -13.12
CA ASP K 331 -59.57 -67.84 -13.38
C ASP K 331 -60.25 -67.55 -12.05
N ALA K 332 -60.64 -66.29 -11.84
CA ALA K 332 -61.26 -65.86 -10.60
C ALA K 332 -62.68 -65.37 -10.82
N SER K 333 -63.36 -65.90 -11.83
CA SER K 333 -64.74 -65.50 -12.10
C SER K 333 -65.71 -66.03 -11.06
N GLY K 334 -65.37 -67.11 -10.36
CA GLY K 334 -66.27 -67.71 -9.40
C GLY K 334 -66.26 -67.03 -8.05
N LEU K 335 -65.74 -65.80 -7.98
CA LEU K 335 -65.71 -65.05 -6.73
C LEU K 335 -66.79 -63.97 -6.65
N GLY K 336 -67.35 -63.56 -7.78
CA GLY K 336 -68.37 -62.53 -7.76
C GLY K 336 -67.87 -61.13 -7.45
N VAL K 337 -66.57 -60.90 -7.50
CA VAL K 337 -66.01 -59.59 -7.22
C VAL K 337 -65.90 -58.81 -8.51
N ALA K 338 -65.71 -57.48 -8.36
CA ALA K 338 -65.55 -56.63 -9.54
C ALA K 338 -64.17 -56.77 -10.14
N ASP K 339 -63.13 -56.60 -9.33
CA ASP K 339 -61.74 -56.76 -9.76
C ASP K 339 -61.05 -57.73 -8.82
N PRO K 340 -60.80 -58.98 -9.24
CA PRO K 340 -60.15 -59.94 -8.34
C PRO K 340 -58.75 -59.53 -7.92
N ALA K 341 -58.06 -58.73 -8.73
CA ALA K 341 -56.71 -58.29 -8.37
C ALA K 341 -56.75 -57.43 -7.12
N LEU K 342 -57.66 -56.46 -7.06
CA LEU K 342 -57.78 -55.60 -5.88
C LEU K 342 -58.34 -56.37 -4.69
N PHE K 343 -59.22 -57.34 -4.94
CA PHE K 343 -59.74 -58.17 -3.85
C PHE K 343 -58.61 -58.95 -3.18
N PHE K 344 -57.84 -59.70 -3.97
CA PHE K 344 -56.71 -60.44 -3.40
C PHE K 344 -55.64 -59.51 -2.85
N GLU K 345 -55.52 -58.30 -3.41
CA GLU K 345 -54.53 -57.35 -2.93
C GLU K 345 -54.86 -56.88 -1.52
N LYS K 346 -56.14 -56.71 -1.21
CA LYS K 346 -56.55 -56.30 0.12
C LYS K 346 -56.53 -57.45 1.13
N HIS K 347 -56.15 -58.65 0.71
CA HIS K 347 -55.94 -59.78 1.61
C HIS K 347 -54.47 -60.18 1.70
N GLY K 348 -53.57 -59.27 1.33
CA GLY K 348 -52.14 -59.53 1.47
C GLY K 348 -51.50 -60.31 0.35
N LEU K 349 -52.09 -60.29 -0.85
CA LEU K 349 -51.56 -61.05 -1.99
C LEU K 349 -51.62 -60.18 -3.22
N GLY K 350 -50.46 -59.77 -3.73
CA GLY K 350 -50.40 -58.93 -4.90
C GLY K 350 -50.03 -59.68 -6.15
N PHE K 351 -51.01 -59.92 -7.02
CA PHE K 351 -50.79 -60.58 -8.30
C PHE K 351 -50.84 -59.57 -9.43
N SER K 352 -50.58 -60.05 -10.64
CA SER K 352 -50.74 -59.23 -11.83
C SER K 352 -52.20 -59.20 -12.24
N SER K 353 -52.76 -57.99 -12.36
CA SER K 353 -54.16 -57.85 -12.74
C SER K 353 -54.38 -58.39 -14.15
N GLY K 354 -55.38 -59.26 -14.29
CA GLY K 354 -55.72 -59.82 -15.58
C GLY K 354 -56.17 -58.79 -16.60
N ARG K 355 -56.60 -57.60 -16.13
CA ARG K 355 -56.97 -56.53 -17.05
C ARG K 355 -55.81 -56.11 -17.92
N ASP K 356 -54.59 -56.14 -17.38
CA ASP K 356 -53.41 -55.74 -18.15
C ASP K 356 -53.15 -56.67 -19.33
N PHE K 357 -53.63 -57.92 -19.27
CA PHE K 357 -53.42 -58.89 -20.33
C PHE K 357 -54.60 -58.99 -21.30
N GLY K 358 -55.78 -58.54 -20.90
CA GLY K 358 -56.92 -58.57 -21.80
C GLY K 358 -58.11 -59.35 -21.26
N ASN K 359 -58.12 -59.60 -19.94
CA ASN K 359 -59.22 -60.33 -19.31
C ASN K 359 -59.15 -60.04 -17.81
N ASP K 360 -59.90 -59.01 -17.39
CA ASP K 360 -59.87 -58.54 -16.00
C ASP K 360 -60.46 -59.54 -15.02
N ARG K 361 -60.87 -60.72 -15.48
CA ARG K 361 -61.46 -61.73 -14.60
C ARG K 361 -60.45 -62.77 -14.15
N PHE K 362 -59.16 -62.54 -14.42
CA PHE K 362 -58.10 -63.47 -14.07
C PHE K 362 -57.04 -62.77 -13.22
N VAL K 363 -56.20 -63.57 -12.59
CA VAL K 363 -55.02 -63.09 -11.88
C VAL K 363 -53.85 -64.01 -12.22
N ARG K 364 -52.66 -63.44 -12.32
CA ARG K 364 -51.46 -64.19 -12.66
C ARG K 364 -50.62 -64.41 -11.40
N PHE K 365 -50.46 -65.68 -11.01
CA PHE K 365 -49.71 -66.05 -9.82
C PHE K 365 -48.26 -66.33 -10.21
N ASN K 366 -47.33 -65.67 -9.53
CA ASN K 366 -45.90 -65.86 -9.77
C ASN K 366 -45.35 -66.76 -8.66
N PHE K 367 -45.16 -68.04 -8.97
CA PHE K 367 -44.60 -69.00 -8.03
C PHE K 367 -43.10 -69.19 -8.22
N GLY K 368 -42.41 -68.17 -8.71
CA GLY K 368 -40.97 -68.21 -8.81
C GLY K 368 -40.31 -67.71 -7.54
N CYS K 369 -40.54 -68.42 -6.44
CA CYS K 369 -40.06 -68.02 -5.12
C CYS K 369 -39.77 -69.28 -4.33
N PRO K 370 -39.00 -69.18 -3.25
CA PRO K 370 -38.78 -70.35 -2.39
C PRO K 370 -40.10 -70.88 -1.85
N ARG K 371 -40.14 -72.20 -1.65
CA ARG K 371 -41.38 -72.87 -1.26
C ARG K 371 -41.92 -72.36 0.06
N GLN K 372 -41.06 -71.80 0.92
CA GLN K 372 -41.55 -71.20 2.16
C GLN K 372 -42.46 -70.01 1.87
N LEU K 373 -42.06 -69.15 0.93
CA LEU K 373 -42.89 -68.00 0.58
C LEU K 373 -44.16 -68.43 -0.14
N LEU K 374 -44.11 -69.51 -0.92
CA LEU K 374 -45.31 -69.98 -1.60
C LEU K 374 -46.34 -70.50 -0.61
N GLU K 375 -45.89 -71.18 0.44
CA GLU K 375 -46.82 -71.68 1.45
C GLU K 375 -47.55 -70.53 2.14
N GLU K 376 -46.85 -69.42 2.37
CA GLU K 376 -47.49 -68.24 2.95
C GLU K 376 -48.59 -67.70 2.04
N ALA K 377 -48.32 -67.63 0.73
CA ALA K 377 -49.32 -67.12 -0.20
C ALA K 377 -50.52 -68.05 -0.29
N LEU K 378 -50.28 -69.36 -0.24
CA LEU K 378 -51.39 -70.31 -0.29
C LEU K 378 -52.24 -70.24 0.97
N GLN K 379 -51.60 -70.09 2.13
CA GLN K 379 -52.35 -69.94 3.37
C GLN K 379 -53.22 -68.68 3.34
N ARG K 380 -52.74 -67.62 2.70
CA ARG K 380 -53.56 -66.41 2.57
C ARG K 380 -54.69 -66.60 1.58
N MET K 381 -54.49 -67.46 0.57
CA MET K 381 -55.57 -67.73 -0.40
C MET K 381 -56.73 -68.45 0.28
N THR K 382 -56.43 -69.47 1.08
CA THR K 382 -57.49 -70.15 1.83
C THR K 382 -58.13 -69.21 2.84
N ARG K 383 -57.32 -68.35 3.47
CA ARG K 383 -57.85 -67.44 4.48
C ARG K 383 -58.75 -66.38 3.86
N ALA K 384 -58.51 -66.03 2.59
CA ALA K 384 -59.33 -65.03 1.93
C ALA K 384 -60.66 -65.58 1.43
N LEU K 385 -60.78 -66.90 1.27
CA LEU K 385 -61.99 -67.52 0.77
C LEU K 385 -62.82 -68.17 1.89
N THR K 386 -62.56 -67.80 3.14
CA THR K 386 -63.31 -68.34 4.27
C THR K 386 -63.86 -67.22 5.14
N ASN L 12 -4.78 -2.36 -78.92
CA ASN L 12 -5.00 -3.34 -79.98
C ASN L 12 -4.09 -4.56 -79.83
N PHE L 13 -3.01 -4.40 -79.05
CA PHE L 13 -2.03 -5.47 -78.88
C PHE L 13 -1.89 -5.88 -77.42
N ASP L 14 -1.32 -5.03 -76.57
CA ASP L 14 -1.13 -5.29 -75.14
C ASP L 14 -0.14 -6.42 -74.88
N GLN L 15 0.26 -7.15 -75.93
CA GLN L 15 1.30 -8.16 -75.80
C GLN L 15 2.68 -7.62 -76.14
N ARG L 16 2.78 -6.34 -76.51
CA ARG L 16 4.05 -5.76 -76.92
C ARG L 16 4.98 -5.62 -75.72
N ILE L 17 6.16 -6.24 -75.81
CA ILE L 17 7.17 -6.13 -74.76
C ILE L 17 7.84 -4.77 -74.87
N ASP L 18 7.74 -3.98 -73.80
CA ASP L 18 8.43 -2.70 -73.70
C ASP L 18 9.49 -2.81 -72.62
N ARG L 19 10.66 -2.20 -72.87
CA ARG L 19 11.85 -2.45 -72.08
C ARG L 19 12.38 -1.18 -71.44
N ARG L 20 12.67 -1.27 -70.15
CA ARG L 20 13.51 -0.30 -69.45
C ARG L 20 14.90 -0.93 -69.32
N HIS L 21 15.96 -0.12 -69.33
CA HIS L 21 16.07 1.31 -69.00
C HIS L 21 15.13 2.36 -69.58
N SER L 22 14.28 2.89 -68.68
CA SER L 22 13.58 4.14 -68.88
C SER L 22 13.81 4.99 -67.64
N ASP L 23 12.74 5.50 -67.04
CA ASP L 23 12.81 6.13 -65.72
C ASP L 23 11.95 5.41 -64.70
N SER L 24 11.53 4.19 -65.00
CA SER L 24 10.56 3.49 -64.17
C SER L 24 11.20 2.98 -62.88
N LEU L 25 10.56 3.28 -61.75
CA LEU L 25 10.96 2.67 -60.49
C LEU L 25 10.73 1.17 -60.48
N LYS L 26 9.81 0.70 -61.32
CA LYS L 26 9.47 -0.73 -61.34
C LYS L 26 10.67 -1.56 -61.77
N TRP L 27 11.35 -1.15 -62.83
CA TRP L 27 12.43 -1.94 -63.43
C TRP L 27 13.82 -1.44 -63.04
N LYS L 28 13.92 -0.47 -62.14
CA LYS L 28 15.22 -0.02 -61.65
C LYS L 28 15.51 -0.44 -60.22
N LYS L 29 14.55 -1.04 -59.52
CA LYS L 29 14.84 -1.64 -58.22
C LYS L 29 15.56 -2.98 -58.38
N TYR L 30 15.15 -3.78 -59.35
CA TYR L 30 15.81 -5.05 -59.66
C TYR L 30 16.65 -4.94 -60.93
N ALA L 31 17.52 -3.93 -60.98
CA ALA L 31 18.42 -3.74 -62.10
C ALA L 31 19.73 -4.46 -61.85
N ASP L 32 20.40 -4.84 -62.95
CA ASP L 32 21.62 -5.64 -62.90
C ASP L 32 21.42 -6.91 -62.09
N ARG L 33 20.21 -7.47 -62.17
CA ARG L 33 19.84 -8.62 -61.35
C ARG L 33 18.57 -9.26 -61.91
N ASP L 34 18.67 -10.50 -62.37
CA ASP L 34 17.54 -11.18 -63.02
C ASP L 34 16.49 -11.52 -61.97
N ILE L 35 15.65 -10.53 -61.67
CA ILE L 35 14.50 -10.69 -60.79
C ILE L 35 13.32 -9.99 -61.44
N LEU L 36 12.28 -10.74 -61.77
CA LEU L 36 11.13 -10.18 -62.47
C LEU L 36 10.42 -9.17 -61.59
N PRO L 37 10.36 -7.89 -61.99
CA PRO L 37 9.65 -6.90 -61.17
C PRO L 37 8.14 -6.98 -61.33
N LEU L 38 7.48 -7.58 -60.33
CA LEU L 38 6.03 -7.70 -60.27
C LEU L 38 5.52 -7.17 -58.95
N TRP L 39 5.99 -5.97 -58.57
CA TRP L 39 5.76 -5.45 -57.23
C TRP L 39 4.95 -4.16 -57.26
N ILE L 40 5.49 -3.06 -57.78
CA ILE L 40 4.79 -1.78 -57.71
C ILE L 40 3.56 -1.82 -58.62
N ALA L 41 2.54 -1.07 -58.23
CA ALA L 41 1.21 -1.19 -58.84
C ALA L 41 1.10 -0.26 -60.05
N ASP L 42 1.67 -0.72 -61.16
CA ASP L 42 1.44 -0.11 -62.46
C ASP L 42 1.72 -1.16 -63.53
N THR L 43 1.22 -0.91 -64.73
CA THR L 43 1.34 -1.86 -65.82
C THR L 43 2.49 -1.47 -66.75
N ASP L 44 2.90 -2.43 -67.59
CA ASP L 44 3.93 -2.23 -68.59
C ASP L 44 3.32 -1.95 -69.97
N PHE L 45 2.17 -1.31 -70.01
CA PHE L 45 1.44 -1.08 -71.25
C PHE L 45 1.65 0.34 -71.75
N ARG L 46 1.82 0.47 -73.06
CA ARG L 46 1.84 1.79 -73.68
C ARG L 46 0.45 2.41 -73.60
N ALA L 47 0.39 3.68 -73.21
CA ALA L 47 -0.88 4.36 -73.04
C ALA L 47 -1.63 4.45 -74.37
N ALA L 48 -2.92 4.76 -74.28
CA ALA L 48 -3.74 4.91 -75.47
C ALA L 48 -3.20 6.03 -76.36
N ASP L 49 -3.40 5.88 -77.66
CA ASP L 49 -2.86 6.86 -78.62
C ASP L 49 -3.47 8.24 -78.40
N CYS L 50 -4.73 8.30 -77.95
CA CYS L 50 -5.35 9.59 -77.69
C CYS L 50 -4.68 10.32 -76.54
N ILE L 51 -4.19 9.58 -75.53
CA ILE L 51 -3.45 10.21 -74.44
C ILE L 51 -2.13 10.76 -74.93
N ILE L 52 -1.41 9.98 -75.73
CA ILE L 52 -0.09 10.40 -76.22
C ILE L 52 -0.22 11.60 -77.14
N ASP L 53 -1.15 11.53 -78.11
CA ASP L 53 -1.28 12.63 -79.07
C ASP L 53 -1.83 13.89 -78.42
N ALA L 54 -2.65 13.75 -77.38
CA ALA L 54 -3.09 14.93 -76.63
C ALA L 54 -1.92 15.60 -75.94
N LEU L 55 -0.96 14.81 -75.44
CA LEU L 55 0.26 15.37 -74.88
C LEU L 55 1.12 16.02 -75.96
N GLN L 56 1.25 15.36 -77.11
CA GLN L 56 2.06 15.92 -78.19
C GLN L 56 1.46 17.19 -78.75
N GLN L 57 0.13 17.30 -78.74
CA GLN L 57 -0.51 18.56 -79.14
C GLN L 57 -0.21 19.67 -78.15
N ARG L 58 -0.20 19.33 -76.85
CA ARG L 58 0.05 20.33 -75.82
C ARG L 58 1.52 20.74 -75.75
N VAL L 59 2.43 19.81 -76.06
CA VAL L 59 3.85 20.15 -76.02
C VAL L 59 4.21 21.08 -77.17
N GLN L 60 3.62 20.86 -78.35
CA GLN L 60 3.89 21.74 -79.48
C GLN L 60 3.48 23.17 -79.19
N GLN L 61 2.42 23.38 -78.42
CA GLN L 61 2.14 24.70 -77.85
C GLN L 61 3.26 25.02 -76.89
N GLY L 62 4.23 25.82 -77.35
CA GLY L 62 5.50 25.97 -76.65
C GLY L 62 5.40 26.56 -75.26
N VAL L 63 4.32 27.26 -74.96
CA VAL L 63 4.20 27.92 -73.66
C VAL L 63 3.84 26.88 -72.60
N PHE L 64 4.53 26.95 -71.46
CA PHE L 64 4.27 26.07 -70.32
C PHE L 64 4.17 26.88 -69.03
N GLY L 65 3.58 28.06 -69.11
CA GLY L 65 3.42 28.91 -67.94
C GLY L 65 2.38 28.38 -66.98
N TYR L 66 1.90 29.25 -66.08
CA TYR L 66 0.90 28.83 -65.11
C TYR L 66 -0.42 28.53 -65.80
N GLY L 67 -0.97 27.35 -65.54
CA GLY L 67 -2.23 26.95 -66.10
C GLY L 67 -3.37 27.01 -65.09
N VAL L 68 -4.59 26.88 -65.61
CA VAL L 68 -5.79 26.82 -64.79
C VAL L 68 -6.28 25.37 -64.76
N THR L 69 -7.18 25.10 -63.83
CA THR L 69 -7.79 23.77 -63.75
C THR L 69 -8.66 23.55 -64.99
N SER L 70 -8.44 22.43 -65.67
CA SER L 70 -9.14 22.16 -66.92
C SER L 70 -10.62 21.92 -66.67
N GLU L 71 -11.48 22.73 -67.29
CA GLU L 71 -12.91 22.49 -67.25
C GLU L 71 -13.32 21.27 -68.06
N ALA L 72 -12.42 20.74 -68.89
CA ALA L 72 -12.72 19.53 -69.64
C ALA L 72 -12.65 18.30 -68.76
N LEU L 73 -11.67 18.23 -67.85
CA LEU L 73 -11.57 17.09 -66.95
C LEU L 73 -12.70 17.09 -65.94
N ALA L 74 -13.17 18.26 -65.52
CA ALA L 74 -14.27 18.32 -64.55
C ALA L 74 -15.56 17.78 -65.15
N GLU L 75 -15.90 18.22 -66.37
CA GLU L 75 -17.16 17.79 -66.96
C GLU L 75 -17.09 16.35 -67.47
N VAL L 76 -15.89 15.87 -67.83
CA VAL L 76 -15.77 14.47 -68.24
C VAL L 76 -15.72 13.54 -67.03
N ALA L 77 -15.31 14.04 -65.86
CA ALA L 77 -15.40 13.23 -64.65
C ALA L 77 -16.83 13.17 -64.14
N ILE L 78 -17.56 14.29 -64.21
CA ILE L 78 -18.98 14.29 -63.85
C ILE L 78 -19.76 13.39 -64.79
N GLU L 79 -19.46 13.44 -66.09
CA GLU L 79 -20.12 12.57 -67.05
C GLU L 79 -19.82 11.10 -66.76
N ARG L 80 -18.58 10.80 -66.36
CA ARG L 80 -18.21 9.40 -66.13
C ARG L 80 -18.88 8.85 -64.88
N MET L 81 -18.96 9.65 -63.81
CA MET L 81 -19.62 9.19 -62.59
C MET L 81 -21.12 9.00 -62.81
N GLU L 82 -21.70 9.74 -63.76
CA GLU L 82 -23.12 9.59 -64.04
C GLU L 82 -23.39 8.46 -65.03
N SER L 83 -22.48 8.24 -65.98
CA SER L 83 -22.69 7.20 -66.98
C SER L 83 -22.29 5.83 -66.46
N ARG L 84 -21.05 5.70 -65.95
CA ARG L 84 -20.54 4.39 -65.58
C ARG L 84 -21.09 3.91 -64.25
N PHE L 85 -21.21 4.80 -63.25
CA PHE L 85 -21.57 4.39 -61.90
C PHE L 85 -22.89 4.97 -61.41
N GLY L 86 -23.53 5.86 -62.17
CA GLY L 86 -24.81 6.42 -61.77
C GLY L 86 -24.73 7.32 -60.56
N TRP L 87 -23.81 8.30 -60.61
CA TRP L 87 -23.60 9.23 -59.51
C TRP L 87 -23.60 10.64 -60.08
N LYS L 88 -24.61 11.43 -59.72
CA LYS L 88 -24.69 12.83 -60.15
C LYS L 88 -23.69 13.65 -59.35
N ILE L 89 -22.73 14.26 -60.05
CA ILE L 89 -21.67 15.05 -59.42
C ILE L 89 -21.90 16.52 -59.77
N GLN L 90 -21.78 17.39 -58.75
CA GLN L 90 -21.83 18.82 -58.99
C GLN L 90 -20.42 19.38 -59.20
N PRO L 91 -20.28 20.41 -60.04
CA PRO L 91 -18.93 20.89 -60.36
C PRO L 91 -18.14 21.39 -59.17
N GLU L 92 -18.81 22.06 -58.22
CA GLU L 92 -18.11 22.61 -57.06
C GLU L 92 -17.60 21.53 -56.13
N TRP L 93 -18.01 20.27 -56.30
CA TRP L 93 -17.55 19.19 -55.43
C TRP L 93 -16.13 18.74 -55.73
N LEU L 94 -15.64 18.98 -56.94
CA LEU L 94 -14.37 18.41 -57.38
C LEU L 94 -13.20 19.24 -56.86
N VAL L 95 -12.15 18.55 -56.42
CA VAL L 95 -10.91 19.17 -55.96
C VAL L 95 -9.76 18.37 -56.57
N PHE L 96 -9.10 18.95 -57.57
CA PHE L 96 -8.02 18.24 -58.27
C PHE L 96 -6.73 18.28 -57.46
N LEU L 97 -6.07 17.13 -57.39
CA LEU L 97 -4.86 16.95 -56.60
C LEU L 97 -3.78 16.28 -57.44
N PRO L 98 -2.51 16.52 -57.13
CA PRO L 98 -1.41 15.85 -57.85
C PRO L 98 -1.14 14.46 -57.29
N GLY L 99 -2.12 13.58 -57.44
CA GLY L 99 -2.04 12.21 -56.96
C GLY L 99 -3.13 11.90 -55.94
N VAL L 100 -3.15 10.64 -55.54
CA VAL L 100 -4.14 10.15 -54.57
C VAL L 100 -3.52 10.03 -53.19
N VAL L 101 -2.23 9.65 -53.12
CA VAL L 101 -1.56 9.53 -51.83
C VAL L 101 -1.64 10.82 -51.06
N THR L 102 -1.57 11.96 -51.75
CA THR L 102 -1.72 13.24 -51.07
C THR L 102 -3.13 13.41 -50.52
N GLY L 103 -4.15 12.87 -51.20
CA GLY L 103 -5.52 13.04 -50.75
C GLY L 103 -5.80 12.36 -49.43
N ILE L 104 -5.18 11.20 -49.20
CA ILE L 104 -5.39 10.50 -47.93
C ILE L 104 -4.74 11.26 -46.78
N ASN L 105 -3.52 11.76 -46.99
CA ASN L 105 -2.83 12.47 -45.92
C ASN L 105 -3.54 13.76 -45.56
N ILE L 106 -4.10 14.46 -46.55
CA ILE L 106 -4.85 15.68 -46.25
C ILE L 106 -6.15 15.35 -45.52
N ALA L 107 -6.80 14.25 -45.89
CA ALA L 107 -8.05 13.87 -45.24
C ALA L 107 -7.82 13.39 -43.81
N VAL L 108 -6.65 12.81 -43.53
CA VAL L 108 -6.36 12.35 -42.17
C VAL L 108 -6.10 13.52 -41.25
N ARG L 109 -5.40 14.54 -41.74
CA ARG L 109 -5.00 15.67 -40.90
C ARG L 109 -6.08 16.73 -40.79
N ALA L 110 -7.01 16.82 -41.74
CA ALA L 110 -8.02 17.85 -41.74
C ALA L 110 -9.36 17.42 -41.16
N PHE L 111 -9.62 16.11 -41.11
CA PHE L 111 -10.90 15.60 -40.64
C PHE L 111 -10.80 14.92 -39.27
N THR L 112 -9.62 14.85 -38.68
CA THR L 112 -9.45 14.27 -37.35
C THR L 112 -8.61 15.20 -36.50
N GLU L 113 -9.04 15.43 -35.26
CA GLU L 113 -8.26 16.18 -34.30
C GLU L 113 -7.05 15.35 -33.85
N ALA L 114 -6.20 15.95 -33.03
CA ALA L 114 -5.00 15.25 -32.56
C ALA L 114 -5.34 14.12 -31.59
N HIS L 115 -6.49 14.18 -30.92
CA HIS L 115 -6.87 13.16 -29.96
C HIS L 115 -7.75 12.07 -30.55
N GLN L 116 -8.19 12.22 -31.80
CA GLN L 116 -9.08 11.26 -32.42
C GLN L 116 -8.28 10.16 -33.12
N SER L 117 -8.98 9.26 -33.79
CA SER L 117 -8.35 8.09 -34.39
C SER L 117 -9.06 7.73 -35.69
N THR L 118 -8.35 7.00 -36.54
CA THR L 118 -8.88 6.50 -37.80
C THR L 118 -9.17 5.01 -37.68
N VAL L 119 -9.88 4.48 -38.68
CA VAL L 119 -10.24 3.07 -38.72
C VAL L 119 -10.31 2.62 -40.16
N SER L 120 -9.63 1.51 -40.46
CA SER L 120 -9.63 0.94 -41.80
C SER L 120 -9.51 -0.58 -41.66
N ALA L 121 -9.18 -1.25 -42.77
CA ALA L 121 -9.01 -2.69 -42.77
C ALA L 121 -7.53 -3.06 -42.82
N THR L 122 -7.26 -4.35 -42.66
CA THR L 122 -5.91 -4.88 -42.77
C THR L 122 -5.99 -6.30 -43.30
N PRO L 123 -5.15 -6.69 -44.27
CA PRO L 123 -4.14 -5.84 -44.92
C PRO L 123 -4.76 -4.80 -45.86
N ILE L 124 -4.02 -3.73 -46.15
CA ILE L 124 -4.56 -2.63 -46.96
C ILE L 124 -3.40 -1.88 -47.59
N TYR L 125 -3.72 -0.94 -48.48
CA TYR L 125 -2.73 -0.06 -49.06
C TYR L 125 -1.90 0.60 -47.96
N PRO L 126 -0.58 0.50 -48.00
CA PRO L 126 0.25 0.89 -46.85
C PRO L 126 -0.01 2.31 -46.36
N PRO L 127 -0.16 3.31 -47.24
CA PRO L 127 -0.42 4.67 -46.74
C PRO L 127 -1.67 4.79 -45.88
N PHE L 128 -2.59 3.82 -45.92
CA PHE L 128 -3.80 3.93 -45.12
C PHE L 128 -3.52 3.85 -43.62
N PHE L 129 -2.41 3.25 -43.22
CA PHE L 129 -1.99 3.29 -41.82
C PHE L 129 -0.68 4.05 -41.61
N LEU L 130 0.09 4.32 -42.66
CA LEU L 130 1.28 5.14 -42.52
C LEU L 130 0.96 6.63 -42.46
N ALA L 131 -0.12 7.06 -43.10
CA ALA L 131 -0.52 8.48 -43.08
C ALA L 131 -1.04 8.86 -41.71
N PRO L 132 -1.91 8.05 -41.07
CA PRO L 132 -2.26 8.34 -39.67
C PRO L 132 -1.09 8.18 -38.72
N LYS L 133 -0.09 7.37 -39.07
CA LYS L 133 1.09 7.23 -38.21
C LYS L 133 1.91 8.51 -38.21
N LEU L 134 2.13 9.11 -39.38
CA LEU L 134 2.90 10.35 -39.46
C LEU L 134 2.10 11.55 -38.99
N ALA L 135 0.78 11.53 -39.12
CA ALA L 135 -0.07 12.67 -38.78
C ALA L 135 -0.36 12.77 -37.29
N GLY L 136 0.38 12.04 -36.45
CA GLY L 136 0.13 12.10 -35.02
C GLY L 136 -1.14 11.43 -34.57
N ARG L 137 -1.74 10.58 -35.41
CA ARG L 137 -2.95 9.87 -35.08
C ARG L 137 -2.63 8.42 -34.69
N GLN L 138 -3.65 7.73 -34.20
CA GLN L 138 -3.58 6.30 -33.95
C GLN L 138 -4.64 5.61 -34.80
N HIS L 139 -4.39 4.33 -35.10
CA HIS L 139 -5.20 3.60 -36.07
C HIS L 139 -5.78 2.34 -35.44
N LEU L 140 -7.03 2.03 -35.79
CA LEU L 140 -7.69 0.81 -35.39
C LEU L 140 -8.04 0.03 -36.66
N SER L 141 -7.22 -0.96 -37.00
CA SER L 141 -7.39 -1.73 -38.22
C SER L 141 -8.17 -3.00 -37.94
N ALA L 142 -9.07 -3.36 -38.86
CA ALA L 142 -9.89 -4.56 -38.76
C ALA L 142 -9.41 -5.60 -39.75
N ALA L 143 -9.19 -6.82 -39.28
CA ALA L 143 -8.66 -7.87 -40.13
C ALA L 143 -9.69 -8.34 -41.15
N LEU L 144 -9.22 -8.61 -42.36
CA LEU L 144 -10.09 -9.16 -43.39
C LEU L 144 -10.35 -10.64 -43.13
N ARG L 145 -11.46 -11.13 -43.68
CA ARG L 145 -11.87 -12.52 -43.49
C ARG L 145 -12.16 -13.15 -44.85
N LEU L 146 -12.04 -14.47 -44.90
CA LEU L 146 -12.23 -15.24 -46.12
C LEU L 146 -13.61 -15.88 -46.09
N GLU L 147 -14.59 -15.23 -46.72
CA GLU L 147 -15.95 -15.73 -46.81
C GLU L 147 -16.27 -16.01 -48.27
N GLN L 148 -16.39 -17.29 -48.61
CA GLN L 148 -16.78 -17.72 -49.95
C GLN L 148 -15.89 -17.11 -51.03
N GLN L 149 -14.70 -17.68 -51.20
CA GLN L 149 -13.75 -17.34 -52.27
C GLN L 149 -13.49 -15.84 -52.39
N ARG L 150 -13.79 -15.05 -51.35
CA ARG L 150 -13.60 -13.62 -51.38
C ARG L 150 -13.13 -13.12 -50.02
N TRP L 151 -12.34 -12.04 -50.03
CA TRP L 151 -11.89 -11.38 -48.82
C TRP L 151 -12.93 -10.32 -48.43
N VAL L 152 -13.68 -10.59 -47.38
CA VAL L 152 -14.78 -9.73 -46.96
C VAL L 152 -14.35 -8.91 -45.76
N LEU L 153 -15.14 -7.88 -45.45
CA LEU L 153 -14.84 -7.00 -44.33
C LEU L 153 -16.16 -6.49 -43.74
N ASP L 154 -16.35 -6.75 -42.44
CA ASP L 154 -17.45 -6.15 -41.69
C ASP L 154 -16.91 -5.71 -40.34
N LEU L 155 -17.03 -4.43 -40.04
CA LEU L 155 -16.45 -3.86 -38.84
C LEU L 155 -17.37 -3.94 -37.63
N ASP L 156 -18.64 -4.34 -37.81
CA ASP L 156 -19.53 -4.54 -36.67
C ASP L 156 -19.04 -5.65 -35.75
N SER L 157 -18.23 -6.58 -36.27
CA SER L 157 -17.59 -7.59 -35.45
C SER L 157 -16.39 -7.05 -34.67
N HIS L 158 -16.05 -5.78 -34.85
CA HIS L 158 -14.91 -5.18 -34.18
C HIS L 158 -15.27 -4.03 -33.26
N GLU L 159 -16.55 -3.89 -32.91
CA GLU L 159 -16.94 -2.88 -31.92
C GLU L 159 -16.37 -3.19 -30.54
N ASP L 160 -15.86 -4.41 -30.34
CA ASP L 160 -15.11 -4.76 -29.13
C ASP L 160 -13.95 -3.79 -28.97
N ARG L 161 -12.96 -3.89 -29.86
CA ARG L 161 -11.83 -2.96 -29.83
C ARG L 161 -12.28 -1.58 -30.26
N MET L 162 -12.08 -0.58 -29.40
CA MET L 162 -12.39 0.80 -29.74
C MET L 162 -11.41 1.71 -29.03
N SER L 163 -11.12 2.85 -29.68
CA SER L 163 -10.29 3.89 -29.08
C SER L 163 -11.10 4.97 -28.40
N GLY L 164 -12.44 4.88 -28.46
CA GLY L 164 -13.32 5.85 -27.84
C GLY L 164 -13.47 7.16 -28.59
N ASN L 165 -12.58 7.47 -29.53
CA ASN L 165 -12.63 8.73 -30.26
C ASN L 165 -12.33 8.50 -31.73
N GLU L 166 -12.83 7.41 -32.30
CA GLU L 166 -12.71 7.20 -33.73
C GLU L 166 -13.50 8.26 -34.49
N LYS L 167 -13.01 8.62 -35.68
CA LYS L 167 -13.63 9.70 -36.43
C LYS L 167 -13.60 9.47 -37.93
N LEU L 168 -12.49 8.95 -38.45
CA LEU L 168 -12.29 8.80 -39.89
C LEU L 168 -12.30 7.33 -40.26
N LEU L 169 -13.22 6.95 -41.14
CA LEU L 169 -13.31 5.59 -41.67
C LEU L 169 -12.65 5.57 -43.05
N LEU L 170 -11.52 4.88 -43.16
CA LEU L 170 -10.76 4.83 -44.41
C LEU L 170 -11.19 3.58 -45.18
N LEU L 171 -12.01 3.78 -46.22
CA LEU L 171 -12.50 2.69 -47.05
C LEU L 171 -11.70 2.59 -48.33
N CYS L 172 -11.68 1.39 -48.91
CA CYS L 172 -10.93 1.12 -50.14
C CYS L 172 -11.76 0.16 -50.99
N ASN L 173 -12.40 0.70 -52.03
CA ASN L 173 -13.24 -0.09 -52.93
C ASN L 173 -13.03 0.33 -54.37
N PRO L 174 -12.49 -0.55 -55.24
CA PRO L 174 -12.06 -1.92 -54.97
C PRO L 174 -10.86 -1.99 -54.04
N HIS L 175 -10.68 -3.14 -53.39
CA HIS L 175 -9.71 -3.26 -52.32
C HIS L 175 -8.32 -3.60 -52.85
N ASN L 176 -7.32 -2.93 -52.28
CA ASN L 176 -5.92 -3.20 -52.60
C ASN L 176 -5.18 -3.37 -51.28
N PRO L 177 -4.56 -4.53 -51.01
CA PRO L 177 -4.51 -5.68 -51.92
C PRO L 177 -5.74 -6.58 -51.82
N GLY L 178 -5.88 -7.50 -52.76
CA GLY L 178 -7.02 -8.40 -52.77
C GLY L 178 -7.85 -8.31 -54.02
N GLY L 179 -8.35 -7.11 -54.32
CA GLY L 179 -9.20 -6.91 -55.47
C GLY L 179 -10.68 -7.11 -55.23
N THR L 180 -11.14 -6.98 -53.99
CA THR L 180 -12.53 -7.22 -53.66
C THR L 180 -13.40 -6.06 -54.13
N VAL L 181 -14.41 -6.37 -54.92
CA VAL L 181 -15.41 -5.39 -55.35
C VAL L 181 -16.60 -5.53 -54.41
N TYR L 182 -16.70 -4.63 -53.44
CA TYR L 182 -17.78 -4.69 -52.47
C TYR L 182 -19.12 -4.47 -53.15
N ARG L 183 -20.08 -5.35 -52.87
CA ARG L 183 -21.39 -5.26 -53.48
C ARG L 183 -22.22 -4.17 -52.79
N ARG L 184 -23.49 -4.06 -53.19
CA ARG L 184 -24.37 -3.02 -52.67
C ARG L 184 -24.55 -3.17 -51.16
N LYS L 185 -25.10 -4.31 -50.73
CA LYS L 185 -25.44 -4.50 -49.33
C LYS L 185 -24.21 -4.50 -48.43
N GLU L 186 -23.02 -4.77 -48.97
CA GLU L 186 -21.81 -4.69 -48.17
C GLU L 186 -21.40 -3.24 -47.92
N LEU L 187 -21.60 -2.37 -48.92
CA LEU L 187 -21.30 -0.96 -48.73
C LEU L 187 -22.30 -0.29 -47.79
N GLU L 188 -23.56 -0.72 -47.83
CA GLU L 188 -24.55 -0.16 -46.92
C GLU L 188 -24.29 -0.58 -45.48
N ALA L 189 -23.71 -1.77 -45.28
CA ALA L 189 -23.34 -2.19 -43.94
C ALA L 189 -22.19 -1.35 -43.40
N GLN L 190 -21.24 -0.99 -44.26
CA GLN L 190 -20.17 -0.10 -43.85
C GLN L 190 -20.68 1.32 -43.63
N LEU L 191 -21.72 1.72 -44.36
CA LEU L 191 -22.31 3.04 -44.16
C LEU L 191 -23.01 3.13 -42.80
N ARG L 192 -23.78 2.10 -42.45
CA ARG L 192 -24.45 2.10 -41.14
C ARG L 192 -23.44 2.10 -40.00
N PHE L 193 -22.27 1.51 -40.22
CA PHE L 193 -21.23 1.54 -39.18
C PHE L 193 -20.73 2.96 -38.95
N ALA L 194 -20.56 3.75 -40.02
CA ALA L 194 -20.15 5.14 -39.87
C ALA L 194 -21.24 6.00 -39.25
N GLN L 195 -22.51 5.59 -39.39
CA GLN L 195 -23.61 6.35 -38.81
C GLN L 195 -23.83 6.04 -37.34
N ARG L 196 -23.32 4.91 -36.85
CA ARG L 196 -23.43 4.57 -35.44
C ARG L 196 -22.38 5.26 -34.58
N HIS L 197 -21.35 5.85 -35.19
CA HIS L 197 -20.32 6.57 -34.45
C HIS L 197 -20.02 7.94 -35.06
N ASP L 198 -20.81 8.38 -36.04
CA ASP L 198 -20.58 9.62 -36.76
C ASP L 198 -19.16 9.65 -37.32
N LEU L 199 -18.85 8.64 -38.12
CA LEU L 199 -17.51 8.48 -38.68
C LEU L 199 -17.47 9.10 -40.07
N LEU L 200 -16.52 10.00 -40.28
CA LEU L 200 -16.25 10.52 -41.61
C LEU L 200 -15.55 9.44 -42.44
N VAL L 201 -15.83 9.44 -43.74
CA VAL L 201 -15.38 8.37 -44.62
C VAL L 201 -14.46 8.94 -45.68
N CYS L 202 -13.35 8.24 -45.93
CA CYS L 202 -12.45 8.53 -47.04
C CYS L 202 -12.34 7.26 -47.87
N SER L 203 -12.89 7.29 -49.08
CA SER L 203 -13.00 6.12 -49.94
C SER L 203 -12.03 6.25 -51.11
N ASP L 204 -11.01 5.39 -51.13
CA ASP L 204 -10.10 5.32 -52.26
C ASP L 204 -10.73 4.42 -53.33
N GLU L 205 -11.22 5.04 -54.40
CA GLU L 205 -11.86 4.29 -55.47
C GLU L 205 -11.09 4.46 -56.77
N ILE L 206 -9.76 4.29 -56.71
CA ILE L 206 -8.93 4.48 -57.88
C ILE L 206 -8.91 3.25 -58.80
N HIS L 207 -9.33 2.08 -58.29
CA HIS L 207 -9.42 0.87 -59.09
C HIS L 207 -10.82 0.63 -59.63
N CYS L 208 -11.71 1.63 -59.55
CA CYS L 208 -13.10 1.41 -59.94
C CYS L 208 -13.24 1.18 -61.43
N ASP L 209 -12.33 1.71 -62.24
CA ASP L 209 -12.40 1.56 -63.69
C ASP L 209 -11.96 0.18 -64.16
N LEU L 210 -11.50 -0.69 -63.26
CA LEU L 210 -10.91 -1.98 -63.64
C LEU L 210 -11.64 -3.15 -62.99
N VAL L 211 -12.96 -3.07 -62.90
CA VAL L 211 -13.75 -4.18 -62.39
C VAL L 211 -13.86 -5.24 -63.48
N LEU L 212 -13.47 -6.47 -63.14
CA LEU L 212 -13.40 -7.56 -64.11
C LEU L 212 -14.59 -8.50 -64.06
N GLU L 213 -15.54 -8.29 -63.15
CA GLU L 213 -16.61 -9.26 -63.02
C GLU L 213 -17.80 -8.87 -63.88
N PRO L 214 -18.34 -9.78 -64.70
CA PRO L 214 -19.52 -9.46 -65.50
C PRO L 214 -20.77 -9.39 -64.63
N GLY L 215 -21.58 -8.37 -64.89
CA GLY L 215 -22.82 -8.17 -64.17
C GLY L 215 -22.69 -7.40 -62.87
N VAL L 216 -21.47 -7.19 -62.38
CA VAL L 216 -21.22 -6.45 -61.15
C VAL L 216 -20.72 -5.06 -61.52
N GLN L 217 -21.34 -4.03 -60.95
CA GLN L 217 -20.95 -2.64 -61.17
C GLN L 217 -20.33 -2.06 -59.91
N HIS L 218 -19.29 -1.26 -60.08
CA HIS L 218 -18.71 -0.55 -58.95
C HIS L 218 -19.69 0.49 -58.44
N ILE L 219 -19.79 0.61 -57.12
CA ILE L 219 -20.71 1.56 -56.50
C ILE L 219 -19.90 2.53 -55.64
N PRO L 220 -19.87 3.82 -55.99
CA PRO L 220 -19.22 4.80 -55.10
C PRO L 220 -19.93 4.85 -53.75
N PHE L 221 -19.14 5.05 -52.69
CA PHE L 221 -19.69 5.04 -51.35
C PHE L 221 -20.68 6.19 -51.15
N ALA L 222 -20.38 7.36 -51.71
CA ALA L 222 -21.23 8.53 -51.54
C ALA L 222 -22.42 8.55 -52.50
N SER L 223 -22.60 7.51 -53.32
CA SER L 223 -23.74 7.42 -54.21
C SER L 223 -24.91 6.65 -53.60
N LEU L 224 -24.71 6.01 -52.44
CA LEU L 224 -25.77 5.25 -51.81
C LEU L 224 -26.92 6.16 -51.39
N SER L 225 -26.65 7.08 -50.46
CA SER L 225 -27.65 8.04 -50.00
C SER L 225 -26.98 9.39 -49.85
N ASP L 226 -27.81 10.43 -49.70
CA ASP L 226 -27.29 11.77 -49.50
C ASP L 226 -26.55 11.91 -48.18
N ASP L 227 -26.78 11.02 -47.23
CA ASP L 227 -26.01 11.03 -45.99
C ASP L 227 -24.54 10.74 -46.27
N ALA L 228 -24.26 9.71 -47.06
CA ALA L 228 -22.88 9.41 -47.42
C ALA L 228 -22.26 10.51 -48.28
N ALA L 229 -23.09 11.24 -49.03
CA ALA L 229 -22.57 12.37 -49.80
C ALA L 229 -22.14 13.52 -48.90
N GLN L 230 -22.82 13.70 -47.77
CA GLN L 230 -22.47 14.74 -46.80
C GLN L 230 -21.52 14.25 -45.72
N ARG L 231 -20.90 13.09 -45.92
CA ARG L 231 -20.10 12.47 -44.86
C ARG L 231 -18.73 12.04 -45.37
N SER L 232 -18.61 11.77 -46.67
CA SER L 232 -17.44 11.10 -47.21
C SER L 232 -16.65 12.02 -48.12
N ILE L 233 -15.42 11.58 -48.42
CA ILE L 233 -14.57 12.19 -49.44
C ILE L 233 -14.10 11.06 -50.35
N THR L 234 -14.38 11.19 -51.65
CA THR L 234 -14.10 10.14 -52.62
C THR L 234 -12.83 10.47 -53.39
N LEU L 235 -11.93 9.49 -53.50
CA LEU L 235 -10.69 9.64 -54.24
C LEU L 235 -10.72 8.70 -55.44
N MET L 236 -10.56 9.25 -56.64
CA MET L 236 -10.53 8.46 -57.86
C MET L 236 -9.67 9.17 -58.89
N SER L 237 -8.98 8.37 -59.70
CA SER L 237 -8.04 8.89 -60.68
C SER L 237 -7.92 7.90 -61.83
N PRO L 238 -7.71 8.38 -63.05
CA PRO L 238 -7.46 7.48 -64.18
C PRO L 238 -6.01 7.01 -64.30
N SER L 239 -5.20 7.20 -63.27
CA SER L 239 -3.78 6.84 -63.36
C SER L 239 -3.61 5.32 -63.40
N LYS L 240 -4.28 4.59 -62.51
CA LYS L 240 -4.18 3.14 -62.50
C LYS L 240 -4.72 2.55 -63.80
N SER L 241 -5.91 2.98 -64.20
CA SER L 241 -6.59 2.35 -65.34
C SER L 241 -5.87 2.62 -66.66
N PHE L 242 -5.19 3.76 -66.78
CA PHE L 242 -4.54 4.12 -68.03
C PHE L 242 -3.02 4.21 -67.90
N ASN L 243 -2.46 3.77 -66.76
CA ASN L 243 -1.01 3.69 -66.57
C ASN L 243 -0.34 5.04 -66.75
N ILE L 244 -0.94 6.09 -66.20
CA ILE L 244 -0.36 7.42 -66.26
C ILE L 244 -0.12 7.93 -64.84
N ALA L 245 0.24 7.02 -63.94
CA ALA L 245 0.55 7.41 -62.56
C ALA L 245 1.80 8.28 -62.49
N GLY L 246 2.67 8.22 -63.51
CA GLY L 246 3.80 9.12 -63.57
C GLY L 246 3.42 10.57 -63.70
N LEU L 247 2.22 10.85 -64.21
CA LEU L 247 1.68 12.21 -64.26
C LEU L 247 0.82 12.51 -63.05
N GLY L 248 0.01 11.55 -62.61
CA GLY L 248 -0.70 11.64 -61.34
C GLY L 248 -1.71 12.76 -61.21
N ALA L 249 -2.60 12.90 -62.19
CA ALA L 249 -3.69 13.86 -62.11
C ALA L 249 -4.89 13.17 -61.48
N SER L 250 -5.21 13.53 -60.24
CA SER L 250 -6.29 12.92 -59.48
C SER L 250 -7.28 13.99 -59.04
N LEU L 251 -8.39 13.53 -58.48
CA LEU L 251 -9.43 14.44 -58.02
C LEU L 251 -10.09 13.87 -56.77
N ALA L 252 -10.55 14.77 -55.91
CA ALA L 252 -11.31 14.41 -54.72
C ALA L 252 -12.73 14.95 -54.86
N VAL L 253 -13.70 14.16 -54.40
CA VAL L 253 -15.11 14.54 -54.48
C VAL L 253 -15.60 14.76 -53.05
N ILE L 254 -15.77 16.02 -52.68
CA ILE L 254 -16.24 16.38 -51.34
C ILE L 254 -17.50 17.22 -51.48
N PRO L 255 -18.69 16.61 -51.41
CA PRO L 255 -19.92 17.40 -51.60
C PRO L 255 -20.23 18.33 -50.44
N ASN L 256 -19.91 17.94 -49.21
CA ASN L 256 -20.25 18.78 -48.06
C ASN L 256 -19.45 20.07 -48.10
N PRO L 257 -20.09 21.24 -48.12
CA PRO L 257 -19.33 22.49 -48.26
C PRO L 257 -18.30 22.73 -47.18
N GLU L 258 -18.62 22.41 -45.92
CA GLU L 258 -17.70 22.72 -44.83
C GLU L 258 -16.60 21.67 -44.70
N LEU L 259 -16.86 20.43 -45.13
CA LEU L 259 -15.79 19.44 -45.19
C LEU L 259 -14.79 19.78 -46.28
N ARG L 260 -15.28 20.24 -47.43
CA ARG L 260 -14.39 20.63 -48.52
C ARG L 260 -13.57 21.87 -48.17
N ALA L 261 -14.16 22.79 -47.40
CA ALA L 261 -13.43 23.99 -46.99
C ALA L 261 -12.26 23.63 -46.09
N ARG L 262 -12.50 22.80 -45.08
CA ARG L 262 -11.41 22.37 -44.20
C ARG L 262 -10.38 21.54 -44.95
N PHE L 263 -10.80 20.81 -45.99
CA PHE L 263 -9.86 20.05 -46.80
C PHE L 263 -8.95 20.96 -47.59
N ASN L 264 -9.49 22.07 -48.11
CA ASN L 264 -8.68 22.98 -48.92
C ASN L 264 -7.67 23.73 -48.08
N ARG L 265 -8.05 24.13 -46.86
CA ARG L 265 -7.12 24.87 -46.01
C ARG L 265 -5.95 24.01 -45.58
N MET L 266 -6.16 22.70 -45.43
CA MET L 266 -5.05 21.80 -45.14
C MET L 266 -4.16 21.58 -46.34
N ARG L 267 -4.72 21.74 -47.56
CA ARG L 267 -3.98 21.51 -48.79
C ARG L 267 -3.26 22.75 -49.30
N LYS L 268 -3.85 23.93 -49.08
CA LYS L 268 -3.33 25.15 -49.69
C LYS L 268 -1.90 25.43 -49.25
N GLY L 269 -1.04 25.71 -50.23
CA GLY L 269 0.34 26.05 -49.94
C GLY L 269 1.24 24.85 -49.79
N MET L 270 0.75 23.82 -49.10
CA MET L 270 1.56 22.63 -48.84
C MET L 270 1.57 21.66 -50.02
N VAL L 271 0.46 21.55 -50.74
CA VAL L 271 0.32 20.63 -51.87
C VAL L 271 0.18 21.45 -53.14
N PRO L 272 1.03 21.26 -54.14
CA PRO L 272 0.98 22.10 -55.35
C PRO L 272 -0.20 21.75 -56.23
N ASP L 273 -0.43 22.61 -57.22
CA ASP L 273 -1.47 22.38 -58.20
C ASP L 273 -1.03 21.34 -59.22
N VAL L 274 -2.02 20.79 -59.93
CA VAL L 274 -1.76 19.68 -60.85
C VAL L 274 -0.90 20.16 -62.02
N ASP L 275 0.02 19.28 -62.45
CA ASP L 275 0.87 19.56 -63.59
C ASP L 275 0.03 19.94 -64.81
N VAL L 276 0.54 20.89 -65.60
CA VAL L 276 -0.21 21.36 -66.76
C VAL L 276 -0.29 20.26 -67.83
N LEU L 277 0.67 19.34 -67.85
CA LEU L 277 0.64 18.24 -68.80
C LEU L 277 -0.19 17.06 -68.29
N ALA L 278 -0.23 16.86 -66.98
CA ALA L 278 -1.06 15.81 -66.41
C ALA L 278 -2.54 16.09 -66.58
N TYR L 279 -2.92 17.36 -66.73
CA TYR L 279 -4.32 17.70 -66.95
C TYR L 279 -4.82 17.18 -68.29
N VAL L 280 -4.05 17.44 -69.37
CA VAL L 280 -4.50 17.08 -70.70
C VAL L 280 -4.47 15.57 -70.92
N ALA L 281 -3.67 14.84 -70.15
CA ALA L 281 -3.64 13.38 -70.26
C ALA L 281 -4.72 12.72 -69.42
N ALA L 282 -5.15 13.36 -68.34
CA ALA L 282 -6.27 12.83 -67.57
C ALA L 282 -7.59 13.07 -68.27
N SER L 283 -7.71 14.19 -68.98
CA SER L 283 -8.93 14.46 -69.75
C SER L 283 -9.03 13.53 -70.95
N ALA L 284 -7.94 13.41 -71.72
CA ALA L 284 -7.97 12.56 -72.91
C ALA L 284 -8.17 11.09 -72.55
N ALA L 285 -7.75 10.68 -71.36
CA ALA L 285 -7.98 9.30 -70.93
C ALA L 285 -9.46 9.04 -70.70
N TRP L 286 -10.09 9.85 -69.86
CA TRP L 286 -11.49 9.65 -69.50
C TRP L 286 -12.47 10.10 -70.57
N ARG L 287 -12.00 10.73 -71.65
CA ARG L 287 -12.90 11.23 -72.68
C ARG L 287 -12.90 10.36 -73.94
N GLU L 288 -11.74 9.86 -74.36
CA GLU L 288 -11.63 9.11 -75.60
C GLU L 288 -10.88 7.79 -75.44
N GLY L 289 -10.65 7.33 -74.22
CA GLY L 289 -9.84 6.16 -74.01
C GLY L 289 -10.58 4.94 -73.50
N GLN L 290 -11.91 4.94 -73.63
CA GLN L 290 -12.70 3.81 -73.16
C GLN L 290 -12.47 2.55 -73.99
N PRO L 291 -12.41 2.62 -75.33
CA PRO L 291 -12.08 1.42 -76.10
C PRO L 291 -10.74 0.81 -75.71
N TRP L 292 -9.75 1.64 -75.39
CA TRP L 292 -8.47 1.11 -74.91
C TRP L 292 -8.64 0.42 -73.56
N LEU L 293 -9.42 1.02 -72.67
CA LEU L 293 -9.65 0.42 -71.35
C LEU L 293 -10.38 -0.91 -71.47
N ASP L 294 -11.37 -0.98 -72.37
CA ASP L 294 -12.12 -2.23 -72.54
C ASP L 294 -11.23 -3.35 -73.05
N ALA L 295 -10.30 -3.03 -73.96
CA ALA L 295 -9.36 -4.04 -74.44
C ALA L 295 -8.39 -4.46 -73.34
N GLN L 296 -8.03 -3.54 -72.44
CA GLN L 296 -7.14 -3.88 -71.34
C GLN L 296 -7.83 -4.77 -70.32
N LEU L 297 -9.16 -4.63 -70.17
CA LEU L 297 -9.88 -5.45 -69.19
C LEU L 297 -9.94 -6.90 -69.62
N ASP L 298 -10.17 -7.14 -70.92
CA ASP L 298 -10.16 -8.51 -71.42
C ASP L 298 -8.77 -9.12 -71.38
N TYR L 299 -7.73 -8.32 -71.62
CA TYR L 299 -6.37 -8.83 -71.54
C TYR L 299 -6.00 -9.18 -70.10
N LEU L 300 -6.40 -8.33 -69.14
CA LEU L 300 -6.11 -8.61 -67.74
C LEU L 300 -6.97 -9.74 -67.19
N ARG L 301 -8.12 -10.02 -67.80
CA ARG L 301 -8.93 -11.15 -67.38
C ARG L 301 -8.22 -12.47 -67.65
N ALA L 302 -7.68 -12.63 -68.86
CA ALA L 302 -6.94 -13.85 -69.19
C ALA L 302 -5.68 -13.97 -68.34
N ASN L 303 -5.02 -12.85 -68.06
CA ASN L 303 -3.87 -12.87 -67.14
C ASN L 303 -4.30 -13.33 -65.76
N ARG L 304 -5.43 -12.83 -65.27
CA ARG L 304 -5.89 -13.19 -63.93
C ARG L 304 -6.30 -14.66 -63.86
N ASP L 305 -7.13 -15.10 -64.81
CA ASP L 305 -7.60 -16.48 -64.79
C ASP L 305 -6.45 -17.46 -64.93
N MET L 306 -5.45 -17.11 -65.74
CA MET L 306 -4.28 -17.98 -65.88
C MET L 306 -3.45 -18.02 -64.60
N LEU L 307 -3.33 -16.88 -63.92
CA LEU L 307 -2.54 -16.82 -62.69
C LEU L 307 -3.21 -17.60 -61.56
N ALA L 308 -4.51 -17.40 -61.39
CA ALA L 308 -5.24 -18.13 -60.34
C ALA L 308 -5.25 -19.63 -60.60
N GLN L 309 -5.22 -20.04 -61.87
CA GLN L 309 -5.16 -21.46 -62.20
C GLN L 309 -3.85 -22.08 -61.72
N HIS L 310 -2.72 -21.47 -62.09
CA HIS L 310 -1.43 -22.04 -61.78
C HIS L 310 -1.15 -22.02 -60.28
N VAL L 311 -1.70 -21.05 -59.55
CA VAL L 311 -1.48 -20.99 -58.10
C VAL L 311 -2.33 -22.05 -57.40
N ASN L 312 -3.49 -22.39 -57.96
CA ASN L 312 -4.36 -23.37 -57.32
C ASN L 312 -3.75 -24.76 -57.29
N ARG L 313 -2.86 -25.08 -58.23
CA ARG L 313 -2.20 -26.37 -58.26
C ARG L 313 -0.81 -26.35 -57.64
N LEU L 314 -0.26 -25.17 -57.34
CA LEU L 314 1.01 -25.10 -56.65
C LEU L 314 0.85 -25.58 -55.20
N PRO L 315 1.92 -26.12 -54.60
CA PRO L 315 1.79 -26.76 -53.27
C PRO L 315 1.30 -25.82 -52.18
N GLY L 316 2.19 -25.01 -51.61
CA GLY L 316 1.84 -24.21 -50.46
C GLY L 316 1.44 -22.77 -50.78
N LEU L 317 0.61 -22.59 -51.80
CA LEU L 317 0.19 -21.26 -52.22
C LEU L 317 -1.32 -21.24 -52.43
N SER L 318 -1.96 -20.18 -51.92
CA SER L 318 -3.39 -19.96 -52.09
C SER L 318 -3.61 -18.54 -52.60
N MET L 319 -4.68 -18.37 -53.37
CA MET L 319 -4.99 -17.06 -53.95
C MET L 319 -6.44 -17.05 -54.39
N VAL L 320 -7.22 -16.13 -53.86
CA VAL L 320 -8.57 -15.90 -54.35
C VAL L 320 -8.50 -15.14 -55.67
N THR L 321 -9.44 -15.42 -56.56
CA THR L 321 -9.48 -14.72 -57.84
C THR L 321 -9.89 -13.27 -57.60
N PRO L 322 -9.05 -12.30 -57.94
CA PRO L 322 -9.41 -10.90 -57.66
C PRO L 322 -10.50 -10.41 -58.60
N GLU L 323 -11.48 -9.71 -58.03
CA GLU L 323 -12.58 -9.14 -58.80
C GLU L 323 -12.21 -7.82 -59.46
N ALA L 324 -10.98 -7.36 -59.30
CA ALA L 324 -10.54 -6.11 -59.91
C ALA L 324 -9.05 -6.18 -60.19
N SER L 325 -8.68 -6.04 -61.46
CA SER L 325 -7.29 -6.02 -61.86
C SER L 325 -6.53 -4.89 -61.15
N PHE L 326 -5.22 -5.04 -61.01
CA PHE L 326 -4.43 -6.14 -61.59
C PHE L 326 -3.55 -6.84 -60.56
N LEU L 327 -4.07 -6.98 -59.34
CA LEU L 327 -3.38 -7.67 -58.26
C LEU L 327 -4.42 -8.39 -57.42
N GLY L 328 -4.06 -9.56 -56.87
CA GLY L 328 -2.73 -10.13 -56.97
C GLY L 328 -2.28 -10.70 -55.63
N TRP L 329 -3.23 -10.89 -54.73
CA TRP L 329 -2.96 -11.23 -53.34
C TRP L 329 -2.82 -12.73 -53.21
N ILE L 330 -1.59 -13.19 -52.95
CA ILE L 330 -1.28 -14.62 -52.87
C ILE L 330 -0.88 -14.96 -51.44
N ASP L 331 -1.49 -16.00 -50.88
CA ASP L 331 -1.15 -16.51 -49.56
C ASP L 331 0.03 -17.48 -49.69
N ALA L 332 1.07 -17.25 -48.89
CA ALA L 332 2.26 -18.09 -48.89
C ALA L 332 2.55 -18.66 -47.50
N SER L 333 1.51 -18.84 -46.69
CA SER L 333 1.66 -19.40 -45.35
C SER L 333 1.81 -20.91 -45.34
N GLY L 334 2.14 -21.51 -46.49
CA GLY L 334 2.39 -22.93 -46.56
C GLY L 334 3.81 -23.26 -46.98
N LEU L 335 4.71 -22.30 -46.80
CA LEU L 335 6.12 -22.47 -47.16
C LEU L 335 7.06 -22.45 -45.97
N GLY L 336 6.63 -21.94 -44.81
CA GLY L 336 7.45 -21.94 -43.61
C GLY L 336 8.62 -20.98 -43.61
N VAL L 337 8.90 -20.31 -44.72
CA VAL L 337 10.02 -19.37 -44.76
C VAL L 337 9.74 -18.18 -43.86
N ALA L 338 10.82 -17.49 -43.47
CA ALA L 338 10.68 -16.29 -42.64
C ALA L 338 9.90 -15.21 -43.39
N ASP L 339 10.33 -14.88 -44.60
CA ASP L 339 9.63 -13.91 -45.44
C ASP L 339 9.50 -14.50 -46.83
N PRO L 340 8.30 -14.84 -47.29
CA PRO L 340 8.15 -15.39 -48.64
C PRO L 340 8.57 -14.43 -49.74
N ALA L 341 8.46 -13.12 -49.51
CA ALA L 341 8.87 -12.15 -50.52
C ALA L 341 10.37 -12.23 -50.79
N LEU L 342 11.17 -12.23 -49.73
CA LEU L 342 12.61 -12.38 -49.91
C LEU L 342 12.96 -13.74 -50.50
N PHE L 343 12.15 -14.76 -50.21
CA PHE L 343 12.39 -16.08 -50.78
C PHE L 343 12.19 -16.09 -52.28
N PHE L 344 11.12 -15.44 -52.77
CA PHE L 344 10.89 -15.39 -54.21
C PHE L 344 11.91 -14.52 -54.92
N GLU L 345 12.50 -13.54 -54.22
CA GLU L 345 13.51 -12.70 -54.85
C GLU L 345 14.76 -13.50 -55.18
N LYS L 346 15.13 -14.46 -54.32
CA LYS L 346 16.27 -15.30 -54.60
C LYS L 346 15.98 -16.36 -55.67
N HIS L 347 14.74 -16.40 -56.17
CA HIS L 347 14.38 -17.27 -57.29
C HIS L 347 14.10 -16.48 -58.56
N GLY L 348 14.32 -15.16 -58.54
CA GLY L 348 14.09 -14.33 -59.70
C GLY L 348 12.70 -13.77 -59.82
N LEU L 349 12.00 -13.54 -58.70
CA LEU L 349 10.64 -13.03 -58.72
C LEU L 349 10.53 -11.90 -57.70
N GLY L 350 10.23 -10.70 -58.17
CA GLY L 350 10.14 -9.55 -57.29
C GLY L 350 8.71 -9.11 -57.02
N PHE L 351 8.20 -9.51 -55.86
CA PHE L 351 6.84 -9.18 -55.44
C PHE L 351 6.89 -8.14 -54.33
N SER L 352 5.72 -7.56 -54.05
CA SER L 352 5.56 -6.67 -52.90
C SER L 352 5.27 -7.50 -51.67
N SER L 353 6.09 -7.33 -50.64
CA SER L 353 5.92 -8.10 -49.41
C SER L 353 4.62 -7.71 -48.71
N GLY L 354 3.91 -8.71 -48.22
CA GLY L 354 2.74 -8.44 -47.39
C GLY L 354 3.09 -7.76 -46.09
N ARG L 355 4.36 -7.77 -45.69
CA ARG L 355 4.82 -6.98 -44.55
C ARG L 355 4.55 -5.50 -44.75
N ASP L 356 4.57 -5.02 -46.00
CA ASP L 356 4.20 -3.65 -46.28
C ASP L 356 2.72 -3.39 -46.00
N PHE L 357 1.88 -4.43 -46.10
CA PHE L 357 0.44 -4.27 -45.93
C PHE L 357 -0.07 -4.71 -44.57
N GLY L 358 0.63 -5.60 -43.89
CA GLY L 358 0.22 -6.05 -42.57
C GLY L 358 0.07 -7.55 -42.45
N ASN L 359 0.84 -8.29 -43.25
CA ASN L 359 0.80 -9.76 -43.21
C ASN L 359 2.07 -10.27 -43.88
N ASP L 360 3.13 -10.44 -43.08
CA ASP L 360 4.47 -10.71 -43.62
C ASP L 360 4.54 -12.01 -44.40
N ARG L 361 3.59 -12.92 -44.22
CA ARG L 361 3.59 -14.20 -44.92
C ARG L 361 2.74 -14.19 -46.18
N PHE L 362 2.32 -13.02 -46.64
CA PHE L 362 1.55 -12.87 -47.87
C PHE L 362 2.42 -12.24 -48.96
N VAL L 363 1.88 -12.22 -50.18
CA VAL L 363 2.60 -11.75 -51.35
C VAL L 363 1.61 -11.12 -52.32
N ARG L 364 1.98 -9.98 -52.89
CA ARG L 364 1.17 -9.30 -53.89
C ARG L 364 1.79 -9.50 -55.26
N PHE L 365 1.01 -10.07 -56.19
CA PHE L 365 1.46 -10.36 -57.54
C PHE L 365 0.94 -9.29 -58.48
N ASN L 366 1.82 -8.77 -59.33
CA ASN L 366 1.47 -7.76 -60.32
C ASN L 366 1.49 -8.44 -61.69
N PHE L 367 0.32 -8.87 -62.16
CA PHE L 367 0.20 -9.48 -63.47
C PHE L 367 -0.19 -8.48 -64.55
N GLY L 368 -0.15 -7.18 -64.24
CA GLY L 368 -0.39 -6.16 -65.25
C GLY L 368 0.80 -6.03 -66.18
N CYS L 369 0.91 -6.95 -67.14
CA CYS L 369 2.05 -7.04 -68.02
C CYS L 369 1.67 -7.89 -69.21
N PRO L 370 2.45 -7.85 -70.30
CA PRO L 370 2.16 -8.72 -71.44
C PRO L 370 2.12 -10.19 -71.05
N ARG L 371 1.28 -10.95 -71.75
CA ARG L 371 1.05 -12.34 -71.38
C ARG L 371 2.30 -13.19 -71.54
N GLN L 372 3.13 -12.89 -72.55
CA GLN L 372 4.38 -13.62 -72.73
C GLN L 372 5.29 -13.46 -71.52
N LEU L 373 5.22 -12.31 -70.84
CA LEU L 373 6.02 -12.08 -69.64
C LEU L 373 5.42 -12.77 -68.42
N LEU L 374 4.09 -12.89 -68.37
CA LEU L 374 3.45 -13.54 -67.22
C LEU L 374 3.79 -15.02 -67.17
N GLU L 375 3.75 -15.71 -68.30
CA GLU L 375 4.04 -17.14 -68.33
C GLU L 375 5.48 -17.43 -67.89
N GLU L 376 6.42 -16.53 -68.20
CA GLU L 376 7.79 -16.71 -67.76
C GLU L 376 7.90 -16.60 -66.25
N ALA L 377 7.02 -15.82 -65.62
CA ALA L 377 7.00 -15.74 -64.16
C ALA L 377 6.41 -16.99 -63.55
N LEU L 378 5.37 -17.55 -64.17
CA LEU L 378 4.79 -18.80 -63.68
C LEU L 378 5.79 -19.94 -63.74
N GLN L 379 6.64 -19.95 -64.77
CA GLN L 379 7.66 -20.97 -64.87
C GLN L 379 8.74 -20.82 -63.80
N ARG L 380 8.92 -19.62 -63.26
CA ARG L 380 9.86 -19.44 -62.16
C ARG L 380 9.26 -19.78 -60.81
N MET L 381 7.92 -19.77 -60.69
CA MET L 381 7.28 -20.22 -59.46
C MET L 381 7.28 -21.74 -59.36
N THR L 382 7.06 -22.43 -60.48
CA THR L 382 6.97 -23.88 -60.45
C THR L 382 8.32 -24.57 -60.32
N ARG L 383 9.41 -23.88 -60.66
CA ARG L 383 10.74 -24.47 -60.47
C ARG L 383 11.27 -24.24 -59.05
N ALA L 384 10.43 -23.71 -58.15
CA ALA L 384 10.72 -23.69 -56.73
C ALA L 384 10.37 -25.00 -56.05
N LEU L 385 10.33 -26.09 -56.81
CA LEU L 385 10.00 -27.42 -56.28
C LEU L 385 11.26 -28.27 -56.13
#